data_8TNI
#
_entry.id   8TNI
#
_cell.length_a   1.00
_cell.length_b   1.00
_cell.length_c   1.00
_cell.angle_alpha   90.00
_cell.angle_beta   90.00
_cell.angle_gamma   90.00
#
_symmetry.space_group_name_H-M   'P 1'
#
loop_
_entity.id
_entity.type
_entity.pdbx_description
1 polymer 'HIV-1 BG505 DS-SOSIP gp120'
2 polymer 'HIV-1 BG505 DS-SOSIP gp41'
3 polymer 'Light chain of bi-specific antibody CAP256L-R27'
4 polymer 'Heavy chain of bi-specific antibody CAP256L-R27'
5 branched 2-acetamido-2-deoxy-beta-D-glucopyranose-(1-4)-2-acetamido-2-deoxy-beta-D-glucopyranose
6 branched beta-D-mannopyranose-(1-4)-2-acetamido-2-deoxy-beta-D-glucopyranose-(1-4)-2-acetamido-2-deoxy-beta-D-glucopyranose
7 branched alpha-D-mannopyranose-(1-3)-beta-D-mannopyranose-(1-4)-2-acetamido-2-deoxy-beta-D-glucopyranose-(1-4)-2-acetamido-2-deoxy-beta-D-glucopyranose
8 non-polymer 2-acetamido-2-deoxy-beta-D-glucopyranose
#
loop_
_entity_poly.entity_id
_entity_poly.type
_entity_poly.pdbx_seq_one_letter_code
_entity_poly.pdbx_strand_id
1 'polypeptide(L)'
;AENLWVTVYYGVPVWKDAETTLFCASDAKAYETEKHNVWATHACVPTDPNPQEIHLENVTEEFNMWKNNMVEQMHTDIIS
LWDQSLKPCVKLTPLCVTLQCTNVTNNITDDMRGELKNCSFNMTTELRDKKQKVYSLFYRLDVVQINENQGNRSNNSNKE
YRLINCNTSACTQACPKVSFEPIPIHYCAPAGFAILKCKDKKFNGTGPCPSVSTVQCTHGIKPVVSTQLLLNGSLAEEEV
MIRSENITNNAKNILVQFNTPVQINCTRPNNNTRKSIRIGPGQAFYATGDIIGDIRQAHCNVSKATWNETLGKVVKQLRK
HFGNNTIIRFANSSGGDLEVTTHSFNCGGEFFYCNTSGLFNSTWISNTSVQGSNSTGSNDSITLPCRIKQIINMWQRIGQ
CMYAPPIQGVIRCVSNITGLILTRDGGSTNSTTETFRPGGGDMRDNWRSELYKYKVVKIEPLGVAPTRCKRRVVGRRRRR
R
;
A,C,E
2 'polypeptide(L)'
;AVGIGAVFLGFLGAAGSTMGAASMTLTVQARNLLSGIVQQQSNLLRAPEAQQHLLKLTVWGIKQLQARVLAVERYLRDQQ
LLGIWGCSGKLICCTNVPWNSSWSNRNLSEIWDNMTWLQWDKEISNYTQIIYGLLEESQNQQEKNEQDLLALD
;
B,D,F
3 'polypeptide(L)'
;QVQLQESGGGLVQPGGSLRLSCVASGFDLENYSIGWFRQAPGKAREGVACLSKNSGIGHSVKGRFTISRDGDSNTWFLQM
GALEAEDTAVYTCATYNRACANYVTIWPEFRGQGTQVTVSSGGSGGGGSGGGGSGGQSVLTQPPSVSAAPGQKVTISCSG
NTSNIGNNFVSWYQQRPGRAPQLLIYETDKRPSGIPDRFSASKSGTSGTLAITGLQTGDEADYYCATWAASLSSARVFGT
GTQVIVLGQPKVNPTVTLFPPSSEELQANKATLVCLISDFYPGAVTVAWKADSSPVKAGVETTTPSKQSNNKYAASSYLS
LTPEQWKSHRSYSCQVTHEGSTVEKTVAPTECS
;
H,I,J
4 'polypeptide(L)'
;QVQLVESGGGVVQPGTSLRLSCAASQFRFDGYGMHWVRQAPGKGLEWVASISHDGIKKYHAEKVWGRFTISRDNSKNTLY
LQMNSLRPEDTALYYCAKDLREDECEEWWSD(TYS)(TYS)DFGAQLPCAKSRGGLVGIADNWGQGTMVTVSSASTKGPS
VFPLAPSSKSTSGGTAALGCLVKDYFPEPVTVSWNSGALTSGVHTFPAVLQSSGLYSLSSVVTVPSSSLGTQTYICNVNH
KPSNTKVDKKVEPKS
;
X
#
loop_
_chem_comp.id
_chem_comp.type
_chem_comp.name
_chem_comp.formula
BMA D-saccharide, beta linking beta-D-mannopyranose 'C6 H12 O6'
MAN D-saccharide, alpha linking alpha-D-mannopyranose 'C6 H12 O6'
NAG D-saccharide, beta linking 2-acetamido-2-deoxy-beta-D-glucopyranose 'C8 H15 N O6'
#
# COMPACT_ATOMS: atom_id res chain seq x y z
N ALA A 1 1.74 -65.57 -17.01
CA ALA A 1 0.52 -64.83 -17.27
C ALA A 1 -0.06 -64.24 -15.99
N GLU A 2 0.21 -64.91 -14.86
CA GLU A 2 -0.27 -64.43 -13.57
C GLU A 2 0.36 -63.10 -13.19
N ASN A 3 1.56 -62.80 -13.70
CA ASN A 3 2.33 -61.63 -13.27
C ASN A 3 1.66 -60.36 -13.79
N LEU A 4 0.47 -60.09 -13.29
CA LEU A 4 -0.23 -58.84 -13.53
C LEU A 4 0.39 -57.82 -12.58
N TRP A 5 1.27 -56.98 -13.11
CA TRP A 5 2.09 -56.10 -12.30
C TRP A 5 1.71 -54.65 -12.55
N VAL A 6 1.96 -53.81 -11.55
CA VAL A 6 1.57 -52.40 -11.63
C VAL A 6 2.56 -51.64 -12.50
N THR A 7 2.03 -50.86 -13.44
CA THR A 7 2.80 -49.93 -14.23
C THR A 7 2.25 -48.53 -14.00
N VAL A 8 3.08 -47.53 -14.33
CA VAL A 8 2.76 -46.14 -14.07
C VAL A 8 2.71 -45.39 -15.38
N TYR A 9 1.68 -44.54 -15.53
CA TYR A 9 1.44 -43.76 -16.73
C TYR A 9 1.51 -42.29 -16.36
N TYR A 10 2.24 -41.52 -17.16
CA TYR A 10 2.38 -40.09 -16.96
C TYR A 10 1.74 -39.34 -18.12
N GLY A 11 1.23 -38.15 -17.83
CA GLY A 11 0.49 -37.40 -18.83
C GLY A 11 -0.81 -38.08 -19.23
N VAL A 12 -1.56 -38.57 -18.25
CA VAL A 12 -2.80 -39.30 -18.52
C VAL A 12 -3.95 -38.30 -18.45
N PRO A 13 -4.99 -38.44 -19.28
CA PRO A 13 -6.12 -37.50 -19.20
C PRO A 13 -7.05 -37.78 -18.02
N VAL A 14 -6.66 -37.26 -16.85
CA VAL A 14 -7.44 -37.38 -15.63
C VAL A 14 -7.42 -36.03 -14.92
N TRP A 15 -8.58 -35.58 -14.46
CA TRP A 15 -8.69 -34.29 -13.78
C TRP A 15 -9.40 -34.47 -12.45
N LYS A 16 -9.10 -33.56 -11.52
CA LYS A 16 -9.75 -33.49 -10.22
C LYS A 16 -10.14 -32.05 -9.96
N ASP A 17 -11.30 -31.84 -9.36
CA ASP A 17 -11.75 -30.48 -9.07
C ASP A 17 -10.78 -29.83 -8.09
N ALA A 18 -10.42 -28.58 -8.39
CA ALA A 18 -9.51 -27.81 -7.54
C ALA A 18 -9.70 -26.33 -7.87
N GLU A 19 -8.91 -25.50 -7.20
CA GLU A 19 -9.01 -24.06 -7.34
C GLU A 19 -7.63 -23.45 -7.54
N THR A 20 -7.56 -22.41 -8.35
CA THR A 20 -6.29 -21.74 -8.65
C THR A 20 -6.59 -20.27 -8.95
N THR A 21 -5.63 -19.59 -9.58
CA THR A 21 -5.77 -18.19 -9.96
C THR A 21 -5.51 -18.06 -11.45
N LEU A 22 -6.34 -17.27 -12.12
CA LEU A 22 -6.25 -17.04 -13.56
C LEU A 22 -5.77 -15.61 -13.80
N PHE A 23 -5.72 -15.21 -15.08
CA PHE A 23 -5.20 -13.90 -15.43
C PHE A 23 -5.98 -13.36 -16.64
N CYS A 24 -5.45 -12.30 -17.24
CA CYS A 24 -6.09 -11.63 -18.35
C CYS A 24 -5.90 -12.38 -19.67
N ALA A 25 -6.79 -12.07 -20.61
CA ALA A 25 -6.53 -12.32 -22.03
C ALA A 25 -7.45 -11.36 -22.80
N SER A 26 -6.89 -10.27 -23.29
CA SER A 26 -7.67 -9.23 -23.93
C SER A 26 -7.20 -9.02 -25.36
N ASP A 27 -8.14 -8.62 -26.22
CA ASP A 27 -7.81 -8.31 -27.61
C ASP A 27 -6.85 -7.14 -27.65
N ALA A 28 -5.78 -7.28 -28.43
CA ALA A 28 -4.73 -6.27 -28.44
C ALA A 28 -5.21 -4.95 -29.02
N LYS A 29 -5.84 -4.99 -30.20
CA LYS A 29 -6.17 -3.80 -30.98
C LYS A 29 -4.92 -2.94 -31.24
N ALA A 30 -3.75 -3.57 -31.16
CA ALA A 30 -2.43 -2.96 -31.30
C ALA A 30 -2.09 -2.07 -30.10
N TYR A 31 -3.09 -1.83 -29.25
CA TYR A 31 -2.95 -1.09 -27.98
C TYR A 31 -1.97 0.08 -28.10
N GLU A 32 -2.15 0.89 -29.14
CA GLU A 32 -1.31 2.06 -29.36
C GLU A 32 -2.10 3.36 -29.23
N THR A 33 -3.18 3.51 -29.97
CA THR A 33 -4.02 4.71 -29.89
C THR A 33 -5.10 4.56 -28.82
N GLU A 34 -4.68 4.23 -27.60
CA GLU A 34 -5.58 3.99 -26.49
C GLU A 34 -5.31 4.98 -25.38
N LYS A 35 -6.36 5.35 -24.66
CA LYS A 35 -6.30 6.30 -23.55
C LYS A 35 -6.38 5.59 -22.20
N HIS A 36 -5.72 4.43 -22.09
CA HIS A 36 -5.68 3.61 -20.88
C HIS A 36 -7.07 3.05 -20.56
N ASN A 37 -7.15 2.20 -19.54
CA ASN A 37 -8.42 1.60 -19.15
C ASN A 37 -8.39 1.30 -17.66
N VAL A 38 -9.57 1.29 -17.04
CA VAL A 38 -9.65 1.04 -15.61
C VAL A 38 -9.24 -0.40 -15.29
N TRP A 39 -9.55 -1.34 -16.18
CA TRP A 39 -8.96 -2.67 -16.13
C TRP A 39 -7.78 -2.68 -17.10
N ALA A 40 -6.66 -2.13 -16.62
CA ALA A 40 -5.48 -1.90 -17.44
C ALA A 40 -5.04 -3.19 -18.13
N THR A 41 -5.14 -3.20 -19.46
CA THR A 41 -4.78 -4.36 -20.26
C THR A 41 -3.37 -4.27 -20.83
N HIS A 42 -2.63 -3.20 -20.52
CA HIS A 42 -1.22 -3.17 -20.89
C HIS A 42 -0.42 -4.20 -20.11
N ALA A 43 -0.80 -4.45 -18.86
CA ALA A 43 -0.19 -5.50 -18.06
C ALA A 43 -0.85 -6.86 -18.28
N CYS A 44 -1.97 -6.91 -18.98
CA CYS A 44 -2.62 -8.17 -19.29
C CYS A 44 -1.99 -8.83 -20.51
N VAL A 45 -1.80 -10.13 -20.44
CA VAL A 45 -1.19 -10.89 -21.53
C VAL A 45 -2.15 -10.91 -22.71
N PRO A 46 -1.66 -10.99 -23.95
CA PRO A 46 -2.56 -11.00 -25.10
C PRO A 46 -3.23 -12.35 -25.29
N THR A 47 -4.46 -12.30 -25.80
CA THR A 47 -5.23 -13.51 -26.04
C THR A 47 -4.70 -14.24 -27.27
N ASP A 48 -5.09 -15.51 -27.37
CA ASP A 48 -4.69 -16.32 -28.51
C ASP A 48 -5.32 -15.78 -29.80
N PRO A 49 -4.56 -15.71 -30.89
CA PRO A 49 -5.16 -15.28 -32.16
C PRO A 49 -6.31 -16.16 -32.62
N ASN A 50 -6.25 -17.46 -32.34
CA ASN A 50 -7.32 -18.39 -32.66
C ASN A 50 -7.43 -19.42 -31.54
N PRO A 51 -8.16 -19.12 -30.48
CA PRO A 51 -8.35 -20.11 -29.41
C PRO A 51 -9.02 -21.36 -29.93
N GLN A 52 -8.58 -22.50 -29.42
CA GLN A 52 -9.07 -23.80 -29.86
C GLN A 52 -9.88 -24.45 -28.75
N GLU A 53 -11.03 -25.01 -29.11
CA GLU A 53 -11.90 -25.70 -28.17
C GLU A 53 -11.95 -27.18 -28.54
N ILE A 54 -11.71 -28.05 -27.57
CA ILE A 54 -11.64 -29.48 -27.78
C ILE A 54 -12.91 -30.09 -27.20
N HIS A 55 -13.75 -30.64 -28.08
CA HIS A 55 -14.95 -31.33 -27.64
C HIS A 55 -14.58 -32.68 -27.05
N LEU A 56 -15.13 -33.00 -25.88
CA LEU A 56 -14.91 -34.28 -25.22
C LEU A 56 -16.17 -35.12 -25.31
N GLU A 57 -15.99 -36.44 -25.38
CA GLU A 57 -17.08 -37.38 -25.53
C GLU A 57 -17.05 -38.38 -24.39
N ASN A 58 -18.10 -39.19 -24.30
CA ASN A 58 -18.27 -40.21 -23.26
C ASN A 58 -18.26 -39.63 -21.85
N VAL A 59 -18.26 -38.31 -21.70
CA VAL A 59 -17.91 -37.66 -20.44
C VAL A 59 -19.14 -36.94 -19.88
N THR A 60 -19.43 -37.18 -18.62
CA THR A 60 -20.50 -36.48 -17.88
C THR A 60 -19.84 -35.85 -16.66
N GLU A 61 -19.42 -34.60 -16.79
CA GLU A 61 -18.74 -33.89 -15.71
C GLU A 61 -19.76 -33.11 -14.89
N GLU A 62 -19.71 -33.28 -13.57
CA GLU A 62 -20.58 -32.54 -12.68
C GLU A 62 -20.22 -31.06 -12.70
N PHE A 63 -21.24 -30.22 -12.80
CA PHE A 63 -21.08 -28.78 -12.85
C PHE A 63 -21.86 -28.15 -11.70
N ASN A 64 -21.42 -26.98 -11.25
CA ASN A 64 -22.14 -26.23 -10.24
C ASN A 64 -21.70 -24.78 -10.31
N MET A 65 -22.68 -23.87 -10.19
CA MET A 65 -22.43 -22.45 -10.39
C MET A 65 -22.59 -21.61 -9.14
N TRP A 66 -23.15 -22.16 -8.07
CA TRP A 66 -23.38 -21.38 -6.85
C TRP A 66 -22.28 -21.49 -5.82
N LYS A 67 -21.50 -22.57 -5.79
CA LYS A 67 -20.27 -22.59 -5.02
C LYS A 67 -19.04 -22.52 -5.91
N ASN A 68 -19.20 -22.04 -7.14
CA ASN A 68 -18.05 -21.75 -7.98
C ASN A 68 -17.19 -20.66 -7.34
N ASN A 69 -15.88 -20.82 -7.43
CA ASN A 69 -14.94 -19.84 -6.91
C ASN A 69 -14.55 -18.81 -7.96
N MET A 70 -14.80 -19.08 -9.24
CA MET A 70 -14.44 -18.14 -10.29
C MET A 70 -15.13 -16.80 -10.10
N VAL A 71 -16.38 -16.80 -9.61
CA VAL A 71 -17.08 -15.55 -9.40
C VAL A 71 -16.43 -14.74 -8.27
N GLU A 72 -16.06 -15.40 -7.17
CA GLU A 72 -15.39 -14.69 -6.08
C GLU A 72 -14.05 -14.15 -6.53
N GLN A 73 -13.30 -14.94 -7.28
CA GLN A 73 -12.02 -14.46 -7.82
C GLN A 73 -12.23 -13.27 -8.74
N MET A 74 -13.24 -13.32 -9.61
CA MET A 74 -13.56 -12.20 -10.47
C MET A 74 -13.87 -10.95 -9.67
N HIS A 75 -14.71 -11.09 -8.63
CA HIS A 75 -15.10 -9.93 -7.84
C HIS A 75 -13.90 -9.31 -7.14
N THR A 76 -13.06 -10.14 -6.53
CA THR A 76 -11.86 -9.63 -5.88
C THR A 76 -10.95 -8.93 -6.89
N ASP A 77 -10.80 -9.51 -8.08
CA ASP A 77 -9.92 -8.93 -9.08
C ASP A 77 -10.43 -7.56 -9.54
N ILE A 78 -11.73 -7.45 -9.81
CA ILE A 78 -12.23 -6.18 -10.33
C ILE A 78 -12.21 -5.12 -9.24
N ILE A 79 -12.49 -5.50 -7.98
CA ILE A 79 -12.39 -4.55 -6.88
C ILE A 79 -10.96 -4.06 -6.74
N SER A 80 -9.98 -4.97 -6.82
CA SER A 80 -8.59 -4.57 -6.71
C SER A 80 -8.19 -3.64 -7.85
N LEU A 81 -8.64 -3.93 -9.07
CA LEU A 81 -8.35 -3.05 -10.20
C LEU A 81 -8.94 -1.68 -10.00
N TRP A 82 -10.19 -1.62 -9.51
CA TRP A 82 -10.83 -0.34 -9.27
C TRP A 82 -10.08 0.47 -8.23
N ASP A 83 -9.65 -0.18 -7.14
CA ASP A 83 -8.88 0.53 -6.13
C ASP A 83 -7.54 0.99 -6.66
N GLN A 84 -6.88 0.16 -7.47
CA GLN A 84 -5.57 0.53 -8.01
C GLN A 84 -5.67 1.72 -8.95
N SER A 85 -6.73 1.78 -9.75
CA SER A 85 -6.83 2.84 -10.76
C SER A 85 -7.11 4.21 -10.16
N LEU A 86 -7.57 4.27 -8.91
CA LEU A 86 -7.97 5.53 -8.31
C LEU A 86 -6.86 6.21 -7.52
N LYS A 87 -5.70 5.58 -7.40
CA LYS A 87 -4.62 6.16 -6.62
C LYS A 87 -3.91 7.34 -7.29
N PRO A 88 -3.34 7.17 -8.52
CA PRO A 88 -2.35 8.13 -9.03
C PRO A 88 -2.92 9.38 -9.70
N CYS A 89 -3.90 10.00 -9.05
CA CYS A 89 -4.41 11.30 -9.49
C CYS A 89 -5.26 11.88 -8.37
N VAL A 90 -6.00 12.95 -8.70
CA VAL A 90 -6.52 13.90 -7.71
C VAL A 90 -7.24 13.19 -6.57
N LYS A 91 -7.05 13.72 -5.36
CA LYS A 91 -7.52 13.15 -4.10
C LYS A 91 -8.30 14.23 -3.34
N LEU A 92 -9.32 14.78 -4.00
CA LEU A 92 -9.93 16.02 -3.52
C LEU A 92 -10.66 15.85 -2.19
N THR A 93 -9.94 16.08 -1.10
CA THR A 93 -10.56 16.33 0.19
C THR A 93 -11.05 17.78 0.33
N PRO A 94 -10.37 18.82 -0.23
CA PRO A 94 -10.86 20.19 0.03
C PRO A 94 -12.08 20.53 -0.81
N LEU A 95 -13.17 19.79 -0.60
CA LEU A 95 -14.44 20.11 -1.25
C LEU A 95 -15.60 20.05 -0.27
N CYS A 96 -15.34 19.79 1.01
CA CYS A 96 -16.39 19.77 2.03
C CYS A 96 -16.69 21.14 2.60
N VAL A 97 -16.26 22.21 1.93
CA VAL A 97 -16.59 23.55 2.38
C VAL A 97 -18.10 23.73 2.38
N THR A 98 -18.57 24.71 3.15
CA THR A 98 -20.00 24.98 3.23
C THR A 98 -20.48 25.58 1.93
N LEU A 99 -21.14 24.76 1.11
CA LEU A 99 -21.66 25.22 -0.17
C LEU A 99 -22.87 26.11 0.05
N GLN A 100 -22.98 27.17 -0.74
CA GLN A 100 -24.17 28.04 -0.73
C GLN A 100 -24.85 27.83 -2.07
N CYS A 101 -25.95 27.10 -2.06
CA CYS A 101 -26.60 26.69 -3.30
C CYS A 101 -28.04 27.19 -3.37
N THR A 102 -28.40 27.65 -4.56
CA THR A 102 -29.75 28.06 -4.91
C THR A 102 -30.30 27.10 -5.97
N ASN A 103 -31.52 27.37 -6.40
CA ASN A 103 -32.13 26.58 -7.44
C ASN A 103 -31.56 26.99 -8.80
N VAL A 104 -31.97 26.30 -9.85
CA VAL A 104 -31.62 26.69 -11.22
C VAL A 104 -32.91 26.77 -12.02
N THR A 105 -33.13 27.89 -12.68
CA THR A 105 -34.35 28.10 -13.46
C THR A 105 -34.01 28.81 -14.76
N ASN A 106 -32.96 28.37 -15.44
CA ASN A 106 -32.60 28.88 -16.76
C ASN A 106 -33.44 28.15 -17.82
N ASN A 107 -34.74 28.45 -17.80
CA ASN A 107 -35.74 27.77 -18.62
C ASN A 107 -35.75 26.27 -18.33
N ILE A 108 -36.04 25.95 -17.08
CA ILE A 108 -36.11 24.57 -16.60
C ILE A 108 -37.45 23.97 -16.96
N THR A 109 -37.56 22.65 -16.89
CA THR A 109 -38.81 21.95 -17.08
C THR A 109 -39.32 21.45 -15.73
N ASP A 110 -40.65 21.31 -15.63
CA ASP A 110 -41.27 21.06 -14.32
C ASP A 110 -40.90 19.71 -13.75
N ASP A 111 -40.66 18.70 -14.59
CA ASP A 111 -40.30 17.38 -14.08
C ASP A 111 -38.96 17.41 -13.36
N MET A 112 -38.03 18.24 -13.84
CA MET A 112 -36.72 18.39 -13.21
C MET A 112 -36.69 19.61 -12.29
N ARG A 113 -37.81 19.93 -11.65
CA ARG A 113 -37.85 21.01 -10.68
C ARG A 113 -36.93 20.67 -9.51
N GLY A 114 -36.11 21.64 -9.12
CA GLY A 114 -35.05 21.35 -8.17
C GLY A 114 -33.93 20.60 -8.85
N GLU A 115 -33.64 19.38 -8.37
CA GLU A 115 -32.64 18.51 -8.98
C GLU A 115 -31.30 19.23 -9.08
N LEU A 116 -31.01 19.83 -10.23
CA LEU A 116 -29.79 20.60 -10.38
C LEU A 116 -29.80 21.81 -9.45
N LYS A 117 -28.64 22.11 -8.88
CA LYS A 117 -28.50 23.21 -7.93
C LYS A 117 -27.28 24.04 -8.29
N ASN A 118 -27.43 25.37 -8.19
CA ASN A 118 -26.33 26.32 -8.38
C ASN A 118 -25.59 26.46 -7.06
N CYS A 119 -24.44 25.81 -6.95
CA CYS A 119 -23.64 25.90 -5.74
C CYS A 119 -22.49 26.87 -5.94
N SER A 120 -22.16 27.64 -4.90
CA SER A 120 -21.04 28.55 -4.91
C SER A 120 -20.30 28.38 -3.60
N PHE A 121 -18.99 28.55 -3.61
CA PHE A 121 -18.21 28.38 -2.39
C PHE A 121 -16.85 29.03 -2.49
N ASN A 122 -16.30 29.36 -1.33
CA ASN A 122 -14.89 29.67 -1.18
C ASN A 122 -14.08 28.45 -1.61
N MET A 123 -12.93 28.69 -2.23
CA MET A 123 -12.03 27.60 -2.58
C MET A 123 -10.61 28.12 -2.68
N THR A 124 -9.65 27.32 -2.22
CA THR A 124 -8.26 27.71 -2.25
C THR A 124 -7.74 27.68 -3.68
N THR A 125 -7.04 28.73 -4.08
CA THR A 125 -6.41 28.79 -5.39
C THR A 125 -5.10 28.02 -5.35
N GLU A 126 -4.26 28.21 -6.37
CA GLU A 126 -2.95 27.55 -6.38
C GLU A 126 -2.15 27.92 -5.14
N LEU A 127 -2.17 29.19 -4.75
CA LEU A 127 -1.54 29.60 -3.50
C LEU A 127 -2.30 29.03 -2.32
N ARG A 128 -1.57 28.81 -1.22
CA ARG A 128 -2.14 28.20 -0.03
C ARG A 128 -3.03 29.15 0.77
N ASP A 129 -2.89 30.47 0.57
CA ASP A 129 -3.60 31.43 1.39
C ASP A 129 -4.74 32.13 0.66
N LYS A 130 -4.55 32.51 -0.61
CA LYS A 130 -5.59 33.21 -1.34
C LYS A 130 -6.78 32.30 -1.62
N LYS A 131 -7.97 32.89 -1.61
CA LYS A 131 -9.22 32.17 -1.83
C LYS A 131 -10.01 32.85 -2.93
N GLN A 132 -10.81 32.05 -3.64
CA GLN A 132 -11.63 32.51 -4.75
C GLN A 132 -13.05 31.98 -4.58
N LYS A 133 -14.02 32.77 -5.04
CA LYS A 133 -15.41 32.37 -5.02
C LYS A 133 -15.74 31.68 -6.34
N VAL A 134 -15.90 30.37 -6.30
CA VAL A 134 -16.14 29.59 -7.50
C VAL A 134 -17.57 29.04 -7.43
N TYR A 135 -18.08 28.61 -8.58
CA TYR A 135 -19.44 28.09 -8.68
C TYR A 135 -19.46 26.84 -9.54
N SER A 136 -20.50 26.04 -9.34
CA SER A 136 -20.69 24.78 -10.07
C SER A 136 -22.16 24.39 -10.00
N LEU A 137 -22.49 23.31 -10.68
CA LEU A 137 -23.82 22.74 -10.63
C LEU A 137 -23.75 21.36 -10.00
N PHE A 138 -24.55 21.15 -8.95
CA PHE A 138 -24.55 19.89 -8.23
C PHE A 138 -25.95 19.30 -8.21
N TYR A 139 -26.04 18.01 -8.50
CA TYR A 139 -27.33 17.34 -8.52
C TYR A 139 -27.90 17.23 -7.12
N ARG A 140 -29.23 17.07 -7.04
CA ARG A 140 -29.90 17.02 -5.76
C ARG A 140 -29.45 15.82 -4.93
N LEU A 141 -29.00 14.76 -5.60
CA LEU A 141 -28.61 13.54 -4.88
C LEU A 141 -27.27 13.65 -4.18
N ASP A 142 -26.42 14.60 -4.59
CA ASP A 142 -25.07 14.70 -4.07
C ASP A 142 -24.91 15.78 -3.00
N VAL A 143 -25.98 16.46 -2.61
CA VAL A 143 -25.90 17.54 -1.63
C VAL A 143 -26.99 17.35 -0.60
N VAL A 144 -26.64 17.58 0.67
CA VAL A 144 -27.59 17.53 1.78
C VAL A 144 -27.62 18.90 2.45
N GLN A 145 -28.71 19.17 3.16
CA GLN A 145 -28.95 20.48 3.74
C GLN A 145 -28.52 20.46 5.21
N ILE A 146 -27.38 21.09 5.49
CA ILE A 146 -26.95 21.32 6.87
C ILE A 146 -27.55 22.64 7.34
N ASN A 147 -27.50 22.88 8.65
CA ASN A 147 -28.02 24.11 9.25
C ASN A 147 -29.48 24.32 8.89
N GLU A 148 -30.28 23.29 9.12
CA GLU A 148 -31.71 23.32 8.82
C GLU A 148 -32.45 24.28 9.74
N ASN A 158 -30.94 31.84 0.79
CA ASN A 158 -29.98 30.84 0.35
C ASN A 158 -29.59 29.90 1.49
N LYS A 159 -29.88 28.61 1.31
CA LYS A 159 -29.55 27.61 2.30
C LYS A 159 -28.12 27.12 2.12
N GLU A 160 -27.60 26.47 3.15
CA GLU A 160 -26.23 25.98 3.16
C GLU A 160 -26.24 24.47 2.97
N TYR A 161 -25.72 24.03 1.82
CA TYR A 161 -25.64 22.62 1.46
C TYR A 161 -24.22 22.11 1.65
N ARG A 162 -24.08 20.79 1.68
CA ARG A 162 -22.78 20.15 1.86
C ARG A 162 -22.77 18.85 1.06
N LEU A 163 -21.59 18.50 0.54
CA LEU A 163 -21.44 17.25 -0.20
C LEU A 163 -21.84 16.07 0.68
N ILE A 164 -22.57 15.12 0.09
CA ILE A 164 -23.16 14.04 0.86
C ILE A 164 -22.10 13.13 1.49
N ASN A 165 -20.93 13.03 0.86
CA ASN A 165 -19.92 12.11 1.35
C ASN A 165 -19.06 12.67 2.47
N CYS A 166 -19.26 13.94 2.83
CA CYS A 166 -18.27 14.67 3.61
C CYS A 166 -18.52 14.64 5.12
N ASN A 167 -19.09 13.57 5.69
CA ASN A 167 -18.76 13.33 7.09
C ASN A 167 -18.21 11.92 7.26
N THR A 168 -18.33 11.05 6.26
CA THR A 168 -18.11 9.64 6.43
C THR A 168 -17.03 9.05 5.54
N SER A 169 -16.54 9.79 4.55
CA SER A 169 -15.47 9.33 3.67
C SER A 169 -14.91 10.54 2.95
N ALA A 170 -13.80 10.32 2.27
CA ALA A 170 -13.20 11.33 1.41
C ALA A 170 -13.11 10.79 0.00
N CYS A 171 -13.55 11.58 -0.97
CA CYS A 171 -13.67 11.12 -2.35
C CYS A 171 -12.42 11.45 -3.15
N THR A 172 -11.94 10.46 -3.89
CA THR A 172 -10.91 10.65 -4.90
C THR A 172 -11.61 10.76 -6.24
N GLN A 173 -11.51 11.93 -6.87
CA GLN A 173 -12.21 12.16 -8.12
C GLN A 173 -11.80 11.14 -9.17
N ALA A 174 -12.78 10.60 -9.88
CA ALA A 174 -12.49 9.61 -10.92
C ALA A 174 -11.54 10.21 -11.94
N CYS A 175 -10.57 9.42 -12.34
CA CYS A 175 -9.39 9.95 -13.00
C CYS A 175 -9.76 10.40 -14.41
N PRO A 176 -9.53 11.66 -14.78
CA PRO A 176 -10.04 12.16 -16.07
C PRO A 176 -9.51 11.43 -17.28
N LYS A 177 -8.26 10.96 -17.24
CA LYS A 177 -7.68 10.29 -18.41
C LYS A 177 -8.26 8.89 -18.59
N VAL A 178 -8.46 8.15 -17.50
CA VAL A 178 -8.93 6.79 -17.61
C VAL A 178 -10.40 6.76 -18.03
N SER A 179 -10.85 5.59 -18.47
CA SER A 179 -12.22 5.40 -18.93
C SER A 179 -12.78 4.12 -18.33
N PHE A 180 -14.10 4.09 -18.17
CA PHE A 180 -14.80 2.94 -17.63
C PHE A 180 -15.45 2.09 -18.72
N GLU A 181 -15.09 2.31 -19.97
CA GLU A 181 -15.73 1.61 -21.08
C GLU A 181 -15.44 0.10 -20.98
N PRO A 182 -16.45 -0.74 -20.85
CA PRO A 182 -16.20 -2.17 -20.69
C PRO A 182 -15.57 -2.77 -21.93
N ILE A 183 -14.56 -3.61 -21.73
CA ILE A 183 -13.92 -4.35 -22.81
C ILE A 183 -13.85 -5.82 -22.42
N PRO A 184 -13.94 -6.75 -23.37
CA PRO A 184 -13.90 -8.17 -23.01
C PRO A 184 -12.55 -8.54 -22.42
N ILE A 185 -12.59 -9.44 -21.44
CA ILE A 185 -11.39 -10.02 -20.84
C ILE A 185 -11.62 -11.51 -20.70
N HIS A 186 -10.62 -12.31 -21.08
CA HIS A 186 -10.69 -13.75 -21.00
C HIS A 186 -9.79 -14.23 -19.86
N TYR A 187 -10.33 -15.08 -18.99
CA TYR A 187 -9.59 -15.61 -17.86
C TYR A 187 -9.01 -16.96 -18.24
N CYS A 188 -7.68 -17.04 -18.35
CA CYS A 188 -7.01 -18.24 -18.80
C CYS A 188 -6.28 -18.89 -17.63
N ALA A 189 -6.58 -20.16 -17.39
CA ALA A 189 -5.94 -20.90 -16.32
C ALA A 189 -4.47 -21.12 -16.64
N PRO A 190 -3.61 -21.20 -15.62
CA PRO A 190 -2.18 -21.44 -15.88
C PRO A 190 -1.93 -22.85 -16.38
N ALA A 191 -0.67 -23.17 -16.63
CA ALA A 191 -0.32 -24.51 -17.10
C ALA A 191 -0.68 -25.54 -16.03
N GLY A 192 -1.17 -26.70 -16.49
CA GLY A 192 -1.58 -27.75 -15.59
C GLY A 192 -3.02 -27.72 -15.17
N PHE A 193 -3.76 -26.66 -15.50
CA PHE A 193 -5.17 -26.54 -15.19
C PHE A 193 -5.97 -26.39 -16.48
N ALA A 194 -7.16 -26.97 -16.49
CA ALA A 194 -8.02 -26.95 -17.66
C ALA A 194 -9.33 -26.26 -17.34
N ILE A 195 -9.87 -25.55 -18.33
CA ILE A 195 -11.15 -24.86 -18.22
C ILE A 195 -12.20 -25.70 -18.92
N LEU A 196 -13.17 -26.19 -18.17
CA LEU A 196 -14.28 -26.97 -18.70
C LEU A 196 -15.48 -26.07 -18.89
N LYS A 197 -16.08 -26.12 -20.07
CA LYS A 197 -17.23 -25.30 -20.43
C LYS A 197 -18.34 -26.21 -20.91
N CYS A 198 -19.55 -25.97 -20.41
CA CYS A 198 -20.70 -26.80 -20.75
C CYS A 198 -21.43 -26.21 -21.95
N LYS A 199 -21.69 -27.04 -22.95
CA LYS A 199 -22.39 -26.61 -24.16
C LYS A 199 -23.83 -27.08 -24.21
N ASP A 200 -24.33 -27.71 -23.16
CA ASP A 200 -25.70 -28.19 -23.16
C ASP A 200 -26.69 -27.02 -23.08
N LYS A 201 -27.69 -27.04 -23.96
CA LYS A 201 -28.68 -25.98 -23.97
C LYS A 201 -29.73 -26.12 -22.87
N LYS A 202 -29.80 -27.29 -22.23
CA LYS A 202 -30.69 -27.49 -21.10
C LYS A 202 -30.01 -27.21 -19.77
N PHE A 203 -28.78 -26.71 -19.80
CA PHE A 203 -28.04 -26.43 -18.59
C PHE A 203 -28.77 -25.41 -17.71
N ASN A 204 -28.83 -25.68 -16.42
CA ASN A 204 -29.52 -24.82 -15.49
C ASN A 204 -28.72 -24.45 -14.25
N GLY A 205 -27.55 -25.04 -14.04
CA GLY A 205 -26.79 -24.77 -12.83
C GLY A 205 -26.28 -26.04 -12.18
N THR A 206 -26.72 -26.29 -10.95
CA THR A 206 -26.36 -27.52 -10.25
C THR A 206 -26.84 -28.73 -11.04
N GLY A 207 -25.90 -29.53 -11.54
CA GLY A 207 -26.23 -30.72 -12.29
C GLY A 207 -25.22 -31.05 -13.36
N PRO A 208 -25.05 -32.34 -13.64
CA PRO A 208 -24.09 -32.77 -14.66
C PRO A 208 -24.48 -32.30 -16.05
N CYS A 209 -23.46 -32.06 -16.86
CA CYS A 209 -23.65 -31.59 -18.24
C CYS A 209 -22.92 -32.53 -19.19
N PRO A 210 -23.60 -33.49 -19.82
CA PRO A 210 -22.95 -34.47 -20.68
C PRO A 210 -22.60 -33.94 -22.08
N SER A 211 -22.10 -32.70 -22.12
CA SER A 211 -21.57 -32.13 -23.35
C SER A 211 -20.31 -31.30 -23.09
N VAL A 212 -19.66 -31.51 -21.95
CA VAL A 212 -18.58 -30.63 -21.51
C VAL A 212 -17.44 -30.67 -22.53
N SER A 213 -16.90 -29.51 -22.84
CA SER A 213 -15.77 -29.38 -23.75
C SER A 213 -14.68 -28.57 -23.07
N THR A 214 -13.43 -28.92 -23.33
CA THR A 214 -12.33 -28.15 -22.76
C THR A 214 -12.02 -26.96 -23.66
N VAL A 215 -11.68 -25.83 -23.05
CA VAL A 215 -11.32 -24.65 -23.81
C VAL A 215 -9.99 -24.11 -23.28
N GLN A 216 -9.26 -23.42 -24.15
CA GLN A 216 -8.05 -22.75 -23.72
C GLN A 216 -8.34 -21.77 -22.59
N CYS A 217 -9.39 -20.96 -22.75
CA CYS A 217 -9.95 -20.15 -21.68
C CYS A 217 -11.28 -19.56 -22.15
N THR A 218 -11.94 -18.86 -21.24
CA THR A 218 -13.31 -18.42 -21.45
C THR A 218 -13.40 -17.39 -22.57
N HIS A 219 -14.61 -17.25 -23.11
CA HIS A 219 -14.88 -16.28 -24.15
C HIS A 219 -14.79 -14.86 -23.59
N GLY A 220 -14.88 -13.88 -24.49
CA GLY A 220 -14.84 -12.50 -24.09
C GLY A 220 -16.05 -12.15 -23.23
N ILE A 221 -15.81 -11.66 -22.02
CA ILE A 221 -16.86 -11.26 -21.10
C ILE A 221 -16.61 -9.82 -20.68
N LYS A 222 -17.68 -9.01 -20.67
CA LYS A 222 -17.57 -7.61 -20.35
C LYS A 222 -17.91 -7.39 -18.89
N PRO A 223 -16.97 -6.91 -18.07
CA PRO A 223 -17.28 -6.70 -16.65
C PRO A 223 -18.19 -5.49 -16.43
N VAL A 224 -19.43 -5.60 -16.88
CA VAL A 224 -20.38 -4.51 -16.75
C VAL A 224 -20.89 -4.45 -15.31
N VAL A 225 -21.40 -3.29 -14.93
CA VAL A 225 -21.97 -3.06 -13.61
C VAL A 225 -23.41 -2.60 -13.79
N SER A 226 -24.35 -3.41 -13.30
CA SER A 226 -25.76 -3.08 -13.42
C SER A 226 -26.50 -3.79 -12.30
N THR A 227 -27.70 -3.29 -12.00
CA THR A 227 -28.54 -3.87 -10.97
C THR A 227 -29.94 -4.09 -11.51
N GLN A 228 -30.51 -5.24 -11.19
CA GLN A 228 -31.91 -5.60 -11.42
C GLN A 228 -32.27 -5.63 -12.91
N LEU A 229 -31.29 -5.34 -13.77
CA LEU A 229 -31.46 -5.50 -15.22
C LEU A 229 -30.07 -5.63 -15.83
N LEU A 230 -29.65 -6.85 -16.13
CA LEU A 230 -28.32 -7.08 -16.67
C LEU A 230 -28.21 -6.56 -18.10
N LEU A 231 -27.10 -5.89 -18.40
CA LEU A 231 -26.87 -5.28 -19.70
C LEU A 231 -25.63 -5.88 -20.36
N ASN A 232 -25.68 -6.00 -21.68
CA ASN A 232 -24.69 -6.76 -22.45
C ASN A 232 -24.25 -8.04 -21.74
N GLY A 233 -25.24 -8.87 -21.42
CA GLY A 233 -24.99 -10.25 -21.05
C GLY A 233 -24.93 -11.15 -22.28
N SER A 234 -24.76 -12.44 -22.02
CA SER A 234 -24.73 -13.45 -23.06
C SER A 234 -26.05 -14.22 -23.04
N LEU A 235 -26.77 -14.19 -24.15
CA LEU A 235 -28.08 -14.83 -24.23
C LEU A 235 -27.95 -16.33 -24.37
N ALA A 236 -28.92 -17.04 -23.79
CA ALA A 236 -29.02 -18.49 -23.91
C ALA A 236 -30.01 -18.81 -25.02
N GLU A 237 -29.62 -19.69 -25.93
CA GLU A 237 -30.43 -19.98 -27.10
C GLU A 237 -31.62 -20.86 -26.71
N GLU A 238 -32.35 -21.32 -27.73
CA GLU A 238 -33.55 -22.15 -27.56
C GLU A 238 -34.66 -21.40 -26.84
N GLU A 239 -34.50 -21.16 -25.54
CA GLU A 239 -35.55 -20.51 -24.77
C GLU A 239 -34.94 -19.81 -23.56
N VAL A 240 -35.72 -18.91 -22.96
CA VAL A 240 -35.29 -18.19 -21.78
C VAL A 240 -35.10 -19.18 -20.63
N MET A 241 -33.94 -19.12 -19.97
CA MET A 241 -33.60 -20.07 -18.93
C MET A 241 -33.70 -19.45 -17.55
N ILE A 242 -34.07 -20.27 -16.58
CA ILE A 242 -34.27 -19.84 -15.20
C ILE A 242 -33.28 -20.60 -14.31
N ARG A 243 -32.49 -19.86 -13.54
CA ARG A 243 -31.47 -20.45 -12.69
C ARG A 243 -31.64 -19.94 -11.27
N SER A 244 -31.41 -20.80 -10.29
CA SER A 244 -31.48 -20.39 -8.89
C SER A 244 -30.74 -21.43 -8.04
N GLU A 245 -30.85 -21.27 -6.73
CA GLU A 245 -30.19 -22.07 -5.70
C GLU A 245 -31.22 -22.49 -4.67
N ASN A 246 -32.34 -23.02 -5.19
CA ASN A 246 -33.72 -22.89 -4.73
C ASN A 246 -34.57 -21.91 -5.52
N ILE A 247 -35.48 -22.49 -6.32
CA ILE A 247 -36.62 -21.78 -6.86
C ILE A 247 -37.74 -21.64 -5.84
N THR A 248 -37.60 -22.28 -4.68
CA THR A 248 -38.64 -22.25 -3.64
C THR A 248 -38.22 -21.46 -2.41
N ASN A 249 -37.20 -20.62 -2.51
CA ASN A 249 -36.77 -19.78 -1.40
C ASN A 249 -36.96 -18.32 -1.77
N ASN A 250 -37.48 -17.54 -0.81
CA ASN A 250 -37.76 -16.14 -1.08
C ASN A 250 -36.48 -15.31 -1.16
N ALA A 251 -35.53 -15.57 -0.27
CA ALA A 251 -34.34 -14.74 -0.14
C ALA A 251 -33.28 -15.04 -1.20
N LYS A 252 -33.63 -15.75 -2.26
CA LYS A 252 -32.68 -16.11 -3.31
C LYS A 252 -33.12 -15.52 -4.64
N ASN A 253 -32.18 -14.93 -5.35
CA ASN A 253 -32.47 -14.31 -6.64
C ASN A 253 -32.76 -15.37 -7.69
N ILE A 254 -33.30 -14.92 -8.83
CA ILE A 254 -33.63 -15.80 -9.95
C ILE A 254 -32.99 -15.17 -11.19
N LEU A 255 -31.78 -15.61 -11.52
CA LEU A 255 -31.01 -15.00 -12.61
C LEU A 255 -31.63 -15.42 -13.94
N VAL A 256 -32.68 -14.71 -14.31
CA VAL A 256 -33.35 -14.96 -15.58
C VAL A 256 -32.47 -14.47 -16.72
N GLN A 257 -32.30 -15.31 -17.74
CA GLN A 257 -31.47 -15.00 -18.88
C GLN A 257 -32.32 -15.03 -20.15
N PHE A 258 -32.28 -13.96 -20.92
CA PHE A 258 -33.12 -13.83 -22.10
C PHE A 258 -32.50 -14.55 -23.29
N ASN A 259 -33.35 -14.87 -24.26
CA ASN A 259 -32.93 -15.45 -25.53
C ASN A 259 -33.01 -14.48 -26.69
N THR A 260 -33.92 -13.51 -26.64
CA THR A 260 -34.03 -12.48 -27.66
C THR A 260 -33.61 -11.15 -27.04
N PRO A 261 -32.55 -10.51 -27.54
CA PRO A 261 -32.11 -9.25 -26.94
C PRO A 261 -33.17 -8.16 -27.07
N VAL A 262 -33.27 -7.32 -26.06
CA VAL A 262 -34.20 -6.20 -26.02
C VAL A 262 -33.41 -4.91 -26.14
N GLN A 263 -33.69 -4.14 -27.18
CA GLN A 263 -32.97 -2.89 -27.38
C GLN A 263 -33.42 -1.85 -26.37
N ILE A 264 -32.46 -1.20 -25.71
CA ILE A 264 -32.73 -0.10 -24.80
C ILE A 264 -31.81 1.05 -25.16
N ASN A 265 -32.39 2.19 -25.49
CA ASN A 265 -31.65 3.44 -25.66
C ASN A 265 -31.70 4.26 -24.38
N CYS A 266 -30.68 5.07 -24.13
CA CYS A 266 -30.67 5.91 -22.95
C CYS A 266 -29.88 7.18 -23.23
N THR A 267 -30.49 8.33 -22.91
CA THR A 267 -29.90 9.60 -23.32
C THR A 267 -29.69 10.56 -22.14
N ARG A 268 -29.30 11.79 -22.46
CA ARG A 268 -29.15 12.89 -21.52
C ARG A 268 -29.18 14.19 -22.31
N PRO A 269 -30.35 14.68 -22.69
CA PRO A 269 -30.43 15.77 -23.67
C PRO A 269 -30.06 17.13 -23.10
N ASN A 270 -28.89 17.23 -22.46
CA ASN A 270 -28.34 18.50 -22.00
C ASN A 270 -26.85 18.53 -22.28
N ASN A 271 -26.34 19.69 -22.69
CA ASN A 271 -24.89 19.90 -22.71
C ASN A 271 -24.34 20.05 -21.30
N ASN A 272 -23.03 19.86 -21.17
CA ASN A 272 -22.36 19.92 -19.88
C ASN A 272 -21.00 20.57 -20.07
N THR A 273 -20.92 21.89 -19.88
CA THR A 273 -19.67 22.62 -20.09
C THR A 273 -18.77 22.41 -18.88
N ARG A 274 -17.95 21.35 -18.93
CA ARG A 274 -17.00 21.10 -17.88
C ARG A 274 -16.02 22.26 -17.76
N LYS A 275 -15.81 22.73 -16.54
CA LYS A 275 -14.91 23.87 -16.28
C LYS A 275 -13.97 23.46 -15.15
N SER A 276 -12.77 23.05 -15.51
CA SER A 276 -11.77 22.68 -14.51
C SER A 276 -11.41 23.91 -13.67
N ILE A 277 -11.33 23.72 -12.36
CA ILE A 277 -10.95 24.78 -11.44
C ILE A 277 -9.85 24.26 -10.53
N ARG A 278 -8.91 25.14 -10.20
CA ARG A 278 -7.78 24.77 -9.36
C ARG A 278 -8.18 24.82 -7.90
N ILE A 279 -7.88 23.76 -7.16
CA ILE A 279 -8.13 23.70 -5.72
C ILE A 279 -6.84 23.54 -4.92
N GLY A 280 -5.69 23.54 -5.58
CA GLY A 280 -4.43 23.40 -4.90
C GLY A 280 -3.28 23.30 -5.88
N PRO A 281 -2.08 23.04 -5.36
CA PRO A 281 -0.92 22.89 -6.26
C PRO A 281 -1.04 21.68 -7.16
N GLY A 282 -1.22 21.91 -8.46
CA GLY A 282 -1.32 20.82 -9.42
C GLY A 282 -2.70 20.20 -9.51
N GLN A 283 -3.35 20.00 -8.38
CA GLN A 283 -4.66 19.36 -8.36
C GLN A 283 -5.70 20.24 -9.05
N ALA A 284 -6.45 19.65 -9.96
CA ALA A 284 -7.51 20.34 -10.69
C ALA A 284 -8.79 19.53 -10.60
N PHE A 285 -9.88 20.18 -10.26
CA PHE A 285 -11.16 19.51 -10.04
C PHE A 285 -12.13 19.94 -11.15
N TYR A 286 -12.73 18.97 -11.83
CA TYR A 286 -13.62 19.24 -12.94
C TYR A 286 -15.05 19.33 -12.44
N ALA A 287 -15.76 20.36 -12.87
CA ALA A 287 -17.12 20.62 -12.41
C ALA A 287 -18.01 20.97 -13.59
N THR A 288 -19.32 20.90 -13.34
CA THR A 288 -20.33 21.29 -14.31
C THR A 288 -20.45 22.80 -14.36
N GLY A 289 -21.47 23.31 -15.03
CA GLY A 289 -21.74 24.73 -15.06
C GLY A 289 -22.18 25.23 -16.41
N ASP A 290 -23.14 26.17 -16.42
CA ASP A 290 -23.59 26.85 -17.63
C ASP A 290 -24.10 25.85 -18.68
N ILE A 291 -25.20 25.18 -18.34
CA ILE A 291 -25.83 24.27 -19.29
C ILE A 291 -26.32 25.08 -20.48
N ILE A 292 -25.88 24.69 -21.67
CA ILE A 292 -26.29 25.37 -22.90
C ILE A 292 -27.61 24.78 -23.38
N GLY A 293 -28.56 25.65 -23.65
CA GLY A 293 -29.87 25.20 -24.11
C GLY A 293 -30.76 24.77 -22.97
N ASP A 294 -31.85 24.11 -23.34
CA ASP A 294 -32.82 23.64 -22.36
C ASP A 294 -32.23 22.50 -21.52
N ILE A 295 -32.81 22.33 -20.34
CA ILE A 295 -32.42 21.26 -19.42
C ILE A 295 -33.60 20.32 -19.26
N ARG A 296 -33.41 19.05 -19.59
CA ARG A 296 -34.43 18.04 -19.42
C ARG A 296 -33.80 16.80 -18.81
N GLN A 297 -34.58 16.08 -18.01
CA GLN A 297 -34.05 14.92 -17.31
C GLN A 297 -33.72 13.80 -18.29
N ALA A 298 -32.65 13.07 -17.99
CA ALA A 298 -32.27 11.93 -18.80
C ALA A 298 -33.34 10.85 -18.72
N HIS A 299 -33.49 10.11 -19.80
CA HIS A 299 -34.51 9.07 -19.87
C HIS A 299 -33.93 7.84 -20.57
N CYS A 300 -34.69 6.76 -20.47
CA CYS A 300 -34.36 5.52 -21.17
C CYS A 300 -35.61 5.03 -21.91
N ASN A 301 -35.39 4.46 -23.08
CA ASN A 301 -36.47 3.95 -23.92
C ASN A 301 -36.28 2.46 -24.13
N VAL A 302 -37.33 1.69 -23.85
CA VAL A 302 -37.44 0.33 -24.37
C VAL A 302 -38.66 0.29 -25.27
N SER A 303 -38.85 -0.84 -25.94
CA SER A 303 -39.99 -1.01 -26.83
C SER A 303 -41.05 -1.86 -26.15
N LYS A 304 -42.27 -1.33 -26.07
CA LYS A 304 -43.35 -2.04 -25.39
C LYS A 304 -43.67 -3.36 -26.09
N ALA A 305 -43.63 -3.37 -27.42
CA ALA A 305 -43.88 -4.60 -28.16
C ALA A 305 -42.86 -5.67 -27.82
N THR A 306 -41.59 -5.29 -27.72
CA THR A 306 -40.56 -6.27 -27.38
C THR A 306 -40.66 -6.69 -25.92
N TRP A 307 -40.84 -5.73 -25.02
CA TRP A 307 -40.86 -6.06 -23.59
C TRP A 307 -42.07 -6.91 -23.21
N ASN A 308 -43.24 -6.61 -23.78
CA ASN A 308 -44.41 -7.39 -23.42
C ASN A 308 -44.22 -8.85 -23.80
N GLU A 309 -43.71 -9.08 -25.01
CA GLU A 309 -43.43 -10.43 -25.45
C GLU A 309 -42.37 -11.11 -24.59
N THR A 310 -41.33 -10.36 -24.21
CA THR A 310 -40.27 -10.93 -23.39
C THR A 310 -40.79 -11.35 -22.02
N LEU A 311 -41.62 -10.50 -21.41
CA LEU A 311 -42.21 -10.84 -20.13
C LEU A 311 -43.18 -12.02 -20.27
N GLY A 312 -43.90 -12.09 -21.39
CA GLY A 312 -44.74 -13.25 -21.62
C GLY A 312 -43.95 -14.54 -21.71
N LYS A 313 -42.82 -14.50 -22.42
CA LYS A 313 -41.97 -15.68 -22.51
C LYS A 313 -41.41 -16.07 -21.14
N VAL A 314 -40.97 -15.07 -20.36
CA VAL A 314 -40.43 -15.36 -19.04
C VAL A 314 -41.51 -15.97 -18.15
N VAL A 315 -42.74 -15.44 -18.22
CA VAL A 315 -43.83 -15.99 -17.44
C VAL A 315 -44.15 -17.42 -17.87
N LYS A 316 -44.17 -17.67 -19.18
CA LYS A 316 -44.45 -19.01 -19.67
C LYS A 316 -43.41 -20.01 -19.19
N GLN A 317 -42.13 -19.61 -19.20
CA GLN A 317 -41.08 -20.50 -18.72
C GLN A 317 -41.06 -20.60 -17.20
N LEU A 318 -41.58 -19.58 -16.51
CA LEU A 318 -41.54 -19.56 -15.05
C LEU A 318 -42.69 -20.33 -14.43
N ARG A 319 -43.81 -20.45 -15.15
CA ARG A 319 -44.93 -21.23 -14.63
C ARG A 319 -44.63 -22.72 -14.58
N LYS A 320 -43.54 -23.17 -15.20
CA LYS A 320 -43.16 -24.57 -15.10
C LYS A 320 -42.81 -24.96 -13.67
N HIS A 321 -42.08 -24.09 -12.96
CA HIS A 321 -41.65 -24.38 -11.60
C HIS A 321 -42.68 -23.99 -10.55
N PHE A 322 -43.79 -23.35 -10.95
CA PHE A 322 -44.79 -22.90 -9.99
C PHE A 322 -46.20 -23.34 -10.36
N GLY A 323 -46.35 -24.27 -11.29
CA GLY A 323 -47.68 -24.75 -11.66
C GLY A 323 -48.28 -23.96 -12.80
N ASN A 324 -49.11 -24.64 -13.59
CA ASN A 324 -49.76 -24.05 -14.75
C ASN A 324 -51.07 -23.36 -14.42
N ASN A 325 -51.49 -23.37 -13.15
CA ASN A 325 -52.71 -22.70 -12.72
C ASN A 325 -52.41 -21.64 -11.66
N THR A 326 -51.26 -20.98 -11.77
CA THR A 326 -50.81 -19.99 -10.79
C THR A 326 -50.75 -18.62 -11.44
N ILE A 327 -51.32 -17.63 -10.76
CA ILE A 327 -51.19 -16.25 -11.20
C ILE A 327 -49.72 -15.85 -11.09
N ILE A 328 -49.28 -14.93 -11.95
CA ILE A 328 -47.91 -14.44 -11.91
C ILE A 328 -47.94 -12.93 -12.08
N ARG A 329 -47.63 -12.21 -11.01
CA ARG A 329 -47.68 -10.75 -11.03
C ARG A 329 -46.28 -10.21 -10.89
N PHE A 330 -46.07 -9.01 -11.42
CA PHE A 330 -44.80 -8.32 -11.26
C PHE A 330 -45.04 -7.02 -10.50
N ALA A 331 -43.98 -6.54 -9.86
CA ALA A 331 -44.05 -5.23 -9.21
C ALA A 331 -42.66 -4.64 -9.18
N ASN A 332 -42.58 -3.34 -8.92
CA ASN A 332 -41.28 -2.72 -8.84
C ASN A 332 -40.63 -3.07 -7.49
N SER A 333 -39.37 -2.68 -7.34
CA SER A 333 -38.73 -2.84 -6.04
C SER A 333 -39.49 -2.04 -4.99
N SER A 334 -39.60 -2.61 -3.80
CA SER A 334 -40.40 -2.00 -2.75
C SER A 334 -39.58 -1.21 -1.74
N GLY A 335 -38.27 -1.11 -1.91
CA GLY A 335 -37.46 -0.37 -0.98
C GLY A 335 -36.06 -0.92 -0.90
N GLY A 336 -35.14 -0.09 -0.43
CA GLY A 336 -33.74 -0.43 -0.33
C GLY A 336 -32.89 0.78 -0.62
N ASP A 337 -31.62 0.53 -0.92
CA ASP A 337 -30.74 1.63 -1.29
C ASP A 337 -31.14 2.20 -2.65
N LEU A 338 -30.44 3.25 -3.04
CA LEU A 338 -30.65 3.85 -4.35
C LEU A 338 -29.99 3.06 -5.46
N GLU A 339 -29.24 2.01 -5.11
CA GLU A 339 -28.56 1.18 -6.10
C GLU A 339 -29.22 -0.18 -6.29
N VAL A 340 -30.31 -0.47 -5.58
CA VAL A 340 -31.02 -1.73 -5.70
C VAL A 340 -32.44 -1.52 -6.23
N THR A 341 -33.13 -0.49 -5.76
CA THR A 341 -34.47 -0.17 -6.25
C THR A 341 -34.46 0.55 -7.58
N THR A 342 -33.28 0.79 -8.16
CA THR A 342 -33.17 1.53 -9.41
C THR A 342 -32.08 0.91 -10.26
N HIS A 343 -32.18 1.12 -11.57
CA HIS A 343 -31.13 0.70 -12.48
C HIS A 343 -29.83 1.43 -12.13
N SER A 344 -28.70 0.80 -12.43
CA SER A 344 -27.40 1.25 -11.93
C SER A 344 -26.37 1.29 -13.04
N PHE A 345 -26.71 1.98 -14.14
CA PHE A 345 -25.88 2.07 -15.33
C PHE A 345 -24.43 2.48 -15.08
N ASN A 346 -23.58 2.17 -16.04
CA ASN A 346 -22.26 2.80 -16.20
C ASN A 346 -22.16 3.18 -17.67
N CYS A 347 -22.73 4.32 -18.04
CA CYS A 347 -22.87 4.72 -19.43
C CYS A 347 -21.92 5.89 -19.71
N GLY A 348 -20.77 5.58 -20.30
CA GLY A 348 -19.84 6.61 -20.73
C GLY A 348 -19.33 7.51 -19.63
N GLY A 349 -19.05 6.93 -18.46
CA GLY A 349 -18.53 7.70 -17.35
C GLY A 349 -19.56 8.48 -16.56
N GLU A 350 -20.84 8.36 -16.91
CA GLU A 350 -21.92 8.99 -16.16
C GLU A 350 -22.82 7.90 -15.59
N PHE A 351 -22.97 7.88 -14.27
CA PHE A 351 -23.65 6.79 -13.57
C PHE A 351 -25.13 7.13 -13.44
N PHE A 352 -25.93 6.54 -14.32
CA PHE A 352 -27.37 6.75 -14.28
C PHE A 352 -27.99 6.02 -13.09
N TYR A 353 -29.24 6.38 -12.78
CA TYR A 353 -30.04 5.68 -11.78
C TYR A 353 -31.50 5.80 -12.22
N CYS A 354 -32.00 4.76 -12.89
CA CYS A 354 -33.25 4.88 -13.61
C CYS A 354 -34.44 4.28 -12.84
N ASN A 355 -35.62 4.71 -13.25
CA ASN A 355 -36.92 4.41 -12.63
C ASN A 355 -37.52 3.18 -13.30
N THR A 356 -37.01 2.01 -12.94
CA THR A 356 -37.48 0.75 -13.52
C THR A 356 -38.76 0.32 -12.81
N SER A 357 -39.81 1.10 -13.01
CA SER A 357 -41.14 0.77 -12.54
C SER A 357 -42.17 0.84 -13.65
N GLY A 358 -41.80 1.30 -14.84
CA GLY A 358 -42.68 1.24 -15.98
C GLY A 358 -42.70 -0.11 -16.68
N LEU A 359 -41.74 -0.98 -16.36
CA LEU A 359 -41.68 -2.32 -16.93
C LEU A 359 -42.36 -3.34 -16.02
N PHE A 360 -41.91 -3.43 -14.76
CA PHE A 360 -42.40 -4.44 -13.84
C PHE A 360 -43.72 -3.99 -13.21
N ASN A 361 -44.75 -3.95 -14.05
CA ASN A 361 -46.10 -3.63 -13.56
C ASN A 361 -47.09 -4.35 -14.49
N SER A 362 -47.46 -5.57 -14.10
CA SER A 362 -48.31 -6.40 -14.95
C SER A 362 -48.77 -7.61 -14.14
N THR A 363 -49.80 -8.28 -14.66
CA THR A 363 -50.35 -9.49 -14.04
C THR A 363 -50.68 -10.46 -15.14
N TRP A 364 -50.31 -11.72 -14.98
CA TRP A 364 -50.52 -12.76 -15.98
C TRP A 364 -51.33 -13.90 -15.36
N ILE A 365 -52.29 -14.40 -16.13
CA ILE A 365 -53.27 -15.36 -15.65
C ILE A 365 -53.04 -16.70 -16.34
N SER A 366 -53.86 -17.70 -15.98
CA SER A 366 -53.67 -19.05 -16.51
C SER A 366 -53.82 -19.08 -18.03
N ASN A 367 -54.82 -18.38 -18.56
CA ASN A 367 -55.07 -18.38 -19.99
C ASN A 367 -53.89 -17.81 -20.77
N ASN A 379 -43.06 -0.09 -32.21
CA ASN A 379 -44.08 0.91 -32.48
C ASN A 379 -44.17 1.91 -31.34
N ASP A 380 -44.50 1.43 -30.15
CA ASP A 380 -44.56 2.25 -28.96
C ASP A 380 -43.27 2.09 -28.15
N SER A 381 -43.14 2.91 -27.11
CA SER A 381 -41.96 2.88 -26.27
C SER A 381 -42.35 3.11 -24.83
N ILE A 382 -41.57 2.52 -23.93
CA ILE A 382 -41.69 2.74 -22.49
C ILE A 382 -40.52 3.60 -22.06
N THR A 383 -40.82 4.73 -21.43
CA THR A 383 -39.82 5.71 -21.02
C THR A 383 -39.62 5.63 -19.52
N LEU A 384 -38.40 5.31 -19.11
CA LEU A 384 -38.02 5.28 -17.70
C LEU A 384 -37.27 6.55 -17.37
N PRO A 385 -37.75 7.38 -16.44
CA PRO A 385 -36.95 8.52 -16.00
C PRO A 385 -35.68 8.05 -15.32
N CYS A 386 -34.63 8.85 -15.41
CA CYS A 386 -33.36 8.52 -14.78
C CYS A 386 -32.83 9.73 -14.02
N ARG A 387 -32.12 9.45 -12.92
CA ARG A 387 -31.57 10.47 -12.04
C ARG A 387 -30.06 10.33 -12.05
N ILE A 388 -29.38 11.21 -12.78
CA ILE A 388 -27.93 11.17 -12.84
C ILE A 388 -27.36 11.49 -11.47
N LYS A 389 -26.39 10.69 -11.04
CA LYS A 389 -25.67 10.95 -9.80
C LYS A 389 -24.18 10.92 -10.08
N GLN A 390 -23.46 11.91 -9.54
CA GLN A 390 -22.02 12.00 -9.72
C GLN A 390 -21.26 11.34 -8.59
N ILE A 391 -21.66 11.58 -7.36
CA ILE A 391 -20.96 11.05 -6.19
C ILE A 391 -21.50 9.65 -5.94
N ILE A 392 -20.70 8.63 -6.24
CA ILE A 392 -21.18 7.25 -6.17
C ILE A 392 -20.41 6.49 -5.11
N ASN A 393 -20.92 5.31 -4.79
CA ASN A 393 -20.29 4.42 -3.81
C ASN A 393 -20.29 2.99 -4.34
N MET A 394 -19.92 2.82 -5.61
CA MET A 394 -19.79 1.49 -6.19
C MET A 394 -18.70 0.73 -5.46
N TRP A 395 -18.82 -0.60 -5.47
CA TRP A 395 -17.96 -1.47 -4.65
C TRP A 395 -18.13 -1.07 -3.18
N GLN A 396 -19.33 -1.37 -2.70
CA GLN A 396 -20.01 -0.64 -1.63
C GLN A 396 -19.29 -0.64 -0.29
N ARG A 397 -18.09 -1.22 -0.22
CA ARG A 397 -17.24 -1.07 0.95
C ARG A 397 -17.19 0.39 1.36
N ILE A 398 -17.50 0.65 2.64
CA ILE A 398 -17.63 2.01 3.12
C ILE A 398 -16.27 2.71 3.09
N GLY A 399 -16.31 4.01 2.77
CA GLY A 399 -15.08 4.79 2.77
C GLY A 399 -14.29 4.74 1.48
N GLN A 400 -14.93 4.39 0.37
CA GLN A 400 -14.25 4.33 -0.92
C GLN A 400 -15.09 5.00 -2.00
N CYS A 401 -15.64 6.16 -1.68
CA CYS A 401 -16.44 6.91 -2.64
C CYS A 401 -15.56 7.46 -3.75
N MET A 402 -16.20 7.90 -4.83
CA MET A 402 -15.47 8.45 -5.96
C MET A 402 -16.37 9.45 -6.70
N TYR A 403 -15.78 10.55 -7.13
CA TYR A 403 -16.49 11.61 -7.83
C TYR A 403 -16.25 11.45 -9.34
N ALA A 404 -17.30 11.11 -10.07
CA ALA A 404 -17.19 10.95 -11.52
C ALA A 404 -17.19 12.32 -12.18
N PRO A 405 -16.16 12.68 -12.94
CA PRO A 405 -16.12 14.01 -13.53
C PRO A 405 -17.21 14.16 -14.58
N PRO A 406 -17.75 15.37 -14.75
CA PRO A 406 -18.77 15.58 -15.78
C PRO A 406 -18.20 15.35 -17.17
N ILE A 407 -19.07 14.90 -18.07
CA ILE A 407 -18.71 14.62 -19.45
C ILE A 407 -19.48 15.58 -20.36
N GLN A 408 -18.76 16.26 -21.25
CA GLN A 408 -19.37 17.27 -22.09
C GLN A 408 -20.20 16.66 -23.20
N GLY A 409 -21.20 17.41 -23.66
CA GLY A 409 -22.04 16.98 -24.76
C GLY A 409 -23.16 16.06 -24.33
N VAL A 410 -24.03 15.77 -25.29
CA VAL A 410 -25.14 14.86 -25.08
C VAL A 410 -24.69 13.44 -25.41
N ILE A 411 -24.99 12.52 -24.50
CA ILE A 411 -24.52 11.14 -24.60
C ILE A 411 -25.70 10.22 -24.89
N ARG A 412 -25.39 9.08 -25.50
CA ARG A 412 -26.37 8.06 -25.83
C ARG A 412 -25.77 6.69 -25.57
N CYS A 413 -26.62 5.76 -25.13
CA CYS A 413 -26.19 4.40 -24.84
C CYS A 413 -27.22 3.44 -25.41
N VAL A 414 -26.74 2.34 -25.99
CA VAL A 414 -27.61 1.29 -26.53
C VAL A 414 -27.19 -0.03 -25.91
N SER A 415 -28.17 -0.82 -25.48
CA SER A 415 -27.84 -2.09 -24.85
C SER A 415 -28.90 -3.13 -25.21
N ASN A 416 -28.55 -4.41 -25.01
CA ASN A 416 -29.50 -5.49 -25.22
C ASN A 416 -30.23 -5.96 -23.98
N ILE A 417 -29.86 -5.48 -22.79
CA ILE A 417 -30.50 -5.81 -21.51
C ILE A 417 -30.94 -7.28 -21.46
N THR A 418 -29.97 -8.19 -21.53
CA THR A 418 -30.25 -9.62 -21.51
C THR A 418 -29.99 -10.17 -20.11
N GLY A 419 -30.99 -10.03 -19.24
CA GLY A 419 -30.88 -10.54 -17.90
C GLY A 419 -31.97 -9.99 -17.02
N LEU A 420 -32.05 -10.56 -15.82
CA LEU A 420 -33.04 -10.15 -14.84
C LEU A 420 -32.70 -10.82 -13.51
N ILE A 421 -32.86 -10.08 -12.41
CA ILE A 421 -32.47 -10.58 -11.10
C ILE A 421 -33.66 -10.58 -10.15
N LEU A 422 -34.85 -10.90 -10.67
CA LEU A 422 -36.06 -10.88 -9.86
C LEU A 422 -35.91 -11.74 -8.61
N THR A 423 -36.49 -11.28 -7.51
CA THR A 423 -36.63 -12.08 -6.31
C THR A 423 -38.12 -12.37 -6.10
N ARG A 424 -38.42 -13.57 -5.64
CA ARG A 424 -39.79 -13.95 -5.36
C ARG A 424 -40.29 -13.23 -4.11
N ASP A 425 -41.61 -13.27 -3.92
CA ASP A 425 -42.23 -12.63 -2.77
C ASP A 425 -42.59 -13.65 -1.68
N GLY A 426 -43.47 -14.58 -2.00
CA GLY A 426 -43.81 -15.69 -1.12
C GLY A 426 -44.26 -15.32 0.27
N GLY A 427 -44.40 -16.33 1.14
CA GLY A 427 -44.68 -16.15 2.54
C GLY A 427 -46.13 -16.30 2.94
N SER A 428 -47.06 -16.20 1.98
CA SER A 428 -48.48 -16.27 2.29
C SER A 428 -48.99 -17.71 2.18
N THR A 429 -48.29 -18.60 2.89
CA THR A 429 -48.61 -20.03 2.91
C THR A 429 -48.73 -20.60 1.51
N ASN A 430 -49.76 -21.40 1.28
CA ASN A 430 -50.03 -22.00 -0.03
C ASN A 430 -51.21 -21.27 -0.68
N SER A 431 -50.94 -20.65 -1.82
CA SER A 431 -51.95 -19.90 -2.56
C SER A 431 -51.35 -19.57 -3.92
N THR A 432 -52.19 -19.01 -4.79
CA THR A 432 -51.74 -18.56 -6.12
C THR A 432 -51.85 -17.03 -6.13
N THR A 433 -50.83 -16.39 -5.55
CA THR A 433 -50.69 -14.94 -5.60
C THR A 433 -49.22 -14.57 -5.77
N GLU A 434 -48.52 -15.33 -6.61
CA GLU A 434 -47.08 -15.15 -6.74
C GLU A 434 -46.76 -13.83 -7.41
N THR A 435 -45.91 -13.03 -6.76
CA THR A 435 -45.45 -11.76 -7.31
C THR A 435 -43.92 -11.75 -7.31
N PHE A 436 -43.34 -11.19 -8.35
CA PHE A 436 -41.89 -11.08 -8.49
C PHE A 436 -41.50 -9.61 -8.48
N ARG A 437 -40.42 -9.30 -7.77
CA ARG A 437 -39.96 -7.92 -7.65
C ARG A 437 -38.46 -7.88 -7.93
N PRO A 438 -37.98 -7.00 -8.80
CA PRO A 438 -36.55 -6.95 -9.06
C PRO A 438 -35.78 -6.49 -7.84
N GLY A 439 -34.55 -7.00 -7.71
CA GLY A 439 -33.70 -6.63 -6.60
C GLY A 439 -32.32 -7.24 -6.71
N GLY A 440 -31.30 -6.43 -6.50
CA GLY A 440 -29.93 -6.89 -6.59
C GLY A 440 -29.36 -7.28 -5.24
N GLY A 441 -28.43 -6.47 -4.74
CA GLY A 441 -27.79 -6.76 -3.47
C GLY A 441 -26.30 -6.96 -3.60
N ASP A 442 -25.83 -8.17 -3.33
CA ASP A 442 -24.42 -8.48 -3.51
C ASP A 442 -24.06 -8.42 -4.99
N MET A 443 -22.95 -7.76 -5.30
CA MET A 443 -22.54 -7.57 -6.69
C MET A 443 -21.78 -8.82 -7.13
N ARG A 444 -22.53 -9.89 -7.37
CA ARG A 444 -21.95 -11.11 -7.91
C ARG A 444 -22.79 -11.76 -9.00
N ASP A 445 -24.05 -11.38 -9.18
CA ASP A 445 -24.90 -12.00 -10.18
C ASP A 445 -24.67 -11.45 -11.58
N ASN A 446 -24.00 -10.31 -11.71
CA ASN A 446 -23.64 -9.82 -13.04
C ASN A 446 -22.53 -10.66 -13.67
N TRP A 447 -21.82 -11.45 -12.86
CA TRP A 447 -20.82 -12.38 -13.36
C TRP A 447 -21.23 -13.84 -13.18
N ARG A 448 -22.08 -14.14 -12.22
CA ARG A 448 -22.64 -15.48 -12.10
C ARG A 448 -23.52 -15.84 -13.28
N SER A 449 -23.93 -14.86 -14.06
CA SER A 449 -24.62 -15.10 -15.32
C SER A 449 -23.65 -15.20 -16.49
N GLU A 450 -22.36 -14.99 -16.26
CA GLU A 450 -21.34 -15.13 -17.30
C GLU A 450 -20.35 -16.26 -17.04
N LEU A 451 -20.13 -16.65 -15.78
CA LEU A 451 -19.25 -17.75 -15.45
C LEU A 451 -20.02 -18.93 -14.87
N TYR A 452 -21.27 -19.10 -15.30
CA TYR A 452 -22.07 -20.23 -14.82
C TYR A 452 -21.62 -21.54 -15.46
N LYS A 453 -21.36 -21.53 -16.76
CA LYS A 453 -20.96 -22.73 -17.49
C LYS A 453 -19.43 -22.83 -17.59
N TYR A 454 -18.75 -22.73 -16.45
CA TYR A 454 -17.29 -22.80 -16.45
C TYR A 454 -16.81 -23.42 -15.15
N LYS A 455 -15.74 -24.20 -15.25
CA LYS A 455 -15.11 -24.72 -14.05
C LYS A 455 -13.63 -24.97 -14.34
N VAL A 456 -12.84 -25.02 -13.27
CA VAL A 456 -11.40 -25.23 -13.35
C VAL A 456 -11.08 -26.61 -12.77
N VAL A 457 -10.34 -27.40 -13.53
CA VAL A 457 -9.97 -28.74 -13.12
C VAL A 457 -8.45 -28.85 -13.11
N LYS A 458 -7.89 -29.33 -12.01
CA LYS A 458 -6.46 -29.59 -11.89
C LYS A 458 -6.17 -30.95 -12.50
N ILE A 459 -5.28 -30.98 -13.49
CA ILE A 459 -4.95 -32.23 -14.18
C ILE A 459 -3.97 -33.02 -13.33
N GLU A 460 -4.26 -34.30 -13.12
CA GLU A 460 -3.37 -35.19 -12.40
C GLU A 460 -2.81 -36.21 -13.38
N PRO A 461 -1.58 -36.02 -13.86
CA PRO A 461 -1.06 -36.88 -14.93
C PRO A 461 -0.63 -38.26 -14.44
N LEU A 462 -0.21 -38.35 -13.18
CA LEU A 462 0.22 -39.63 -12.64
C LEU A 462 -0.95 -40.59 -12.53
N GLY A 463 -0.73 -41.85 -12.92
CA GLY A 463 -1.77 -42.84 -12.74
C GLY A 463 -1.29 -44.27 -12.92
N VAL A 464 -1.60 -45.15 -11.98
CA VAL A 464 -1.12 -46.53 -12.02
C VAL A 464 -2.20 -47.41 -12.63
N ALA A 465 -1.76 -48.54 -13.19
CA ALA A 465 -2.66 -49.49 -13.83
C ALA A 465 -1.97 -50.83 -13.96
N PRO A 466 -2.68 -51.94 -13.89
CA PRO A 466 -2.03 -53.25 -13.99
C PRO A 466 -1.95 -53.78 -15.42
N THR A 467 -0.79 -54.32 -15.76
CA THR A 467 -0.58 -54.97 -17.06
C THR A 467 0.08 -56.33 -16.85
N ARG A 468 0.57 -56.94 -17.93
CA ARG A 468 1.36 -58.17 -17.82
C ARG A 468 2.86 -57.91 -17.88
N CYS A 469 3.29 -56.66 -17.75
CA CYS A 469 4.71 -56.34 -17.87
C CYS A 469 5.50 -56.89 -16.68
N LYS A 470 6.79 -57.11 -16.91
CA LYS A 470 7.66 -57.75 -15.92
C LYS A 470 8.85 -56.90 -15.50
N ARG A 471 9.10 -55.77 -16.14
CA ARG A 471 10.18 -54.87 -15.76
C ARG A 471 11.53 -55.59 -15.79
N ARG A 472 11.93 -55.94 -17.01
CA ARG A 472 13.23 -56.55 -17.27
C ARG A 472 14.34 -55.86 -16.50
N VAL A 473 15.16 -56.64 -15.81
CA VAL A 473 16.27 -56.12 -15.04
C VAL A 473 17.49 -55.95 -15.93
N VAL B 7 -4.85 -36.02 -36.33
CA VAL B 7 -5.78 -37.00 -35.78
C VAL B 7 -6.57 -36.37 -34.63
N PHE B 8 -6.94 -37.19 -33.65
CA PHE B 8 -7.71 -36.74 -32.49
C PHE B 8 -6.80 -36.01 -31.50
N LEU B 9 -6.22 -34.91 -31.98
CA LEU B 9 -5.29 -34.12 -31.18
C LEU B 9 -6.07 -33.20 -30.24
N GLY B 10 -5.37 -32.28 -29.62
CA GLY B 10 -5.99 -31.34 -28.69
C GLY B 10 -5.84 -31.78 -27.26
N PHE B 11 -5.69 -30.81 -26.37
CA PHE B 11 -5.49 -31.08 -24.95
C PHE B 11 -6.68 -31.84 -24.39
N LEU B 12 -6.38 -32.94 -23.68
CA LEU B 12 -7.40 -33.86 -23.18
C LEU B 12 -8.32 -34.34 -24.31
N GLY B 13 -7.75 -34.52 -25.50
CA GLY B 13 -8.58 -34.90 -26.64
C GLY B 13 -9.31 -36.22 -26.43
N ALA B 14 -8.61 -37.21 -25.89
CA ALA B 14 -9.20 -38.52 -25.62
C ALA B 14 -9.52 -38.72 -24.15
N ALA B 15 -9.92 -37.65 -23.46
CA ALA B 15 -10.23 -37.75 -22.03
C ALA B 15 -11.44 -38.61 -21.74
N GLY B 16 -12.26 -38.92 -22.75
CA GLY B 16 -13.42 -39.75 -22.55
C GLY B 16 -13.26 -41.13 -23.17
N SER B 17 -12.31 -41.26 -24.08
CA SER B 17 -12.05 -42.55 -24.72
C SER B 17 -11.45 -43.53 -23.72
N THR B 18 -11.56 -44.81 -24.05
CA THR B 18 -11.07 -45.85 -23.17
C THR B 18 -9.54 -45.80 -23.08
N MET B 19 -9.01 -46.39 -22.01
CA MET B 19 -7.58 -46.33 -21.75
C MET B 19 -6.76 -46.98 -22.85
N GLY B 20 -7.35 -47.90 -23.62
CA GLY B 20 -6.61 -48.52 -24.71
C GLY B 20 -6.19 -47.53 -25.78
N ALA B 21 -7.11 -46.67 -26.19
CA ALA B 21 -6.80 -45.63 -27.16
C ALA B 21 -6.29 -44.36 -26.51
N ALA B 22 -6.62 -44.12 -25.24
CA ALA B 22 -6.11 -42.95 -24.55
C ALA B 22 -4.60 -43.02 -24.38
N SER B 23 -4.07 -44.22 -24.11
CA SER B 23 -2.64 -44.38 -23.89
C SER B 23 -1.89 -44.46 -25.23
N MET B 24 -2.15 -43.51 -26.12
CA MET B 24 -1.42 -43.38 -27.36
C MET B 24 -0.94 -41.94 -27.52
N THR B 25 -1.70 -41.01 -26.95
CA THR B 25 -1.42 -39.58 -27.06
C THR B 25 -1.26 -38.94 -25.69
N LEU B 26 -0.58 -39.63 -24.77
CA LEU B 26 -0.27 -39.02 -23.48
C LEU B 26 0.66 -37.83 -23.62
N THR B 27 1.43 -37.78 -24.71
CA THR B 27 2.30 -36.63 -24.93
C THR B 27 1.51 -35.35 -25.08
N VAL B 28 0.32 -35.42 -25.68
CA VAL B 28 -0.52 -34.23 -25.80
C VAL B 28 -0.91 -33.72 -24.42
N GLN B 29 -1.28 -34.62 -23.52
CA GLN B 29 -1.66 -34.24 -22.17
C GLN B 29 -0.47 -33.85 -21.30
N ALA B 30 0.76 -34.21 -21.69
CA ALA B 30 1.94 -33.90 -20.88
C ALA B 30 2.79 -32.77 -21.42
N ARG B 31 2.62 -32.39 -22.70
CA ARG B 31 3.53 -31.42 -23.31
C ARG B 31 3.22 -29.99 -22.87
N ASN B 32 1.95 -29.65 -22.77
CA ASN B 32 1.53 -28.30 -22.42
C ASN B 32 1.48 -28.08 -20.91
N LEU B 33 2.13 -28.92 -20.13
CA LEU B 33 2.26 -28.68 -18.70
C LEU B 33 3.18 -27.51 -18.38
N LEU B 34 3.93 -27.02 -19.36
CA LEU B 34 4.85 -25.89 -19.21
C LEU B 34 4.56 -24.83 -20.25
N SER B 35 3.28 -24.50 -20.44
CA SER B 35 2.92 -23.47 -21.41
C SER B 35 3.46 -22.12 -20.97
N GLY B 36 3.86 -21.31 -21.95
CA GLY B 36 4.39 -19.99 -21.67
C GLY B 36 5.90 -19.97 -21.52
N LEU B 57 3.95 -4.93 -9.70
CA LEU B 57 3.27 -4.97 -8.42
C LEU B 57 1.76 -4.98 -8.61
N THR B 58 1.33 -4.55 -9.79
CA THR B 58 -0.09 -4.40 -10.08
C THR B 58 -0.75 -5.77 -10.27
N VAL B 59 -2.08 -5.78 -10.23
CA VAL B 59 -2.84 -6.97 -10.57
C VAL B 59 -2.51 -7.36 -12.01
N TRP B 60 -2.56 -8.66 -12.30
CA TRP B 60 -2.07 -9.28 -13.52
C TRP B 60 -0.55 -9.24 -13.61
N GLY B 61 0.12 -8.82 -12.53
CA GLY B 61 1.56 -8.81 -12.45
C GLY B 61 2.05 -9.99 -11.63
N ILE B 62 2.32 -9.75 -10.34
CA ILE B 62 2.65 -10.83 -9.42
C ILE B 62 1.58 -11.91 -9.42
N LYS B 63 0.34 -11.56 -9.81
CA LYS B 63 -0.73 -12.54 -9.86
C LYS B 63 -0.44 -13.63 -10.88
N GLN B 64 0.01 -13.25 -12.08
CA GLN B 64 0.36 -14.24 -13.09
C GLN B 64 1.63 -15.01 -12.68
N LEU B 65 2.58 -14.31 -12.06
CA LEU B 65 3.84 -14.94 -11.68
C LEU B 65 3.63 -16.01 -10.62
N GLN B 66 2.69 -15.79 -9.69
CA GLN B 66 2.37 -16.81 -8.71
C GLN B 66 1.85 -18.07 -9.37
N ALA B 67 0.98 -17.92 -10.38
CA ALA B 67 0.47 -19.08 -11.11
C ALA B 67 1.58 -19.78 -11.86
N ARG B 68 2.50 -19.02 -12.45
CA ARG B 68 3.64 -19.61 -13.16
C ARG B 68 4.49 -20.45 -12.20
N VAL B 69 4.77 -19.91 -11.02
CA VAL B 69 5.58 -20.63 -10.04
C VAL B 69 4.85 -21.88 -9.58
N LEU B 70 3.53 -21.79 -9.38
CA LEU B 70 2.75 -22.95 -8.96
C LEU B 70 2.78 -24.04 -10.03
N ALA B 71 2.65 -23.66 -11.30
CA ALA B 71 2.71 -24.65 -12.38
C ALA B 71 4.06 -25.34 -12.42
N VAL B 72 5.14 -24.56 -12.28
CA VAL B 72 6.48 -25.15 -12.25
C VAL B 72 6.60 -26.11 -11.06
N GLU B 73 6.07 -25.71 -9.90
CA GLU B 73 6.11 -26.57 -8.73
C GLU B 73 5.40 -27.89 -8.98
N ARG B 74 4.21 -27.84 -9.56
CA ARG B 74 3.44 -29.06 -9.78
C ARG B 74 4.14 -29.98 -10.77
N TYR B 75 4.65 -29.42 -11.86
CA TYR B 75 5.35 -30.25 -12.84
C TYR B 75 6.60 -30.88 -12.22
N LEU B 76 7.33 -30.11 -11.41
CA LEU B 76 8.53 -30.63 -10.78
C LEU B 76 8.20 -31.74 -9.80
N ARG B 77 7.11 -31.57 -9.04
CA ARG B 77 6.66 -32.64 -8.14
C ARG B 77 6.38 -33.91 -8.92
N ASP B 78 5.62 -33.80 -10.02
CA ASP B 78 5.31 -34.99 -10.80
C ASP B 78 6.56 -35.63 -11.39
N GLN B 79 7.48 -34.81 -11.91
CA GLN B 79 8.69 -35.36 -12.53
C GLN B 79 9.58 -36.04 -11.49
N GLN B 80 9.75 -35.42 -10.32
CA GLN B 80 10.55 -36.05 -9.28
C GLN B 80 9.90 -37.33 -8.78
N LEU B 81 8.57 -37.33 -8.67
CA LEU B 81 7.87 -38.55 -8.26
C LEU B 81 8.08 -39.66 -9.27
N LEU B 82 8.09 -39.33 -10.56
CA LEU B 82 8.41 -40.33 -11.57
C LEU B 82 9.86 -40.80 -11.45
N GLY B 83 10.79 -39.87 -11.22
CA GLY B 83 12.19 -40.22 -11.20
C GLY B 83 12.63 -41.00 -9.98
N ILE B 84 11.90 -40.86 -8.86
CA ILE B 84 12.29 -41.55 -7.63
C ILE B 84 12.17 -43.05 -7.82
N TRP B 85 11.07 -43.50 -8.41
CA TRP B 85 10.91 -44.92 -8.73
C TRP B 85 11.84 -45.28 -9.89
N GLY B 86 11.85 -46.55 -10.27
CA GLY B 86 12.67 -46.92 -11.41
C GLY B 86 11.86 -46.66 -12.66
N CYS B 87 12.05 -45.47 -13.23
CA CYS B 87 11.12 -44.91 -14.20
C CYS B 87 11.76 -43.74 -14.92
N SER B 88 10.93 -42.90 -15.54
CA SER B 88 11.31 -41.65 -16.20
C SER B 88 11.90 -41.88 -17.59
N GLY B 89 11.64 -43.04 -18.19
CA GLY B 89 11.84 -43.18 -19.62
C GLY B 89 11.02 -42.09 -20.30
N LYS B 90 9.71 -42.12 -20.07
CA LYS B 90 8.81 -41.03 -20.40
C LYS B 90 7.36 -41.41 -20.05
N LEU B 91 6.64 -41.90 -21.05
CA LEU B 91 5.20 -42.08 -20.94
C LEU B 91 4.86 -43.29 -20.08
N ILE B 92 5.31 -44.46 -20.51
CA ILE B 92 4.97 -45.73 -19.87
C ILE B 92 6.21 -46.24 -19.15
N CYS B 93 6.01 -46.88 -18.01
CA CYS B 93 7.15 -47.38 -17.24
C CYS B 93 6.70 -48.63 -16.48
N CYS B 94 7.11 -49.79 -16.96
CA CYS B 94 6.83 -51.04 -16.26
C CYS B 94 7.56 -51.07 -14.93
N THR B 95 7.00 -51.81 -13.98
CA THR B 95 7.52 -51.74 -12.61
C THR B 95 7.34 -53.09 -11.92
N ASN B 96 8.12 -53.28 -10.86
CA ASN B 96 8.06 -54.43 -9.96
C ASN B 96 6.90 -54.27 -8.98
N VAL B 97 6.98 -54.97 -7.85
CA VAL B 97 6.01 -55.00 -6.75
C VAL B 97 4.62 -55.28 -7.31
N PRO B 98 4.33 -56.57 -7.61
CA PRO B 98 3.02 -56.95 -8.18
C PRO B 98 1.81 -56.30 -7.54
N TRP B 99 0.76 -56.11 -8.35
CA TRP B 99 -0.51 -55.62 -7.86
C TRP B 99 -1.03 -56.55 -6.76
N ASN B 100 -1.54 -55.95 -5.68
CA ASN B 100 -2.03 -56.74 -4.56
C ASN B 100 -3.29 -57.54 -4.91
N SER B 101 -3.90 -57.26 -6.05
CA SER B 101 -5.08 -57.98 -6.53
C SER B 101 -6.27 -57.80 -5.60
N SER B 102 -6.13 -56.91 -4.61
CA SER B 102 -7.24 -56.54 -3.74
C SER B 102 -7.80 -55.17 -4.05
N TRP B 103 -7.00 -54.28 -4.64
CA TRP B 103 -7.47 -52.96 -5.02
C TRP B 103 -8.44 -53.00 -6.18
N SER B 104 -8.39 -54.05 -7.00
CA SER B 104 -9.32 -54.20 -8.12
C SER B 104 -9.37 -55.66 -8.51
N ASN B 105 -10.52 -56.31 -8.26
CA ASN B 105 -10.72 -57.70 -8.64
C ASN B 105 -11.42 -57.78 -10.00
N ARG B 106 -10.78 -57.17 -11.00
CA ARG B 106 -11.38 -57.00 -12.31
C ARG B 106 -10.47 -57.58 -13.38
N ASN B 107 -11.09 -58.05 -14.46
CA ASN B 107 -10.34 -58.64 -15.57
C ASN B 107 -9.50 -57.58 -16.28
N LEU B 108 -8.38 -58.02 -16.86
CA LEU B 108 -7.48 -57.10 -17.55
C LEU B 108 -8.13 -56.50 -18.79
N SER B 109 -8.78 -57.33 -19.60
CA SER B 109 -9.40 -56.84 -20.83
C SER B 109 -10.51 -55.84 -20.53
N GLU B 110 -11.35 -56.14 -19.53
CA GLU B 110 -12.39 -55.20 -19.15
C GLU B 110 -11.80 -53.88 -18.67
N ILE B 111 -10.74 -53.95 -17.87
CA ILE B 111 -10.11 -52.73 -17.37
C ILE B 111 -9.57 -51.90 -18.52
N TRP B 112 -8.90 -52.53 -19.46
CA TRP B 112 -8.18 -51.79 -20.50
C TRP B 112 -9.02 -51.47 -21.73
N ASP B 113 -10.24 -51.99 -21.85
CA ASP B 113 -11.06 -51.66 -23.00
C ASP B 113 -12.52 -51.36 -22.68
N ASN B 114 -12.91 -51.32 -21.41
CA ASN B 114 -14.30 -51.07 -21.04
C ASN B 114 -14.47 -49.97 -20.02
N MET B 115 -13.40 -49.31 -19.60
CA MET B 115 -13.47 -48.27 -18.58
C MET B 115 -12.66 -47.07 -19.03
N THR B 116 -13.20 -45.88 -18.79
CA THR B 116 -12.46 -44.66 -19.05
C THR B 116 -11.60 -44.29 -17.84
N TRP B 117 -10.64 -43.40 -18.06
CA TRP B 117 -9.57 -43.19 -17.09
C TRP B 117 -10.11 -42.60 -15.78
N LEU B 118 -11.06 -41.68 -15.86
CA LEU B 118 -11.58 -41.06 -14.64
C LEU B 118 -12.29 -42.07 -13.76
N GLN B 119 -13.02 -43.01 -14.37
CA GLN B 119 -13.64 -44.07 -13.58
C GLN B 119 -12.59 -44.90 -12.87
N TRP B 120 -11.48 -45.19 -13.55
CA TRP B 120 -10.38 -45.91 -12.89
C TRP B 120 -9.82 -45.09 -11.73
N ASP B 121 -9.68 -43.78 -11.92
CA ASP B 121 -9.17 -42.92 -10.85
C ASP B 121 -10.06 -43.02 -9.63
N LYS B 122 -11.37 -42.81 -9.81
CA LYS B 122 -12.27 -42.90 -8.66
C LYS B 122 -12.36 -44.33 -8.12
N GLU B 123 -12.00 -45.32 -8.93
CA GLU B 123 -11.98 -46.70 -8.44
C GLU B 123 -10.83 -46.94 -7.49
N ILE B 124 -9.63 -46.46 -7.81
CA ILE B 124 -8.47 -46.79 -7.00
C ILE B 124 -7.83 -45.56 -6.36
N SER B 125 -8.65 -44.54 -6.06
CA SER B 125 -8.11 -43.33 -5.44
C SER B 125 -7.86 -43.48 -3.95
N ASN B 126 -8.29 -44.58 -3.33
CA ASN B 126 -8.15 -44.75 -1.89
C ASN B 126 -6.82 -45.38 -1.49
N TYR B 127 -6.13 -46.05 -2.40
CA TYR B 127 -4.95 -46.84 -2.09
C TYR B 127 -3.72 -46.36 -2.86
N THR B 128 -3.49 -45.05 -2.87
CA THR B 128 -2.39 -44.49 -3.65
C THR B 128 -1.08 -44.40 -2.88
N GLN B 129 -1.12 -43.94 -1.63
CA GLN B 129 0.11 -43.71 -0.89
C GLN B 129 0.89 -44.99 -0.66
N ILE B 130 0.18 -46.08 -0.34
CA ILE B 130 0.85 -47.37 -0.17
C ILE B 130 1.51 -47.80 -1.48
N ILE B 131 0.83 -47.56 -2.60
CA ILE B 131 1.40 -47.91 -3.90
C ILE B 131 2.68 -47.12 -4.15
N TYR B 132 2.67 -45.82 -3.86
CA TYR B 132 3.84 -45.00 -4.08
C TYR B 132 5.00 -45.45 -3.20
N GLY B 133 4.72 -45.74 -1.93
CA GLY B 133 5.76 -46.27 -1.05
C GLY B 133 6.33 -47.58 -1.54
N LEU B 134 5.45 -48.46 -2.04
CA LEU B 134 5.90 -49.74 -2.57
C LEU B 134 6.80 -49.54 -3.79
N LEU B 135 6.44 -48.62 -4.67
CA LEU B 135 7.29 -48.34 -5.84
C LEU B 135 8.65 -47.81 -5.41
N GLU B 136 8.66 -46.89 -4.43
CA GLU B 136 9.93 -46.35 -3.95
C GLU B 136 10.82 -47.45 -3.38
N GLU B 137 10.25 -48.31 -2.54
CA GLU B 137 11.04 -49.39 -1.94
C GLU B 137 11.53 -50.37 -3.00
N SER B 138 10.68 -50.67 -3.99
CA SER B 138 11.09 -51.57 -5.06
C SER B 138 12.27 -51.00 -5.84
N GLN B 139 12.21 -49.70 -6.17
CA GLN B 139 13.32 -49.09 -6.89
C GLN B 139 14.60 -49.10 -6.06
N ASN B 140 14.49 -48.79 -4.77
CA ASN B 140 15.69 -48.82 -3.93
C ASN B 140 16.29 -50.21 -3.84
N GLN B 141 15.44 -51.24 -3.69
CA GLN B 141 15.94 -52.61 -3.65
C GLN B 141 16.58 -53.00 -4.98
N GLN B 142 16.01 -52.53 -6.10
CA GLN B 142 16.61 -52.80 -7.39
C GLN B 142 17.99 -52.16 -7.50
N GLU B 143 18.13 -50.93 -7.01
CA GLU B 143 19.44 -50.28 -7.03
C GLU B 143 20.45 -51.05 -6.18
N LYS B 144 20.01 -51.52 -5.01
CA LYS B 144 20.91 -52.30 -4.16
C LYS B 144 21.33 -53.60 -4.83
N ASN B 145 20.38 -54.28 -5.49
CA ASN B 145 20.72 -55.49 -6.21
C ASN B 145 21.71 -55.22 -7.33
N GLU B 146 21.51 -54.10 -8.05
CA GLU B 146 22.44 -53.74 -9.12
C GLU B 146 23.83 -53.46 -8.56
N GLN B 147 23.91 -52.76 -7.43
CA GLN B 147 25.21 -52.49 -6.82
C GLN B 147 25.89 -53.78 -6.40
N ASP B 148 25.13 -54.70 -5.79
CA ASP B 148 25.73 -55.96 -5.36
C ASP B 148 26.20 -56.80 -6.54
N LEU B 149 25.43 -56.81 -7.64
CA LEU B 149 25.82 -57.59 -8.81
C LEU B 149 26.89 -56.90 -9.66
N LEU B 150 27.15 -55.61 -9.43
CA LEU B 150 28.20 -54.91 -10.15
C LEU B 150 29.52 -54.85 -9.39
N ALA B 151 29.47 -54.87 -8.05
CA ALA B 151 30.70 -54.71 -7.27
C ALA B 151 31.55 -55.97 -7.31
N LEU B 152 30.91 -57.15 -7.22
CA LEU B 152 31.68 -58.39 -7.02
C LEU B 152 32.50 -58.77 -8.24
N ASP B 153 32.06 -58.39 -9.44
CA ASP B 153 32.79 -58.73 -10.66
C ASP B 153 33.78 -57.62 -11.02
N ALA C 1 26.93 -44.90 -44.67
CA ALA C 1 27.42 -44.06 -45.76
C ALA C 1 26.32 -43.14 -46.27
N GLU C 2 25.54 -43.64 -47.24
CA GLU C 2 24.43 -42.87 -47.79
C GLU C 2 23.28 -42.70 -46.79
N ASN C 3 23.31 -43.43 -45.68
CA ASN C 3 22.26 -43.35 -44.67
C ASN C 3 22.61 -42.26 -43.68
N LEU C 4 21.87 -41.15 -43.73
CA LEU C 4 22.04 -40.05 -42.80
C LEU C 4 20.90 -40.03 -41.79
N TRP C 5 21.21 -39.54 -40.59
CA TRP C 5 20.26 -39.58 -39.49
C TRP C 5 20.40 -38.32 -38.66
N VAL C 6 19.27 -37.72 -38.29
CA VAL C 6 19.29 -36.53 -37.46
C VAL C 6 19.73 -36.90 -36.06
N THR C 7 20.41 -35.96 -35.40
CA THR C 7 20.87 -36.13 -34.04
C THR C 7 20.73 -34.80 -33.31
N VAL C 8 20.45 -34.89 -32.02
CA VAL C 8 20.10 -33.73 -31.21
C VAL C 8 21.27 -33.39 -30.31
N TYR C 9 21.68 -32.13 -30.34
CA TYR C 9 22.75 -31.60 -29.51
C TYR C 9 22.16 -30.62 -28.52
N TYR C 10 22.50 -30.78 -27.25
CA TYR C 10 22.07 -29.89 -26.19
C TYR C 10 23.27 -29.15 -25.62
N GLY C 11 23.05 -27.90 -25.22
CA GLY C 11 24.14 -27.07 -24.77
C GLY C 11 25.09 -26.75 -25.90
N VAL C 12 24.62 -25.96 -26.86
CA VAL C 12 25.34 -25.73 -28.10
C VAL C 12 25.63 -24.24 -28.23
N PRO C 13 26.81 -23.83 -28.75
CA PRO C 13 27.10 -22.39 -28.85
C PRO C 13 26.32 -21.71 -29.96
N VAL C 14 25.04 -21.47 -29.71
CA VAL C 14 24.16 -20.77 -30.66
C VAL C 14 23.34 -19.76 -29.87
N TRP C 15 23.28 -18.53 -30.39
CA TRP C 15 22.52 -17.46 -29.75
C TRP C 15 21.66 -16.76 -30.80
N LYS C 16 20.68 -15.99 -30.31
CA LYS C 16 19.92 -15.10 -31.16
C LYS C 16 19.46 -13.90 -30.34
N ASP C 17 19.18 -12.80 -31.04
CA ASP C 17 18.86 -11.56 -30.36
C ASP C 17 17.54 -11.66 -29.62
N ALA C 18 17.51 -11.11 -28.40
CA ALA C 18 16.31 -11.08 -27.59
C ALA C 18 16.47 -9.98 -26.55
N GLU C 19 15.35 -9.57 -25.97
CA GLU C 19 15.32 -8.49 -24.98
C GLU C 19 14.79 -9.01 -23.67
N THR C 20 15.44 -8.62 -22.57
CA THR C 20 15.07 -9.06 -21.24
C THR C 20 15.44 -7.97 -20.24
N THR C 21 15.43 -8.33 -18.96
CA THR C 21 15.81 -7.44 -17.88
C THR C 21 17.15 -7.89 -17.30
N LEU C 22 17.85 -6.95 -16.67
CA LEU C 22 19.17 -7.20 -16.11
C LEU C 22 19.24 -6.63 -14.70
N PHE C 23 20.06 -7.24 -13.86
CA PHE C 23 20.18 -6.83 -12.46
C PHE C 23 21.52 -6.12 -12.23
N CYS C 24 21.71 -5.72 -10.97
CA CYS C 24 22.82 -4.88 -10.55
C CYS C 24 24.10 -5.68 -10.36
N ALA C 25 25.21 -4.95 -10.42
CA ALA C 25 26.50 -5.41 -9.88
C ALA C 25 27.28 -4.14 -9.53
N SER C 26 27.27 -3.79 -8.25
CA SER C 26 27.96 -2.62 -7.74
C SER C 26 29.06 -3.06 -6.79
N ASP C 27 30.25 -2.47 -6.95
CA ASP C 27 31.36 -2.82 -6.09
C ASP C 27 31.03 -2.51 -4.64
N ALA C 28 31.47 -3.39 -3.73
CA ALA C 28 31.09 -3.26 -2.33
C ALA C 28 31.56 -1.95 -1.74
N LYS C 29 32.85 -1.65 -1.89
CA LYS C 29 33.46 -0.45 -1.30
C LYS C 29 33.14 -0.34 0.19
N ALA C 30 33.29 -1.48 0.88
CA ALA C 30 32.94 -1.62 2.29
C ALA C 30 31.45 -1.37 2.51
N TYR C 31 31.00 -0.16 2.23
CA TYR C 31 29.60 0.28 2.27
C TYR C 31 29.02 0.27 3.68
N GLU C 32 29.80 -0.06 4.70
CA GLU C 32 29.31 0.10 6.07
C GLU C 32 29.36 1.56 6.49
N THR C 33 30.40 2.29 6.09
CA THR C 33 30.48 3.74 6.28
C THR C 33 29.83 4.40 5.08
N GLU C 34 28.51 4.42 5.08
CA GLU C 34 27.74 4.84 3.92
C GLU C 34 26.60 5.75 4.37
N LYS C 35 26.15 6.61 3.46
CA LYS C 35 25.17 7.66 3.78
C LYS C 35 23.97 7.62 2.83
N HIS C 36 23.69 6.45 2.26
CA HIS C 36 22.58 6.25 1.32
C HIS C 36 22.75 7.07 0.05
N ASN C 37 21.97 6.75 -0.97
CA ASN C 37 22.00 7.49 -2.22
C ASN C 37 20.72 7.19 -2.99
N VAL C 38 20.43 8.05 -3.97
CA VAL C 38 19.26 7.85 -4.81
C VAL C 38 19.37 6.58 -5.63
N TRP C 39 20.56 5.99 -5.73
CA TRP C 39 20.73 4.64 -6.26
C TRP C 39 20.68 3.67 -5.08
N ALA C 40 19.55 2.99 -4.92
CA ALA C 40 19.38 2.07 -3.80
C ALA C 40 20.20 0.81 -4.04
N THR C 41 21.51 0.91 -3.91
CA THR C 41 22.41 -0.20 -4.19
C THR C 41 22.50 -1.20 -3.05
N HIS C 42 21.86 -0.93 -1.91
CA HIS C 42 21.76 -1.96 -0.88
C HIS C 42 20.94 -3.14 -1.38
N ALA C 43 19.97 -2.88 -2.28
CA ALA C 43 19.25 -3.97 -2.93
C ALA C 43 20.08 -4.61 -4.03
N CYS C 44 20.93 -3.84 -4.71
CA CYS C 44 21.77 -4.39 -5.76
C CYS C 44 22.77 -5.39 -5.20
N VAL C 45 22.97 -6.48 -5.93
CA VAL C 45 23.85 -7.56 -5.48
C VAL C 45 25.31 -7.15 -5.65
N PRO C 46 26.23 -7.69 -4.85
CA PRO C 46 27.65 -7.41 -5.08
C PRO C 46 28.12 -7.92 -6.42
N THR C 47 29.09 -7.23 -7.00
CA THR C 47 29.63 -7.61 -8.29
C THR C 47 30.63 -8.76 -8.15
N ASP C 48 31.03 -9.30 -9.29
CA ASP C 48 32.08 -10.32 -9.30
C ASP C 48 33.43 -9.67 -9.04
N PRO C 49 34.22 -10.18 -8.10
CA PRO C 49 35.54 -9.56 -7.84
C PRO C 49 36.44 -9.55 -9.06
N ASN C 50 36.40 -10.59 -9.88
CA ASN C 50 37.20 -10.67 -11.11
C ASN C 50 36.33 -11.22 -12.22
N PRO C 51 35.51 -10.38 -12.85
CA PRO C 51 34.64 -10.86 -13.93
C PRO C 51 35.45 -11.42 -15.09
N GLN C 52 34.93 -12.50 -15.67
CA GLN C 52 35.52 -13.16 -16.81
C GLN C 52 35.15 -12.47 -18.12
N GLU C 53 36.08 -12.52 -19.08
CA GLU C 53 35.90 -11.95 -20.41
C GLU C 53 36.42 -12.96 -21.43
N ILE C 54 35.52 -13.81 -21.95
CA ILE C 54 35.96 -14.75 -22.98
C ILE C 54 36.02 -14.03 -24.32
N HIS C 55 37.23 -13.80 -24.79
CA HIS C 55 37.42 -13.33 -26.15
C HIS C 55 37.05 -14.43 -27.13
N LEU C 56 36.21 -14.11 -28.09
CA LEU C 56 35.80 -15.06 -29.13
C LEU C 56 36.43 -14.66 -30.44
N GLU C 57 36.99 -15.63 -31.14
CA GLU C 57 37.57 -15.42 -32.45
C GLU C 57 36.63 -16.01 -33.50
N ASN C 58 36.89 -15.66 -34.76
CA ASN C 58 36.23 -16.24 -35.92
C ASN C 58 34.76 -15.83 -36.00
N VAL C 59 34.28 -14.99 -35.06
CA VAL C 59 32.87 -14.65 -34.93
C VAL C 59 32.69 -13.20 -35.37
N THR C 60 31.69 -12.96 -36.20
CA THR C 60 31.24 -11.62 -36.54
C THR C 60 29.78 -11.46 -36.17
N GLU C 61 29.44 -10.31 -35.59
CA GLU C 61 28.08 -10.05 -35.14
C GLU C 61 27.65 -8.66 -35.58
N GLU C 62 26.40 -8.55 -35.98
CA GLU C 62 25.83 -7.28 -36.45
C GLU C 62 25.29 -6.53 -35.25
N PHE C 63 26.06 -5.54 -34.78
CA PHE C 63 25.63 -4.75 -33.64
C PHE C 63 24.66 -3.67 -34.07
N ASN C 64 24.08 -2.99 -33.08
CA ASN C 64 23.17 -1.88 -33.35
C ASN C 64 23.08 -1.01 -32.11
N MET C 65 23.49 0.24 -32.22
CA MET C 65 23.45 1.18 -31.10
C MET C 65 22.15 1.97 -31.04
N TRP C 66 21.44 2.11 -32.15
CA TRP C 66 20.23 2.92 -32.19
C TRP C 66 18.95 2.12 -32.02
N LYS C 67 19.07 0.80 -31.82
CA LYS C 67 17.91 -0.04 -31.55
C LYS C 67 18.13 -0.90 -30.32
N ASN C 68 19.09 -0.52 -29.46
CA ASN C 68 19.40 -1.29 -28.27
C ASN C 68 18.24 -1.24 -27.28
N ASN C 69 18.13 -2.29 -26.46
CA ASN C 69 17.10 -2.35 -25.44
C ASN C 69 17.62 -1.92 -24.07
N MET C 70 18.92 -2.10 -23.81
CA MET C 70 19.49 -1.66 -22.54
C MET C 70 19.38 -0.15 -22.40
N VAL C 71 19.58 0.59 -23.50
CA VAL C 71 19.55 2.05 -23.45
C VAL C 71 18.18 2.59 -23.12
N GLU C 72 17.13 1.77 -23.22
CA GLU C 72 15.77 2.17 -22.86
C GLU C 72 15.36 1.60 -21.51
N GLN C 73 15.74 0.35 -21.23
CA GLN C 73 15.44 -0.23 -19.93
C GLN C 73 16.13 0.54 -18.82
N MET C 74 17.40 0.93 -19.04
CA MET C 74 18.10 1.75 -18.06
C MET C 74 17.43 3.11 -17.91
N HIS C 75 16.95 3.67 -19.03
CA HIS C 75 16.29 4.98 -18.95
C HIS C 75 15.05 4.92 -18.08
N THR C 76 14.22 3.89 -18.24
CA THR C 76 13.07 3.73 -17.36
C THR C 76 13.50 3.41 -15.93
N ASP C 77 14.58 2.65 -15.78
CA ASP C 77 15.00 2.17 -14.47
C ASP C 77 15.51 3.31 -13.60
N ILE C 78 16.24 4.26 -14.19
CA ILE C 78 16.74 5.39 -13.42
C ILE C 78 15.58 6.26 -12.92
N ILE C 79 14.58 6.47 -13.77
CA ILE C 79 13.39 7.22 -13.35
C ILE C 79 12.70 6.49 -12.21
N SER C 80 12.57 5.17 -12.32
CA SER C 80 11.97 4.40 -11.23
C SER C 80 12.78 4.55 -9.94
N LEU C 81 14.10 4.56 -10.06
CA LEU C 81 14.95 4.74 -8.88
C LEU C 81 14.70 6.09 -8.22
N TRP C 82 14.64 7.15 -9.02
CA TRP C 82 14.45 8.47 -8.43
C TRP C 82 13.07 8.60 -7.81
N ASP C 83 12.05 8.05 -8.47
CA ASP C 83 10.71 8.10 -7.90
C ASP C 83 10.62 7.30 -6.61
N GLN C 84 11.35 6.20 -6.50
CA GLN C 84 11.36 5.45 -5.26
C GLN C 84 12.11 6.19 -4.17
N SER C 85 13.22 6.85 -4.51
CA SER C 85 14.06 7.50 -3.52
C SER C 85 13.50 8.84 -3.04
N LEU C 86 12.51 9.40 -3.74
CA LEU C 86 11.90 10.66 -3.34
C LEU C 86 10.66 10.49 -2.48
N LYS C 87 10.23 9.24 -2.25
CA LYS C 87 9.01 9.03 -1.46
C LYS C 87 9.24 9.25 0.04
N PRO C 88 10.18 8.52 0.71
CA PRO C 88 10.14 8.43 2.18
C PRO C 88 10.79 9.59 2.93
N CYS C 89 10.47 10.81 2.51
CA CYS C 89 10.84 12.02 3.26
C CYS C 89 10.07 13.19 2.68
N VAL C 90 10.45 14.40 3.11
CA VAL C 90 9.55 15.56 3.09
C VAL C 90 8.94 15.79 1.71
N LYS C 91 7.66 16.18 1.71
CA LYS C 91 6.82 16.40 0.55
C LYS C 91 6.21 17.80 0.63
N LEU C 92 7.06 18.81 0.78
CA LEU C 92 6.59 20.14 1.13
C LEU C 92 5.60 20.71 0.13
N THR C 93 4.34 20.78 0.54
CA THR C 93 3.31 21.57 -0.12
C THR C 93 3.32 23.01 0.36
N PRO C 94 3.37 23.30 1.70
CA PRO C 94 3.20 24.68 2.15
C PRO C 94 4.39 25.58 1.83
N LEU C 95 4.71 25.70 0.55
CA LEU C 95 5.64 26.72 0.08
C LEU C 95 5.00 27.58 -1.00
N CYS C 96 3.69 27.50 -1.16
CA CYS C 96 2.96 28.24 -2.17
C CYS C 96 2.47 29.59 -1.68
N VAL C 97 2.81 29.97 -0.44
CA VAL C 97 2.38 31.26 0.08
C VAL C 97 2.93 32.38 -0.80
N THR C 98 2.24 33.53 -0.76
CA THR C 98 2.66 34.68 -1.55
C THR C 98 3.95 35.23 -0.97
N LEU C 99 5.06 34.95 -1.64
CA LEU C 99 6.35 35.44 -1.21
C LEU C 99 6.44 36.95 -1.40
N GLN C 100 6.81 37.67 -0.33
CA GLN C 100 7.12 39.09 -0.45
C GLN C 100 8.63 39.20 -0.62
N CYS C 101 9.04 39.42 -1.87
CA CYS C 101 10.46 39.32 -2.19
C CYS C 101 11.07 40.71 -2.39
N THR C 102 12.33 40.82 -2.05
CA THR C 102 13.07 42.07 -2.04
C THR C 102 14.38 41.92 -2.78
N ASN C 103 14.66 42.91 -3.64
CA ASN C 103 15.90 43.06 -4.38
C ASN C 103 17.10 42.92 -3.46
N VAL C 104 17.97 41.95 -3.73
CA VAL C 104 19.18 41.82 -2.93
C VAL C 104 20.21 42.82 -3.40
N THR C 105 20.86 43.50 -2.45
CA THR C 105 21.90 44.47 -2.80
C THR C 105 22.91 44.56 -1.66
N ASN C 106 24.00 43.81 -1.79
CA ASN C 106 25.14 43.92 -0.89
C ASN C 106 26.34 43.18 -1.47
N ASN C 107 27.47 43.87 -1.62
CA ASN C 107 28.71 43.29 -2.12
C ASN C 107 28.46 42.45 -3.38
N ILE C 108 27.76 43.05 -4.34
CA ILE C 108 27.34 42.36 -5.55
C ILE C 108 28.12 42.93 -6.73
N THR C 109 28.32 42.09 -7.74
CA THR C 109 29.12 42.47 -8.90
C THR C 109 28.24 42.95 -10.05
N ASP C 110 27.41 43.96 -9.75
CA ASP C 110 26.58 44.65 -10.73
C ASP C 110 25.86 43.73 -11.70
N ASP C 111 26.63 43.02 -12.53
CA ASP C 111 26.04 42.15 -13.56
C ASP C 111 25.12 41.11 -12.94
N MET C 112 25.48 40.59 -11.77
CA MET C 112 24.61 39.62 -11.11
C MET C 112 23.49 40.33 -10.36
N ARG C 113 22.80 41.24 -11.04
CA ARG C 113 21.64 41.90 -10.47
C ARG C 113 20.43 40.98 -10.57
N GLY C 114 19.48 41.18 -9.67
CA GLY C 114 18.41 40.21 -9.54
C GLY C 114 19.00 38.90 -9.05
N GLU C 115 18.65 37.82 -9.74
CA GLU C 115 19.17 36.50 -9.39
C GLU C 115 18.84 36.18 -7.94
N LEU C 116 19.77 36.45 -7.03
CA LEU C 116 19.51 36.30 -5.61
C LEU C 116 18.47 37.32 -5.16
N LYS C 117 17.76 36.99 -4.08
CA LYS C 117 16.64 37.80 -3.62
C LYS C 117 16.33 37.40 -2.18
N ASN C 118 16.04 38.37 -1.30
CA ASN C 118 15.16 38.03 -0.20
C ASN C 118 13.77 37.65 -0.67
N CYS C 119 13.18 36.72 0.07
CA CYS C 119 11.76 36.40 -0.05
C CYS C 119 11.30 36.06 1.36
N SER C 120 10.47 36.92 1.94
CA SER C 120 9.93 36.73 3.27
C SER C 120 8.47 36.31 3.15
N PHE C 121 8.07 35.33 3.95
CA PHE C 121 6.73 34.77 3.87
C PHE C 121 6.32 34.13 5.18
N ASN C 122 5.02 34.00 5.37
CA ASN C 122 4.47 33.29 6.50
C ASN C 122 4.69 31.78 6.32
N MET C 123 4.70 31.06 7.44
CA MET C 123 5.00 29.64 7.36
C MET C 123 4.37 28.94 8.55
N THR C 124 3.75 27.80 8.30
CA THR C 124 3.21 26.98 9.38
C THR C 124 4.35 26.37 10.18
N THR C 125 4.23 26.45 11.51
CA THR C 125 5.21 25.83 12.40
C THR C 125 4.74 24.42 12.74
N GLU C 126 5.40 23.80 13.74
CA GLU C 126 4.97 22.49 14.18
C GLU C 126 3.55 22.54 14.73
N LEU C 127 3.26 23.55 15.56
CA LEU C 127 1.91 23.78 16.04
C LEU C 127 1.03 24.24 14.88
N ARG C 128 -0.14 23.63 14.74
CA ARG C 128 -1.05 24.03 13.68
C ARG C 128 -2.02 25.11 14.13
N ASP C 129 -1.52 26.18 14.75
CA ASP C 129 -2.35 27.34 15.05
C ASP C 129 -1.64 28.67 14.91
N LYS C 130 -0.31 28.71 14.83
CA LYS C 130 0.42 29.96 14.72
C LYS C 130 1.38 29.90 13.54
N LYS C 131 1.63 31.05 12.95
CA LYS C 131 2.47 31.16 11.76
C LYS C 131 3.72 31.96 12.10
N GLN C 132 4.87 31.42 11.71
CA GLN C 132 6.14 32.10 11.89
C GLN C 132 6.47 32.86 10.60
N LYS C 133 6.89 34.11 10.75
CA LYS C 133 7.37 34.89 9.62
C LYS C 133 8.83 34.53 9.37
N VAL C 134 9.11 33.93 8.22
CA VAL C 134 10.45 33.45 7.93
C VAL C 134 10.92 34.11 6.64
N TYR C 135 12.23 34.10 6.44
CA TYR C 135 12.85 34.68 5.26
C TYR C 135 13.78 33.65 4.63
N SER C 136 14.01 33.81 3.32
CA SER C 136 14.92 32.92 2.63
C SER C 136 15.48 33.65 1.41
N LEU C 137 16.44 33.00 0.76
CA LEU C 137 17.04 33.52 -0.47
C LEU C 137 16.69 32.59 -1.62
N PHE C 138 16.06 33.13 -2.65
CA PHE C 138 15.61 32.36 -3.79
C PHE C 138 16.19 32.95 -5.06
N TYR C 139 16.63 32.07 -5.96
CA TYR C 139 17.17 32.51 -7.23
C TYR C 139 16.03 32.96 -8.14
N ARG C 140 16.35 33.88 -9.05
CA ARG C 140 15.32 34.46 -9.91
C ARG C 140 14.65 33.44 -10.80
N LEU C 141 15.30 32.30 -11.05
CA LEU C 141 14.70 31.26 -11.88
C LEU C 141 13.58 30.50 -11.17
N ASP C 142 13.52 30.58 -9.85
CA ASP C 142 12.55 29.81 -9.08
C ASP C 142 11.35 30.63 -8.62
N VAL C 143 11.33 31.92 -8.89
CA VAL C 143 10.24 32.79 -8.47
C VAL C 143 9.69 33.50 -9.71
N VAL C 144 8.37 33.51 -9.84
CA VAL C 144 7.70 34.22 -10.92
C VAL C 144 6.79 35.26 -10.30
N GLN C 145 6.72 36.43 -10.93
CA GLN C 145 5.91 37.51 -10.40
C GLN C 145 4.42 37.20 -10.59
N ILE C 146 3.63 37.59 -9.59
CA ILE C 146 2.19 37.43 -9.63
C ILE C 146 1.54 38.80 -9.44
N ASN C 147 0.27 38.89 -9.82
CA ASN C 147 -0.52 40.14 -9.75
C ASN C 147 0.20 41.29 -10.45
N GLU C 148 0.97 40.98 -11.48
CA GLU C 148 1.72 41.97 -12.25
C GLU C 148 0.84 43.11 -12.74
N ASN C 158 8.84 46.05 -2.70
CA ASN C 158 8.30 44.79 -2.21
C ASN C 158 7.18 44.28 -3.11
N LYS C 159 7.54 43.53 -4.13
CA LYS C 159 6.55 42.93 -5.02
C LYS C 159 5.98 41.67 -4.36
N GLU C 160 5.21 40.89 -5.12
CA GLU C 160 4.60 39.67 -4.61
C GLU C 160 4.88 38.55 -5.59
N TYR C 161 5.83 37.69 -5.25
CA TYR C 161 6.27 36.63 -6.14
C TYR C 161 5.55 35.32 -5.80
N ARG C 162 5.95 34.23 -6.45
CA ARG C 162 5.36 32.92 -6.20
C ARG C 162 6.33 31.87 -6.71
N LEU C 163 6.42 30.75 -5.98
CA LEU C 163 7.22 29.63 -6.44
C LEU C 163 6.75 29.15 -7.80
N ILE C 164 7.70 28.90 -8.69
CA ILE C 164 7.36 28.57 -10.07
C ILE C 164 6.61 27.25 -10.16
N ASN C 165 6.85 26.33 -9.23
CA ASN C 165 6.23 25.02 -9.29
C ASN C 165 4.82 24.99 -8.72
N CYS C 166 4.42 26.00 -7.96
CA CYS C 166 3.12 25.99 -7.27
C CYS C 166 1.96 26.22 -8.20
N ASN C 167 2.20 26.16 -9.51
CA ASN C 167 1.19 26.37 -10.53
C ASN C 167 0.93 25.12 -11.36
N THR C 168 1.90 24.24 -11.51
CA THR C 168 1.74 23.01 -12.27
C THR C 168 1.73 21.75 -11.41
N SER C 169 2.55 21.68 -10.37
CA SER C 169 2.66 20.46 -9.59
C SER C 169 3.00 20.84 -8.15
N ALA C 170 3.46 19.87 -7.37
CA ALA C 170 3.90 20.08 -6.00
C ALA C 170 5.30 19.51 -5.84
N CYS C 171 6.22 20.34 -5.36
CA CYS C 171 7.63 19.98 -5.29
C CYS C 171 7.92 19.22 -4.01
N THR C 172 8.40 17.98 -4.14
CA THR C 172 8.92 17.24 -3.01
C THR C 172 10.40 17.57 -2.85
N GLN C 173 10.79 17.96 -1.64
CA GLN C 173 12.16 18.41 -1.41
C GLN C 173 13.13 17.26 -1.63
N ALA C 174 14.26 17.58 -2.27
CA ALA C 174 15.30 16.57 -2.42
C ALA C 174 15.77 16.10 -1.05
N CYS C 175 15.91 14.81 -0.91
CA CYS C 175 15.99 14.23 0.42
C CYS C 175 17.38 14.48 1.00
N PRO C 176 17.48 15.07 2.20
CA PRO C 176 18.78 15.62 2.62
C PRO C 176 19.84 14.57 2.91
N LYS C 177 19.47 13.40 3.42
CA LYS C 177 20.48 12.39 3.75
C LYS C 177 21.02 11.70 2.51
N VAL C 178 20.22 11.59 1.44
CA VAL C 178 20.68 10.93 0.23
C VAL C 178 21.56 11.88 -0.58
N SER C 179 22.33 11.30 -1.51
CA SER C 179 23.23 12.06 -2.35
C SER C 179 23.04 11.67 -3.80
N PHE C 180 23.22 12.64 -4.69
CA PHE C 180 23.08 12.44 -6.13
C PHE C 180 24.37 11.96 -6.78
N GLU C 181 25.28 11.37 -6.02
CA GLU C 181 26.55 10.94 -6.57
C GLU C 181 26.34 9.80 -7.55
N PRO C 182 26.76 9.92 -8.80
CA PRO C 182 26.65 8.82 -9.76
C PRO C 182 27.73 7.79 -9.52
N ILE C 183 27.36 6.65 -8.95
CA ILE C 183 28.30 5.57 -8.69
C ILE C 183 28.16 4.54 -9.81
N PRO C 184 29.24 3.87 -10.21
CA PRO C 184 29.14 2.90 -11.30
C PRO C 184 28.19 1.77 -10.94
N ILE C 185 27.40 1.33 -11.93
CA ILE C 185 26.52 0.19 -11.80
C ILE C 185 26.73 -0.71 -13.01
N HIS C 186 26.96 -1.99 -12.76
CA HIS C 186 27.16 -2.97 -13.81
C HIS C 186 25.84 -3.68 -14.08
N TYR C 187 25.50 -3.84 -15.36
CA TYR C 187 24.25 -4.45 -15.78
C TYR C 187 24.53 -5.90 -16.15
N CYS C 188 24.00 -6.84 -15.36
CA CYS C 188 24.26 -8.26 -15.57
C CYS C 188 23.00 -8.98 -16.00
N ALA C 189 23.09 -9.72 -17.11
CA ALA C 189 21.96 -10.46 -17.63
C ALA C 189 21.72 -11.71 -16.78
N PRO C 190 20.48 -12.22 -16.76
CA PRO C 190 20.19 -13.43 -15.97
C PRO C 190 20.79 -14.67 -16.59
N ALA C 191 20.52 -15.83 -15.98
CA ALA C 191 21.01 -17.09 -16.54
C ALA C 191 20.37 -17.36 -17.89
N GLY C 192 21.16 -17.91 -18.81
CA GLY C 192 20.70 -18.19 -20.14
C GLY C 192 20.88 -17.07 -21.13
N PHE C 193 21.30 -15.89 -20.68
CA PHE C 193 21.54 -14.74 -21.55
C PHE C 193 23.01 -14.36 -21.48
N ALA C 194 23.56 -13.98 -22.63
CA ALA C 194 24.96 -13.59 -22.73
C ALA C 194 25.07 -12.13 -23.14
N ILE C 195 26.12 -11.47 -22.65
CA ILE C 195 26.40 -10.07 -22.97
C ILE C 195 27.58 -10.07 -23.93
N LEU C 196 27.36 -9.51 -25.12
CA LEU C 196 28.39 -9.40 -26.13
C LEU C 196 28.90 -7.97 -26.16
N LYS C 197 30.22 -7.80 -26.11
CA LYS C 197 30.86 -6.49 -26.12
C LYS C 197 31.80 -6.43 -27.31
N CYS C 198 31.68 -5.36 -28.09
CA CYS C 198 32.46 -5.20 -29.32
C CYS C 198 33.74 -4.44 -28.98
N LYS C 199 34.87 -5.12 -29.04
CA LYS C 199 36.16 -4.53 -28.71
C LYS C 199 36.80 -3.81 -29.89
N ASP C 200 36.16 -3.80 -31.05
CA ASP C 200 36.75 -3.19 -32.24
C ASP C 200 36.80 -1.68 -32.10
N LYS C 201 37.97 -1.09 -32.40
CA LYS C 201 38.11 0.36 -32.32
C LYS C 201 37.40 1.05 -33.47
N LYS C 202 37.56 0.54 -34.69
CA LYS C 202 36.87 1.08 -35.86
C LYS C 202 35.42 0.61 -35.80
N PHE C 203 34.63 1.28 -34.96
CA PHE C 203 33.23 0.89 -34.74
C PHE C 203 32.38 2.14 -34.65
N ASN C 204 31.76 2.51 -35.76
CA ASN C 204 30.92 3.69 -35.82
C ASN C 204 29.48 3.47 -35.39
N GLY C 205 29.09 2.24 -35.08
CA GLY C 205 27.73 2.00 -34.64
C GLY C 205 27.13 0.81 -35.35
N THR C 206 26.02 1.04 -36.05
CA THR C 206 25.36 -0.02 -36.78
C THR C 206 26.33 -0.66 -37.78
N GLY C 207 26.36 -1.99 -37.78
CA GLY C 207 27.22 -2.74 -38.67
C GLY C 207 27.84 -3.94 -38.00
N PRO C 208 28.58 -4.74 -38.76
CA PRO C 208 29.29 -5.88 -38.17
C PRO C 208 30.49 -5.43 -37.35
N CYS C 209 30.82 -6.23 -36.33
CA CYS C 209 32.00 -6.00 -35.50
C CYS C 209 32.77 -7.30 -35.35
N PRO C 210 33.86 -7.48 -36.10
CA PRO C 210 34.59 -8.75 -36.03
C PRO C 210 35.58 -8.81 -34.88
N SER C 211 35.18 -8.34 -33.69
CA SER C 211 36.01 -8.46 -32.50
C SER C 211 35.17 -8.77 -31.26
N VAL C 212 33.98 -9.34 -31.43
CA VAL C 212 33.05 -9.49 -30.31
C VAL C 212 33.63 -10.45 -29.28
N SER C 213 33.49 -10.08 -28.00
CA SER C 213 33.89 -10.94 -26.90
C SER C 213 32.75 -11.00 -25.90
N THR C 214 32.52 -12.18 -25.32
CA THR C 214 31.46 -12.28 -24.33
C THR C 214 31.98 -11.95 -22.94
N VAL C 215 31.14 -11.26 -22.17
CA VAL C 215 31.53 -10.80 -20.85
C VAL C 215 30.51 -11.30 -19.83
N GLN C 216 30.97 -11.46 -18.59
CA GLN C 216 30.05 -11.79 -17.51
C GLN C 216 28.96 -10.74 -17.40
N CYS C 217 29.36 -9.47 -17.32
CA CYS C 217 28.45 -8.35 -17.51
C CYS C 217 29.26 -7.07 -17.66
N THR C 218 28.57 -6.00 -18.01
CA THR C 218 29.20 -4.78 -18.48
C THR C 218 30.08 -4.15 -17.40
N HIS C 219 31.07 -3.39 -17.86
CA HIS C 219 31.91 -2.62 -16.95
C HIS C 219 31.08 -1.52 -16.30
N GLY C 220 31.59 -1.04 -15.16
CA GLY C 220 30.90 0.00 -14.42
C GLY C 220 30.76 1.27 -15.21
N ILE C 221 29.53 1.76 -15.36
CA ILE C 221 29.25 2.99 -16.08
C ILE C 221 28.63 3.99 -15.11
N LYS C 222 28.94 5.26 -15.34
CA LYS C 222 28.46 6.33 -14.46
C LYS C 222 27.18 6.90 -15.04
N PRO C 223 26.05 6.76 -14.36
CA PRO C 223 24.79 7.33 -14.87
C PRO C 223 24.73 8.84 -14.67
N VAL C 224 25.65 9.56 -15.32
CA VAL C 224 25.68 11.01 -15.17
C VAL C 224 24.50 11.63 -15.92
N VAL C 225 24.16 12.86 -15.54
CA VAL C 225 23.10 13.62 -16.18
C VAL C 225 23.69 14.93 -16.66
N SER C 226 23.58 15.18 -17.97
CA SER C 226 24.09 16.40 -18.57
C SER C 226 23.43 16.58 -19.93
N THR C 227 23.59 17.77 -20.49
CA THR C 227 23.01 18.09 -21.79
C THR C 227 24.02 18.88 -22.62
N GLN C 228 24.02 18.61 -23.92
CA GLN C 228 24.79 19.34 -24.94
C GLN C 228 26.29 19.27 -24.70
N LEU C 229 26.70 18.56 -23.65
CA LEU C 229 28.12 18.30 -23.42
C LEU C 229 28.18 17.05 -22.53
N LEU C 230 28.41 15.89 -23.15
CA LEU C 230 28.50 14.67 -22.39
C LEU C 230 29.69 14.73 -21.44
N LEU C 231 29.47 14.31 -20.19
CA LEU C 231 30.48 14.45 -19.16
C LEU C 231 30.90 13.11 -18.59
N ASN C 232 32.20 12.97 -18.39
CA ASN C 232 32.77 12.38 -17.19
C ASN C 232 32.64 10.87 -17.25
N GLY C 233 32.51 10.34 -18.47
CA GLY C 233 32.50 8.93 -18.74
C GLY C 233 33.69 8.46 -19.56
N SER C 234 33.43 7.49 -20.45
CA SER C 234 34.49 6.74 -21.13
C SER C 234 34.89 7.38 -22.47
N LEU C 235 36.16 7.23 -22.82
CA LEU C 235 36.74 7.77 -24.05
C LEU C 235 36.78 6.71 -25.15
N ALA C 236 37.15 7.14 -26.35
CA ALA C 236 37.37 6.26 -27.49
C ALA C 236 38.84 6.27 -27.88
N GLU C 237 39.34 5.11 -28.32
CA GLU C 237 40.75 4.96 -28.63
C GLU C 237 41.09 5.60 -29.97
N GLU C 238 42.39 5.70 -30.25
CA GLU C 238 42.92 6.26 -31.48
C GLU C 238 42.47 7.70 -31.67
N GLU C 239 41.39 7.90 -32.43
CA GLU C 239 40.88 9.22 -32.75
C GLU C 239 39.42 9.32 -32.32
N VAL C 240 38.91 10.55 -32.27
CA VAL C 240 37.51 10.76 -31.90
C VAL C 240 36.62 10.10 -32.93
N MET C 241 35.45 9.65 -32.49
CA MET C 241 34.53 8.92 -33.33
C MET C 241 33.19 9.64 -33.42
N ILE C 242 32.55 9.54 -34.57
CA ILE C 242 31.30 10.22 -34.87
C ILE C 242 30.23 9.16 -35.09
N ARG C 243 29.17 9.21 -34.29
CA ARG C 243 28.08 8.24 -34.38
C ARG C 243 26.77 8.97 -34.63
N SER C 244 25.97 8.43 -35.54
CA SER C 244 24.66 8.99 -35.84
C SER C 244 23.77 7.89 -36.41
N GLU C 245 22.48 7.98 -36.11
CA GLU C 245 21.53 7.03 -36.69
C GLU C 245 21.50 7.15 -38.21
N ASN C 246 21.46 8.39 -38.70
CA ASN C 246 21.46 8.65 -40.14
C ASN C 246 22.13 10.01 -40.33
N ILE C 247 23.44 9.99 -40.61
CA ILE C 247 24.26 11.19 -40.57
C ILE C 247 23.93 12.11 -41.74
N THR C 248 23.04 11.67 -42.62
CA THR C 248 22.55 12.50 -43.72
C THR C 248 21.22 13.16 -43.39
N ASN C 249 20.84 13.20 -42.11
CA ASN C 249 19.60 13.80 -41.66
C ASN C 249 19.92 14.95 -40.70
N ASN C 250 19.11 16.01 -40.77
CA ASN C 250 19.30 17.17 -39.93
C ASN C 250 18.61 17.06 -38.58
N ALA C 251 17.82 16.02 -38.35
CA ALA C 251 17.07 15.87 -37.11
C ALA C 251 17.58 14.73 -36.24
N LYS C 252 18.81 14.29 -36.48
CA LYS C 252 19.42 13.20 -35.71
C LYS C 252 20.65 13.72 -35.00
N ASN C 253 20.75 13.43 -33.70
CA ASN C 253 21.88 13.89 -32.92
C ASN C 253 23.16 13.19 -33.35
N ILE C 254 24.26 13.93 -33.30
CA ILE C 254 25.57 13.41 -33.67
C ILE C 254 26.40 13.21 -32.42
N LEU C 255 26.38 12.00 -31.86
CA LEU C 255 27.01 11.72 -30.58
C LEU C 255 28.52 11.62 -30.77
N VAL C 256 29.17 12.78 -30.84
CA VAL C 256 30.62 12.82 -30.91
C VAL C 256 31.19 12.29 -29.60
N GLN C 257 32.31 11.56 -29.70
CA GLN C 257 33.00 11.04 -28.54
C GLN C 257 34.46 11.44 -28.63
N PHE C 258 34.98 12.10 -27.60
CA PHE C 258 36.32 12.65 -27.63
C PHE C 258 37.36 11.55 -27.46
N ASN C 259 38.60 11.87 -27.87
CA ASN C 259 39.72 10.95 -27.74
C ASN C 259 40.49 11.17 -26.45
N THR C 260 40.82 12.42 -26.15
CA THR C 260 41.53 12.76 -24.93
C THR C 260 40.66 13.70 -24.09
N PRO C 261 40.73 13.61 -22.75
CA PRO C 261 39.89 14.46 -21.92
C PRO C 261 40.23 15.94 -22.03
N VAL C 262 39.20 16.76 -21.87
CA VAL C 262 39.36 18.20 -21.65
C VAL C 262 38.77 18.51 -20.28
N GLN C 263 39.63 18.93 -19.35
CA GLN C 263 39.17 19.19 -17.99
C GLN C 263 38.35 20.47 -17.95
N ILE C 264 37.26 20.44 -17.19
CA ILE C 264 36.38 21.59 -17.03
C ILE C 264 36.26 21.88 -15.54
N ASN C 265 36.92 22.94 -15.09
CA ASN C 265 36.80 23.39 -13.71
C ASN C 265 35.50 24.17 -13.57
N CYS C 266 34.96 24.20 -12.35
CA CYS C 266 34.16 25.33 -11.88
C CYS C 266 33.65 25.15 -10.47
N THR C 267 33.27 26.28 -9.90
CA THR C 267 32.84 26.39 -8.52
C THR C 267 31.65 27.33 -8.44
N ARG C 268 30.89 27.19 -7.36
CA ARG C 268 29.90 28.18 -7.01
C ARG C 268 30.47 29.02 -5.88
N PRO C 269 30.80 30.29 -6.10
CA PRO C 269 31.35 31.10 -5.02
C PRO C 269 30.31 31.41 -3.94
N ASN C 270 30.71 32.21 -2.95
CA ASN C 270 29.87 32.62 -1.83
C ASN C 270 29.59 31.47 -0.86
N ASN C 271 29.53 31.79 0.43
CA ASN C 271 29.14 30.84 1.45
C ASN C 271 27.66 30.49 1.26
N ASN C 272 27.18 29.55 2.08
CA ASN C 272 25.76 29.23 2.09
C ASN C 272 25.36 28.78 3.49
N THR C 273 24.59 29.62 4.17
CA THR C 273 24.09 29.34 5.52
C THR C 273 22.83 28.50 5.39
N ARG C 274 22.99 27.19 5.33
CA ARG C 274 21.86 26.29 5.14
C ARG C 274 21.03 26.22 6.42
N LYS C 275 20.26 27.27 6.68
CA LYS C 275 19.38 27.26 7.85
C LYS C 275 18.19 26.35 7.61
N SER C 276 17.71 25.73 8.69
CA SER C 276 16.60 24.79 8.64
C SER C 276 15.42 25.35 9.43
N ILE C 277 14.23 25.27 8.84
CA ILE C 277 13.01 25.73 9.48
C ILE C 277 11.98 24.60 9.40
N ARG C 278 11.26 24.37 10.49
CA ARG C 278 10.34 23.24 10.55
C ARG C 278 9.06 23.52 9.78
N ILE C 279 8.60 22.52 9.05
CA ILE C 279 7.36 22.60 8.29
C ILE C 279 6.15 22.34 9.18
N GLY C 280 6.20 21.25 9.94
CA GLY C 280 5.13 20.82 10.78
C GLY C 280 5.62 19.76 11.74
N PRO C 281 4.85 18.69 11.90
CA PRO C 281 5.34 17.57 12.71
C PRO C 281 6.45 16.81 12.00
N GLY C 282 7.69 17.02 12.44
CA GLY C 282 8.81 16.26 11.91
C GLY C 282 9.44 16.81 10.64
N GLN C 283 8.60 17.25 9.71
CA GLN C 283 9.10 17.72 8.43
C GLN C 283 9.92 19.01 8.59
N ALA C 284 11.02 19.09 7.85
CA ALA C 284 11.90 20.24 7.89
C ALA C 284 12.18 20.72 6.47
N PHE C 285 12.49 22.00 6.34
CA PHE C 285 12.76 22.64 5.06
C PHE C 285 14.02 23.46 5.19
N TYR C 286 14.97 23.23 4.29
CA TYR C 286 16.29 23.84 4.38
C TYR C 286 16.34 25.06 3.46
N ALA C 287 16.21 26.24 4.05
CA ALA C 287 16.28 27.47 3.28
C ALA C 287 17.73 27.81 2.93
N THR C 288 17.91 28.77 2.03
CA THR C 288 19.25 29.15 1.59
C THR C 288 19.98 29.95 2.66
N GLY C 289 19.27 30.77 3.43
CA GLY C 289 19.90 31.58 4.44
C GLY C 289 20.60 32.78 3.85
N ASP C 290 21.48 33.37 4.65
CA ASP C 290 22.18 34.59 4.27
C ASP C 290 23.55 34.27 3.67
N ILE C 291 23.88 34.95 2.58
CA ILE C 291 25.18 34.79 1.94
C ILE C 291 26.24 35.53 2.74
N ILE C 292 27.33 34.85 3.07
CA ILE C 292 28.41 35.44 3.85
C ILE C 292 29.46 35.98 2.89
N GLY C 293 29.86 37.24 3.11
CA GLY C 293 30.95 37.81 2.33
C GLY C 293 30.48 38.31 0.97
N ASP C 294 31.42 38.28 0.01
CA ASP C 294 31.15 38.77 -1.33
C ASP C 294 30.14 37.88 -2.05
N ILE C 295 29.41 38.48 -2.98
CA ILE C 295 28.45 37.78 -3.82
C ILE C 295 28.97 37.80 -5.24
N ARG C 296 29.10 36.61 -5.84
CA ARG C 296 29.54 36.48 -7.23
C ARG C 296 28.71 35.42 -7.90
N GLN C 297 29.01 35.16 -9.17
CA GLN C 297 28.26 34.18 -9.96
C GLN C 297 29.14 33.00 -10.30
N ALA C 298 28.51 31.83 -10.39
CA ALA C 298 29.22 30.62 -10.76
C ALA C 298 29.70 30.70 -12.20
N HIS C 299 30.93 30.24 -12.44
CA HIS C 299 31.53 30.30 -13.76
C HIS C 299 32.42 29.08 -13.96
N CYS C 300 32.35 28.49 -15.15
CA CYS C 300 33.15 27.32 -15.47
C CYS C 300 34.30 27.69 -16.39
N ASN C 301 35.41 26.97 -16.25
CA ASN C 301 36.63 27.21 -17.00
C ASN C 301 36.99 25.99 -17.82
N VAL C 302 37.40 26.23 -19.07
CA VAL C 302 37.98 25.20 -19.91
C VAL C 302 39.27 25.75 -20.52
N SER C 303 40.27 24.89 -20.65
CA SER C 303 41.54 25.32 -21.22
C SER C 303 41.35 25.61 -22.71
N LYS C 304 41.66 26.84 -23.12
CA LYS C 304 41.39 27.27 -24.49
C LYS C 304 42.22 26.48 -25.49
N ALA C 305 43.49 26.25 -25.20
CA ALA C 305 44.34 25.48 -26.10
C ALA C 305 43.80 24.07 -26.29
N THR C 306 43.37 23.44 -25.21
CA THR C 306 42.76 22.13 -25.32
C THR C 306 41.47 22.17 -26.12
N TRP C 307 40.73 23.29 -26.04
CA TRP C 307 39.47 23.33 -26.77
C TRP C 307 39.70 23.48 -28.27
N ASN C 308 40.63 24.33 -28.69
CA ASN C 308 41.12 24.19 -30.07
C ASN C 308 41.58 22.79 -30.42
N GLU C 309 42.40 22.16 -29.59
CA GLU C 309 42.92 20.85 -30.00
C GLU C 309 41.78 19.85 -30.23
N THR C 310 40.80 19.83 -29.31
CA THR C 310 39.70 18.89 -29.40
C THR C 310 38.76 19.24 -30.55
N LEU C 311 38.43 20.52 -30.73
CA LEU C 311 37.54 20.89 -31.82
C LEU C 311 38.20 20.67 -33.17
N GLY C 312 39.51 20.89 -33.27
CA GLY C 312 40.21 20.60 -34.50
C GLY C 312 40.23 19.11 -34.81
N LYS C 313 40.47 18.27 -33.79
CA LYS C 313 40.37 16.84 -34.01
C LYS C 313 38.97 16.44 -34.46
N VAL C 314 37.94 17.04 -33.83
CA VAL C 314 36.56 16.70 -34.17
C VAL C 314 36.25 17.10 -35.61
N VAL C 315 36.65 18.31 -36.02
CA VAL C 315 36.33 18.75 -37.37
C VAL C 315 37.12 17.94 -38.40
N LYS C 316 38.38 17.59 -38.08
CA LYS C 316 39.16 16.78 -39.00
C LYS C 316 38.53 15.41 -39.19
N GLN C 317 38.05 14.80 -38.11
CA GLN C 317 37.39 13.50 -38.21
C GLN C 317 35.95 13.60 -38.71
N LEU C 318 35.38 14.80 -38.73
CA LEU C 318 34.01 15.00 -39.16
C LEU C 318 33.91 15.38 -40.63
N ARG C 319 34.97 15.94 -41.20
CA ARG C 319 34.96 16.27 -42.62
C ARG C 319 34.91 15.06 -43.52
N LYS C 320 35.11 13.86 -42.97
CA LYS C 320 35.06 12.65 -43.79
C LYS C 320 33.68 12.44 -44.41
N HIS C 321 32.63 12.67 -43.65
CA HIS C 321 31.26 12.42 -44.10
C HIS C 321 30.63 13.62 -44.78
N PHE C 322 31.36 14.73 -44.95
CA PHE C 322 30.77 15.93 -45.55
C PHE C 322 31.68 16.57 -46.59
N GLY C 323 32.70 15.87 -47.05
CA GLY C 323 33.56 16.46 -48.06
C GLY C 323 34.69 17.29 -47.46
N ASN C 324 35.81 17.32 -48.18
CA ASN C 324 36.97 18.06 -47.69
C ASN C 324 36.77 19.56 -47.85
N ASN C 325 36.05 19.99 -48.88
CA ASN C 325 35.84 21.43 -49.12
C ASN C 325 34.55 21.92 -48.47
N THR C 326 34.39 21.65 -47.18
CA THR C 326 33.23 22.09 -46.42
C THR C 326 33.68 23.01 -45.30
N ILE C 327 33.03 24.18 -45.22
CA ILE C 327 33.39 25.19 -44.22
C ILE C 327 32.58 24.86 -42.97
N ILE C 328 33.13 23.99 -42.14
CA ILE C 328 32.46 23.58 -40.91
C ILE C 328 32.44 24.76 -39.95
N ARG C 329 31.26 25.08 -39.42
CA ARG C 329 31.08 26.27 -38.59
C ARG C 329 30.22 25.90 -37.39
N PHE C 330 30.78 26.05 -36.19
CA PHE C 330 30.00 25.82 -34.99
C PHE C 330 29.24 27.08 -34.59
N ALA C 331 28.20 26.89 -33.76
CA ALA C 331 27.44 28.00 -33.20
C ALA C 331 26.72 27.51 -31.96
N ASN C 332 26.31 28.44 -31.11
CA ASN C 332 25.65 28.02 -29.88
C ASN C 332 24.24 27.52 -30.18
N SER C 333 23.63 26.92 -29.16
CA SER C 333 22.23 26.51 -29.28
C SER C 333 21.35 27.74 -29.46
N SER C 334 20.40 27.65 -30.38
CA SER C 334 19.49 28.76 -30.67
C SER C 334 18.08 28.32 -30.28
N GLY C 335 17.59 28.88 -29.18
CA GLY C 335 16.24 28.59 -28.75
C GLY C 335 16.07 27.21 -28.15
N GLY C 336 15.00 27.02 -27.39
CA GLY C 336 14.73 25.77 -26.72
C GLY C 336 14.35 26.03 -25.29
N ASP C 337 14.61 25.05 -24.44
CA ASP C 337 14.37 25.19 -23.02
C ASP C 337 15.66 25.63 -22.32
N LEU C 338 15.59 25.82 -21.00
CA LEU C 338 16.77 26.15 -20.21
C LEU C 338 17.58 24.91 -19.88
N GLU C 339 17.16 23.73 -20.37
CA GLU C 339 17.86 22.49 -20.15
C GLU C 339 18.54 21.98 -21.42
N VAL C 340 18.37 22.65 -22.55
CA VAL C 340 19.01 22.23 -23.80
C VAL C 340 19.85 23.39 -24.35
N THR C 341 19.45 24.61 -24.02
CA THR C 341 20.22 25.79 -24.41
C THR C 341 21.42 26.01 -23.50
N THR C 342 21.53 25.24 -22.41
CA THR C 342 22.58 25.44 -21.43
C THR C 342 23.00 24.08 -20.90
N HIS C 343 24.20 24.04 -20.33
CA HIS C 343 24.68 22.83 -19.70
C HIS C 343 23.80 22.47 -18.50
N SER C 344 23.88 21.22 -18.05
CA SER C 344 22.94 20.71 -17.06
C SER C 344 23.65 19.90 -15.98
N PHE C 345 24.67 20.48 -15.36
CA PHE C 345 25.45 19.79 -14.33
C PHE C 345 24.63 19.17 -13.21
N ASN C 346 25.27 18.26 -12.47
CA ASN C 346 24.79 17.78 -11.19
C ASN C 346 25.89 17.97 -10.15
N CYS C 347 26.47 19.16 -10.13
CA CYS C 347 27.68 19.43 -9.36
C CYS C 347 27.38 19.36 -7.86
N GLY C 348 27.68 18.21 -7.25
CA GLY C 348 27.64 18.07 -5.81
C GLY C 348 26.32 18.44 -5.17
N GLY C 349 25.20 18.02 -5.76
CA GLY C 349 23.90 18.32 -5.21
C GLY C 349 23.35 19.68 -5.55
N GLU C 350 24.08 20.49 -6.31
CA GLU C 350 23.62 21.80 -6.76
C GLU C 350 23.61 21.80 -8.28
N PHE C 351 22.45 22.14 -8.86
CA PHE C 351 22.23 21.98 -10.30
C PHE C 351 22.64 23.25 -11.02
N PHE C 352 23.66 23.14 -11.87
CA PHE C 352 24.11 24.27 -12.66
C PHE C 352 23.37 24.30 -14.00
N TYR C 353 23.37 25.47 -14.62
CA TYR C 353 22.78 25.67 -15.94
C TYR C 353 23.70 26.54 -16.78
N CYS C 354 24.99 26.19 -16.80
CA CYS C 354 26.01 27.02 -17.42
C CYS C 354 25.73 27.26 -18.89
N ASN C 355 26.09 28.45 -19.35
CA ASN C 355 25.69 28.97 -20.66
C ASN C 355 26.86 28.76 -21.62
N THR C 356 26.87 27.60 -22.27
CA THR C 356 27.97 27.20 -23.15
C THR C 356 27.79 27.87 -24.51
N SER C 357 28.22 29.13 -24.58
CA SER C 357 28.29 29.85 -25.84
C SER C 357 29.67 30.39 -26.15
N GLY C 358 30.59 30.33 -25.19
CA GLY C 358 31.98 30.68 -25.46
C GLY C 358 32.81 29.56 -26.04
N LEU C 359 32.24 28.36 -26.11
CA LEU C 359 32.92 27.22 -26.72
C LEU C 359 32.56 27.09 -28.20
N PHE C 360 31.26 26.98 -28.49
CA PHE C 360 30.79 26.78 -29.85
C PHE C 360 30.73 28.13 -30.57
N ASN C 361 31.93 28.67 -30.77
CA ASN C 361 32.18 29.91 -31.51
C ASN C 361 33.41 29.64 -32.37
N SER C 362 33.19 29.21 -33.60
CA SER C 362 34.29 28.88 -34.48
C SER C 362 33.81 28.95 -35.92
N THR C 363 34.79 29.00 -36.83
CA THR C 363 34.52 28.92 -38.26
C THR C 363 35.77 28.33 -38.90
N TRP C 364 35.69 27.07 -39.32
CA TRP C 364 36.86 26.33 -39.78
C TRP C 364 36.94 26.34 -41.29
N ILE C 365 38.11 26.65 -41.81
CA ILE C 365 38.35 26.70 -43.24
C ILE C 365 38.97 25.38 -43.68
N SER C 366 38.80 25.05 -44.96
CA SER C 366 39.41 23.84 -45.50
C SER C 366 40.92 23.94 -45.55
N ASN C 367 41.44 25.10 -45.93
CA ASN C 367 42.88 25.29 -46.06
C ASN C 367 43.36 26.49 -45.24
N ASN C 379 48.92 31.66 -20.32
CA ASN C 379 47.80 30.87 -20.79
C ASN C 379 46.48 31.45 -20.32
N ASP C 380 45.44 31.31 -21.13
CA ASP C 380 44.11 31.82 -20.82
C ASP C 380 43.11 30.68 -20.81
N SER C 381 42.00 30.90 -20.12
CA SER C 381 40.94 29.91 -20.00
C SER C 381 39.61 30.52 -20.42
N ILE C 382 38.83 29.74 -21.17
CA ILE C 382 37.50 30.18 -21.57
C ILE C 382 36.56 30.03 -20.39
N THR C 383 35.83 31.10 -20.09
CA THR C 383 34.90 31.14 -18.96
C THR C 383 33.46 31.11 -19.47
N LEU C 384 32.61 30.39 -18.74
CA LEU C 384 31.20 30.25 -19.06
C LEU C 384 30.38 30.68 -17.85
N PRO C 385 29.54 31.71 -17.96
CA PRO C 385 28.66 32.05 -16.86
C PRO C 385 27.69 30.92 -16.57
N CYS C 386 27.30 30.80 -15.30
CA CYS C 386 26.41 29.74 -14.87
C CYS C 386 25.26 30.33 -14.06
N ARG C 387 24.10 29.68 -14.16
CA ARG C 387 22.93 30.04 -13.37
C ARG C 387 22.49 28.81 -12.59
N ILE C 388 22.23 28.99 -11.31
CA ILE C 388 21.86 27.90 -10.42
C ILE C 388 20.36 27.92 -10.22
N LYS C 389 19.73 26.76 -10.36
CA LYS C 389 18.30 26.61 -10.14
C LYS C 389 18.05 25.53 -9.10
N GLN C 390 17.09 25.78 -8.20
CA GLN C 390 16.72 24.82 -7.19
C GLN C 390 15.49 24.00 -7.57
N ILE C 391 14.49 24.63 -8.18
CA ILE C 391 13.29 23.92 -8.63
C ILE C 391 13.63 23.22 -9.95
N ILE C 392 14.08 21.97 -9.86
CA ILE C 392 14.48 21.22 -11.03
C ILE C 392 13.32 20.35 -11.47
N ASN C 393 13.42 19.84 -12.70
CA ASN C 393 12.44 18.92 -13.26
C ASN C 393 13.15 17.79 -14.00
N MET C 394 14.17 17.22 -13.39
CA MET C 394 14.98 16.22 -14.07
C MET C 394 14.14 14.97 -14.36
N TRP C 395 14.64 14.16 -15.29
CA TRP C 395 13.83 13.20 -16.03
C TRP C 395 12.56 13.90 -16.54
N GLN C 396 12.82 14.90 -17.38
CA GLN C 396 11.85 15.92 -17.77
C GLN C 396 10.46 15.33 -17.98
N ARG C 397 9.49 15.88 -17.26
CA ARG C 397 8.14 15.34 -17.23
C ARG C 397 7.20 16.44 -16.78
N ILE C 398 5.97 16.07 -16.43
CA ILE C 398 4.99 16.99 -15.89
C ILE C 398 4.40 16.36 -14.63
N GLY C 399 3.88 17.22 -13.76
CA GLY C 399 3.31 16.74 -12.51
C GLY C 399 4.32 16.30 -11.48
N GLN C 400 5.58 16.70 -11.62
CA GLN C 400 6.61 16.34 -10.66
C GLN C 400 7.74 17.34 -10.74
N CYS C 401 8.41 17.56 -9.61
CA CYS C 401 9.56 18.45 -9.54
C CYS C 401 10.33 18.11 -8.27
N MET C 402 11.31 18.95 -7.93
CA MET C 402 12.13 18.72 -6.74
C MET C 402 12.79 20.03 -6.34
N TYR C 403 12.87 20.28 -5.03
CA TYR C 403 13.60 21.40 -4.48
C TYR C 403 14.91 20.87 -3.91
N ALA C 404 16.01 21.11 -4.62
CA ALA C 404 17.32 20.68 -4.15
C ALA C 404 17.80 21.62 -3.06
N PRO C 405 18.09 21.12 -1.85
CA PRO C 405 18.48 22.02 -0.77
C PRO C 405 19.85 22.62 -1.04
N PRO C 406 20.11 23.81 -0.51
CA PRO C 406 21.43 24.43 -0.71
C PRO C 406 22.53 23.67 0.00
N ILE C 407 23.74 23.81 -0.52
CA ILE C 407 24.92 23.13 0.02
C ILE C 407 25.83 24.18 0.65
N GLN C 408 26.29 23.91 1.87
CA GLN C 408 27.10 24.87 2.59
C GLN C 408 28.47 25.02 1.96
N GLY C 409 28.96 26.26 1.93
CA GLY C 409 30.31 26.54 1.47
C GLY C 409 30.47 26.51 -0.03
N VAL C 410 31.63 26.98 -0.48
CA VAL C 410 31.94 26.91 -1.91
C VAL C 410 32.16 25.46 -2.31
N ILE C 411 31.79 25.15 -3.54
CA ILE C 411 31.82 23.77 -4.04
C ILE C 411 32.50 23.75 -5.39
N ARG C 412 33.51 22.89 -5.53
CA ARG C 412 34.20 22.69 -6.80
C ARG C 412 33.92 21.29 -7.30
N CYS C 413 33.73 21.16 -8.60
CA CYS C 413 33.31 19.92 -9.23
C CYS C 413 34.17 19.63 -10.45
N VAL C 414 35.48 19.68 -10.29
CA VAL C 414 36.40 19.44 -11.40
C VAL C 414 36.06 18.12 -12.07
N SER C 415 35.94 18.15 -13.40
CA SER C 415 35.57 16.99 -14.17
C SER C 415 36.17 17.14 -15.56
N ASN C 416 35.94 16.15 -16.42
CA ASN C 416 36.39 16.26 -17.79
C ASN C 416 35.45 15.58 -18.77
N ILE C 417 35.37 16.20 -19.95
CA ILE C 417 34.24 16.11 -20.87
C ILE C 417 34.56 15.04 -21.91
N THR C 418 33.95 13.87 -21.78
CA THR C 418 34.11 12.81 -22.76
C THR C 418 32.88 12.72 -23.65
N GLY C 419 32.75 13.67 -24.56
CA GLY C 419 31.64 13.61 -25.50
C GLY C 419 31.21 14.96 -26.01
N LEU C 420 30.16 14.91 -26.83
CA LEU C 420 29.54 16.07 -27.48
C LEU C 420 28.27 15.60 -28.16
N ILE C 421 27.27 16.48 -28.21
CA ILE C 421 25.97 16.14 -28.78
C ILE C 421 25.58 17.10 -29.90
N LEU C 422 26.55 17.53 -30.69
CA LEU C 422 26.25 18.43 -31.81
C LEU C 422 25.12 17.90 -32.67
N THR C 423 24.31 18.81 -33.21
CA THR C 423 23.32 18.51 -34.21
C THR C 423 23.55 19.41 -35.41
N ARG C 424 23.30 18.88 -36.61
CA ARG C 424 23.52 19.62 -37.83
C ARG C 424 22.40 20.63 -38.06
N ASP C 425 22.62 21.51 -39.03
CA ASP C 425 21.61 22.45 -39.48
C ASP C 425 21.19 22.19 -40.92
N GLY C 426 22.13 22.24 -41.85
CA GLY C 426 21.90 21.91 -43.25
C GLY C 426 20.65 22.49 -43.87
N GLY C 427 20.09 21.77 -44.85
CA GLY C 427 18.84 22.15 -45.46
C GLY C 427 18.91 23.22 -46.53
N SER C 428 20.09 23.76 -46.79
CA SER C 428 20.25 24.84 -47.78
C SER C 428 20.65 24.26 -49.14
N THR C 429 19.83 23.34 -49.63
CA THR C 429 20.02 22.67 -50.92
C THR C 429 21.44 22.09 -50.95
N ASN C 430 22.25 22.38 -51.96
CA ASN C 430 23.64 21.94 -52.02
C ASN C 430 24.56 23.13 -51.82
N SER C 431 25.22 23.18 -50.67
CA SER C 431 26.14 24.25 -50.34
C SER C 431 27.08 23.76 -49.25
N THR C 432 28.18 24.50 -49.06
CA THR C 432 29.15 24.18 -48.03
C THR C 432 29.16 25.34 -47.04
N THR C 433 28.19 25.32 -46.13
CA THR C 433 28.10 26.26 -45.02
C THR C 433 27.60 25.58 -43.76
N GLU C 434 27.94 24.30 -43.58
CA GLU C 434 27.35 23.51 -42.52
C GLU C 434 27.63 24.13 -41.16
N THR C 435 26.58 24.29 -40.36
CA THR C 435 26.69 24.83 -39.02
C THR C 435 26.20 23.81 -38.02
N PHE C 436 27.01 23.55 -37.00
CA PHE C 436 26.74 22.55 -35.97
C PHE C 436 26.43 23.27 -34.67
N ARG C 437 25.33 22.88 -34.03
CA ARG C 437 24.95 23.52 -32.79
C ARG C 437 24.61 22.47 -31.75
N PRO C 438 24.96 22.70 -30.49
CA PRO C 438 24.66 21.72 -29.45
C PRO C 438 23.15 21.59 -29.23
N GLY C 439 22.74 20.39 -28.85
CA GLY C 439 21.34 20.14 -28.57
C GLY C 439 21.09 18.76 -28.02
N GLY C 440 20.33 18.68 -26.94
CA GLY C 440 19.98 17.42 -26.33
C GLY C 440 18.57 16.99 -26.68
N GLY C 441 17.63 17.22 -25.77
CA GLY C 441 16.27 16.82 -25.99
C GLY C 441 15.94 15.55 -25.23
N ASP C 442 15.83 14.44 -25.95
CA ASP C 442 15.68 13.15 -25.27
C ASP C 442 16.96 12.83 -24.52
N MET C 443 16.81 12.47 -23.26
CA MET C 443 17.96 12.10 -22.44
C MET C 443 18.20 10.59 -22.46
N ARG C 444 18.69 10.13 -23.60
CA ARG C 444 19.19 8.78 -23.78
C ARG C 444 20.60 8.77 -24.37
N ASP C 445 20.98 9.85 -25.05
CA ASP C 445 22.32 9.96 -25.62
C ASP C 445 23.37 10.01 -24.53
N ASN C 446 23.01 10.46 -23.33
CA ASN C 446 23.94 10.42 -22.21
C ASN C 446 24.32 9.00 -21.83
N TRP C 447 23.50 8.02 -22.21
CA TRP C 447 23.77 6.61 -21.96
C TRP C 447 24.06 5.82 -23.23
N ARG C 448 23.54 6.26 -24.38
CA ARG C 448 23.86 5.62 -25.65
C ARG C 448 25.33 5.77 -26.03
N SER C 449 26.05 6.67 -25.37
CA SER C 449 27.48 6.79 -25.55
C SER C 449 28.27 5.83 -24.65
N GLU C 450 27.58 5.10 -23.77
CA GLU C 450 28.21 4.15 -22.88
C GLU C 450 27.76 2.72 -23.11
N LEU C 451 26.53 2.52 -23.59
CA LEU C 451 25.97 1.19 -23.84
C LEU C 451 25.85 0.92 -25.33
N TYR C 452 26.85 1.34 -26.12
CA TYR C 452 26.83 1.07 -27.54
C TYR C 452 27.54 -0.24 -27.89
N LYS C 453 28.63 -0.56 -27.20
CA LYS C 453 29.33 -1.83 -27.42
C LYS C 453 28.85 -2.90 -26.45
N TYR C 454 27.53 -3.10 -26.40
CA TYR C 454 26.94 -4.14 -25.58
C TYR C 454 25.64 -4.59 -26.20
N LYS C 455 25.39 -5.90 -26.17
CA LYS C 455 24.11 -6.42 -26.62
C LYS C 455 23.80 -7.70 -25.86
N VAL C 456 22.51 -7.99 -25.72
CA VAL C 456 22.04 -9.17 -25.00
C VAL C 456 21.59 -10.21 -26.01
N VAL C 457 22.09 -11.43 -25.87
CA VAL C 457 21.73 -12.53 -26.76
C VAL C 457 21.19 -13.67 -25.93
N LYS C 458 20.01 -14.18 -26.30
CA LYS C 458 19.45 -15.35 -25.67
C LYS C 458 20.06 -16.59 -26.32
N ILE C 459 20.56 -17.49 -25.49
CA ILE C 459 21.23 -18.69 -25.98
C ILE C 459 20.19 -19.78 -26.17
N GLU C 460 20.17 -20.37 -27.37
CA GLU C 460 19.34 -21.52 -27.65
C GLU C 460 20.20 -22.77 -27.62
N PRO C 461 20.09 -23.62 -26.59
CA PRO C 461 21.03 -24.73 -26.46
C PRO C 461 20.68 -25.95 -27.29
N LEU C 462 19.51 -26.01 -27.90
CA LEU C 462 19.18 -27.12 -28.78
C LEU C 462 19.78 -26.92 -30.17
N GLY C 463 19.96 -28.04 -30.85
CA GLY C 463 20.37 -28.03 -32.24
C GLY C 463 20.22 -29.41 -32.84
N VAL C 464 20.07 -29.50 -34.15
CA VAL C 464 20.02 -30.78 -34.82
C VAL C 464 21.10 -30.80 -35.90
N ALA C 465 21.56 -32.00 -36.21
CA ALA C 465 22.65 -32.16 -37.16
C ALA C 465 22.55 -33.54 -37.80
N PRO C 466 23.18 -33.73 -38.96
CA PRO C 466 23.21 -35.08 -39.53
C PRO C 466 24.45 -35.86 -39.15
N THR C 467 24.30 -37.15 -38.88
CA THR C 467 25.43 -38.06 -38.67
C THR C 467 24.92 -39.48 -38.91
N ARG C 468 25.71 -40.47 -38.48
CA ARG C 468 25.38 -41.87 -38.70
C ARG C 468 24.85 -42.55 -37.44
N CYS C 469 24.07 -41.83 -36.63
CA CYS C 469 23.45 -42.44 -35.46
C CYS C 469 22.30 -43.35 -35.87
N LYS C 470 22.01 -44.33 -35.02
CA LYS C 470 20.88 -45.24 -35.24
C LYS C 470 20.01 -45.40 -34.00
N ARG C 471 20.62 -45.30 -32.82
CA ARG C 471 19.97 -45.68 -31.56
C ARG C 471 19.41 -47.10 -31.67
N ARG C 472 20.32 -48.05 -31.81
CA ARG C 472 19.94 -49.44 -32.02
C ARG C 472 19.15 -49.97 -30.83
N VAL C 473 18.17 -50.83 -31.13
CA VAL C 473 17.34 -51.43 -30.09
C VAL C 473 18.07 -52.60 -29.46
N PHE D 8 38.13 -23.11 -27.21
CA PHE D 8 38.99 -22.94 -26.03
C PHE D 8 38.22 -23.27 -24.76
N LEU D 9 38.41 -22.43 -23.74
CA LEU D 9 37.74 -22.60 -22.46
C LEU D 9 36.84 -21.40 -22.20
N GLY D 10 36.04 -21.50 -21.15
CA GLY D 10 35.15 -20.43 -20.76
C GLY D 10 33.76 -20.62 -21.33
N PHE D 11 32.78 -20.06 -20.64
CA PHE D 11 31.39 -20.18 -21.07
C PHE D 11 31.19 -19.53 -22.42
N LEU D 12 30.55 -20.26 -23.33
CA LEU D 12 30.32 -19.81 -24.71
C LEU D 12 31.64 -19.37 -25.33
N GLY D 13 32.65 -20.22 -25.18
CA GLY D 13 33.99 -19.94 -25.67
C GLY D 13 34.36 -20.62 -26.96
N ALA D 14 33.40 -21.20 -27.68
CA ALA D 14 33.74 -21.96 -28.88
C ALA D 14 32.77 -21.69 -30.02
N ALA D 15 32.06 -20.56 -30.00
CA ALA D 15 31.07 -20.28 -31.04
C ALA D 15 31.72 -20.04 -32.40
N GLY D 16 33.02 -19.76 -32.43
CA GLY D 16 33.70 -19.54 -33.69
C GLY D 16 34.39 -20.77 -34.24
N SER D 17 34.50 -21.80 -33.39
CA SER D 17 35.17 -23.02 -33.81
C SER D 17 34.29 -23.82 -34.76
N THR D 18 34.89 -24.83 -35.39
CA THR D 18 34.18 -25.63 -36.37
C THR D 18 33.10 -26.48 -35.68
N MET D 19 32.17 -26.98 -36.50
CA MET D 19 31.04 -27.75 -35.98
C MET D 19 31.51 -28.97 -35.20
N GLY D 20 32.46 -29.71 -35.77
CA GLY D 20 32.98 -30.89 -35.08
C GLY D 20 33.75 -30.54 -33.82
N ALA D 21 34.57 -29.48 -33.88
CA ALA D 21 35.35 -29.09 -32.73
C ALA D 21 34.51 -28.41 -31.65
N ALA D 22 33.41 -27.76 -32.04
CA ALA D 22 32.57 -27.10 -31.05
C ALA D 22 31.74 -28.07 -30.23
N SER D 23 31.57 -29.31 -30.71
CA SER D 23 30.89 -30.33 -29.92
C SER D 23 31.88 -30.91 -28.93
N MET D 24 32.54 -30.03 -28.19
CA MET D 24 33.53 -30.38 -27.18
C MET D 24 33.18 -29.84 -25.80
N THR D 25 32.55 -28.68 -25.74
CA THR D 25 32.24 -27.98 -24.50
C THR D 25 30.73 -27.88 -24.29
N LEU D 26 30.01 -28.95 -24.61
CA LEU D 26 28.57 -28.95 -24.38
C LEU D 26 28.26 -28.79 -22.89
N THR D 27 29.04 -29.44 -22.03
CA THR D 27 28.88 -29.26 -20.59
C THR D 27 29.13 -27.82 -20.19
N VAL D 28 30.11 -27.18 -20.82
CA VAL D 28 30.45 -25.80 -20.47
C VAL D 28 29.27 -24.87 -20.71
N GLN D 29 28.63 -25.00 -21.87
CA GLN D 29 27.47 -24.18 -22.17
C GLN D 29 26.22 -24.60 -21.40
N ALA D 30 26.11 -25.88 -21.03
CA ALA D 30 24.96 -26.33 -20.27
C ALA D 30 25.02 -25.93 -18.80
N ARG D 31 26.21 -25.69 -18.27
CA ARG D 31 26.33 -25.36 -16.85
C ARG D 31 25.76 -23.98 -16.52
N ASN D 32 25.97 -22.99 -17.37
CA ASN D 32 25.56 -21.61 -17.08
C ASN D 32 24.15 -21.30 -17.57
N LEU D 33 23.28 -22.31 -17.66
CA LEU D 33 21.87 -22.06 -17.91
C LEU D 33 21.07 -21.88 -16.63
N LEU D 34 21.69 -22.06 -15.47
CA LEU D 34 21.00 -21.99 -14.18
C LEU D 34 21.85 -21.26 -13.16
N SER D 35 22.44 -20.14 -13.55
CA SER D 35 23.24 -19.35 -12.61
C SER D 35 22.36 -18.80 -11.50
N GLY D 36 22.93 -18.73 -10.30
CA GLY D 36 22.21 -18.23 -9.14
C GLY D 36 23.09 -18.03 -7.93
N LEU D 57 7.72 -4.95 -4.59
CA LEU D 57 8.31 -4.48 -3.34
C LEU D 57 9.23 -3.28 -3.60
N THR D 58 10.35 -3.54 -4.26
CA THR D 58 11.33 -2.51 -4.57
C THR D 58 11.89 -2.73 -5.97
N VAL D 59 12.54 -1.71 -6.51
CA VAL D 59 13.18 -1.83 -7.81
C VAL D 59 14.40 -2.73 -7.70
N TRP D 60 14.69 -3.43 -8.80
CA TRP D 60 15.66 -4.54 -8.88
C TRP D 60 15.33 -5.66 -7.89
N GLY D 61 14.15 -5.64 -7.28
CA GLY D 61 13.77 -6.66 -6.32
C GLY D 61 12.66 -7.52 -6.86
N ILE D 62 11.96 -7.01 -7.86
CA ILE D 62 10.98 -7.80 -8.60
C ILE D 62 11.46 -8.14 -10.00
N LYS D 63 12.29 -7.29 -10.62
CA LYS D 63 12.88 -7.61 -11.90
C LYS D 63 13.79 -8.84 -11.80
N GLN D 64 14.60 -8.91 -10.74
CA GLN D 64 15.50 -10.04 -10.57
C GLN D 64 14.71 -11.34 -10.40
N LEU D 65 13.65 -11.30 -9.60
CA LEU D 65 12.86 -12.50 -9.37
C LEU D 65 12.11 -12.91 -10.64
N GLN D 66 11.61 -11.93 -11.39
CA GLN D 66 10.97 -12.24 -12.67
C GLN D 66 11.95 -12.89 -13.63
N ALA D 67 13.17 -12.36 -13.70
CA ALA D 67 14.18 -12.95 -14.56
C ALA D 67 14.54 -14.37 -14.12
N ARG D 68 14.64 -14.59 -12.81
CA ARG D 68 14.92 -15.92 -12.30
C ARG D 68 13.83 -16.91 -12.70
N VAL D 69 12.57 -16.52 -12.52
CA VAL D 69 11.46 -17.39 -12.87
C VAL D 69 11.46 -17.67 -14.37
N LEU D 70 11.72 -16.64 -15.18
CA LEU D 70 11.75 -16.83 -16.63
C LEU D 70 12.86 -17.78 -17.04
N ALA D 71 14.05 -17.64 -16.44
CA ALA D 71 15.15 -18.54 -16.78
C ALA D 71 14.84 -19.98 -16.39
N VAL D 72 14.29 -20.17 -15.19
CA VAL D 72 13.94 -21.52 -14.76
C VAL D 72 12.88 -22.12 -15.68
N GLU D 73 11.88 -21.32 -16.05
CA GLU D 73 10.84 -21.82 -16.93
C GLU D 73 11.39 -22.20 -18.30
N ARG D 74 12.28 -21.36 -18.85
CA ARG D 74 12.86 -21.65 -20.15
C ARG D 74 13.68 -22.94 -20.09
N TYR D 75 14.52 -23.08 -19.07
CA TYR D 75 15.32 -24.30 -18.96
C TYR D 75 14.45 -25.53 -18.77
N LEU D 76 13.39 -25.41 -17.95
CA LEU D 76 12.54 -26.57 -17.69
C LEU D 76 11.75 -26.97 -18.92
N ARG D 77 11.25 -25.98 -19.68
CA ARG D 77 10.59 -26.30 -20.95
C ARG D 77 11.56 -26.98 -21.90
N ASP D 78 12.80 -26.49 -21.97
CA ASP D 78 13.77 -27.10 -22.87
C ASP D 78 14.08 -28.53 -22.46
N GLN D 79 14.23 -28.77 -21.16
CA GLN D 79 14.48 -30.12 -20.68
C GLN D 79 13.31 -31.05 -20.93
N GLN D 80 12.08 -30.54 -20.75
CA GLN D 80 10.90 -31.36 -21.05
C GLN D 80 10.83 -31.69 -22.54
N LEU D 81 11.14 -30.72 -23.39
CA LEU D 81 11.16 -30.98 -24.83
C LEU D 81 12.21 -32.02 -25.18
N LEU D 82 13.38 -31.96 -24.52
CA LEU D 82 14.40 -32.98 -24.75
C LEU D 82 13.94 -34.35 -24.28
N GLY D 83 13.27 -34.40 -23.13
CA GLY D 83 12.82 -35.67 -22.58
C GLY D 83 11.61 -36.26 -23.28
N ILE D 84 10.86 -35.44 -24.01
CA ILE D 84 9.74 -35.96 -24.79
C ILE D 84 10.23 -36.96 -25.82
N TRP D 85 11.25 -36.57 -26.59
CA TRP D 85 12.01 -37.54 -27.37
C TRP D 85 12.86 -38.37 -26.42
N GLY D 86 13.25 -39.56 -26.87
CA GLY D 86 14.01 -40.38 -25.94
C GLY D 86 15.49 -40.08 -26.01
N CYS D 87 15.94 -39.16 -25.15
CA CYS D 87 17.35 -38.93 -24.92
C CYS D 87 17.72 -39.12 -23.46
N SER D 88 17.09 -38.38 -22.55
CA SER D 88 17.24 -38.54 -21.10
C SER D 88 18.68 -38.33 -20.64
N GLY D 89 19.56 -37.97 -21.57
CA GLY D 89 20.98 -37.82 -21.26
C GLY D 89 21.53 -36.52 -21.80
N LYS D 90 20.65 -35.70 -22.36
CA LYS D 90 20.98 -34.35 -22.80
C LYS D 90 22.04 -34.34 -23.89
N LEU D 91 23.28 -34.10 -23.48
CA LEU D 91 24.37 -33.85 -24.42
C LEU D 91 24.56 -35.03 -25.36
N ILE D 92 24.48 -34.75 -26.66
CA ILE D 92 24.65 -35.73 -27.73
C ILE D 92 23.56 -36.79 -27.64
N CYS D 93 22.64 -36.77 -28.59
CA CYS D 93 21.56 -37.75 -28.64
C CYS D 93 21.48 -38.38 -30.02
N CYS D 94 21.18 -39.66 -30.04
CA CYS D 94 20.97 -40.41 -31.27
C CYS D 94 19.48 -40.65 -31.44
N THR D 95 19.00 -40.57 -32.68
CA THR D 95 17.57 -40.74 -32.90
C THR D 95 17.31 -41.11 -34.35
N ASN D 96 16.07 -41.54 -34.59
CA ASN D 96 15.53 -41.89 -35.90
C ASN D 96 15.12 -40.64 -36.66
N VAL D 97 14.24 -40.79 -37.65
CA VAL D 97 13.82 -39.70 -38.53
C VAL D 97 15.05 -39.30 -39.35
N PRO D 98 15.38 -40.07 -40.39
CA PRO D 98 16.62 -39.83 -41.13
C PRO D 98 16.62 -38.46 -41.79
N TRP D 99 17.84 -37.98 -42.03
CA TRP D 99 18.06 -36.66 -42.60
C TRP D 99 17.50 -36.59 -44.02
N ASN D 100 16.39 -35.88 -44.20
CA ASN D 100 15.84 -35.68 -45.53
C ASN D 100 16.76 -34.79 -46.35
N SER D 101 16.99 -35.18 -47.60
CA SER D 101 17.91 -34.43 -48.45
C SER D 101 17.41 -33.04 -48.76
N SER D 102 16.11 -32.78 -48.61
CA SER D 102 15.58 -31.45 -48.85
C SER D 102 16.13 -30.45 -47.83
N TRP D 103 16.29 -30.89 -46.58
CA TRP D 103 16.77 -29.98 -45.54
C TRP D 103 18.20 -29.52 -45.85
N SER D 104 19.06 -30.41 -46.33
CA SER D 104 20.41 -30.05 -46.70
C SER D 104 20.92 -31.03 -47.74
N ASN D 105 21.67 -30.52 -48.73
CA ASN D 105 22.22 -31.33 -49.82
C ASN D 105 23.71 -31.03 -49.90
N ARG D 106 24.50 -31.77 -49.13
CA ARG D 106 25.93 -31.51 -49.04
C ARG D 106 26.61 -32.63 -48.25
N ASN D 107 27.93 -32.67 -48.36
CA ASN D 107 28.72 -33.73 -47.75
C ASN D 107 28.78 -33.57 -46.23
N LEU D 108 28.96 -34.70 -45.54
CA LEU D 108 28.98 -34.69 -44.08
C LEU D 108 30.23 -34.00 -43.54
N SER D 109 31.40 -34.35 -44.11
CA SER D 109 32.64 -33.74 -43.65
C SER D 109 32.66 -32.23 -43.87
N GLU D 110 32.03 -31.75 -44.94
CA GLU D 110 31.89 -30.31 -45.12
C GLU D 110 31.08 -29.69 -44.00
N ILE D 111 30.01 -30.36 -43.56
CA ILE D 111 29.21 -29.85 -42.45
C ILE D 111 30.02 -29.83 -41.17
N TRP D 112 30.77 -30.89 -40.89
CA TRP D 112 31.43 -31.05 -39.60
C TRP D 112 32.82 -30.44 -39.53
N ASP D 113 33.36 -29.94 -40.63
CA ASP D 113 34.75 -29.51 -40.65
C ASP D 113 34.95 -28.01 -40.83
N ASN D 114 34.01 -27.29 -41.45
CA ASN D 114 34.23 -25.88 -41.74
C ASN D 114 33.21 -24.95 -41.11
N MET D 115 31.94 -25.35 -41.03
CA MET D 115 30.93 -24.46 -40.45
C MET D 115 31.18 -24.21 -38.97
N THR D 116 30.73 -23.05 -38.52
CA THR D 116 30.48 -22.78 -37.12
C THR D 116 28.99 -22.97 -36.86
N TRP D 117 28.65 -23.15 -35.57
CA TRP D 117 27.28 -23.52 -35.24
C TRP D 117 26.29 -22.42 -35.61
N LEU D 118 26.69 -21.15 -35.45
CA LEU D 118 25.80 -20.06 -35.81
C LEU D 118 25.47 -20.08 -37.30
N GLN D 119 26.46 -20.33 -38.14
CA GLN D 119 26.20 -20.44 -39.58
C GLN D 119 25.27 -21.61 -39.87
N TRP D 120 25.44 -22.72 -39.15
CA TRP D 120 24.59 -23.89 -39.39
C TRP D 120 23.14 -23.61 -38.99
N ASP D 121 22.94 -22.87 -37.90
CA ASP D 121 21.56 -22.58 -37.47
C ASP D 121 20.80 -21.79 -38.51
N LYS D 122 21.49 -21.08 -39.39
CA LYS D 122 20.81 -20.34 -40.46
C LYS D 122 20.10 -21.29 -41.41
N GLU D 123 20.71 -22.43 -41.72
CA GLU D 123 20.13 -23.37 -42.67
C GLU D 123 18.87 -24.05 -42.15
N ILE D 124 18.69 -24.11 -40.82
CA ILE D 124 17.51 -24.77 -40.26
C ILE D 124 16.72 -23.76 -39.43
N SER D 125 16.76 -22.49 -39.85
CA SER D 125 15.98 -21.48 -39.14
C SER D 125 14.48 -21.74 -39.26
N ASN D 126 14.05 -22.37 -40.35
CA ASN D 126 12.64 -22.61 -40.60
C ASN D 126 12.26 -24.08 -40.70
N TYR D 127 13.23 -25.00 -40.70
CA TYR D 127 12.96 -26.42 -40.82
C TYR D 127 12.85 -27.12 -39.47
N THR D 128 12.93 -26.38 -38.36
CA THR D 128 12.97 -27.01 -37.04
C THR D 128 11.60 -27.52 -36.59
N GLN D 129 10.52 -26.86 -37.00
CA GLN D 129 9.20 -27.22 -36.50
C GLN D 129 8.80 -28.62 -36.90
N ILE D 130 9.08 -29.01 -38.15
CA ILE D 130 8.73 -30.35 -38.61
C ILE D 130 9.59 -31.39 -37.91
N ILE D 131 10.87 -31.08 -37.68
CA ILE D 131 11.76 -32.03 -37.02
C ILE D 131 11.33 -32.26 -35.59
N TYR D 132 10.90 -31.21 -34.90
CA TYR D 132 10.51 -31.33 -33.50
C TYR D 132 9.24 -32.17 -33.31
N GLY D 133 8.52 -32.46 -34.39
CA GLY D 133 7.38 -33.36 -34.31
C GLY D 133 7.71 -34.72 -34.88
N LEU D 134 8.61 -34.76 -35.87
CA LEU D 134 9.06 -36.03 -36.41
C LEU D 134 9.78 -36.85 -35.33
N LEU D 135 10.65 -36.20 -34.56
CA LEU D 135 11.32 -36.89 -33.47
C LEU D 135 10.33 -37.37 -32.43
N GLU D 136 9.30 -36.57 -32.16
CA GLU D 136 8.27 -36.97 -31.20
C GLU D 136 7.56 -38.23 -31.66
N GLU D 137 7.11 -38.25 -32.93
CA GLU D 137 6.37 -39.42 -33.38
C GLU D 137 7.27 -40.65 -33.47
N SER D 138 8.55 -40.46 -33.82
CA SER D 138 9.49 -41.58 -33.79
C SER D 138 9.64 -42.13 -32.38
N GLN D 139 9.74 -41.25 -31.38
CA GLN D 139 9.85 -41.71 -30.00
C GLN D 139 8.59 -42.44 -29.56
N ASN D 140 7.42 -41.94 -29.95
CA ASN D 140 6.18 -42.63 -29.61
C ASN D 140 6.13 -44.01 -30.25
N GLN D 141 6.54 -44.12 -31.50
CA GLN D 141 6.57 -45.43 -32.16
C GLN D 141 7.51 -46.38 -31.43
N GLN D 142 8.70 -45.91 -31.06
CA GLN D 142 9.65 -46.78 -30.36
C GLN D 142 9.10 -47.22 -29.01
N GLU D 143 8.47 -46.31 -28.28
CA GLU D 143 7.89 -46.66 -26.98
C GLU D 143 6.78 -47.69 -27.15
N LYS D 144 5.94 -47.53 -28.17
CA LYS D 144 4.86 -48.48 -28.41
C LYS D 144 5.41 -49.86 -28.76
N ASN D 145 6.45 -49.90 -29.60
CA ASN D 145 7.06 -51.19 -29.93
C ASN D 145 7.67 -51.85 -28.69
N GLU D 146 8.33 -51.06 -27.84
CA GLU D 146 8.90 -51.61 -26.61
C GLU D 146 7.80 -52.19 -25.73
N GLN D 147 6.70 -51.44 -25.57
CA GLN D 147 5.61 -51.93 -24.73
C GLN D 147 4.98 -53.19 -25.29
N ASP D 148 4.77 -53.24 -26.61
CA ASP D 148 4.19 -54.44 -27.22
C ASP D 148 5.12 -55.63 -27.05
N LEU D 149 6.42 -55.43 -27.26
CA LEU D 149 7.37 -56.53 -27.12
C LEU D 149 7.41 -57.05 -25.70
N LEU D 150 7.36 -56.15 -24.71
CA LEU D 150 7.36 -56.60 -23.32
C LEU D 150 6.05 -57.27 -22.95
N ALA D 151 4.93 -56.81 -23.51
CA ALA D 151 3.64 -57.40 -23.19
C ALA D 151 3.48 -58.79 -23.77
N LEU D 152 3.90 -58.99 -25.02
CA LEU D 152 3.72 -60.29 -25.65
C LEU D 152 4.56 -61.38 -25.00
N ASP D 153 5.62 -61.02 -24.29
CA ASP D 153 6.47 -62.01 -23.64
C ASP D 153 5.79 -62.58 -22.40
N ALA E 1 38.99 -54.46 -5.45
CA ALA E 1 40.01 -54.67 -4.42
C ALA E 1 40.90 -53.44 -4.30
N GLU E 2 42.08 -53.50 -4.92
CA GLU E 2 42.98 -52.35 -4.91
C GLU E 2 42.37 -51.17 -5.63
N ASN E 3 41.66 -51.42 -6.73
CA ASN E 3 41.03 -50.34 -7.48
C ASN E 3 39.79 -49.84 -6.76
N LEU E 4 39.72 -48.52 -6.59
CA LEU E 4 38.54 -47.86 -6.02
C LEU E 4 38.09 -46.78 -6.99
N TRP E 5 36.78 -46.69 -7.19
CA TRP E 5 36.20 -45.75 -8.14
C TRP E 5 35.21 -44.84 -7.42
N VAL E 6 35.22 -43.56 -7.81
CA VAL E 6 34.28 -42.60 -7.24
C VAL E 6 32.87 -42.94 -7.70
N THR E 7 31.90 -42.63 -6.85
CA THR E 7 30.48 -42.79 -7.16
C THR E 7 29.71 -41.64 -6.55
N VAL E 8 28.67 -41.19 -7.23
CA VAL E 8 27.87 -40.07 -6.76
C VAL E 8 26.60 -40.60 -6.12
N TYR E 9 26.33 -40.14 -4.90
CA TYR E 9 25.11 -40.46 -4.16
C TYR E 9 24.25 -39.22 -4.08
N TYR E 10 22.98 -39.36 -4.46
CA TYR E 10 22.01 -38.28 -4.37
C TYR E 10 21.07 -38.53 -3.21
N GLY E 11 20.56 -37.44 -2.64
CA GLY E 11 19.70 -37.55 -1.47
C GLY E 11 20.43 -38.13 -0.28
N VAL E 12 21.37 -37.37 0.26
CA VAL E 12 22.28 -37.87 1.29
C VAL E 12 22.02 -37.10 2.58
N PRO E 13 22.18 -37.72 3.76
CA PRO E 13 22.00 -36.95 5.01
C PRO E 13 23.22 -36.14 5.43
N VAL E 14 23.35 -34.95 4.83
CA VAL E 14 24.40 -34.02 5.20
C VAL E 14 23.85 -32.60 5.06
N TRP E 15 24.45 -31.67 5.78
CA TRP E 15 23.94 -30.31 5.85
C TRP E 15 25.08 -29.34 6.14
N LYS E 16 24.82 -28.06 5.95
CA LYS E 16 25.71 -27.00 6.39
C LYS E 16 24.88 -25.84 6.92
N ASP E 17 25.46 -25.11 7.87
CA ASP E 17 24.78 -23.94 8.40
C ASP E 17 24.62 -22.88 7.32
N ALA E 18 23.42 -22.32 7.23
CA ALA E 18 23.13 -21.30 6.23
C ALA E 18 21.93 -20.50 6.70
N GLU E 19 21.67 -19.39 6.00
CA GLU E 19 20.57 -18.49 6.33
C GLU E 19 19.59 -18.44 5.17
N THR E 20 18.34 -18.18 5.50
CA THR E 20 17.28 -18.10 4.50
C THR E 20 16.10 -17.34 5.10
N THR E 21 15.01 -17.26 4.35
CA THR E 21 13.80 -16.58 4.77
C THR E 21 12.73 -17.62 5.05
N LEU E 22 12.22 -17.63 6.28
CA LEU E 22 11.17 -18.56 6.69
C LEU E 22 9.82 -17.90 6.45
N PHE E 23 8.76 -18.50 6.97
CA PHE E 23 7.43 -17.92 6.80
C PHE E 23 6.58 -18.29 8.02
N CYS E 24 5.26 -18.13 7.89
CA CYS E 24 4.31 -18.31 8.97
C CYS E 24 3.87 -19.77 9.11
N ALA E 25 3.33 -20.08 10.29
CA ALA E 25 2.46 -21.23 10.47
C ALA E 25 1.62 -20.94 11.71
N SER E 26 0.38 -20.50 11.50
CA SER E 26 -0.50 -20.08 12.57
C SER E 26 -1.67 -21.04 12.68
N ASP E 27 -2.04 -21.38 13.92
CA ASP E 27 -3.21 -22.22 14.15
C ASP E 27 -4.45 -21.54 13.61
N ALA E 28 -5.24 -22.29 12.85
CA ALA E 28 -6.38 -21.71 12.15
C ALA E 28 -7.46 -21.24 13.12
N LYS E 29 -7.87 -22.10 14.04
CA LYS E 29 -9.07 -21.89 14.85
C LYS E 29 -10.28 -21.59 13.98
N ALA E 30 -10.25 -22.12 12.75
CA ALA E 30 -11.23 -21.91 11.70
C ALA E 30 -11.13 -20.50 11.14
N TYR E 31 -10.32 -19.64 11.79
CA TYR E 31 -10.03 -18.28 11.38
C TYR E 31 -11.23 -17.54 10.81
N GLU E 32 -12.38 -17.68 11.44
CA GLU E 32 -13.60 -17.01 10.99
C GLU E 32 -14.11 -15.98 11.98
N THR E 33 -14.30 -16.37 13.24
CA THR E 33 -14.74 -15.43 14.26
C THR E 33 -13.55 -14.67 14.83
N GLU E 34 -12.76 -14.05 13.95
CA GLU E 34 -11.58 -13.29 14.33
C GLU E 34 -11.76 -11.84 13.93
N LYS E 35 -11.45 -10.93 14.86
CA LYS E 35 -11.55 -9.50 14.62
C LYS E 35 -10.28 -8.91 14.03
N HIS E 36 -9.48 -9.72 13.33
CA HIS E 36 -8.21 -9.31 12.74
C HIS E 36 -7.20 -8.96 13.83
N ASN E 37 -5.96 -8.74 13.44
CA ASN E 37 -4.93 -8.33 14.40
C ASN E 37 -3.84 -7.56 13.68
N VAL E 38 -3.09 -6.78 14.45
CA VAL E 38 -1.96 -6.04 13.90
C VAL E 38 -0.95 -6.99 13.25
N TRP E 39 -0.83 -8.19 13.80
CA TRP E 39 -0.01 -9.26 13.22
C TRP E 39 -0.90 -10.18 12.39
N ALA E 40 -1.48 -9.60 11.34
CA ALA E 40 -2.51 -10.26 10.54
C ALA E 40 -2.02 -11.60 10.01
N THR E 41 -2.59 -12.69 10.52
CA THR E 41 -2.16 -14.03 10.17
C THR E 41 -2.98 -14.64 9.05
N HIS E 42 -3.91 -13.89 8.45
CA HIS E 42 -4.63 -14.40 7.30
C HIS E 42 -3.70 -14.66 6.13
N ALA E 43 -2.62 -13.88 6.01
CA ALA E 43 -1.61 -14.12 5.00
C ALA E 43 -0.68 -15.27 5.38
N CYS E 44 -0.71 -15.73 6.64
CA CYS E 44 0.11 -16.84 7.05
C CYS E 44 -0.51 -18.16 6.61
N VAL E 45 0.32 -19.06 6.10
CA VAL E 45 -0.13 -20.36 5.61
C VAL E 45 -0.55 -21.23 6.81
N PRO E 46 -1.48 -22.15 6.64
CA PRO E 46 -1.86 -23.02 7.75
C PRO E 46 -0.73 -23.94 8.16
N THR E 47 -0.69 -24.26 9.45
CA THR E 47 0.33 -25.14 9.99
C THR E 47 -0.07 -26.60 9.82
N ASP E 48 0.90 -27.48 10.06
CA ASP E 48 0.61 -28.90 10.07
C ASP E 48 -0.20 -29.26 11.31
N PRO E 49 -1.35 -29.92 11.16
CA PRO E 49 -2.13 -30.31 12.35
C PRO E 49 -1.37 -31.20 13.31
N ASN E 50 -0.51 -32.08 12.79
CA ASN E 50 0.29 -32.99 13.61
C ASN E 50 1.74 -32.90 13.16
N PRO E 51 2.45 -31.83 13.55
CA PRO E 51 3.86 -31.72 13.18
C PRO E 51 4.69 -32.84 13.79
N GLN E 52 5.70 -33.29 13.06
CA GLN E 52 6.56 -34.37 13.51
C GLN E 52 7.87 -33.81 14.05
N GLU E 53 8.42 -34.48 15.05
CA GLU E 53 9.73 -34.15 15.62
C GLU E 53 10.52 -35.45 15.65
N ILE E 54 11.18 -35.78 14.54
CA ILE E 54 11.99 -36.98 14.49
C ILE E 54 13.29 -36.75 15.24
N HIS E 55 13.68 -37.74 16.04
CA HIS E 55 14.83 -37.63 16.91
C HIS E 55 16.07 -38.12 16.17
N LEU E 56 17.03 -37.22 15.96
CA LEU E 56 18.33 -37.63 15.44
C LEU E 56 19.11 -38.35 16.53
N GLU E 57 20.17 -39.03 16.10
CA GLU E 57 20.98 -39.81 17.02
C GLU E 57 22.42 -39.82 16.52
N ASN E 58 23.36 -40.02 17.44
CA ASN E 58 24.77 -40.20 17.09
C ASN E 58 25.35 -38.92 16.49
N VAL E 59 24.69 -37.79 16.75
CA VAL E 59 24.99 -36.52 16.08
C VAL E 59 25.22 -35.46 17.13
N THR E 60 26.30 -34.68 16.95
CA THR E 60 26.60 -33.53 17.79
C THR E 60 26.73 -32.31 16.90
N GLU E 61 25.82 -31.36 17.05
CA GLU E 61 25.78 -30.15 16.24
C GLU E 61 26.12 -28.94 17.11
N GLU E 62 26.92 -28.04 16.55
CA GLU E 62 27.39 -26.86 17.27
C GLU E 62 26.37 -25.74 17.14
N PHE E 63 25.78 -25.33 18.26
CA PHE E 63 24.83 -24.24 18.29
C PHE E 63 25.50 -22.96 18.82
N ASN E 64 25.05 -21.83 18.28
CA ASN E 64 25.52 -20.52 18.72
C ASN E 64 24.32 -19.59 18.73
N MET E 65 23.66 -19.47 19.89
CA MET E 65 22.43 -18.71 19.97
C MET E 65 22.65 -17.21 19.82
N TRP E 66 23.86 -16.72 20.05
CA TRP E 66 24.11 -15.29 20.01
C TRP E 66 24.34 -14.76 18.59
N LYS E 67 24.60 -15.63 17.63
CA LYS E 67 24.72 -15.24 16.23
C LYS E 67 23.67 -15.91 15.37
N ASN E 68 22.50 -16.16 15.94
CA ASN E 68 21.42 -16.79 15.20
C ASN E 68 20.83 -15.81 14.19
N ASN E 69 20.69 -16.26 12.94
CA ASN E 69 20.10 -15.41 11.92
C ASN E 69 18.59 -15.29 12.08
N MET E 70 17.94 -16.33 12.62
CA MET E 70 16.49 -16.32 12.76
C MET E 70 16.02 -15.20 13.67
N VAL E 71 16.82 -14.82 14.67
CA VAL E 71 16.44 -13.73 15.55
C VAL E 71 16.36 -12.42 14.78
N GLU E 72 17.41 -12.13 14.01
CA GLU E 72 17.42 -10.92 13.20
C GLU E 72 16.36 -10.94 12.11
N GLN E 73 16.01 -12.12 11.60
CA GLN E 73 14.92 -12.20 10.64
C GLN E 73 13.58 -11.91 11.30
N MET E 74 13.36 -12.47 12.48
CA MET E 74 12.10 -12.25 13.19
C MET E 74 11.93 -10.79 13.57
N HIS E 75 13.02 -10.12 13.98
CA HIS E 75 12.90 -8.71 14.34
C HIS E 75 12.44 -7.87 13.15
N THR E 76 13.05 -8.07 11.99
CA THR E 76 12.64 -7.32 10.81
C THR E 76 11.23 -7.68 10.38
N ASP E 77 10.85 -8.96 10.47
CA ASP E 77 9.49 -9.35 10.13
C ASP E 77 8.48 -8.67 11.04
N ILE E 78 8.76 -8.62 12.34
CA ILE E 78 7.84 -7.97 13.28
C ILE E 78 7.74 -6.48 12.98
N ILE E 79 8.88 -5.83 12.73
CA ILE E 79 8.86 -4.40 12.44
C ILE E 79 8.06 -4.11 11.17
N SER E 80 8.30 -4.92 10.13
CA SER E 80 7.59 -4.73 8.88
C SER E 80 6.08 -4.95 9.04
N LEU E 81 5.71 -5.98 9.79
CA LEU E 81 4.30 -6.22 10.08
C LEU E 81 3.67 -5.04 10.80
N TRP E 82 4.38 -4.53 11.81
CA TRP E 82 3.87 -3.43 12.62
C TRP E 82 3.68 -2.18 11.79
N ASP E 83 4.63 -1.89 10.88
CA ASP E 83 4.50 -0.72 10.03
C ASP E 83 3.43 -0.90 8.96
N GLN E 84 3.29 -2.11 8.41
CA GLN E 84 2.28 -2.35 7.40
C GLN E 84 0.87 -2.23 7.98
N SER E 85 0.66 -2.74 9.19
CA SER E 85 -0.66 -2.73 9.78
C SER E 85 -1.12 -1.33 10.18
N LEU E 86 -0.19 -0.38 10.34
CA LEU E 86 -0.54 0.97 10.73
C LEU E 86 -0.83 1.89 9.55
N LYS E 87 -0.60 1.43 8.31
CA LYS E 87 -0.84 2.29 7.16
C LYS E 87 -2.31 2.56 6.91
N PRO E 88 -3.20 1.54 6.76
CA PRO E 88 -4.58 1.79 6.31
C PRO E 88 -5.55 2.13 7.44
N CYS E 89 -5.25 3.16 8.22
CA CYS E 89 -6.22 3.75 9.14
C CYS E 89 -5.81 5.19 9.40
N VAL E 90 -6.45 5.82 10.39
CA VAL E 90 -6.37 7.27 10.56
C VAL E 90 -4.93 7.70 10.78
N LYS E 91 -4.58 8.86 10.22
CA LYS E 91 -3.24 9.41 10.12
C LYS E 91 -3.21 10.81 10.70
N LEU E 92 -3.68 10.95 11.94
CA LEU E 92 -4.05 12.27 12.46
C LEU E 92 -2.86 13.22 12.55
N THR E 93 -2.77 14.12 11.57
CA THR E 93 -1.92 15.30 11.62
C THR E 93 -2.60 16.46 12.35
N PRO E 94 -3.85 16.85 12.00
CA PRO E 94 -4.41 18.03 12.65
C PRO E 94 -4.95 17.74 14.04
N LEU E 95 -4.03 17.27 14.88
CA LEU E 95 -4.21 17.18 16.32
C LEU E 95 -3.13 17.94 17.09
N CYS E 96 -2.06 18.38 16.42
CA CYS E 96 -0.99 19.13 17.05
C CYS E 96 -1.38 20.51 17.56
N VAL E 97 -2.67 20.85 17.47
CA VAL E 97 -3.12 22.15 17.94
C VAL E 97 -2.70 22.37 19.39
N THR E 98 -2.58 23.63 19.79
CA THR E 98 -2.25 23.91 21.18
C THR E 98 -3.39 23.46 22.09
N LEU E 99 -3.04 23.08 23.30
CA LEU E 99 -4.00 22.53 24.26
C LEU E 99 -4.16 23.49 25.42
N GLN E 100 -5.37 24.01 25.61
CA GLN E 100 -5.66 24.85 26.77
C GLN E 100 -6.03 23.94 27.94
N CYS E 101 -5.06 23.14 28.33
CA CYS E 101 -5.29 22.05 29.27
C CYS E 101 -5.27 22.53 30.72
N THR E 102 -6.04 21.83 31.54
CA THR E 102 -6.04 22.06 32.98
C THR E 102 -6.10 20.73 33.70
N ASN E 103 -5.75 20.80 34.99
CA ASN E 103 -5.34 19.66 35.78
C ASN E 103 -6.52 19.14 36.59
N VAL E 104 -6.71 17.82 36.61
CA VAL E 104 -8.00 17.22 36.95
C VAL E 104 -8.04 16.95 38.45
N THR E 105 -9.17 17.27 39.07
CA THR E 105 -9.31 17.17 40.52
C THR E 105 -10.70 16.64 40.92
N ASN E 106 -11.17 15.60 40.24
CA ASN E 106 -12.42 14.95 40.61
C ASN E 106 -12.12 13.55 41.12
N ASN E 107 -12.57 13.26 42.35
CA ASN E 107 -12.41 11.96 42.99
C ASN E 107 -11.00 11.40 42.78
N ILE E 108 -10.02 12.27 42.97
CA ILE E 108 -8.63 11.92 42.70
C ILE E 108 -7.98 11.42 43.97
N THR E 109 -6.88 10.69 43.81
CA THR E 109 -6.12 10.13 44.91
C THR E 109 -4.75 10.78 44.96
N ASP E 110 -4.18 10.85 46.17
CA ASP E 110 -2.91 11.56 46.35
C ASP E 110 -1.80 10.93 45.53
N ASP E 111 -1.81 9.61 45.36
CA ASP E 111 -0.77 8.95 44.58
C ASP E 111 -0.83 9.38 43.11
N MET E 112 -2.02 9.49 42.55
CA MET E 112 -2.20 9.91 41.16
C MET E 112 -2.41 11.41 41.05
N ARG E 113 -1.53 12.19 41.66
CA ARG E 113 -1.59 13.64 41.53
C ARG E 113 -1.07 14.05 40.16
N GLY E 114 -1.69 15.09 39.60
CA GLY E 114 -1.39 15.48 38.23
C GLY E 114 -1.79 14.39 37.27
N GLU E 115 -0.82 13.81 36.57
CA GLU E 115 -1.06 12.69 35.67
C GLU E 115 -2.11 13.02 34.63
N LEU E 116 -3.36 12.67 34.89
CA LEU E 116 -4.43 12.98 33.96
C LEU E 116 -4.63 14.49 33.86
N LYS E 117 -4.86 14.97 32.64
CA LYS E 117 -5.05 16.38 32.37
C LYS E 117 -6.28 16.54 31.48
N ASN E 118 -7.07 17.58 31.76
CA ASN E 118 -8.41 17.72 31.20
C ASN E 118 -8.35 18.76 30.10
N CYS E 119 -7.91 18.33 28.93
CA CYS E 119 -7.46 19.20 27.85
C CYS E 119 -8.63 19.62 26.99
N SER E 120 -8.62 20.88 26.55
CA SER E 120 -9.62 21.40 25.63
C SER E 120 -8.93 22.09 24.46
N PHE E 121 -9.27 21.67 23.24
CA PHE E 121 -8.64 22.23 22.06
C PHE E 121 -9.63 22.34 20.91
N ASN E 122 -9.32 23.24 19.98
CA ASN E 122 -10.13 23.41 18.77
C ASN E 122 -9.78 22.34 17.75
N MET E 123 -10.74 22.05 16.87
CA MET E 123 -10.60 20.91 15.96
C MET E 123 -11.49 21.11 14.75
N THR E 124 -10.97 20.80 13.57
CA THR E 124 -11.76 20.88 12.36
C THR E 124 -12.89 19.87 12.38
N THR E 125 -14.08 20.29 11.98
CA THR E 125 -15.23 19.41 11.92
C THR E 125 -15.21 18.63 10.61
N GLU E 126 -16.31 17.94 10.28
CA GLU E 126 -16.35 17.18 9.05
C GLU E 126 -16.24 18.11 7.83
N LEU E 127 -16.96 19.23 7.84
CA LEU E 127 -16.72 20.28 6.87
C LEU E 127 -15.35 20.89 7.14
N ARG E 128 -14.61 21.19 6.09
CA ARG E 128 -13.28 21.74 6.37
C ARG E 128 -13.36 23.27 6.35
N ASP E 129 -14.34 23.77 7.10
CA ASP E 129 -14.54 25.20 7.23
C ASP E 129 -14.95 25.63 8.64
N LYS E 130 -15.02 24.72 9.61
CA LYS E 130 -15.61 25.05 10.90
C LYS E 130 -14.80 24.43 12.02
N LYS E 131 -14.67 25.17 13.12
CA LYS E 131 -13.93 24.74 14.29
C LYS E 131 -14.90 24.36 15.40
N GLN E 132 -14.72 23.17 15.96
CA GLN E 132 -15.45 22.76 17.15
C GLN E 132 -14.67 23.23 18.37
N LYS E 133 -15.03 22.72 19.54
CA LYS E 133 -14.24 22.90 20.77
C LYS E 133 -14.34 21.58 21.52
N VAL E 134 -13.39 20.69 21.28
CA VAL E 134 -13.46 19.34 21.83
C VAL E 134 -12.60 19.28 23.08
N TYR E 135 -12.86 18.27 23.89
CA TYR E 135 -12.13 18.06 25.13
C TYR E 135 -11.78 16.58 25.26
N SER E 136 -10.72 16.31 26.01
CA SER E 136 -10.22 14.94 26.16
C SER E 136 -9.41 14.85 27.45
N LEU E 137 -8.97 13.63 27.75
CA LEU E 137 -8.11 13.38 28.90
C LEU E 137 -6.76 12.89 28.40
N PHE E 138 -5.69 13.56 28.81
CA PHE E 138 -4.34 13.23 28.38
C PHE E 138 -3.45 13.04 29.59
N TYR E 139 -2.76 11.90 29.65
CA TYR E 139 -1.85 11.65 30.75
C TYR E 139 -0.68 12.62 30.70
N ARG E 140 -0.05 12.83 31.85
CA ARG E 140 1.06 13.76 31.93
C ARG E 140 2.28 13.30 31.14
N LEU E 141 2.31 12.04 30.70
CA LEU E 141 3.40 11.54 29.90
C LEU E 141 3.27 11.87 28.42
N ASP E 142 2.13 12.39 27.99
CA ASP E 142 1.88 12.67 26.58
C ASP E 142 1.75 14.15 26.27
N VAL E 143 1.86 15.02 27.28
CA VAL E 143 1.72 16.46 27.08
C VAL E 143 2.92 17.15 27.71
N VAL E 144 3.47 18.13 27.00
CA VAL E 144 4.60 18.92 27.49
C VAL E 144 4.21 20.39 27.42
N GLN E 145 4.87 21.20 28.26
CA GLN E 145 4.51 22.60 28.42
C GLN E 145 5.25 23.45 27.41
N ILE E 146 4.50 24.22 26.61
CA ILE E 146 5.07 25.22 25.73
C ILE E 146 4.92 26.58 26.40
N ASN E 147 5.63 27.57 25.85
CA ASN E 147 5.71 28.90 26.46
C ASN E 147 6.18 28.79 27.91
N GLU E 148 7.21 27.97 28.11
CA GLU E 148 7.74 27.69 29.44
C GLU E 148 8.28 28.95 30.12
N ASN E 158 -4.77 28.07 33.42
CA ASN E 158 -4.65 27.25 32.22
C ASN E 158 -3.35 27.57 31.47
N LYS E 159 -2.44 26.59 31.42
CA LYS E 159 -1.18 26.74 30.73
C LYS E 159 -1.19 25.89 29.46
N GLU E 160 -0.72 26.48 28.36
CA GLU E 160 -0.81 25.81 27.06
C GLU E 160 0.13 24.63 27.01
N TYR E 161 -0.42 23.45 26.76
CA TYR E 161 0.33 22.22 26.60
C TYR E 161 0.33 21.81 25.13
N ARG E 162 1.12 20.78 24.81
CA ARG E 162 1.28 20.34 23.43
C ARG E 162 1.63 18.86 23.44
N LEU E 163 1.17 18.14 22.42
CA LEU E 163 1.46 16.73 22.31
C LEU E 163 2.97 16.50 22.27
N ILE E 164 3.41 15.43 22.91
CA ILE E 164 4.84 15.24 23.14
C ILE E 164 5.61 15.03 21.84
N ASN E 165 5.00 14.37 20.86
CA ASN E 165 5.69 14.01 19.63
C ASN E 165 5.48 15.01 18.51
N CYS E 166 4.95 16.19 18.82
CA CYS E 166 4.70 17.17 17.76
C CYS E 166 5.96 17.77 17.16
N ASN E 167 7.16 17.42 17.61
CA ASN E 167 8.38 17.92 16.98
C ASN E 167 9.28 16.82 16.47
N THR E 168 8.85 15.56 16.53
CA THR E 168 9.60 14.43 16.01
C THR E 168 8.95 13.80 14.79
N SER E 169 7.67 13.49 14.87
CA SER E 169 6.96 12.90 13.75
C SER E 169 5.47 13.17 13.91
N ALA E 170 4.66 12.54 13.07
CA ALA E 170 3.21 12.70 13.08
C ALA E 170 2.57 11.44 13.64
N CYS E 171 1.62 11.64 14.56
CA CYS E 171 0.94 10.50 15.18
C CYS E 171 0.18 9.71 14.14
N THR E 172 0.22 8.39 14.28
CA THR E 172 -0.58 7.49 13.45
C THR E 172 -1.40 6.63 14.41
N GLN E 173 -2.64 7.04 14.65
CA GLN E 173 -3.48 6.31 15.59
C GLN E 173 -3.66 4.87 15.14
N ALA E 174 -3.55 3.94 16.09
CA ALA E 174 -3.72 2.54 15.80
C ALA E 174 -5.11 2.28 15.23
N CYS E 175 -5.18 1.39 14.25
CA CYS E 175 -6.47 1.03 13.67
C CYS E 175 -7.35 0.43 14.77
N PRO E 176 -8.53 0.99 15.03
CA PRO E 176 -9.31 0.53 16.19
C PRO E 176 -9.74 -0.93 16.11
N LYS E 177 -10.00 -1.44 14.90
CA LYS E 177 -10.51 -2.80 14.78
C LYS E 177 -9.44 -3.84 15.09
N VAL E 178 -8.20 -3.61 14.62
CA VAL E 178 -7.14 -4.56 14.86
C VAL E 178 -6.75 -4.57 16.34
N SER E 179 -6.16 -5.67 16.77
CA SER E 179 -5.78 -5.87 18.16
C SER E 179 -4.33 -6.32 18.24
N PHE E 180 -3.69 -6.02 19.37
CA PHE E 180 -2.27 -6.28 19.57
C PHE E 180 -2.02 -7.55 20.37
N GLU E 181 -3.03 -8.38 20.58
CA GLU E 181 -2.82 -9.60 21.35
C GLU E 181 -1.87 -10.52 20.60
N PRO E 182 -0.86 -11.08 21.26
CA PRO E 182 0.12 -11.92 20.57
C PRO E 182 -0.39 -13.35 20.47
N ILE E 183 -0.49 -13.85 19.24
CA ILE E 183 -0.83 -15.26 19.00
C ILE E 183 0.43 -15.95 18.53
N PRO E 184 0.64 -17.22 18.88
CA PRO E 184 1.86 -17.92 18.46
C PRO E 184 1.97 -17.99 16.94
N ILE E 185 3.19 -17.81 16.45
CA ILE E 185 3.49 -17.91 15.04
C ILE E 185 4.67 -18.85 14.87
N HIS E 186 4.47 -19.94 14.13
CA HIS E 186 5.51 -20.92 13.90
C HIS E 186 6.29 -20.56 12.64
N TYR E 187 7.61 -20.42 12.78
CA TYR E 187 8.48 -20.12 11.66
C TYR E 187 8.94 -21.42 11.02
N CYS E 188 8.54 -21.64 9.76
CA CYS E 188 8.84 -22.87 9.06
C CYS E 188 9.82 -22.62 7.94
N ALA E 189 10.91 -23.39 7.93
CA ALA E 189 11.91 -23.27 6.88
C ALA E 189 11.33 -23.74 5.55
N PRO E 190 11.73 -23.12 4.44
CA PRO E 190 11.20 -23.52 3.13
C PRO E 190 11.70 -24.88 2.70
N ALA E 191 11.34 -25.29 1.48
CA ALA E 191 11.81 -26.56 0.96
C ALA E 191 13.33 -26.54 0.83
N GLY E 192 13.95 -27.69 1.08
CA GLY E 192 15.39 -27.80 1.01
C GLY E 192 16.13 -27.28 2.22
N PHE E 193 15.43 -27.03 3.33
CA PHE E 193 16.05 -26.57 4.56
C PHE E 193 15.47 -27.36 5.73
N ALA E 194 16.22 -27.42 6.81
CA ALA E 194 15.79 -28.12 8.02
C ALA E 194 15.96 -27.23 9.22
N ILE E 195 15.11 -27.44 10.22
CA ILE E 195 15.14 -26.68 11.46
C ILE E 195 15.63 -27.62 12.56
N LEU E 196 16.92 -27.59 12.82
CA LEU E 196 17.47 -28.33 13.94
C LEU E 196 17.04 -27.69 15.25
N LYS E 197 16.69 -28.53 16.23
CA LYS E 197 16.23 -28.07 17.53
C LYS E 197 16.99 -28.85 18.60
N CYS E 198 17.77 -28.13 19.42
CA CYS E 198 18.56 -28.78 20.46
C CYS E 198 17.66 -29.16 21.62
N LYS E 199 17.61 -30.46 21.93
CA LYS E 199 16.78 -30.97 23.01
C LYS E 199 17.54 -31.16 24.31
N ASP E 200 18.81 -30.74 24.37
CA ASP E 200 19.60 -30.93 25.58
C ASP E 200 19.12 -30.02 26.69
N LYS E 201 18.94 -30.58 27.89
CA LYS E 201 18.51 -29.78 29.03
C LYS E 201 19.64 -28.87 29.51
N LYS E 202 20.87 -29.40 29.60
CA LYS E 202 22.02 -28.62 30.03
C LYS E 202 22.56 -27.86 28.82
N PHE E 203 21.89 -26.76 28.49
CA PHE E 203 22.22 -25.95 27.33
C PHE E 203 22.32 -24.49 27.75
N ASN E 204 23.31 -23.79 27.20
CA ASN E 204 23.49 -22.38 27.51
C ASN E 204 23.67 -21.49 26.28
N GLY E 205 23.68 -22.04 25.08
CA GLY E 205 23.96 -21.24 23.90
C GLY E 205 25.12 -21.76 23.08
N THR E 206 26.23 -21.04 23.07
CA THR E 206 27.40 -21.48 22.32
C THR E 206 27.91 -22.80 22.86
N GLY E 207 27.76 -23.87 22.09
CA GLY E 207 28.21 -25.18 22.53
C GLY E 207 27.48 -26.31 21.81
N PRO E 208 28.15 -27.45 21.67
CA PRO E 208 27.52 -28.59 21.00
C PRO E 208 26.34 -29.13 21.78
N CYS E 209 25.34 -29.62 21.04
CA CYS E 209 24.15 -30.21 21.63
C CYS E 209 24.04 -31.67 21.22
N PRO E 210 24.44 -32.62 22.08
CA PRO E 210 24.33 -34.03 21.69
C PRO E 210 22.94 -34.60 21.91
N SER E 211 21.91 -33.80 21.57
CA SER E 211 20.54 -34.28 21.57
C SER E 211 19.75 -33.67 20.41
N VAL E 212 20.43 -33.10 19.43
CA VAL E 212 19.75 -32.33 18.39
C VAL E 212 18.79 -33.21 17.62
N SER E 213 17.58 -32.71 17.40
CA SER E 213 16.56 -33.41 16.63
C SER E 213 15.84 -32.41 15.74
N THR E 214 15.62 -32.76 14.49
CA THR E 214 14.96 -31.84 13.57
C THR E 214 13.49 -31.72 13.92
N VAL E 215 12.78 -30.93 13.12
CA VAL E 215 11.36 -30.69 13.32
C VAL E 215 10.80 -30.13 12.02
N GLN E 216 9.49 -30.33 11.81
CA GLN E 216 8.83 -29.69 10.68
C GLN E 216 9.05 -28.18 10.73
N CYS E 217 8.79 -27.58 11.88
CA CYS E 217 9.21 -26.21 12.18
C CYS E 217 8.98 -25.94 13.66
N THR E 218 9.27 -24.71 14.07
CA THR E 218 9.34 -24.36 15.48
C THR E 218 7.97 -24.47 16.14
N HIS E 219 7.99 -24.67 17.45
CA HIS E 219 6.77 -24.71 18.24
C HIS E 219 6.18 -23.31 18.34
N GLY E 220 4.94 -23.25 18.82
CA GLY E 220 4.26 -21.98 18.98
C GLY E 220 4.98 -21.02 19.90
N ILE E 221 5.52 -19.95 19.33
CA ILE E 221 6.25 -18.93 20.09
C ILE E 221 5.46 -17.64 20.04
N LYS E 222 5.19 -17.07 21.22
CA LYS E 222 4.47 -15.81 21.30
C LYS E 222 5.49 -14.68 21.25
N PRO E 223 5.51 -13.86 20.22
CA PRO E 223 6.49 -12.77 20.13
C PRO E 223 6.04 -11.52 20.87
N VAL E 224 5.74 -11.69 22.16
CA VAL E 224 5.34 -10.56 22.99
C VAL E 224 6.53 -9.61 23.15
N VAL E 225 6.21 -8.36 23.51
CA VAL E 225 7.21 -7.32 23.69
C VAL E 225 7.18 -6.87 25.14
N SER E 226 8.35 -6.77 25.75
CA SER E 226 8.48 -6.32 27.13
C SER E 226 9.92 -5.88 27.35
N THR E 227 10.21 -5.41 28.56
CA THR E 227 11.55 -4.98 28.92
C THR E 227 11.82 -5.32 30.37
N GLN E 228 13.05 -5.77 30.64
CA GLN E 228 13.60 -6.04 31.97
C GLN E 228 12.79 -7.08 32.73
N LEU E 229 11.75 -7.63 32.10
CA LEU E 229 10.99 -8.72 32.68
C LEU E 229 10.32 -9.46 31.52
N LEU E 230 10.88 -10.60 31.14
CA LEU E 230 10.28 -11.39 30.08
C LEU E 230 8.91 -11.87 30.52
N LEU E 231 7.99 -11.94 29.57
CA LEU E 231 6.62 -12.30 29.86
C LEU E 231 6.16 -13.41 28.92
N ASN E 232 5.29 -14.27 29.42
CA ASN E 232 4.52 -15.21 28.62
C ASN E 232 5.38 -16.17 27.82
N GLY E 233 6.68 -16.29 28.14
CA GLY E 233 7.59 -17.11 27.39
C GLY E 233 7.55 -18.57 27.79
N SER E 234 8.57 -19.30 27.34
CA SER E 234 8.72 -20.73 27.60
C SER E 234 9.84 -20.93 28.62
N LEU E 235 9.55 -21.72 29.66
CA LEU E 235 10.50 -21.95 30.73
C LEU E 235 11.52 -23.00 30.33
N ALA E 236 12.31 -23.46 31.30
CA ALA E 236 13.30 -24.50 31.10
C ALA E 236 13.11 -25.58 32.16
N GLU E 237 13.57 -26.78 31.84
CA GLU E 237 13.46 -27.90 32.76
C GLU E 237 14.54 -27.82 33.83
N GLU E 238 14.55 -28.81 34.73
CA GLU E 238 15.53 -28.90 35.81
C GLU E 238 15.52 -27.65 36.67
N GLU E 239 16.49 -26.75 36.45
CA GLU E 239 16.61 -25.52 37.22
C GLU E 239 16.70 -24.35 36.25
N VAL E 240 16.74 -23.14 36.82
CA VAL E 240 16.83 -21.94 36.01
C VAL E 240 18.14 -21.94 35.23
N MET E 241 18.15 -21.23 34.11
CA MET E 241 19.29 -21.22 33.21
C MET E 241 19.82 -19.80 33.05
N ILE E 242 21.14 -19.68 33.00
CA ILE E 242 21.82 -18.40 32.86
C ILE E 242 22.58 -18.40 31.55
N ARG E 243 22.26 -17.46 30.67
CA ARG E 243 22.90 -17.38 29.37
C ARG E 243 23.43 -15.97 29.14
N SER E 244 24.64 -15.89 28.61
CA SER E 244 25.25 -14.62 28.25
C SER E 244 26.31 -14.88 27.18
N GLU E 245 26.46 -13.91 26.27
CA GLU E 245 27.47 -14.05 25.23
C GLU E 245 28.87 -14.09 25.83
N ASN E 246 29.14 -13.19 26.77
CA ASN E 246 30.43 -13.13 27.46
C ASN E 246 30.12 -12.83 28.92
N ILE E 247 29.97 -13.90 29.71
CA ILE E 247 29.57 -13.74 31.12
C ILE E 247 30.61 -13.00 31.95
N THR E 248 31.83 -12.85 31.43
CA THR E 248 32.87 -12.06 32.09
C THR E 248 32.95 -10.65 31.51
N ASN E 249 31.83 -10.10 31.05
CA ASN E 249 31.78 -8.76 30.49
C ASN E 249 30.71 -7.95 31.20
N ASN E 250 30.92 -6.64 31.24
CA ASN E 250 30.05 -5.74 31.97
C ASN E 250 28.99 -5.07 31.09
N ALA E 251 28.94 -5.40 29.80
CA ALA E 251 28.00 -4.75 28.90
C ALA E 251 27.17 -5.77 28.10
N LYS E 252 27.11 -7.01 28.57
CA LYS E 252 26.35 -8.06 27.90
C LYS E 252 25.21 -8.50 28.80
N ASN E 253 24.01 -8.57 28.24
CA ASN E 253 22.84 -8.94 29.01
C ASN E 253 22.93 -10.38 29.48
N ILE E 254 22.33 -10.65 30.64
CA ILE E 254 22.34 -11.98 31.23
C ILE E 254 20.91 -12.50 31.23
N LEU E 255 20.54 -13.23 30.17
CA LEU E 255 19.15 -13.64 29.99
C LEU E 255 18.83 -14.80 30.93
N VAL E 256 18.41 -14.47 32.14
CA VAL E 256 17.98 -15.48 33.08
C VAL E 256 16.66 -16.07 32.61
N GLN E 257 16.56 -17.41 32.63
CA GLN E 257 15.35 -18.11 32.25
C GLN E 257 14.88 -18.94 33.43
N PHE E 258 13.60 -18.80 33.77
CA PHE E 258 13.08 -19.35 35.02
C PHE E 258 12.69 -20.82 34.85
N ASN E 259 12.59 -21.51 35.98
CA ASN E 259 12.06 -22.87 36.04
C ASN E 259 10.60 -22.92 36.40
N THR E 260 10.13 -22.03 37.28
CA THR E 260 8.74 -21.92 37.64
C THR E 260 8.26 -20.51 37.34
N PRO E 261 7.09 -20.34 36.75
CA PRO E 261 6.63 -18.99 36.40
C PRO E 261 6.26 -18.20 37.64
N VAL E 262 6.31 -16.88 37.51
CA VAL E 262 5.87 -15.98 38.57
C VAL E 262 4.56 -15.34 38.13
N GLN E 263 3.47 -15.68 38.80
CA GLN E 263 2.19 -15.09 38.43
C GLN E 263 2.18 -13.61 38.79
N ILE E 264 1.81 -12.77 37.83
CA ILE E 264 1.73 -11.33 38.02
C ILE E 264 0.38 -10.87 37.46
N ASN E 265 -0.44 -10.24 38.29
CA ASN E 265 -1.58 -9.52 37.75
C ASN E 265 -1.40 -8.02 37.82
N CYS E 266 -2.08 -7.32 36.92
CA CYS E 266 -2.33 -5.90 37.08
C CYS E 266 -3.39 -5.38 36.14
N THR E 267 -4.06 -4.34 36.61
CA THR E 267 -5.27 -3.79 36.05
C THR E 267 -5.10 -2.29 35.85
N ARG E 268 -6.16 -1.66 35.36
CA ARG E 268 -6.30 -0.21 35.33
C ARG E 268 -7.66 0.09 35.95
N PRO E 269 -7.74 0.11 37.28
CA PRO E 269 -9.06 0.15 37.94
C PRO E 269 -9.79 1.46 37.71
N ASN E 270 -10.15 1.72 36.46
CA ASN E 270 -10.84 2.94 36.09
C ASN E 270 -11.61 2.66 34.80
N ASN E 271 -12.93 2.87 34.80
CA ASN E 271 -13.61 3.05 33.52
C ASN E 271 -13.01 4.19 32.72
N ASN E 272 -12.82 3.91 31.43
CA ASN E 272 -12.34 4.87 30.45
C ASN E 272 -13.38 4.94 29.34
N THR E 273 -14.24 5.95 29.39
CA THR E 273 -15.25 6.13 28.36
C THR E 273 -14.61 6.83 27.17
N ARG E 274 -14.57 6.13 26.03
CA ARG E 274 -13.97 6.69 24.83
C ARG E 274 -15.04 7.41 24.01
N LYS E 275 -14.79 8.68 23.71
CA LYS E 275 -15.68 9.47 22.86
C LYS E 275 -14.98 9.71 21.53
N SER E 276 -15.73 9.55 20.44
CA SER E 276 -15.19 9.76 19.11
C SER E 276 -15.40 11.20 18.70
N ILE E 277 -14.37 11.81 18.12
CA ILE E 277 -14.49 13.16 17.58
C ILE E 277 -13.93 13.16 16.16
N ARG E 278 -14.26 14.21 15.42
CA ARG E 278 -13.99 14.23 13.98
C ARG E 278 -12.68 14.95 13.70
N ILE E 279 -11.69 14.19 13.21
CA ILE E 279 -10.47 14.81 12.69
C ILE E 279 -10.82 15.70 11.51
N GLY E 280 -11.65 15.20 10.61
CA GLY E 280 -12.08 15.93 9.44
C GLY E 280 -13.05 15.11 8.62
N PRO E 281 -13.01 15.28 7.30
CA PRO E 281 -13.87 14.45 6.43
C PRO E 281 -13.50 12.98 6.50
N GLY E 282 -14.38 12.17 7.05
CA GLY E 282 -14.14 10.72 7.13
C GLY E 282 -13.33 10.21 8.30
N GLN E 283 -12.15 10.79 8.53
CA GLN E 283 -11.30 10.32 9.61
C GLN E 283 -11.90 10.67 10.96
N ALA E 284 -11.76 9.74 11.91
CA ALA E 284 -12.24 9.92 13.26
C ALA E 284 -11.12 9.61 14.24
N PHE E 285 -11.24 10.15 15.45
CA PHE E 285 -10.21 10.01 16.47
C PHE E 285 -10.88 9.77 17.80
N TYR E 286 -10.50 8.68 18.47
CA TYR E 286 -11.12 8.29 19.74
C TYR E 286 -10.26 8.81 20.89
N ALA E 287 -10.89 9.57 21.79
CA ALA E 287 -10.19 10.11 22.95
C ALA E 287 -10.92 9.71 24.21
N THR E 288 -10.18 9.35 25.25
CA THR E 288 -10.81 8.98 26.51
C THR E 288 -11.55 10.18 27.09
N GLY E 289 -12.82 9.97 27.42
CA GLY E 289 -13.66 11.01 27.95
C GLY E 289 -13.60 11.07 29.46
N ASP E 290 -14.70 11.53 30.06
CA ASP E 290 -14.77 11.62 31.51
C ASP E 290 -14.64 10.24 32.13
N ILE E 291 -13.79 10.13 33.15
CA ILE E 291 -13.63 8.87 33.88
C ILE E 291 -14.67 8.86 34.99
N ILE E 292 -15.55 7.86 34.97
CA ILE E 292 -16.60 7.77 35.97
C ILE E 292 -16.05 7.06 37.20
N GLY E 293 -16.74 7.23 38.32
CA GLY E 293 -16.28 6.62 39.55
C GLY E 293 -15.05 7.35 40.10
N ASP E 294 -14.28 6.61 40.90
CA ASP E 294 -13.09 7.15 41.54
C ASP E 294 -11.88 7.03 40.61
N ILE E 295 -10.79 7.68 41.00
CA ILE E 295 -9.53 7.65 40.26
C ILE E 295 -8.49 6.94 41.11
N ARG E 296 -7.87 5.91 40.54
CA ARG E 296 -6.84 5.14 41.24
C ARG E 296 -5.83 4.65 40.23
N GLN E 297 -4.55 4.74 40.58
CA GLN E 297 -3.49 4.40 39.66
C GLN E 297 -3.43 2.89 39.44
N ALA E 298 -2.88 2.51 38.28
CA ALA E 298 -2.64 1.10 38.00
C ALA E 298 -1.47 0.59 38.81
N HIS E 299 -1.46 -0.72 39.07
CA HIS E 299 -0.40 -1.32 39.87
C HIS E 299 -0.37 -2.81 39.59
N CYS E 300 0.84 -3.36 39.51
CA CYS E 300 1.01 -4.80 39.26
C CYS E 300 1.43 -5.50 40.55
N ASN E 301 0.65 -6.49 40.97
CA ASN E 301 1.11 -7.37 42.04
C ASN E 301 1.76 -8.63 41.52
N VAL E 302 2.87 -8.97 42.17
CA VAL E 302 3.46 -10.30 42.11
C VAL E 302 3.46 -10.85 43.53
N SER E 303 3.70 -12.16 43.65
CA SER E 303 3.70 -12.80 44.95
C SER E 303 5.07 -12.66 45.60
N LYS E 304 5.10 -12.16 46.84
CA LYS E 304 6.38 -11.95 47.51
C LYS E 304 7.07 -13.28 47.79
N ALA E 305 6.33 -14.30 48.20
CA ALA E 305 6.94 -15.60 48.46
C ALA E 305 7.51 -16.20 47.18
N THR E 306 6.73 -16.18 46.10
CA THR E 306 7.19 -16.73 44.83
C THR E 306 8.41 -15.97 44.32
N TRP E 307 8.39 -14.64 44.41
CA TRP E 307 9.53 -13.85 43.97
C TRP E 307 10.76 -14.04 44.84
N ASN E 308 10.60 -14.19 46.15
CA ASN E 308 11.74 -14.42 47.02
C ASN E 308 12.30 -15.82 46.91
N GLU E 309 11.51 -16.78 46.40
CA GLU E 309 12.05 -18.08 46.03
C GLU E 309 12.71 -18.07 44.66
N THR E 310 12.20 -17.24 43.75
CA THR E 310 12.79 -17.15 42.42
C THR E 310 14.13 -16.42 42.46
N LEU E 311 14.19 -15.28 43.16
CA LEU E 311 15.46 -14.61 43.43
C LEU E 311 16.28 -15.36 44.47
N GLY E 312 15.86 -16.57 44.77
CA GLY E 312 16.57 -17.59 45.52
C GLY E 312 17.28 -18.50 44.54
N LYS E 313 16.56 -19.49 44.04
CA LYS E 313 17.04 -20.37 42.97
C LYS E 313 17.93 -19.66 41.94
N VAL E 314 17.52 -18.46 41.48
CA VAL E 314 18.28 -17.76 40.46
C VAL E 314 19.65 -17.34 41.00
N VAL E 315 19.69 -16.79 42.22
CA VAL E 315 20.99 -16.38 42.76
C VAL E 315 21.85 -17.59 43.04
N LYS E 316 21.25 -18.71 43.45
CA LYS E 316 22.02 -19.92 43.68
C LYS E 316 22.67 -20.40 42.38
N GLN E 317 21.93 -20.36 41.28
CA GLN E 317 22.51 -20.74 39.99
C GLN E 317 23.55 -19.72 39.52
N LEU E 318 23.33 -18.44 39.82
CA LEU E 318 24.24 -17.40 39.35
C LEU E 318 25.54 -17.40 40.13
N ARG E 319 25.54 -17.91 41.37
CA ARG E 319 26.75 -17.90 42.18
C ARG E 319 27.85 -18.78 41.58
N LYS E 320 27.51 -19.71 40.69
CA LYS E 320 28.51 -20.63 40.16
C LYS E 320 29.59 -19.89 39.36
N HIS E 321 29.19 -18.94 38.52
CA HIS E 321 30.11 -18.27 37.63
C HIS E 321 30.85 -17.10 38.27
N PHE E 322 30.53 -16.76 39.53
CA PHE E 322 31.16 -15.63 40.19
C PHE E 322 31.75 -16.01 41.55
N GLY E 323 31.99 -17.30 41.78
CA GLY E 323 32.54 -17.75 43.05
C GLY E 323 31.48 -17.96 44.10
N ASN E 324 31.64 -19.02 44.90
CA ASN E 324 30.64 -19.33 45.93
C ASN E 324 30.55 -18.23 46.97
N ASN E 325 31.68 -17.68 47.38
CA ASN E 325 31.71 -16.63 48.41
C ASN E 325 31.64 -15.25 47.76
N THR E 326 30.53 -15.01 47.06
CA THR E 326 30.27 -13.73 46.40
C THR E 326 28.93 -13.20 46.89
N ILE E 327 28.91 -11.94 47.30
CA ILE E 327 27.70 -11.30 47.80
C ILE E 327 27.00 -10.65 46.61
N ILE E 328 25.93 -11.27 46.15
CA ILE E 328 25.15 -10.75 45.04
C ILE E 328 24.08 -9.83 45.61
N ARG E 329 24.01 -8.61 45.06
CA ARG E 329 23.15 -7.55 45.60
C ARG E 329 22.42 -6.89 44.44
N PHE E 330 21.15 -7.26 44.25
CA PHE E 330 20.36 -6.69 43.17
C PHE E 330 20.08 -5.21 43.44
N ALA E 331 19.54 -4.52 42.44
CA ALA E 331 19.18 -3.11 42.57
C ALA E 331 18.22 -2.75 41.44
N ASN E 332 17.65 -1.56 41.54
CA ASN E 332 16.69 -1.09 40.55
C ASN E 332 17.37 -0.20 39.52
N SER E 333 16.77 -0.15 38.33
CA SER E 333 17.45 0.42 37.17
C SER E 333 17.86 1.86 37.41
N SER E 334 19.09 2.19 37.00
CA SER E 334 19.75 3.42 37.40
C SER E 334 19.50 4.57 36.44
N GLY E 335 19.03 4.30 35.23
CA GLY E 335 18.77 5.36 34.29
C GLY E 335 18.61 4.84 32.88
N GLY E 336 18.26 5.76 32.00
CA GLY E 336 18.03 5.51 30.59
C GLY E 336 16.67 6.00 30.17
N ASP E 337 16.20 5.47 29.04
CA ASP E 337 14.86 5.81 28.58
C ASP E 337 13.80 5.23 29.52
N LEU E 338 12.59 5.75 29.40
CA LEU E 338 11.45 5.26 30.17
C LEU E 338 10.99 3.88 29.72
N GLU E 339 11.51 3.39 28.60
CA GLU E 339 11.20 2.06 28.10
C GLU E 339 12.22 1.02 28.53
N VAL E 340 13.26 1.40 29.26
CA VAL E 340 14.29 0.46 29.69
C VAL E 340 14.41 0.52 31.21
N THR E 341 14.06 1.67 31.79
CA THR E 341 14.06 1.80 33.23
C THR E 341 12.77 1.32 33.88
N THR E 342 11.79 0.91 33.07
CA THR E 342 10.49 0.50 33.58
C THR E 342 9.96 -0.64 32.71
N HIS E 343 9.23 -1.56 33.36
CA HIS E 343 8.50 -2.59 32.65
C HIS E 343 7.65 -1.98 31.55
N SER E 344 7.50 -2.70 30.45
CA SER E 344 6.80 -2.19 29.27
C SER E 344 5.66 -3.13 28.89
N PHE E 345 4.85 -3.50 29.88
CA PHE E 345 3.64 -4.28 29.65
C PHE E 345 2.85 -3.72 28.47
N ASN E 346 2.28 -4.62 27.68
CA ASN E 346 1.33 -4.27 26.63
C ASN E 346 0.08 -5.11 26.89
N CYS E 347 -0.81 -4.61 27.74
CA CYS E 347 -1.94 -5.37 28.24
C CYS E 347 -3.21 -4.91 27.52
N GLY E 348 -3.75 -5.78 26.68
CA GLY E 348 -5.05 -5.54 26.07
C GLY E 348 -5.14 -4.25 25.29
N GLY E 349 -4.09 -3.90 24.56
CA GLY E 349 -4.07 -2.67 23.80
C GLY E 349 -3.72 -1.42 24.58
N GLU E 350 -3.39 -1.55 25.86
CA GLU E 350 -2.98 -0.42 26.68
C GLU E 350 -1.56 -0.67 27.17
N PHE E 351 -0.69 0.32 27.02
CA PHE E 351 0.70 0.17 27.41
C PHE E 351 0.91 0.64 28.84
N PHE E 352 1.83 -0.03 29.54
CA PHE E 352 1.87 0.01 30.99
C PHE E 352 3.30 0.24 31.50
N TYR E 353 3.97 1.27 31.01
CA TYR E 353 5.31 1.58 31.50
C TYR E 353 5.27 1.68 33.02
N CYS E 354 5.92 0.75 33.71
CA CYS E 354 5.63 0.49 35.12
C CYS E 354 6.90 0.42 35.95
N ASN E 355 6.82 0.97 37.15
CA ASN E 355 7.92 1.00 38.09
C ASN E 355 8.24 -0.43 38.53
N THR E 356 9.50 -0.84 38.42
CA THR E 356 9.96 -2.13 38.94
C THR E 356 11.17 -1.86 39.83
N SER E 357 10.92 -1.55 41.09
CA SER E 357 11.98 -1.41 42.07
C SER E 357 11.73 -2.19 43.35
N GLY E 358 10.50 -2.65 43.61
CA GLY E 358 10.26 -3.52 44.75
C GLY E 358 10.63 -4.96 44.48
N LEU E 359 10.79 -5.34 43.22
CA LEU E 359 11.23 -6.70 42.90
C LEU E 359 12.71 -6.88 43.15
N PHE E 360 13.51 -5.86 42.85
CA PHE E 360 14.96 -5.97 42.82
C PHE E 360 15.65 -5.31 43.99
N ASN E 361 14.91 -4.82 44.98
CA ASN E 361 15.50 -4.13 46.12
C ASN E 361 15.85 -5.12 47.22
N SER E 362 17.05 -5.70 47.16
CA SER E 362 17.41 -6.85 47.98
C SER E 362 18.92 -7.02 47.99
N THR E 363 19.39 -7.93 48.84
CA THR E 363 20.80 -8.30 48.90
C THR E 363 20.89 -9.75 49.36
N TRP E 364 22.02 -10.39 49.05
CA TRP E 364 22.20 -11.80 49.33
C TRP E 364 23.62 -12.07 49.79
N ILE E 365 23.78 -12.52 51.02
CA ILE E 365 25.06 -12.95 51.56
C ILE E 365 25.29 -14.40 51.11
N SER E 366 26.52 -14.91 51.30
CA SER E 366 26.85 -16.27 50.88
C SER E 366 26.18 -17.35 51.71
N ASN E 367 25.36 -16.98 52.70
CA ASN E 367 24.63 -17.97 53.49
C ASN E 367 23.23 -17.47 53.84
N ASN E 379 1.78 -14.97 51.46
CA ASN E 379 0.53 -14.42 50.94
C ASN E 379 0.71 -12.96 50.56
N ASP E 380 1.67 -12.29 51.19
CA ASP E 380 1.90 -10.89 50.92
C ASP E 380 2.30 -10.69 49.46
N SER E 381 1.82 -9.59 48.88
CA SER E 381 2.02 -9.30 47.47
C SER E 381 2.84 -8.03 47.31
N ILE E 382 3.84 -8.09 46.43
CA ILE E 382 4.62 -6.92 46.07
C ILE E 382 3.85 -6.12 45.04
N THR E 383 3.65 -4.84 45.32
CA THR E 383 2.90 -3.92 44.47
C THR E 383 3.87 -3.04 43.71
N LEU E 384 3.71 -2.95 42.40
CA LEU E 384 4.51 -2.08 41.56
C LEU E 384 3.63 -0.97 41.04
N PRO E 385 3.85 0.28 41.44
CA PRO E 385 3.06 1.38 40.87
C PRO E 385 3.29 1.48 39.36
N CYS E 386 2.20 1.64 38.63
CA CYS E 386 2.24 1.70 37.18
C CYS E 386 1.82 3.09 36.72
N ARG E 387 2.26 3.44 35.51
CA ARG E 387 1.78 4.63 34.83
C ARG E 387 1.56 4.28 33.36
N ILE E 388 0.62 4.96 32.73
CA ILE E 388 0.18 4.61 31.40
C ILE E 388 0.57 5.71 30.43
N LYS E 389 1.08 5.32 29.27
CA LYS E 389 1.43 6.23 28.20
C LYS E 389 0.58 5.89 26.98
N GLN E 390 -0.05 6.91 26.40
CA GLN E 390 -0.90 6.72 25.23
C GLN E 390 -0.12 6.87 23.93
N ILE E 391 0.65 7.95 23.79
CA ILE E 391 1.51 8.13 22.62
C ILE E 391 2.76 7.29 22.84
N ILE E 392 2.98 6.32 21.95
CA ILE E 392 4.05 5.36 22.12
C ILE E 392 5.00 5.45 20.93
N ASN E 393 6.18 4.87 21.11
CA ASN E 393 7.21 4.80 20.08
C ASN E 393 7.78 3.39 20.00
N MET E 394 6.89 2.40 19.94
CA MET E 394 7.33 1.01 19.92
C MET E 394 8.19 0.75 18.69
N TRP E 395 9.12 -0.20 18.83
CA TRP E 395 10.20 -0.41 17.88
C TRP E 395 10.91 0.93 17.63
N GLN E 396 11.46 1.43 18.74
CA GLN E 396 11.95 2.80 18.87
C GLN E 396 12.73 3.27 17.65
N ARG E 397 12.33 4.41 17.10
CA ARG E 397 12.92 4.94 15.89
C ARG E 397 12.76 6.46 15.91
N ILE E 398 13.56 7.13 15.09
CA ILE E 398 13.43 8.57 14.88
C ILE E 398 12.36 8.74 13.81
N GLY E 399 11.11 8.79 14.24
CA GLY E 399 9.97 8.80 13.36
C GLY E 399 8.94 7.78 13.78
N GLN E 400 7.75 7.92 13.18
CA GLN E 400 6.58 7.10 13.50
C GLN E 400 6.13 7.28 14.95
N CYS E 401 4.87 6.93 15.20
CA CYS E 401 4.27 7.00 16.54
C CYS E 401 2.97 6.22 16.48
N MET E 402 2.23 6.24 17.58
CA MET E 402 0.92 5.58 17.61
C MET E 402 0.14 6.10 18.80
N TYR E 403 -1.01 6.70 18.52
CA TYR E 403 -1.96 7.06 19.57
C TYR E 403 -2.82 5.84 19.83
N ALA E 404 -2.39 5.00 20.76
CA ALA E 404 -3.14 3.80 21.09
C ALA E 404 -4.51 4.19 21.64
N PRO E 405 -5.60 3.73 21.02
CA PRO E 405 -6.92 4.19 21.46
C PRO E 405 -7.22 3.73 22.86
N PRO E 406 -7.95 4.53 23.64
CA PRO E 406 -8.31 4.11 25.00
C PRO E 406 -9.21 2.88 24.97
N ILE E 407 -9.08 2.06 26.00
CA ILE E 407 -9.82 0.81 26.12
C ILE E 407 -10.94 1.00 27.15
N GLN E 408 -12.17 0.67 26.75
CA GLN E 408 -13.31 0.87 27.64
C GLN E 408 -13.29 -0.13 28.78
N GLY E 409 -13.78 0.31 29.93
CA GLY E 409 -13.91 -0.55 31.09
C GLY E 409 -12.58 -0.79 31.78
N VAL E 410 -12.66 -1.44 32.94
CA VAL E 410 -11.46 -1.81 33.68
C VAL E 410 -10.81 -3.00 32.99
N ILE E 411 -9.54 -2.86 32.66
CA ILE E 411 -8.77 -3.89 31.97
C ILE E 411 -7.92 -4.63 32.99
N ARG E 412 -7.73 -5.92 32.78
CA ARG E 412 -6.96 -6.76 33.68
C ARG E 412 -6.04 -7.65 32.87
N CYS E 413 -4.88 -7.98 33.43
CA CYS E 413 -3.98 -8.92 32.78
C CYS E 413 -3.30 -9.78 33.84
N VAL E 414 -3.40 -11.09 33.66
CA VAL E 414 -2.65 -12.09 34.44
C VAL E 414 -1.65 -12.75 33.51
N SER E 415 -0.39 -12.78 33.92
CA SER E 415 0.66 -13.34 33.07
C SER E 415 1.65 -14.11 33.93
N ASN E 416 2.35 -15.04 33.29
CA ASN E 416 3.59 -15.54 33.87
C ASN E 416 4.76 -14.64 33.57
N ILE E 417 5.62 -14.47 34.58
CA ILE E 417 6.95 -13.90 34.42
C ILE E 417 7.89 -15.10 34.34
N THR E 418 8.45 -15.34 33.16
CA THR E 418 9.40 -16.42 32.92
C THR E 418 10.60 -15.79 32.20
N GLY E 419 11.53 -15.24 32.97
CA GLY E 419 12.69 -14.62 32.36
C GLY E 419 13.14 -13.36 33.07
N LEU E 420 14.34 -12.88 32.72
CA LEU E 420 14.92 -11.69 33.32
C LEU E 420 16.08 -11.26 32.43
N ILE E 421 16.34 -9.96 32.40
CA ILE E 421 17.38 -9.42 31.52
C ILE E 421 18.42 -8.67 32.34
N LEU E 422 18.73 -9.18 33.53
CA LEU E 422 19.74 -8.56 34.39
C LEU E 422 21.03 -8.32 33.62
N THR E 423 21.69 -7.20 33.92
CA THR E 423 23.01 -6.90 33.41
C THR E 423 23.93 -6.59 34.58
N ARG E 424 25.15 -7.10 34.54
CA ARG E 424 26.07 -6.89 35.64
C ARG E 424 26.51 -5.43 35.71
N ASP E 425 27.21 -5.10 36.80
CA ASP E 425 27.73 -3.76 37.01
C ASP E 425 29.26 -3.75 37.06
N GLY E 426 29.85 -4.45 38.03
CA GLY E 426 31.28 -4.68 38.13
C GLY E 426 32.19 -3.51 37.87
N GLY E 427 33.36 -3.80 37.29
CA GLY E 427 34.30 -2.76 36.91
C GLY E 427 35.28 -2.37 38.00
N SER E 428 34.79 -2.33 39.25
CA SER E 428 35.58 -1.85 40.38
C SER E 428 36.57 -2.93 40.82
N THR E 429 37.52 -3.22 39.93
CA THR E 429 38.60 -4.17 40.18
C THR E 429 38.07 -5.50 40.68
N ASN E 430 38.79 -6.13 41.61
CA ASN E 430 38.38 -7.39 42.21
C ASN E 430 37.69 -7.12 43.54
N SER E 431 36.52 -7.70 43.71
CA SER E 431 35.71 -7.57 44.91
C SER E 431 34.52 -8.51 44.76
N THR E 432 33.71 -8.60 45.81
CA THR E 432 32.46 -9.36 45.75
C THR E 432 31.34 -8.41 46.16
N THR E 433 30.90 -7.59 45.21
CA THR E 433 29.69 -6.79 45.33
C THR E 433 29.05 -6.73 43.95
N GLU E 434 28.88 -7.90 43.34
CA GLU E 434 28.36 -7.96 41.98
C GLU E 434 26.89 -7.56 41.99
N THR E 435 26.61 -6.31 41.67
CA THR E 435 25.25 -5.79 41.68
C THR E 435 24.64 -5.97 40.30
N PHE E 436 23.56 -6.75 40.23
CA PHE E 436 22.86 -6.99 38.97
C PHE E 436 21.64 -6.09 38.93
N ARG E 437 21.61 -5.20 37.97
CA ARG E 437 20.47 -4.31 37.76
C ARG E 437 19.78 -4.65 36.46
N PRO E 438 18.45 -4.69 36.44
CA PRO E 438 17.75 -5.04 35.21
C PRO E 438 17.95 -3.98 34.15
N GLY E 439 17.92 -4.43 32.90
CA GLY E 439 18.12 -3.52 31.79
C GLY E 439 17.85 -4.16 30.44
N GLY E 440 17.14 -3.45 29.57
CA GLY E 440 16.84 -3.97 28.26
C GLY E 440 17.76 -3.39 27.20
N GLY E 441 17.27 -2.40 26.46
CA GLY E 441 18.07 -1.81 25.40
C GLY E 441 17.75 -2.40 24.05
N ASP E 442 18.59 -3.33 23.59
CA ASP E 442 18.35 -4.00 22.32
C ASP E 442 17.05 -4.78 22.36
N MET E 443 16.27 -4.66 21.29
CA MET E 443 14.97 -5.33 21.20
C MET E 443 15.13 -6.66 20.47
N ARG E 444 15.97 -7.52 21.05
CA ARG E 444 16.19 -8.84 20.49
C ARG E 444 16.15 -9.90 21.57
N ASP E 445 16.50 -9.53 22.80
CA ASP E 445 16.54 -10.49 23.89
C ASP E 445 15.17 -11.05 24.23
N ASN E 446 14.10 -10.31 23.94
CA ASN E 446 12.76 -10.85 24.09
C ASN E 446 12.43 -11.92 23.05
N TRP E 447 13.26 -12.03 21.99
CA TRP E 447 13.13 -13.10 21.02
C TRP E 447 14.30 -14.07 21.03
N ARG E 448 15.41 -13.71 21.66
CA ARG E 448 16.53 -14.61 21.84
C ARG E 448 16.32 -15.58 23.00
N SER E 449 15.10 -15.68 23.51
CA SER E 449 14.77 -16.61 24.58
C SER E 449 13.89 -17.76 24.12
N GLU E 450 13.31 -17.68 22.92
CA GLU E 450 12.56 -18.78 22.34
C GLU E 450 13.20 -19.37 21.11
N LEU E 451 14.06 -18.64 20.42
CA LEU E 451 14.81 -19.14 19.27
C LEU E 451 16.26 -19.45 19.65
N TYR E 452 16.52 -19.77 20.91
CA TYR E 452 17.88 -20.09 21.33
C TYR E 452 18.23 -21.54 20.97
N LYS E 453 17.32 -22.47 21.20
CA LYS E 453 17.55 -23.87 20.86
C LYS E 453 17.02 -24.19 19.47
N TYR E 454 17.40 -23.38 18.49
CA TYR E 454 16.97 -23.60 17.12
C TYR E 454 18.08 -23.16 16.18
N LYS E 455 18.11 -23.80 15.00
CA LYS E 455 19.05 -23.42 13.95
C LYS E 455 18.49 -23.89 12.63
N VAL E 456 18.85 -23.18 11.56
CA VAL E 456 18.39 -23.50 10.22
C VAL E 456 19.59 -23.99 9.41
N VAL E 457 19.44 -25.16 8.80
CA VAL E 457 20.53 -25.82 8.08
C VAL E 457 20.09 -26.07 6.65
N LYS E 458 20.96 -25.74 5.71
CA LYS E 458 20.74 -26.03 4.29
C LYS E 458 21.33 -27.40 3.99
N ILE E 459 20.49 -28.31 3.49
CA ILE E 459 20.91 -29.68 3.22
C ILE E 459 21.37 -29.77 1.77
N GLU E 460 22.58 -30.26 1.57
CA GLU E 460 22.99 -30.56 0.20
C GLU E 460 22.85 -32.06 -0.04
N PRO E 461 22.18 -32.47 -1.12
CA PRO E 461 21.95 -33.90 -1.32
C PRO E 461 23.10 -34.58 -2.05
N LEU E 462 23.98 -33.78 -2.64
CA LEU E 462 25.10 -34.33 -3.39
C LEU E 462 26.10 -34.99 -2.44
N GLY E 463 26.67 -36.10 -2.90
CA GLY E 463 27.76 -36.73 -2.18
C GLY E 463 28.60 -37.58 -3.09
N VAL E 464 29.87 -37.78 -2.75
CA VAL E 464 30.72 -38.70 -3.51
C VAL E 464 31.35 -39.68 -2.53
N ALA E 465 31.65 -40.87 -3.02
CA ALA E 465 32.22 -41.90 -2.17
C ALA E 465 32.92 -42.96 -3.01
N PRO E 466 34.04 -43.50 -2.56
CA PRO E 466 34.73 -44.53 -3.33
C PRO E 466 34.24 -45.93 -2.98
N THR E 467 33.97 -46.71 -4.02
CA THR E 467 33.66 -48.13 -3.86
C THR E 467 34.03 -48.85 -5.15
N ARG E 468 33.60 -50.10 -5.26
CA ARG E 468 33.98 -50.95 -6.38
C ARG E 468 33.05 -50.80 -7.58
N CYS E 469 32.39 -49.65 -7.71
CA CYS E 469 31.57 -49.37 -8.88
C CYS E 469 32.44 -49.29 -10.13
N LYS E 470 31.88 -49.72 -11.26
CA LYS E 470 32.66 -49.73 -12.50
C LYS E 470 31.99 -49.02 -13.67
N ARG E 471 30.67 -49.15 -13.80
CA ARG E 471 29.94 -48.63 -14.96
C ARG E 471 30.55 -49.14 -16.26
N ARG E 472 30.51 -50.46 -16.42
CA ARG E 472 31.06 -51.06 -17.62
C ARG E 472 30.26 -50.64 -18.84
N VAL E 473 30.96 -50.39 -19.95
CA VAL E 473 30.33 -49.92 -21.17
C VAL E 473 29.48 -51.02 -21.79
N PHE F 8 9.52 -46.15 9.80
CA PHE F 8 10.83 -45.90 9.20
C PHE F 8 11.46 -44.64 9.78
N LEU F 9 12.78 -44.50 9.59
CA LEU F 9 13.46 -43.29 10.00
C LEU F 9 13.08 -42.15 9.06
N GLY F 10 12.53 -41.08 9.62
CA GLY F 10 11.99 -40.00 8.82
C GLY F 10 13.06 -39.22 8.09
N PHE F 11 12.62 -38.09 7.53
CA PHE F 11 13.51 -37.22 6.78
C PHE F 11 14.68 -36.78 7.64
N LEU F 12 15.90 -36.94 7.10
CA LEU F 12 17.15 -36.67 7.81
C LEU F 12 17.31 -37.54 9.05
N GLY F 13 16.51 -38.60 9.16
CA GLY F 13 16.58 -39.45 10.35
C GLY F 13 17.89 -40.21 10.46
N ALA F 14 18.40 -40.71 9.33
CA ALA F 14 19.63 -41.48 9.32
C ALA F 14 20.87 -40.60 9.26
N ALA F 15 20.77 -39.35 9.69
CA ALA F 15 21.91 -38.44 9.59
C ALA F 15 23.09 -38.92 10.41
N GLY F 16 22.85 -39.49 11.58
CA GLY F 16 23.93 -39.95 12.43
C GLY F 16 24.27 -41.42 12.24
N SER F 17 23.47 -42.13 11.45
CA SER F 17 23.72 -43.54 11.22
C SER F 17 25.00 -43.71 10.39
N THR F 18 25.55 -44.92 10.43
CA THR F 18 26.80 -45.20 9.75
C THR F 18 26.63 -45.07 8.24
N MET F 19 27.75 -44.91 7.55
CA MET F 19 27.74 -44.59 6.12
C MET F 19 26.99 -45.64 5.32
N GLY F 20 27.29 -46.92 5.56
CA GLY F 20 26.60 -47.97 4.83
C GLY F 20 25.10 -48.01 5.11
N ALA F 21 24.72 -47.84 6.37
CA ALA F 21 23.30 -47.79 6.71
C ALA F 21 22.67 -46.46 6.30
N ALA F 22 23.45 -45.38 6.26
CA ALA F 22 22.91 -44.11 5.77
C ALA F 22 22.58 -44.19 4.29
N SER F 23 23.38 -44.94 3.52
CA SER F 23 23.06 -45.15 2.12
C SER F 23 22.02 -46.25 1.97
N MET F 24 20.93 -46.14 2.73
CA MET F 24 19.79 -47.03 2.64
C MET F 24 18.47 -46.29 2.47
N THR F 25 18.38 -45.06 2.95
CA THR F 25 17.16 -44.27 2.88
C THR F 25 17.39 -42.97 2.11
N LEU F 26 18.04 -43.07 0.95
CA LEU F 26 18.25 -41.88 0.13
C LEU F 26 16.94 -41.31 -0.39
N THR F 27 15.97 -42.17 -0.70
CA THR F 27 14.73 -41.71 -1.33
C THR F 27 13.95 -40.78 -0.43
N VAL F 28 13.81 -41.13 0.85
CA VAL F 28 12.96 -40.35 1.75
C VAL F 28 13.53 -38.95 1.94
N GLN F 29 14.85 -38.83 1.99
CA GLN F 29 15.48 -37.52 2.10
C GLN F 29 15.64 -36.83 0.75
N ALA F 30 15.41 -37.53 -0.35
CA ALA F 30 15.35 -36.93 -1.67
C ALA F 30 13.92 -36.72 -2.14
N ARG F 31 12.95 -36.86 -1.24
CA ARG F 31 11.54 -36.76 -1.61
C ARG F 31 10.91 -35.42 -1.24
N ASN F 32 11.47 -34.72 -0.26
CA ASN F 32 10.92 -33.46 0.23
C ASN F 32 11.86 -32.29 -0.02
N LEU F 33 12.47 -32.25 -1.20
CA LEU F 33 13.30 -31.13 -1.61
C LEU F 33 12.51 -30.06 -2.34
N LEU F 34 11.20 -30.25 -2.52
CA LEU F 34 10.36 -29.28 -3.19
C LEU F 34 9.03 -29.09 -2.47
N SER F 35 9.04 -29.20 -1.13
CA SER F 35 7.82 -29.05 -0.36
C SER F 35 7.20 -27.68 -0.58
N GLY F 36 5.89 -27.66 -0.80
CA GLY F 36 5.18 -26.42 -1.05
C GLY F 36 4.47 -26.40 -2.40
N LEU F 57 3.50 -7.93 -2.48
CA LEU F 57 2.39 -7.65 -1.58
C LEU F 57 2.87 -7.51 -0.14
N THR F 58 2.13 -8.11 0.78
CA THR F 58 2.41 -7.99 2.20
C THR F 58 3.51 -8.95 2.62
N VAL F 59 3.76 -9.01 3.93
CA VAL F 59 4.73 -9.95 4.48
C VAL F 59 4.24 -11.37 4.26
N TRP F 60 5.18 -12.30 4.10
CA TRP F 60 4.90 -13.67 3.68
C TRP F 60 4.23 -13.73 2.32
N GLY F 61 4.41 -12.67 1.53
CA GLY F 61 3.96 -12.61 0.17
C GLY F 61 5.11 -12.86 -0.77
N ILE F 62 5.71 -11.77 -1.26
CA ILE F 62 6.85 -11.88 -2.16
C ILE F 62 7.99 -12.67 -1.53
N LYS F 63 8.13 -12.62 -0.21
CA LYS F 63 9.24 -13.31 0.44
C LYS F 63 9.04 -14.82 0.47
N GLN F 64 7.81 -15.28 0.72
CA GLN F 64 7.54 -16.71 0.67
C GLN F 64 7.71 -17.25 -0.75
N LEU F 65 7.26 -16.47 -1.74
CA LEU F 65 7.48 -16.86 -3.13
C LEU F 65 8.96 -16.86 -3.48
N GLN F 66 9.73 -15.94 -2.89
CA GLN F 66 11.19 -15.96 -3.07
C GLN F 66 11.77 -17.25 -2.54
N ALA F 67 11.31 -17.68 -1.36
CA ALA F 67 11.78 -18.94 -0.80
C ALA F 67 11.44 -20.11 -1.72
N ARG F 68 10.22 -20.12 -2.27
CA ARG F 68 9.82 -21.19 -3.18
C ARG F 68 10.71 -21.22 -4.42
N VAL F 69 10.97 -20.04 -5.00
CA VAL F 69 11.79 -19.98 -6.21
C VAL F 69 13.22 -20.41 -5.90
N LEU F 70 13.74 -20.04 -4.73
CA LEU F 70 15.08 -20.46 -4.35
C LEU F 70 15.16 -21.98 -4.21
N ALA F 71 14.15 -22.58 -3.59
CA ALA F 71 14.13 -24.04 -3.49
C ALA F 71 14.10 -24.69 -4.86
N VAL F 72 13.28 -24.14 -5.78
CA VAL F 72 13.21 -24.70 -7.13
C VAL F 72 14.56 -24.61 -7.81
N GLU F 73 15.22 -23.46 -7.71
CA GLU F 73 16.50 -23.27 -8.38
C GLU F 73 17.54 -24.23 -7.81
N ARG F 74 17.55 -24.41 -6.48
CA ARG F 74 18.51 -25.32 -5.88
C ARG F 74 18.29 -26.75 -6.35
N TYR F 75 17.03 -27.21 -6.37
CA TYR F 75 16.75 -28.56 -6.83
C TYR F 75 17.12 -28.73 -8.29
N LEU F 76 16.83 -27.73 -9.12
CA LEU F 76 17.14 -27.83 -10.54
C LEU F 76 18.64 -27.88 -10.79
N ARG F 77 19.41 -27.08 -10.03
CA ARG F 77 20.86 -27.14 -10.16
C ARG F 77 21.39 -28.50 -9.75
N ASP F 78 20.86 -29.06 -8.65
CA ASP F 78 21.30 -30.38 -8.23
C ASP F 78 20.97 -31.43 -9.28
N GLN F 79 19.80 -31.33 -9.91
CA GLN F 79 19.43 -32.29 -10.93
C GLN F 79 20.28 -32.13 -12.19
N GLN F 80 20.60 -30.90 -12.57
CA GLN F 80 21.51 -30.70 -13.70
C GLN F 80 22.87 -31.33 -13.43
N LEU F 81 23.36 -31.20 -12.19
CA LEU F 81 24.61 -31.83 -11.82
C LEU F 81 24.51 -33.35 -11.88
N LEU F 82 23.42 -33.92 -11.36
CA LEU F 82 23.17 -35.35 -11.51
C LEU F 82 22.84 -35.74 -12.93
N GLY F 83 22.75 -34.77 -13.83
CA GLY F 83 22.46 -34.97 -15.24
C GLY F 83 23.76 -34.98 -16.02
N ILE F 84 24.18 -33.82 -16.50
CA ILE F 84 25.32 -33.69 -17.41
C ILE F 84 26.57 -34.43 -16.92
N TRP F 85 26.61 -34.78 -15.63
CA TRP F 85 27.62 -35.73 -15.17
C TRP F 85 27.49 -37.06 -15.88
N GLY F 86 26.26 -37.46 -16.19
CA GLY F 86 25.97 -38.76 -16.74
C GLY F 86 25.46 -39.67 -15.64
N CYS F 87 24.14 -39.75 -15.52
CA CYS F 87 23.47 -40.43 -14.42
C CYS F 87 21.96 -40.37 -14.67
N SER F 88 21.30 -39.42 -14.02
CA SER F 88 19.88 -39.10 -14.14
C SER F 88 18.98 -40.21 -13.61
N GLY F 89 19.55 -41.35 -13.21
CA GLY F 89 18.80 -42.33 -12.45
C GLY F 89 18.75 -42.03 -10.98
N LYS F 90 19.51 -41.02 -10.55
CA LYS F 90 19.53 -40.56 -9.16
C LYS F 90 19.97 -41.65 -8.20
N LEU F 91 19.95 -41.35 -6.90
CA LEU F 91 20.29 -42.29 -5.84
C LEU F 91 21.67 -42.87 -6.15
N ILE F 92 21.86 -44.19 -6.07
CA ILE F 92 23.15 -44.78 -6.40
C ILE F 92 23.44 -44.53 -7.86
N CYS F 93 24.70 -44.18 -8.17
CA CYS F 93 25.08 -43.99 -9.57
C CYS F 93 26.54 -44.39 -9.76
N CYS F 94 26.74 -45.50 -10.46
CA CYS F 94 28.07 -45.89 -10.91
C CYS F 94 28.67 -44.80 -11.79
N THR F 95 29.99 -44.66 -11.74
CA THR F 95 30.67 -43.73 -12.62
C THR F 95 32.16 -44.05 -12.68
N ASN F 96 32.81 -43.45 -13.68
CA ASN F 96 34.25 -43.53 -13.93
C ASN F 96 35.01 -42.56 -13.02
N VAL F 97 36.22 -42.18 -13.43
CA VAL F 97 37.13 -41.36 -12.62
C VAL F 97 37.55 -42.11 -11.37
N PRO F 98 38.47 -43.07 -11.50
CA PRO F 98 38.91 -43.85 -10.34
C PRO F 98 39.39 -42.96 -9.20
N TRP F 99 39.19 -43.46 -7.98
CA TRP F 99 39.46 -42.69 -6.76
C TRP F 99 40.94 -42.37 -6.62
N ASN F 100 41.30 -41.11 -6.81
CA ASN F 100 42.68 -40.69 -6.62
C ASN F 100 43.07 -40.84 -5.16
N SER F 101 44.26 -41.40 -4.92
CA SER F 101 44.69 -41.67 -3.55
C SER F 101 44.91 -40.38 -2.75
N SER F 102 45.21 -39.27 -3.43
CA SER F 102 45.53 -38.05 -2.72
C SER F 102 44.35 -37.51 -1.92
N TRP F 103 43.12 -37.76 -2.38
CA TRP F 103 41.95 -37.25 -1.69
C TRP F 103 41.77 -37.91 -0.33
N SER F 104 41.99 -39.22 -0.25
CA SER F 104 41.85 -39.94 1.02
C SER F 104 42.68 -41.21 0.94
N ASN F 105 43.74 -41.29 1.73
CA ASN F 105 44.58 -42.48 1.80
C ASN F 105 44.11 -43.32 3.00
N ARG F 106 43.04 -44.08 2.77
CA ARG F 106 42.44 -44.88 3.83
C ARG F 106 41.87 -46.14 3.23
N ASN F 107 41.47 -47.06 4.12
CA ASN F 107 40.89 -48.33 3.71
C ASN F 107 39.49 -48.10 3.14
N LEU F 108 38.88 -49.19 2.64
CA LEU F 108 37.54 -49.13 2.09
C LEU F 108 36.49 -49.31 3.18
N SER F 109 36.60 -50.37 3.98
CA SER F 109 35.59 -50.66 4.98
C SER F 109 35.47 -49.54 5.99
N GLU F 110 36.61 -49.00 6.44
CA GLU F 110 36.60 -47.94 7.44
C GLU F 110 35.75 -46.75 7.00
N ILE F 111 35.67 -46.51 5.69
CA ILE F 111 34.82 -45.43 5.19
C ILE F 111 33.35 -45.74 5.45
N TRP F 112 32.96 -47.01 5.35
CA TRP F 112 31.55 -47.38 5.27
C TRP F 112 30.97 -47.98 6.54
N ASP F 113 31.80 -48.45 7.47
CA ASP F 113 31.30 -49.08 8.69
C ASP F 113 31.37 -48.18 9.91
N ASN F 114 32.46 -47.43 10.09
CA ASN F 114 32.58 -46.58 11.27
C ASN F 114 32.84 -45.13 10.89
N MET F 115 32.09 -44.62 9.91
CA MET F 115 32.11 -43.22 9.57
C MET F 115 30.70 -42.77 9.24
N THR F 116 30.46 -41.47 9.38
CA THR F 116 29.16 -40.88 9.13
C THR F 116 29.29 -39.84 8.02
N TRP F 117 28.20 -39.62 7.30
CA TRP F 117 28.26 -38.79 6.10
C TRP F 117 28.73 -37.37 6.41
N LEU F 118 28.35 -36.83 7.57
CA LEU F 118 28.85 -35.52 7.95
C LEU F 118 30.37 -35.54 8.12
N GLN F 119 30.88 -36.56 8.81
CA GLN F 119 32.33 -36.69 8.98
C GLN F 119 33.01 -36.82 7.63
N TRP F 120 32.41 -37.58 6.71
CA TRP F 120 32.97 -37.71 5.37
C TRP F 120 33.01 -36.37 4.65
N ASP F 121 31.94 -35.57 4.79
CA ASP F 121 31.91 -34.26 4.15
C ASP F 121 32.97 -33.34 4.72
N LYS F 122 33.18 -33.38 6.04
CA LYS F 122 34.30 -32.61 6.61
C LYS F 122 35.63 -33.12 6.10
N GLU F 123 35.75 -34.44 5.88
CA GLU F 123 37.02 -35.00 5.44
C GLU F 123 37.42 -34.46 4.06
N ILE F 124 36.47 -34.39 3.14
CA ILE F 124 36.71 -33.81 1.81
C ILE F 124 35.73 -32.65 1.61
N SER F 125 36.24 -31.44 1.68
CA SER F 125 35.46 -30.25 1.44
C SER F 125 36.07 -29.36 0.37
N ASN F 126 37.39 -29.26 0.31
CA ASN F 126 38.06 -28.56 -0.77
C ASN F 126 38.40 -29.46 -1.94
N TYR F 127 38.43 -30.79 -1.72
CA TYR F 127 38.68 -31.71 -2.83
C TYR F 127 37.46 -31.86 -3.72
N THR F 128 36.26 -31.67 -3.18
CA THR F 128 35.05 -31.90 -3.96
C THR F 128 34.72 -30.71 -4.85
N GLN F 129 35.72 -30.18 -5.53
CA GLN F 129 35.52 -29.24 -6.62
C GLN F 129 36.25 -29.62 -7.89
N ILE F 130 37.40 -30.29 -7.82
CA ILE F 130 38.03 -30.83 -9.01
C ILE F 130 37.31 -32.08 -9.48
N ILE F 131 36.72 -32.85 -8.55
CA ILE F 131 35.98 -34.05 -8.92
C ILE F 131 34.84 -33.71 -9.85
N TYR F 132 34.17 -32.59 -9.61
CA TYR F 132 33.06 -32.16 -10.43
C TYR F 132 33.48 -31.76 -11.84
N GLY F 133 34.78 -31.78 -12.15
CA GLY F 133 35.26 -31.56 -13.49
C GLY F 133 35.81 -32.83 -14.10
N LEU F 134 36.43 -33.67 -13.27
CA LEU F 134 36.86 -34.97 -13.74
C LEU F 134 35.66 -35.80 -14.20
N LEU F 135 34.56 -35.74 -13.45
CA LEU F 135 33.35 -36.45 -13.87
C LEU F 135 32.84 -35.91 -15.19
N GLU F 136 32.89 -34.59 -15.38
CA GLU F 136 32.44 -33.99 -16.63
C GLU F 136 33.27 -34.48 -17.81
N GLU F 137 34.60 -34.48 -17.64
CA GLU F 137 35.46 -34.92 -18.73
C GLU F 137 35.30 -36.40 -19.02
N SER F 138 35.09 -37.21 -17.97
CA SER F 138 34.84 -38.63 -18.19
C SER F 138 33.54 -38.85 -18.95
N GLN F 139 32.49 -38.08 -18.61
CA GLN F 139 31.23 -38.20 -19.33
C GLN F 139 31.40 -37.79 -20.78
N ASN F 140 32.13 -36.71 -21.04
CA ASN F 140 32.34 -36.28 -22.42
C ASN F 140 33.09 -37.33 -23.22
N GLN F 141 34.14 -37.92 -22.65
CA GLN F 141 34.88 -38.93 -23.38
C GLN F 141 34.07 -40.21 -23.58
N GLN F 142 33.24 -40.58 -22.60
CA GLN F 142 32.37 -41.74 -22.77
C GLN F 142 31.35 -41.49 -23.88
N GLU F 143 30.79 -40.29 -23.94
CA GLU F 143 29.87 -39.96 -25.03
C GLU F 143 30.59 -39.97 -26.37
N LYS F 144 31.84 -39.48 -26.39
CA LYS F 144 32.66 -39.58 -27.60
C LYS F 144 32.76 -41.02 -28.07
N ASN F 145 33.15 -41.92 -27.17
CA ASN F 145 33.34 -43.31 -27.54
C ASN F 145 32.04 -43.93 -28.03
N GLU F 146 30.94 -43.68 -27.32
CA GLU F 146 29.66 -44.26 -27.72
C GLU F 146 29.23 -43.74 -29.08
N GLN F 147 29.35 -42.43 -29.31
CA GLN F 147 28.95 -41.85 -30.59
C GLN F 147 29.80 -42.38 -31.73
N ASP F 148 31.11 -42.48 -31.53
CA ASP F 148 31.99 -42.96 -32.59
C ASP F 148 31.71 -44.42 -32.91
N LEU F 149 31.58 -45.25 -31.88
CA LEU F 149 31.32 -46.67 -32.13
C LEU F 149 29.94 -46.89 -32.75
N LEU F 150 28.97 -46.03 -32.44
CA LEU F 150 27.65 -46.17 -33.04
C LEU F 150 27.66 -45.71 -34.50
N ALA F 151 28.34 -44.60 -34.79
CA ALA F 151 28.35 -44.09 -36.15
C ALA F 151 29.22 -44.92 -37.07
N LEU F 152 30.24 -45.59 -36.53
CA LEU F 152 31.09 -46.44 -37.37
C LEU F 152 30.29 -47.59 -37.96
N ASP F 153 29.41 -48.19 -37.18
CA ASP F 153 28.59 -49.29 -37.65
C ASP F 153 27.11 -48.92 -37.63
N GLN G 1 39.54 0.00 15.44
CA GLN G 1 39.31 0.16 16.87
C GLN G 1 38.14 1.11 17.11
N VAL G 2 37.51 1.00 18.28
CA VAL G 2 36.31 1.76 18.59
C VAL G 2 36.67 2.70 19.73
N GLN G 3 37.91 3.17 19.73
CA GLN G 3 38.39 4.03 20.80
C GLN G 3 37.75 5.42 20.71
N LEU G 4 37.68 6.07 21.88
CA LEU G 4 37.13 7.41 22.04
C LEU G 4 38.27 8.36 22.32
N GLN G 5 38.36 9.47 21.57
CA GLN G 5 39.34 10.50 21.86
C GLN G 5 38.58 11.75 22.27
N GLU G 6 39.02 12.38 23.35
CA GLU G 6 38.29 13.48 23.96
C GLU G 6 39.17 14.72 24.06
N SER G 7 38.50 15.87 24.11
CA SER G 7 39.18 17.17 24.11
C SER G 7 38.24 18.21 24.73
N GLY G 8 38.81 19.37 25.03
CA GLY G 8 38.08 20.45 25.64
C GLY G 8 38.38 20.68 27.11
N GLY G 9 39.34 19.96 27.69
CA GLY G 9 39.64 20.11 29.09
C GLY G 9 40.38 21.40 29.41
N GLY G 10 40.38 21.73 30.70
CA GLY G 10 41.07 22.93 31.16
C GLY G 10 40.67 23.25 32.58
N LEU G 11 41.11 24.43 33.04
CA LEU G 11 40.79 24.95 34.35
C LEU G 11 39.62 25.90 34.21
N VAL G 12 38.67 25.80 35.14
CA VAL G 12 37.45 26.61 35.08
C VAL G 12 37.36 27.49 36.31
N GLN G 13 37.06 28.77 36.08
CA GLN G 13 36.72 29.67 37.17
C GLN G 13 35.33 29.32 37.68
N PRO G 14 35.16 29.02 38.97
CA PRO G 14 33.83 28.70 39.50
C PRO G 14 32.75 29.67 39.06
N GLY G 15 31.74 29.16 38.35
CA GLY G 15 30.70 30.00 37.81
C GLY G 15 30.86 30.23 36.33
N GLY G 16 31.43 29.25 35.62
CA GLY G 16 31.64 29.37 34.19
C GLY G 16 31.02 28.23 33.41
N SER G 17 31.52 28.00 32.20
CA SER G 17 30.98 26.96 31.34
C SER G 17 32.11 26.25 30.61
N LEU G 18 31.89 24.97 30.33
CA LEU G 18 32.81 24.12 29.59
C LEU G 18 32.14 23.59 28.34
N ARG G 19 32.95 23.10 27.41
CA ARG G 19 32.52 22.67 26.09
C ARG G 19 33.18 21.34 25.72
N LEU G 20 33.08 20.35 26.62
CA LEU G 20 33.80 19.10 26.42
C LEU G 20 33.29 18.42 25.15
N SER G 21 34.17 17.68 24.47
CA SER G 21 33.75 16.99 23.27
C SER G 21 34.57 15.73 23.10
N CYS G 22 34.03 14.77 22.36
CA CYS G 22 34.81 13.59 22.01
C CYS G 22 34.28 12.93 20.76
N VAL G 23 35.18 12.22 20.06
CA VAL G 23 34.94 11.65 18.75
C VAL G 23 35.39 10.19 18.76
N ALA G 24 34.62 9.34 18.07
CA ALA G 24 35.01 7.95 17.89
C ALA G 24 34.71 7.51 16.46
N SER G 25 35.43 6.50 16.03
CA SER G 25 35.18 5.83 14.76
C SER G 25 35.30 4.33 15.02
N GLY G 26 35.30 3.54 13.95
CA GLY G 26 35.43 2.11 14.11
C GLY G 26 34.25 1.32 13.56
N PHE G 27 33.58 1.90 12.57
CA PHE G 27 32.52 1.24 11.78
C PHE G 27 31.46 0.58 12.65
N ASP G 28 31.33 0.99 13.92
CA ASP G 28 30.38 0.35 14.81
C ASP G 28 29.64 1.34 15.70
N LEU G 29 29.72 2.63 15.42
CA LEU G 29 29.02 3.62 16.24
C LEU G 29 27.61 3.89 15.72
N GLU G 30 26.88 2.80 15.43
CA GLU G 30 25.48 2.90 15.08
C GLU G 30 24.67 2.09 16.08
N ASN G 31 25.34 1.12 16.72
CA ASN G 31 24.73 0.25 17.70
C ASN G 31 24.92 0.80 19.12
N TYR G 32 25.90 1.66 19.33
CA TYR G 32 26.27 2.12 20.67
C TYR G 32 25.74 3.53 20.91
N SER G 33 25.78 3.93 22.18
CA SER G 33 25.48 5.29 22.59
C SER G 33 26.68 5.84 23.35
N ILE G 34 26.77 7.16 23.46
CA ILE G 34 27.93 7.82 24.06
C ILE G 34 27.49 8.57 25.31
N GLY G 35 28.20 8.34 26.41
CA GLY G 35 27.98 9.03 27.66
C GLY G 35 29.29 9.44 28.31
N TRP G 36 29.25 9.90 29.55
CA TRP G 36 30.45 10.44 30.20
C TRP G 36 30.59 9.90 31.62
N PHE G 37 31.78 10.08 32.18
CA PHE G 37 32.14 9.69 33.53
C PHE G 37 32.29 10.92 34.41
N ARG G 38 32.37 10.69 35.72
CA ARG G 38 32.75 11.73 36.66
C ARG G 38 33.67 11.14 37.73
N GLN G 39 34.63 10.32 37.29
CA GLN G 39 35.55 9.65 38.20
C GLN G 39 36.39 10.67 38.97
N ALA G 40 36.23 10.71 40.29
CA ALA G 40 36.93 11.66 41.13
C ALA G 40 37.65 10.94 42.26
N PRO G 41 38.79 11.48 42.71
CA PRO G 41 39.50 10.85 43.83
C PRO G 41 38.65 10.82 45.08
N GLY G 42 38.79 9.74 45.85
CA GLY G 42 38.03 9.54 47.07
C GLY G 42 36.70 8.86 46.89
N LYS G 43 35.93 9.29 45.88
CA LYS G 43 34.62 8.73 45.59
C LYS G 43 34.70 7.68 44.49
N ALA G 44 33.59 6.98 44.30
CA ALA G 44 33.50 5.92 43.31
C ALA G 44 33.26 6.53 41.93
N ARG G 45 32.85 5.70 40.98
CA ARG G 45 32.48 6.18 39.65
C ARG G 45 30.98 6.45 39.58
N GLU G 46 30.63 7.60 39.00
CA GLU G 46 29.24 7.92 38.72
C GLU G 46 29.10 8.18 37.23
N GLY G 47 27.92 8.64 36.83
CA GLY G 47 27.69 9.08 35.47
C GLY G 47 27.30 10.54 35.44
N VAL G 48 27.37 11.12 34.25
CA VAL G 48 27.03 12.53 34.07
C VAL G 48 25.90 12.65 33.06
N ALA G 49 26.13 12.21 31.84
CA ALA G 49 25.15 12.35 30.78
C ALA G 49 25.28 11.16 29.85
N CYS G 50 24.23 10.95 29.06
CA CYS G 50 24.22 9.86 28.09
C CYS G 50 23.18 10.18 27.03
N LEU G 51 23.63 10.45 25.80
CA LEU G 51 22.71 10.69 24.70
C LEU G 51 22.24 9.33 24.22
N SER G 52 20.95 9.07 24.34
CA SER G 52 20.40 7.77 24.01
C SER G 52 20.13 7.68 22.52
N LYS G 53 20.93 6.87 21.82
CA LYS G 53 20.62 6.52 20.45
C LYS G 53 19.27 5.82 20.40
N ASN G 54 18.63 5.86 19.23
CA ASN G 54 17.40 5.14 18.96
C ASN G 54 16.22 5.79 19.67
N SER G 55 16.49 6.79 20.49
CA SER G 55 15.43 7.59 21.11
C SER G 55 15.66 9.09 20.99
N GLY G 56 16.92 9.54 21.11
CA GLY G 56 17.25 10.94 20.91
C GLY G 56 17.25 11.81 22.16
N ILE G 57 16.80 11.30 23.29
CA ILE G 57 16.78 12.10 24.51
C ILE G 57 18.19 12.26 25.06
N GLY G 58 18.40 13.31 25.84
CA GLY G 58 19.72 13.67 26.34
C GLY G 58 19.89 13.52 27.84
N HIS G 59 19.43 12.39 28.39
CA HIS G 59 19.39 12.19 29.83
C HIS G 59 20.67 12.63 30.52
N SER G 60 20.51 13.20 31.72
CA SER G 60 21.64 13.65 32.52
C SER G 60 21.25 13.56 33.99
N VAL G 61 22.23 13.23 34.83
CA VAL G 61 21.97 13.12 36.26
C VAL G 61 21.63 14.47 36.88
N LYS G 62 22.29 15.55 36.46
CA LYS G 62 22.03 16.88 36.97
C LYS G 62 21.55 17.76 35.82
N GLY G 63 20.83 18.82 36.18
CA GLY G 63 20.18 19.63 35.15
C GLY G 63 21.13 20.48 34.34
N ARG G 64 22.32 20.75 34.88
CA ARG G 64 23.25 21.65 34.19
C ARG G 64 23.92 20.97 33.00
N PHE G 65 24.16 19.67 33.10
CA PHE G 65 24.86 18.95 32.05
C PHE G 65 23.92 18.66 30.89
N THR G 66 24.34 18.98 29.67
CA THR G 66 23.56 18.59 28.50
C THR G 66 24.47 17.98 27.44
N ILE G 67 24.10 16.79 26.98
CA ILE G 67 24.84 16.12 25.92
C ILE G 67 24.12 16.35 24.60
N SER G 68 24.89 16.54 23.54
CA SER G 68 24.32 16.90 22.25
C SER G 68 25.16 16.33 21.12
N ARG G 69 24.52 16.21 19.96
CA ARG G 69 25.15 15.74 18.74
C ARG G 69 24.72 16.67 17.60
N ASP G 70 25.32 16.48 16.42
CA ASP G 70 24.96 17.30 15.27
C ASP G 70 25.14 16.48 14.00
N GLY G 71 24.03 16.23 13.31
CA GLY G 71 24.05 15.56 12.02
C GLY G 71 24.64 14.16 12.11
N ASP G 72 25.32 13.76 11.03
CA ASP G 72 26.00 12.48 10.95
C ASP G 72 27.44 12.55 11.45
N SER G 73 27.90 13.72 11.88
CA SER G 73 29.26 13.86 12.38
C SER G 73 29.46 13.00 13.63
N ASN G 74 30.57 12.27 13.65
CA ASN G 74 30.85 11.35 14.75
C ASN G 74 31.49 12.09 15.93
N THR G 75 30.83 13.14 16.40
CA THR G 75 31.31 13.90 17.54
C THR G 75 30.17 14.12 18.52
N TRP G 76 30.51 14.26 19.80
CA TRP G 76 29.54 14.44 20.85
C TRP G 76 30.02 15.53 21.79
N PHE G 77 29.12 16.47 22.10
CA PHE G 77 29.45 17.64 22.91
C PHE G 77 28.73 17.56 24.25
N LEU G 78 29.51 17.59 25.33
CA LEU G 78 28.98 17.74 26.68
C LEU G 78 29.14 19.21 27.07
N GLN G 79 28.01 19.90 27.16
CA GLN G 79 27.97 21.31 27.56
C GLN G 79 27.68 21.36 29.06
N MET G 80 28.55 22.07 29.78
CA MET G 80 28.58 22.07 31.24
C MET G 80 28.49 23.52 31.69
N GLY G 81 27.56 23.82 32.60
CA GLY G 81 27.28 25.21 32.92
C GLY G 81 27.20 25.44 34.42
N ALA G 82 27.60 26.66 34.81
CA ALA G 82 27.51 27.12 36.19
C ALA G 82 28.21 26.15 37.14
N LEU G 83 29.52 26.04 37.00
CA LEU G 83 30.28 25.04 37.73
C LEU G 83 30.59 25.50 39.14
N GLU G 84 30.54 24.56 40.09
CA GLU G 84 30.94 24.82 41.47
C GLU G 84 32.22 24.04 41.77
N ALA G 85 32.63 24.08 43.05
CA ALA G 85 33.92 23.54 43.44
C ALA G 85 33.97 22.01 43.44
N GLU G 86 32.83 21.33 43.39
CA GLU G 86 32.83 19.88 43.47
C GLU G 86 33.01 19.20 42.12
N ASP G 87 33.04 19.94 41.02
CA ASP G 87 33.23 19.37 39.69
C ASP G 87 34.72 19.35 39.31
N THR G 88 35.53 18.78 40.20
CA THR G 88 36.95 18.60 39.96
C THR G 88 37.23 17.10 39.91
N ALA G 89 37.45 16.58 38.71
CA ALA G 89 37.54 15.14 38.52
C ALA G 89 38.21 14.86 37.18
N VAL G 90 38.12 13.60 36.75
CA VAL G 90 38.51 13.21 35.40
C VAL G 90 37.23 12.84 34.65
N TYR G 91 37.02 13.47 33.51
CA TYR G 91 35.84 13.25 32.69
C TYR G 91 36.25 12.35 31.52
N THR G 92 35.67 11.15 31.48
CA THR G 92 35.93 10.19 30.42
C THR G 92 34.62 9.90 29.69
N CYS G 93 34.65 10.03 28.37
CA CYS G 93 33.48 9.69 27.56
C CYS G 93 33.60 8.23 27.15
N ALA G 94 32.56 7.46 27.42
CA ALA G 94 32.54 6.04 27.11
C ALA G 94 31.27 5.71 26.34
N THR G 95 31.05 4.43 26.08
CA THR G 95 29.90 4.00 25.30
C THR G 95 29.00 3.09 26.15
N TYR G 96 27.70 3.38 26.11
CA TYR G 96 26.67 2.60 26.77
C TYR G 96 25.79 1.93 25.71
N ASN G 97 24.80 1.17 26.20
CA ASN G 97 23.98 0.32 25.34
C ASN G 97 23.15 1.16 24.38
N ARG G 98 22.33 0.47 23.59
CA ARG G 98 21.48 1.15 22.61
C ARG G 98 20.55 2.17 23.23
N ALA G 99 20.19 2.03 24.51
CA ALA G 99 19.17 2.88 25.10
C ALA G 99 19.67 3.54 26.39
N CYS G 100 20.96 3.82 26.48
CA CYS G 100 21.58 4.35 27.70
C CYS G 100 21.20 3.49 28.90
N ALA G 101 21.09 2.19 28.69
CA ALA G 101 20.55 1.30 29.71
C ALA G 101 21.47 1.26 30.92
N ASN G 102 20.88 1.42 32.10
CA ASN G 102 21.58 1.16 33.37
C ASN G 102 22.84 2.01 33.50
N TYR G 103 22.80 3.24 33.03
CA TYR G 103 23.96 4.12 33.09
C TYR G 103 24.03 4.74 34.49
N VAL G 104 24.86 5.78 34.64
CA VAL G 104 25.24 6.48 35.87
C VAL G 104 25.98 5.56 36.84
N THR G 105 25.89 4.24 36.63
CA THR G 105 26.54 3.32 37.55
C THR G 105 27.26 2.18 36.84
N ILE G 106 26.92 1.84 35.60
CA ILE G 106 27.59 0.75 34.90
C ILE G 106 29.01 1.16 34.53
N TRP G 107 29.88 0.16 34.42
CA TRP G 107 31.26 0.35 33.98
C TRP G 107 31.40 -0.26 32.58
N PRO G 108 31.46 0.55 31.54
CA PRO G 108 31.38 0.00 30.18
C PRO G 108 32.72 -0.43 29.62
N GLU G 109 32.70 -0.93 28.39
CA GLU G 109 33.90 -1.20 27.62
C GLU G 109 34.05 -0.14 26.53
N PHE G 110 35.13 -0.23 25.78
CA PHE G 110 35.43 0.73 24.72
C PHE G 110 35.40 2.17 25.24
N ARG G 111 36.00 2.36 26.41
CA ARG G 111 36.03 3.65 27.09
C ARG G 111 37.29 4.42 26.71
N GLY G 112 37.27 5.72 27.00
CA GLY G 112 38.39 6.60 26.71
C GLY G 112 39.40 6.64 27.84
N GLN G 113 40.24 7.69 27.81
CA GLN G 113 41.25 7.89 28.83
C GLN G 113 40.84 8.98 29.82
N GLY G 114 40.14 10.00 29.34
CA GLY G 114 39.57 11.00 30.23
C GLY G 114 40.41 12.23 30.43
N THR G 115 39.85 13.41 30.13
CA THR G 115 40.52 14.65 30.48
C THR G 115 40.40 14.91 31.98
N GLN G 116 41.15 15.89 32.47
CA GLN G 116 41.07 16.31 33.85
C GLN G 116 40.47 17.70 33.90
N VAL G 117 39.42 17.87 34.70
CA VAL G 117 38.74 19.15 34.86
C VAL G 117 38.92 19.61 36.30
N THR G 118 39.48 20.80 36.46
CA THR G 118 39.76 21.38 37.76
C THR G 118 39.08 22.73 37.88
N VAL G 119 38.45 22.95 39.04
CA VAL G 119 37.75 24.19 39.34
C VAL G 119 38.43 24.85 40.54
N SER G 120 38.80 26.12 40.38
CA SER G 120 39.48 26.87 41.43
C SER G 120 39.49 28.34 41.07
N SER G 121 39.50 29.18 42.08
CA SER G 121 39.52 30.63 41.89
C SER G 121 40.94 31.15 41.79
N GLN H 1 1.20 8.07 -42.35
CA GLN H 1 2.05 9.25 -42.60
C GLN H 1 1.86 10.27 -41.48
N VAL H 2 2.89 11.10 -41.28
CA VAL H 2 2.88 12.06 -40.18
C VAL H 2 2.88 13.44 -40.82
N GLN H 3 2.26 13.54 -42.00
CA GLN H 3 2.12 14.83 -42.66
C GLN H 3 1.21 15.74 -41.83
N LEU H 4 1.46 17.04 -41.94
CA LEU H 4 0.75 18.04 -41.15
C LEU H 4 -0.07 18.90 -42.10
N GLN H 5 -1.35 19.07 -41.78
CA GLN H 5 -2.26 19.87 -42.59
C GLN H 5 -2.59 21.15 -41.85
N GLU H 6 -2.29 22.29 -42.44
CA GLU H 6 -2.47 23.58 -41.83
C GLU H 6 -3.66 24.32 -42.42
N SER H 7 -4.14 25.30 -41.69
CA SER H 7 -5.30 26.09 -42.08
C SER H 7 -5.31 27.37 -41.27
N GLY H 8 -6.20 28.28 -41.63
CA GLY H 8 -6.33 29.56 -40.97
C GLY H 8 -5.65 30.73 -41.67
N GLY H 9 -5.02 30.49 -42.81
CA GLY H 9 -4.36 31.56 -43.53
C GLY H 9 -5.34 32.52 -44.17
N GLY H 10 -4.82 33.70 -44.55
CA GLY H 10 -5.64 34.70 -45.19
C GLY H 10 -4.91 36.02 -45.28
N LEU H 11 -5.65 37.06 -45.66
CA LEU H 11 -5.13 38.41 -45.75
C LEU H 11 -5.48 39.16 -44.48
N VAL H 12 -4.50 39.88 -43.93
CA VAL H 12 -4.67 40.55 -42.64
C VAL H 12 -4.48 42.04 -42.82
N GLN H 13 -5.43 42.81 -42.28
CA GLN H 13 -5.29 44.25 -42.19
C GLN H 13 -4.24 44.60 -41.14
N PRO H 14 -3.26 45.45 -41.46
CA PRO H 14 -2.22 45.80 -40.48
C PRO H 14 -2.79 46.20 -39.13
N GLY H 15 -2.47 45.42 -38.10
CA GLY H 15 -2.98 45.67 -36.77
C GLY H 15 -4.12 44.75 -36.37
N GLY H 16 -4.07 43.51 -36.84
CA GLY H 16 -5.10 42.54 -36.54
C GLY H 16 -4.57 41.32 -35.82
N SER H 17 -5.32 40.22 -35.85
CA SER H 17 -4.92 38.99 -35.20
C SER H 17 -5.27 37.80 -36.10
N LEU H 18 -4.49 36.73 -35.95
CA LEU H 18 -4.66 35.51 -36.73
C LEU H 18 -4.79 34.30 -35.80
N ARG H 19 -5.32 33.23 -36.36
CA ARG H 19 -5.57 31.97 -35.67
C ARG H 19 -5.07 30.82 -36.54
N LEU H 20 -3.80 30.88 -36.92
CA LEU H 20 -3.25 29.80 -37.72
C LEU H 20 -3.30 28.51 -36.91
N SER H 21 -3.49 27.38 -37.60
CA SER H 21 -3.58 26.12 -36.88
C SER H 21 -3.11 25.02 -37.81
N CYS H 22 -2.74 23.90 -37.21
CA CYS H 22 -2.44 22.72 -38.02
C CYS H 22 -2.64 21.46 -37.22
N VAL H 23 -3.04 20.40 -37.93
CA VAL H 23 -3.41 19.11 -37.37
C VAL H 23 -2.48 18.06 -37.95
N ALA H 24 -2.04 17.13 -37.10
CA ALA H 24 -1.17 16.05 -37.56
C ALA H 24 -1.58 14.77 -36.86
N SER H 25 -1.36 13.65 -37.56
CA SER H 25 -1.60 12.32 -37.02
C SER H 25 -0.50 11.41 -37.57
N GLY H 26 -0.61 10.13 -37.31
CA GLY H 26 0.38 9.19 -37.80
C GLY H 26 1.04 8.37 -36.71
N PHE H 27 0.35 8.21 -35.59
CA PHE H 27 0.75 7.33 -34.47
C PHE H 27 2.19 7.57 -33.99
N ASP H 28 2.78 8.72 -34.31
CA ASP H 28 4.05 9.10 -33.71
C ASP H 28 4.03 10.52 -33.17
N LEU H 29 2.88 11.03 -32.76
CA LEU H 29 2.79 12.35 -32.12
C LEU H 29 2.87 12.24 -30.61
N GLU H 30 3.87 11.50 -30.12
CA GLU H 30 4.12 11.37 -28.69
C GLU H 30 5.60 11.60 -28.43
N ASN H 31 6.40 11.50 -29.49
CA ASN H 31 7.84 11.70 -29.43
C ASN H 31 8.22 13.11 -29.84
N TYR H 32 7.55 13.67 -30.83
CA TYR H 32 7.92 14.92 -31.46
C TYR H 32 7.19 16.10 -30.83
N SER H 33 7.66 17.30 -31.18
CA SER H 33 6.97 18.55 -30.88
C SER H 33 6.78 19.30 -32.18
N ILE H 34 5.83 20.23 -32.21
CA ILE H 34 5.47 20.93 -33.44
C ILE H 34 5.67 22.43 -33.27
N GLY H 35 6.40 23.02 -34.22
CA GLY H 35 6.60 24.46 -34.28
C GLY H 35 6.32 24.98 -35.67
N TRP H 36 6.71 26.22 -35.96
CA TRP H 36 6.30 26.88 -37.21
C TRP H 36 7.51 27.47 -37.91
N PHE H 37 7.27 27.95 -39.12
CA PHE H 37 8.25 28.61 -39.98
C PHE H 37 7.84 30.05 -40.24
N ARG H 38 8.76 30.82 -40.80
CA ARG H 38 8.46 32.15 -41.32
C ARG H 38 9.24 32.38 -42.61
N GLN H 39 9.24 31.38 -43.49
CA GLN H 39 9.95 31.50 -44.76
C GLN H 39 9.41 32.65 -45.58
N ALA H 40 10.27 33.63 -45.86
CA ALA H 40 9.88 34.83 -46.59
C ALA H 40 10.79 35.03 -47.79
N PRO H 41 10.27 35.62 -48.87
CA PRO H 41 11.11 35.85 -50.05
C PRO H 41 12.32 36.74 -49.71
N GLY H 42 13.44 36.42 -50.33
CA GLY H 42 14.69 37.15 -50.11
C GLY H 42 15.50 36.69 -48.92
N LYS H 43 14.83 36.52 -47.77
CA LYS H 43 15.49 36.09 -46.55
C LYS H 43 15.47 34.57 -46.44
N ALA H 44 16.31 34.05 -45.54
CA ALA H 44 16.37 32.63 -45.28
C ALA H 44 15.26 32.25 -44.29
N ARG H 45 15.22 30.98 -43.90
CA ARG H 45 14.22 30.51 -42.95
C ARG H 45 14.49 31.04 -41.56
N GLU H 46 13.45 31.02 -40.72
CA GLU H 46 13.58 31.37 -39.32
C GLU H 46 12.53 30.59 -38.54
N GLY H 47 12.47 30.84 -37.24
CA GLY H 47 11.50 30.18 -36.40
C GLY H 47 10.58 31.21 -35.75
N VAL H 48 9.37 30.76 -35.45
CA VAL H 48 8.36 31.64 -34.87
C VAL H 48 7.98 31.13 -33.49
N ALA H 49 7.46 29.90 -33.43
CA ALA H 49 7.02 29.32 -32.17
C ALA H 49 7.30 27.83 -32.20
N CYS H 50 7.36 27.24 -31.02
CA CYS H 50 7.59 25.80 -30.90
C CYS H 50 7.08 25.35 -29.54
N LEU H 51 5.97 24.62 -29.53
CA LEU H 51 5.40 24.14 -28.27
C LEU H 51 6.22 22.92 -27.85
N SER H 52 7.09 23.12 -26.89
CA SER H 52 7.97 22.05 -26.43
C SER H 52 7.17 21.02 -25.65
N LYS H 53 6.99 19.85 -26.24
CA LYS H 53 6.45 18.72 -25.51
C LYS H 53 7.36 18.40 -24.33
N ASN H 54 6.77 17.82 -23.28
CA ASN H 54 7.52 17.27 -22.16
C ASN H 54 8.02 18.39 -21.26
N SER H 55 7.80 19.63 -21.67
CA SER H 55 8.11 20.81 -20.85
C SER H 55 6.91 21.73 -20.68
N GLY H 56 6.03 21.82 -21.67
CA GLY H 56 4.85 22.65 -21.57
C GLY H 56 5.06 24.12 -21.85
N ILE H 57 6.28 24.54 -22.17
CA ILE H 57 6.56 25.94 -22.43
C ILE H 57 6.15 26.27 -23.86
N GLY H 58 5.94 27.56 -24.11
CA GLY H 58 5.46 28.04 -25.39
C GLY H 58 6.45 28.93 -26.12
N HIS H 59 7.71 28.53 -26.18
CA HIS H 59 8.78 29.36 -26.73
C HIS H 59 8.37 30.02 -28.03
N SER H 60 8.76 31.28 -28.18
CA SER H 60 8.49 32.04 -29.40
C SER H 60 9.56 33.10 -29.54
N VAL H 61 10.00 33.32 -30.78
CA VAL H 61 11.06 34.28 -31.03
C VAL H 61 10.59 35.73 -30.84
N LYS H 62 9.29 35.96 -30.81
CA LYS H 62 8.73 37.28 -30.57
C LYS H 62 7.66 37.20 -29.50
N GLY H 63 7.48 38.31 -28.78
CA GLY H 63 6.51 38.33 -27.70
C GLY H 63 5.07 38.17 -28.17
N ARG H 64 4.75 38.71 -29.34
CA ARG H 64 3.37 38.67 -29.82
C ARG H 64 2.92 37.24 -30.15
N PHE H 65 3.74 36.50 -30.89
CA PHE H 65 3.35 35.17 -31.32
C PHE H 65 3.30 34.21 -30.13
N THR H 66 2.30 33.36 -30.10
CA THR H 66 2.19 32.33 -29.08
C THR H 66 1.70 31.03 -29.71
N ILE H 67 2.04 29.92 -29.08
CA ILE H 67 1.60 28.60 -29.53
C ILE H 67 0.83 27.94 -28.40
N SER H 68 -0.22 27.21 -28.76
CA SER H 68 -1.10 26.63 -27.76
C SER H 68 -1.66 25.30 -28.25
N ARG H 69 -2.09 24.49 -27.29
CA ARG H 69 -2.73 23.21 -27.50
C ARG H 69 -3.95 23.13 -26.59
N ASP H 70 -4.73 22.07 -26.74
CA ASP H 70 -5.92 21.88 -25.90
C ASP H 70 -6.20 20.40 -25.78
N GLY H 71 -6.05 19.87 -24.56
CA GLY H 71 -6.36 18.48 -24.28
C GLY H 71 -5.49 17.53 -25.07
N ASP H 72 -6.07 16.38 -25.40
CA ASP H 72 -5.40 15.37 -26.22
C ASP H 72 -5.68 15.56 -27.70
N SER H 73 -6.42 16.60 -28.08
CA SER H 73 -6.69 16.86 -29.49
C SER H 73 -5.39 17.12 -30.23
N ASN H 74 -5.23 16.48 -31.38
CA ASN H 74 -3.99 16.59 -32.14
C ASN H 74 -4.00 17.81 -33.06
N THR H 75 -4.32 18.98 -32.51
CA THR H 75 -4.32 20.23 -33.25
C THR H 75 -3.57 21.29 -32.46
N TRP H 76 -2.78 22.08 -33.17
CA TRP H 76 -1.93 23.10 -32.56
C TRP H 76 -2.30 24.46 -33.13
N PHE H 77 -2.45 25.45 -32.26
CA PHE H 77 -2.91 26.78 -32.64
C PHE H 77 -1.79 27.79 -32.45
N LEU H 78 -1.39 28.43 -33.54
CA LEU H 78 -0.46 29.56 -33.51
C LEU H 78 -1.31 30.84 -33.54
N GLN H 79 -1.25 31.59 -32.45
CA GLN H 79 -1.98 32.84 -32.32
C GLN H 79 -1.00 34.01 -32.47
N MET H 80 -1.31 34.91 -33.40
CA MET H 80 -0.49 36.08 -33.68
C MET H 80 -1.33 37.34 -33.54
N GLY H 81 -0.75 38.37 -32.94
CA GLY H 81 -1.47 39.61 -32.74
C GLY H 81 -0.58 40.81 -33.02
N ALA H 82 -1.23 41.94 -33.29
CA ALA H 82 -0.56 43.20 -33.58
C ALA H 82 0.43 43.04 -34.73
N LEU H 83 -0.05 42.49 -35.84
CA LEU H 83 0.79 42.27 -37.00
C LEU H 83 1.19 43.58 -37.65
N GLU H 84 2.38 43.58 -38.24
CA GLU H 84 2.94 44.73 -38.92
C GLU H 84 3.23 44.37 -40.38
N ALA H 85 3.92 45.27 -41.08
CA ALA H 85 4.05 45.16 -42.52
C ALA H 85 5.08 44.10 -42.96
N GLU H 86 5.92 43.62 -42.04
CA GLU H 86 6.96 42.67 -42.44
C GLU H 86 6.52 41.22 -42.30
N ASP H 87 5.29 40.95 -41.89
CA ASP H 87 4.81 39.59 -41.71
C ASP H 87 4.10 39.08 -42.96
N THR H 88 4.83 39.12 -44.08
CA THR H 88 4.34 38.62 -45.36
C THR H 88 5.22 37.42 -45.73
N ALA H 89 4.71 36.21 -45.53
CA ALA H 89 5.55 35.04 -45.71
C ALA H 89 4.66 33.81 -45.89
N VAL H 90 5.28 32.64 -45.91
CA VAL H 90 4.58 31.37 -45.92
C VAL H 90 4.90 30.65 -44.61
N TYR H 91 3.86 30.37 -43.85
CA TYR H 91 3.99 29.76 -42.54
C TYR H 91 3.74 28.26 -42.68
N THR H 92 4.75 27.47 -42.35
CA THR H 92 4.69 26.02 -42.42
C THR H 92 4.90 25.46 -41.03
N CYS H 93 3.98 24.60 -40.58
CA CYS H 93 4.14 23.95 -39.30
C CYS H 93 4.92 22.68 -39.50
N ALA H 94 6.07 22.58 -38.84
CA ALA H 94 6.94 21.41 -38.95
C ALA H 94 7.16 20.84 -37.56
N THR H 95 7.93 19.77 -37.45
CA THR H 95 8.14 19.12 -36.17
C THR H 95 9.62 19.15 -35.80
N TYR H 96 9.88 19.54 -34.56
CA TYR H 96 11.19 19.54 -33.93
C TYR H 96 11.22 18.46 -32.85
N ASN H 97 12.39 18.26 -32.25
CA ASN H 97 12.58 17.15 -31.35
C ASN H 97 11.85 17.38 -30.02
N ARG H 98 12.11 16.49 -29.07
CA ARG H 98 11.30 16.40 -27.85
C ARG H 98 11.31 17.66 -27.02
N ALA H 99 12.29 18.54 -27.17
CA ALA H 99 12.40 19.72 -26.33
C ALA H 99 12.56 20.99 -27.16
N CYS H 100 12.07 20.97 -28.41
CA CYS H 100 12.21 22.11 -29.32
C CYS H 100 13.66 22.54 -29.46
N ALA H 101 14.57 21.57 -29.37
CA ALA H 101 15.99 21.87 -29.33
C ALA H 101 16.45 22.50 -30.64
N ASN H 102 17.24 23.57 -30.53
CA ASN H 102 17.95 24.15 -31.66
C ASN H 102 17.00 24.55 -32.78
N TYR H 103 15.82 25.04 -32.42
CA TYR H 103 14.90 25.53 -33.44
C TYR H 103 15.32 26.95 -33.84
N VAL H 104 14.44 27.66 -34.55
CA VAL H 104 14.65 28.97 -35.18
C VAL H 104 15.79 28.93 -36.19
N THR H 105 16.56 27.84 -36.22
CA THR H 105 17.61 27.68 -37.22
C THR H 105 17.66 26.31 -37.86
N ILE H 106 17.15 25.27 -37.22
CA ILE H 106 17.23 23.93 -37.78
C ILE H 106 16.23 23.78 -38.92
N TRP H 107 16.59 22.95 -39.90
CA TRP H 107 15.70 22.58 -40.98
C TRP H 107 15.16 21.19 -40.71
N PRO H 108 13.88 21.04 -40.37
CA PRO H 108 13.40 19.75 -39.88
C PRO H 108 12.89 18.83 -40.98
N GLU H 109 12.52 17.62 -40.59
CA GLU H 109 11.87 16.64 -41.45
C GLU H 109 10.52 16.28 -40.84
N PHE H 110 9.64 15.69 -41.67
CA PHE H 110 8.19 15.70 -41.42
C PHE H 110 7.69 17.15 -41.29
N ARG H 111 7.79 17.90 -42.38
CA ARG H 111 7.31 19.28 -42.41
C ARG H 111 6.09 19.40 -43.31
N GLY H 112 5.34 20.48 -43.12
CA GLY H 112 4.13 20.73 -43.87
C GLY H 112 4.40 21.40 -45.20
N GLN H 113 3.32 21.87 -45.82
CA GLN H 113 3.41 22.53 -47.13
C GLN H 113 3.55 24.05 -46.98
N GLY H 114 2.70 24.66 -46.15
CA GLY H 114 2.85 26.08 -45.86
C GLY H 114 1.75 26.97 -46.40
N THR H 115 0.98 27.56 -45.49
CA THR H 115 -0.01 28.55 -45.89
C THR H 115 0.65 29.88 -46.18
N GLN H 116 -0.10 30.77 -46.83
CA GLN H 116 0.42 32.07 -47.24
C GLN H 116 -0.26 33.16 -46.42
N VAL H 117 0.54 33.97 -45.72
CA VAL H 117 0.03 35.05 -44.88
C VAL H 117 0.57 36.37 -45.43
N THR H 118 -0.35 37.27 -45.77
CA THR H 118 -0.03 38.54 -46.39
C THR H 118 -0.75 39.67 -45.66
N VAL H 119 -0.02 40.76 -45.43
CA VAL H 119 -0.54 41.94 -44.74
C VAL H 119 -0.47 43.11 -45.71
N SER H 120 -1.54 43.90 -45.78
CA SER H 120 -1.61 45.08 -46.62
C SER H 120 -2.87 45.86 -46.27
N SER H 121 -2.79 47.17 -46.43
CA SER H 121 -3.92 48.05 -46.13
C SER H 121 -4.91 48.07 -47.30
N GLN I 1 -25.72 44.94 36.55
CA GLN I 1 -25.11 46.24 36.80
C GLN I 1 -25.08 47.09 35.54
N VAL I 2 -25.30 46.45 34.39
CA VAL I 2 -25.34 47.21 33.14
C VAL I 2 -26.56 48.12 33.15
N GLN I 3 -26.47 49.19 32.37
CA GLN I 3 -27.56 50.15 32.28
C GLN I 3 -28.74 49.52 31.55
N LEU I 4 -29.95 49.88 31.96
CA LEU I 4 -31.17 49.49 31.26
C LEU I 4 -32.05 50.72 31.05
N VAL I 5 -32.46 50.94 29.80
CA VAL I 5 -33.32 52.07 29.43
C VAL I 5 -34.61 51.51 28.86
N GLU I 6 -35.74 52.04 29.35
CA GLU I 6 -37.07 51.66 28.90
C GLU I 6 -37.81 52.92 28.52
N SER I 7 -38.58 52.86 27.43
CA SER I 7 -39.33 54.03 26.98
C SER I 7 -40.46 53.55 26.06
N GLY I 8 -41.26 54.49 25.57
CA GLY I 8 -42.36 54.19 24.69
C GLY I 8 -43.72 54.12 25.36
N GLY I 9 -43.77 54.28 26.68
CA GLY I 9 -45.05 54.25 27.37
C GLY I 9 -45.86 55.52 27.17
N GLY I 10 -47.12 55.45 27.58
CA GLY I 10 -47.99 56.59 27.45
C GLY I 10 -49.41 56.23 27.86
N VAL I 11 -50.31 57.18 27.63
CA VAL I 11 -51.73 57.02 27.93
C VAL I 11 -52.47 56.83 26.61
N VAL I 12 -53.19 55.72 26.49
CA VAL I 12 -53.87 55.35 25.26
C VAL I 12 -55.28 54.88 25.57
N GLN I 13 -56.14 54.98 24.56
CA GLN I 13 -57.53 54.55 24.66
C GLN I 13 -57.64 53.06 24.41
N PRO I 14 -58.75 52.43 24.82
CA PRO I 14 -58.88 50.98 24.63
C PRO I 14 -58.96 50.61 23.15
N GLY I 15 -58.38 49.46 22.82
CA GLY I 15 -58.35 48.96 21.47
C GLY I 15 -57.25 49.53 20.59
N THR I 16 -56.45 50.45 21.12
CA THR I 16 -55.41 51.11 20.33
C THR I 16 -54.14 50.25 20.32
N SER I 17 -53.09 50.77 19.66
CA SER I 17 -51.82 50.06 19.54
C SER I 17 -50.70 50.95 20.05
N LEU I 18 -49.68 50.32 20.62
CA LEU I 18 -48.54 51.04 21.17
C LEU I 18 -47.28 50.20 20.99
N ARG I 19 -46.13 50.88 21.03
CA ARG I 19 -44.84 50.23 20.88
C ARG I 19 -43.94 50.62 22.04
N LEU I 20 -43.35 49.62 22.68
CA LEU I 20 -42.46 49.83 23.82
C LEU I 20 -41.04 49.47 23.41
N SER I 21 -40.09 50.36 23.74
CA SER I 21 -38.70 50.22 23.31
C SER I 21 -37.79 50.05 24.52
N CYS I 22 -36.98 49.00 24.51
CA CYS I 22 -35.96 48.76 25.52
C CYS I 22 -34.59 48.77 24.86
N ALA I 23 -33.65 49.50 25.47
CA ALA I 23 -32.31 49.67 24.92
C ALA I 23 -31.29 48.89 25.73
N ALA I 24 -30.24 48.42 25.04
CA ALA I 24 -29.19 47.62 25.64
C ALA I 24 -27.82 48.23 25.36
N SER I 25 -26.96 48.22 26.37
CA SER I 25 -25.58 48.68 26.25
C SER I 25 -24.77 48.08 27.40
N GLN I 26 -23.45 48.15 27.28
CA GLN I 26 -22.48 47.57 28.22
C GLN I 26 -22.55 46.06 28.28
N PHE I 27 -23.33 45.42 27.40
CA PHE I 27 -23.38 43.97 27.29
C PHE I 27 -23.89 43.62 25.90
N ARG I 28 -23.69 42.37 25.52
CA ARG I 28 -24.08 41.90 24.19
C ARG I 28 -25.57 41.60 24.18
N PHE I 29 -26.33 42.39 23.41
CA PHE I 29 -27.77 42.14 23.32
C PHE I 29 -28.08 40.86 22.57
N ASP I 30 -27.25 40.52 21.58
CA ASP I 30 -27.46 39.29 20.82
C ASP I 30 -27.29 38.05 21.68
N GLY I 31 -26.51 38.14 22.75
CA GLY I 31 -26.22 37.01 23.58
C GLY I 31 -27.19 36.73 24.71
N TYR I 32 -28.31 37.45 24.78
CA TYR I 32 -29.26 37.27 25.86
C TYR I 32 -30.67 37.37 25.32
N GLY I 33 -31.54 36.47 25.79
CA GLY I 33 -32.95 36.53 25.45
C GLY I 33 -33.70 37.52 26.29
N MET I 34 -34.79 38.05 25.71
CA MET I 34 -35.56 39.12 26.33
C MET I 34 -36.85 38.57 26.93
N HIS I 35 -37.30 39.23 28.00
CA HIS I 35 -38.57 38.91 28.63
C HIS I 35 -39.29 40.21 28.98
N TRP I 36 -40.62 40.14 29.04
CA TRP I 36 -41.45 41.25 29.44
C TRP I 36 -42.30 40.85 30.64
N VAL I 37 -42.28 41.66 31.69
CA VAL I 37 -43.01 41.40 32.92
C VAL I 37 -43.93 42.58 33.20
N ARG I 38 -45.20 42.29 33.46
CA ARG I 38 -46.20 43.31 33.76
C ARG I 38 -46.51 43.27 35.25
N GLN I 39 -46.73 44.44 35.84
CA GLN I 39 -47.09 44.51 37.25
C GLN I 39 -48.00 45.72 37.46
N ALA I 40 -49.23 45.48 37.90
CA ALA I 40 -50.13 46.56 38.26
C ALA I 40 -49.74 47.11 39.63
N PRO I 41 -50.07 48.38 39.90
CA PRO I 41 -49.69 48.97 41.19
C PRO I 41 -50.37 48.25 42.35
N GLY I 42 -49.55 47.79 43.30
CA GLY I 42 -50.05 47.14 44.48
C GLY I 42 -50.28 45.64 44.36
N LYS I 43 -50.04 45.05 43.21
CA LYS I 43 -50.22 43.62 42.99
C LYS I 43 -48.87 42.98 42.64
N GLY I 44 -48.90 41.66 42.46
CA GLY I 44 -47.71 40.92 42.14
C GLY I 44 -47.29 41.05 40.69
N LEU I 45 -46.11 40.53 40.39
CA LEU I 45 -45.58 40.54 39.03
C LEU I 45 -46.38 39.57 38.16
N GLU I 46 -46.37 39.82 36.85
CA GLU I 46 -47.00 38.91 35.90
C GLU I 46 -46.14 38.85 34.65
N TRP I 47 -45.67 37.64 34.33
CA TRP I 47 -44.98 37.39 33.08
C TRP I 47 -45.90 37.67 31.90
N VAL I 48 -45.31 38.16 30.81
CA VAL I 48 -46.05 38.53 29.61
C VAL I 48 -45.56 37.77 28.38
N ALA I 49 -44.30 37.94 28.02
CA ALA I 49 -43.77 37.34 26.80
C ALA I 49 -42.28 37.12 26.95
N SER I 50 -41.75 36.25 26.09
CA SER I 50 -40.32 35.92 26.10
C SER I 50 -39.86 35.58 24.68
N ILE I 51 -38.64 36.00 24.37
CA ILE I 51 -38.00 35.73 23.09
C ILE I 51 -36.56 35.28 23.35
N SER I 52 -36.09 34.36 22.53
CA SER I 52 -34.75 33.80 22.69
C SER I 52 -33.71 34.78 22.15
N HIS I 53 -32.45 34.35 22.15
CA HIS I 53 -31.37 35.18 21.63
C HIS I 53 -31.52 35.43 20.14
N ASP I 54 -31.90 34.40 19.38
CA ASP I 54 -32.08 34.52 17.94
C ASP I 54 -33.47 35.03 17.56
N GLY I 55 -34.46 34.79 18.40
CA GLY I 55 -35.83 35.18 18.11
C GLY I 55 -36.68 34.12 17.47
N ILE I 56 -36.15 32.91 17.29
CA ILE I 56 -36.94 31.83 16.69
C ILE I 56 -38.06 31.39 17.63
N LYS I 57 -37.72 31.18 18.91
CA LYS I 57 -38.70 30.73 19.89
C LYS I 57 -39.37 31.92 20.55
N LYS I 58 -40.68 32.07 20.29
CA LYS I 58 -41.48 33.13 20.86
C LYS I 58 -42.52 32.51 21.78
N TYR I 59 -42.63 33.05 22.99
CA TYR I 59 -43.51 32.48 24.01
C TYR I 59 -44.36 33.59 24.60
N HIS I 60 -45.65 33.32 24.80
CA HIS I 60 -46.59 34.35 25.21
C HIS I 60 -47.49 33.83 26.33
N ALA I 61 -48.42 34.68 26.76
CA ALA I 61 -49.25 34.39 27.92
C ALA I 61 -50.67 34.02 27.51
N GLU I 62 -51.36 33.30 28.40
CA GLU I 62 -52.75 32.92 28.16
C GLU I 62 -53.65 34.14 28.16
N LYS I 63 -53.31 35.17 28.94
CA LYS I 63 -54.10 36.39 28.95
C LYS I 63 -53.84 37.27 27.74
N VAL I 64 -52.72 37.07 27.06
CA VAL I 64 -52.33 37.95 25.96
C VAL I 64 -52.14 37.14 24.68
N TRP I 65 -52.71 35.94 24.64
CA TRP I 65 -52.61 35.08 23.48
C TRP I 65 -53.19 35.75 22.25
N GLY I 66 -52.40 35.82 21.18
CA GLY I 66 -52.87 36.33 19.91
C GLY I 66 -53.02 37.84 19.83
N ARG I 67 -52.54 38.60 20.83
CA ARG I 67 -52.70 40.04 20.83
C ARG I 67 -51.44 40.81 21.19
N PHE I 68 -50.43 40.17 21.77
CA PHE I 68 -49.16 40.80 22.08
C PHE I 68 -48.12 40.32 21.08
N THR I 69 -47.25 41.21 20.61
CA THR I 69 -46.16 40.83 19.74
C THR I 69 -44.85 41.29 20.36
N ILE I 70 -43.84 40.43 20.33
CA ILE I 70 -42.52 40.75 20.87
C ILE I 70 -41.48 40.43 19.81
N SER I 71 -40.55 41.36 19.60
CA SER I 71 -39.48 41.16 18.62
C SER I 71 -38.22 41.83 19.14
N ARG I 72 -37.09 41.38 18.63
CA ARG I 72 -35.79 41.93 18.98
C ARG I 72 -35.02 42.27 17.72
N ASP I 73 -34.23 43.34 17.77
CA ASP I 73 -33.34 43.69 16.67
C ASP I 73 -31.95 43.84 17.28
N ASN I 74 -31.08 42.89 16.94
CA ASN I 74 -29.74 42.86 17.52
C ASN I 74 -28.82 43.89 16.89
N SER I 75 -29.10 44.31 15.66
CA SER I 75 -28.25 45.29 14.99
C SER I 75 -28.27 46.63 15.70
N LYS I 76 -29.47 47.13 16.02
CA LYS I 76 -29.61 48.39 16.76
C LYS I 76 -29.66 48.19 18.26
N ASN I 77 -29.57 46.94 18.73
CA ASN I 77 -29.63 46.62 20.15
C ASN I 77 -30.91 47.13 20.79
N THR I 78 -32.05 46.76 20.19
CA THR I 78 -33.33 47.28 20.64
C THR I 78 -34.36 46.17 20.75
N LEU I 79 -35.30 46.36 21.68
CA LEU I 79 -36.41 45.43 21.89
C LEU I 79 -37.73 46.11 21.57
N TYR I 80 -38.51 45.51 20.67
CA TYR I 80 -39.79 46.05 20.25
C TYR I 80 -40.91 45.21 20.87
N LEU I 81 -41.89 45.91 21.46
CA LEU I 81 -43.08 45.26 22.00
C LEU I 81 -44.29 45.96 21.39
N GLN I 82 -45.05 45.23 20.59
CA GLN I 82 -46.20 45.75 19.86
C GLN I 82 -47.49 45.32 20.56
N MET I 83 -48.39 46.28 20.75
CA MET I 83 -49.60 46.09 21.51
C MET I 83 -50.80 46.10 20.57
N ASN I 84 -51.71 45.15 20.75
CA ASN I 84 -52.94 45.07 19.98
C ASN I 84 -54.12 44.78 20.89
N SER I 85 -55.24 45.47 20.62
CA SER I 85 -56.49 45.26 21.35
C SER I 85 -56.31 45.51 22.85
N LEU I 86 -56.00 46.76 23.18
CA LEU I 86 -55.79 47.15 24.57
C LEU I 86 -57.10 47.08 25.37
N ARG I 87 -56.97 46.82 26.65
CA ARG I 87 -58.07 46.75 27.61
C ARG I 87 -57.74 47.60 28.82
N PRO I 88 -58.76 48.04 29.57
CA PRO I 88 -58.49 48.84 30.78
C PRO I 88 -57.71 48.08 31.85
N GLU I 89 -57.62 46.76 31.76
CA GLU I 89 -56.85 46.00 32.74
C GLU I 89 -55.35 46.02 32.45
N ASP I 90 -54.94 46.62 31.32
CA ASP I 90 -53.54 46.62 30.93
C ASP I 90 -52.73 47.76 31.54
N THR I 91 -53.37 48.65 32.31
CA THR I 91 -52.64 49.74 32.96
C THR I 91 -51.71 49.20 34.03
N ALA I 92 -50.40 49.27 33.79
CA ALA I 92 -49.43 48.68 34.71
C ALA I 92 -48.04 49.17 34.32
N LEU I 93 -47.04 48.71 35.08
CA LEU I 93 -45.63 48.99 34.79
C LEU I 93 -45.03 47.75 34.13
N TYR I 94 -44.30 47.98 33.04
CA TYR I 94 -43.62 46.94 32.29
C TYR I 94 -42.13 47.01 32.56
N TYR I 95 -41.55 45.86 32.85
CA TYR I 95 -40.15 45.75 33.28
C TYR I 95 -39.34 45.05 32.19
N CYS I 96 -38.16 45.58 31.91
CA CYS I 96 -37.25 45.01 30.92
C CYS I 96 -36.11 44.31 31.63
N ALA I 97 -35.84 43.07 31.22
CA ALA I 97 -34.81 42.26 31.85
C ALA I 97 -34.14 41.39 30.80
N LYS I 98 -33.04 40.75 31.20
CA LYS I 98 -32.25 39.94 30.27
C LYS I 98 -32.06 38.53 30.81
N ASP I 99 -31.22 37.74 30.14
CA ASP I 99 -30.95 36.37 30.53
C ASP I 99 -29.61 36.28 31.26
N LEU I 100 -29.19 35.05 31.56
CA LEU I 100 -27.98 34.81 32.33
C LEU I 100 -27.08 33.73 31.75
N ARG I 101 -27.59 32.86 30.88
CA ARG I 101 -26.83 31.69 30.45
C ARG I 101 -25.53 32.03 29.75
N GLU I 102 -25.42 33.23 29.15
CA GLU I 102 -24.22 33.66 28.44
C GLU I 102 -23.86 32.66 27.33
N ASP I 103 -24.74 32.61 26.33
CA ASP I 103 -24.60 31.65 25.26
C ASP I 103 -23.25 31.79 24.56
N GLU I 104 -22.66 30.66 24.22
CA GLU I 104 -21.35 30.60 23.59
C GLU I 104 -21.51 30.15 22.13
N CYS I 105 -20.39 29.98 21.45
CA CYS I 105 -20.37 29.59 20.05
C CYS I 105 -19.99 28.12 19.94
N GLU I 106 -20.87 27.33 19.30
CA GLU I 106 -20.57 25.92 19.09
C GLU I 106 -19.56 25.71 17.97
N GLU I 107 -19.56 26.60 16.97
CA GLU I 107 -18.66 26.48 15.84
C GLU I 107 -18.17 27.85 15.41
N TRP I 108 -16.96 27.89 14.87
CA TRP I 108 -16.38 29.09 14.31
C TRP I 108 -15.90 28.78 12.89
N TRP I 109 -15.91 29.80 12.04
CA TRP I 109 -15.41 29.63 10.68
C TRP I 109 -13.90 29.38 10.72
N SER I 110 -13.41 28.61 9.75
CA SER I 110 -12.05 28.12 9.76
C SER I 110 -11.36 28.38 8.43
N ASP I 111 -10.06 28.10 8.41
CA ASP I 111 -9.28 28.06 7.18
C ASP I 111 -8.22 26.98 7.33
N TYS I 112 -8.52 25.81 6.77
CA TYS I 112 -7.73 24.60 6.91
CB TYS I 112 -8.12 23.61 5.85
CG TYS I 112 -7.67 22.22 6.20
CD1 TYS I 112 -7.01 21.44 5.26
CD2 TYS I 112 -7.95 21.71 7.46
CE1 TYS I 112 -6.63 20.13 5.58
CE2 TYS I 112 -7.56 20.43 7.79
CZ TYS I 112 -6.89 19.64 6.86
OH TYS I 112 -6.51 18.36 7.22
S TYS I 112 -5.63 18.07 8.47
O1 TYS I 112 -6.19 17.70 9.76
O2 TYS I 112 -5.89 16.49 8.12
O3 TYS I 112 -4.22 17.86 8.25
C TYS I 112 -6.25 24.80 6.83
O TYS I 112 -5.51 24.42 7.77
N TYS I 113 -5.79 25.38 5.73
CA TYS I 113 -4.37 25.58 5.51
CB TYS I 113 -4.10 25.70 4.02
CG TYS I 113 -4.46 24.38 3.39
CD1 TYS I 113 -5.36 24.31 2.32
CD2 TYS I 113 -3.90 23.21 3.88
CE1 TYS I 113 -5.67 23.09 1.75
CE2 TYS I 113 -4.22 21.99 3.31
CZ TYS I 113 -5.11 21.92 2.24
OH TYS I 113 -5.42 20.70 1.69
S TYS I 113 -4.47 20.06 0.67
O1 TYS I 113 -5.14 18.98 0.01
O2 TYS I 113 -4.08 21.05 -0.31
O3 TYS I 113 -3.14 19.49 1.43
C TYS I 113 -3.90 26.79 6.27
O TYS I 113 -2.99 27.51 5.81
N ASP I 114 -4.50 27.01 7.44
CA ASP I 114 -4.10 28.08 8.34
C ASP I 114 -4.54 27.68 9.75
N PHE I 115 -5.85 27.67 9.98
CA PHE I 115 -6.48 27.16 11.19
C PHE I 115 -6.16 28.03 12.40
N GLY I 116 -5.33 29.05 12.22
CA GLY I 116 -4.93 29.92 13.30
C GLY I 116 -5.57 31.28 13.30
N ALA I 117 -6.17 31.69 12.19
CA ALA I 117 -6.80 33.00 12.11
C ALA I 117 -8.06 33.04 12.97
N GLN I 118 -8.37 34.22 13.50
CA GLN I 118 -9.57 34.43 14.28
C GLN I 118 -10.70 34.83 13.33
N LEU I 119 -11.72 33.98 13.22
CA LEU I 119 -12.81 34.17 12.28
C LEU I 119 -14.14 34.22 13.01
N PRO I 120 -15.15 34.86 12.41
CA PRO I 120 -16.42 35.08 13.12
C PRO I 120 -17.14 33.77 13.40
N CYS I 121 -18.14 33.88 14.28
CA CYS I 121 -18.91 32.71 14.71
C CYS I 121 -19.81 32.22 13.59
N ALA I 122 -19.96 30.89 13.50
CA ALA I 122 -20.79 30.26 12.49
C ALA I 122 -22.10 29.71 13.05
N LYS I 123 -22.02 28.86 14.07
CA LYS I 123 -23.21 28.30 14.70
C LYS I 123 -23.11 28.53 16.20
N SER I 124 -24.28 28.61 16.85
CA SER I 124 -24.32 28.90 18.27
C SER I 124 -25.51 28.21 18.90
N ARG I 125 -25.40 27.97 20.20
CA ARG I 125 -26.48 27.42 21.00
C ARG I 125 -26.78 28.39 22.14
N GLY I 126 -28.06 28.54 22.47
CA GLY I 126 -28.45 29.46 23.51
C GLY I 126 -29.95 29.70 23.51
N GLY I 127 -30.34 30.80 24.13
CA GLY I 127 -31.73 31.16 24.27
C GLY I 127 -32.34 30.54 25.52
N LEU I 128 -33.67 30.67 25.60
CA LEU I 128 -34.47 30.12 26.70
C LEU I 128 -33.98 30.77 27.99
N VAL I 129 -33.50 30.01 28.98
CA VAL I 129 -32.96 30.48 30.25
C VAL I 129 -33.76 31.68 30.78
N GLY I 130 -35.02 31.43 31.13
CA GLY I 130 -35.91 32.47 31.57
C GLY I 130 -35.73 32.89 33.02
N ILE I 131 -34.50 33.29 33.37
CA ILE I 131 -34.20 33.82 34.69
C ILE I 131 -33.64 35.23 34.51
N ALA I 132 -34.20 36.18 35.25
CA ALA I 132 -33.85 37.58 35.12
C ALA I 132 -33.16 38.06 36.38
N ASP I 133 -31.95 38.60 36.23
CA ASP I 133 -31.17 39.11 37.35
C ASP I 133 -31.08 40.63 37.40
N ASN I 134 -31.11 41.30 36.26
CA ASN I 134 -31.04 42.77 36.19
C ASN I 134 -32.38 43.28 35.68
N TRP I 135 -32.99 44.17 36.45
CA TRP I 135 -34.29 44.74 36.11
C TRP I 135 -34.16 46.26 36.00
N GLY I 136 -34.64 46.81 34.89
CA GLY I 136 -34.57 48.23 34.67
C GLY I 136 -35.66 48.99 35.40
N GLN I 137 -35.67 50.30 35.19
CA GLN I 137 -36.70 51.14 35.80
C GLN I 137 -38.09 50.78 35.28
N GLY I 138 -38.18 50.40 34.01
CA GLY I 138 -39.46 50.06 33.42
C GLY I 138 -40.21 51.26 32.88
N THR I 139 -41.39 51.00 32.34
CA THR I 139 -42.23 52.03 31.77
C THR I 139 -43.65 51.90 32.31
N MET I 140 -44.36 53.03 32.36
CA MET I 140 -45.73 53.07 32.86
C MET I 140 -46.67 53.17 31.67
N VAL I 141 -47.64 52.25 31.59
CA VAL I 141 -48.62 52.21 30.51
C VAL I 141 -50.00 52.35 31.12
N THR I 142 -50.75 53.36 30.66
CA THR I 142 -52.08 53.65 31.16
C THR I 142 -53.10 53.51 30.03
N VAL I 143 -54.19 52.81 30.32
CA VAL I 143 -55.26 52.59 29.36
C VAL I 143 -56.55 53.14 29.97
N SER I 144 -57.18 54.08 29.28
CA SER I 144 -58.41 54.68 29.77
C SER I 144 -59.20 55.32 28.63
CA GLN J 1 -27.55 -20.94 15.00
C GLN J 1 -27.69 -19.45 14.72
N VAL J 2 -28.39 -19.12 13.63
CA VAL J 2 -28.50 -17.74 13.16
C VAL J 2 -29.70 -17.02 13.76
N GLN J 3 -30.62 -17.75 14.40
CA GLN J 3 -31.92 -17.20 14.80
C GLN J 3 -31.76 -15.92 15.62
N LEU J 4 -32.78 -15.08 15.56
CA LEU J 4 -32.77 -13.74 16.15
C LEU J 4 -33.60 -13.75 17.43
N GLN J 5 -33.11 -13.05 18.46
CA GLN J 5 -33.81 -12.94 19.72
C GLN J 5 -34.19 -11.48 19.95
N GLU J 6 -35.47 -11.23 20.14
CA GLU J 6 -36.01 -9.87 20.26
C GLU J 6 -36.41 -9.59 21.69
N SER J 7 -36.48 -8.30 22.03
CA SER J 7 -36.83 -7.86 23.38
C SER J 7 -37.29 -6.41 23.31
N GLY J 8 -37.99 -6.00 24.36
CA GLY J 8 -38.50 -4.65 24.48
C GLY J 8 -39.99 -4.49 24.26
N GLY J 9 -40.72 -5.57 24.01
CA GLY J 9 -42.15 -5.45 23.81
C GLY J 9 -42.89 -5.14 25.10
N GLY J 10 -44.10 -4.61 24.94
CA GLY J 10 -44.89 -4.23 26.10
C GLY J 10 -46.04 -3.32 25.71
N LEU J 11 -46.53 -2.58 26.70
CA LEU J 11 -47.64 -1.67 26.54
C LEU J 11 -47.13 -0.23 26.55
N VAL J 12 -47.66 0.59 25.66
CA VAL J 12 -47.24 1.97 25.51
C VAL J 12 -48.48 2.86 25.41
N GLN J 13 -48.45 3.99 26.11
CA GLN J 13 -49.54 4.96 26.00
C GLN J 13 -49.40 5.73 24.69
N PRO J 14 -50.52 6.15 24.06
CA PRO J 14 -50.42 6.91 22.81
C PRO J 14 -49.63 8.21 22.97
N GLY J 15 -48.55 8.35 22.19
CA GLY J 15 -47.72 9.53 22.28
C GLY J 15 -46.45 9.31 23.08
N GLY J 16 -45.87 8.12 22.96
CA GLY J 16 -44.65 7.80 23.69
C GLY J 16 -43.55 7.30 22.79
N SER J 17 -42.57 6.60 23.36
CA SER J 17 -41.45 6.08 22.60
C SER J 17 -41.06 4.72 23.14
N LEU J 18 -40.46 3.91 22.29
CA LEU J 18 -40.00 2.57 22.65
C LEU J 18 -38.54 2.39 22.25
N ARG J 19 -37.96 1.29 22.72
CA ARG J 19 -36.56 0.96 22.50
C ARG J 19 -36.47 -0.52 22.11
N LEU J 20 -37.22 -0.91 21.08
CA LEU J 20 -37.20 -2.31 20.66
C LEU J 20 -35.76 -2.70 20.32
N SER J 21 -35.38 -3.93 20.66
CA SER J 21 -34.02 -4.34 20.38
C SER J 21 -34.01 -5.80 20.01
N CYS J 22 -32.98 -6.23 19.29
CA CYS J 22 -32.82 -7.65 19.05
C CYS J 22 -31.37 -7.98 18.72
N VAL J 23 -30.96 -9.17 19.18
CA VAL J 23 -29.56 -9.60 19.14
C VAL J 23 -29.52 -10.97 18.48
N ALA J 24 -28.36 -11.32 17.92
CA ALA J 24 -28.20 -12.62 17.28
C ALA J 24 -26.72 -12.92 17.09
N SER J 25 -26.45 -14.20 16.87
CA SER J 25 -25.12 -14.68 16.53
C SER J 25 -25.30 -15.80 15.51
N GLY J 26 -24.24 -16.57 15.27
CA GLY J 26 -24.33 -17.69 14.35
C GLY J 26 -23.31 -17.66 13.23
N PHE J 27 -22.18 -16.99 13.47
CA PHE J 27 -21.00 -16.98 12.60
C PHE J 27 -21.34 -16.65 11.15
N ASP J 28 -22.53 -16.11 10.90
CA ASP J 28 -22.94 -15.78 9.54
C ASP J 28 -23.63 -14.43 9.45
N LEU J 29 -23.56 -13.60 10.48
CA LEU J 29 -24.15 -12.27 10.45
C LEU J 29 -23.16 -11.21 9.95
N GLU J 30 -22.55 -11.49 8.81
CA GLU J 30 -21.74 -10.49 8.12
C GLU J 30 -22.21 -10.38 6.67
N ASN J 31 -22.93 -11.39 6.21
CA ASN J 31 -23.49 -11.37 4.86
C ASN J 31 -24.92 -10.86 4.83
N TYR J 32 -25.63 -10.91 5.94
CA TYR J 32 -27.03 -10.51 6.02
C TYR J 32 -27.17 -9.12 6.63
N SER J 33 -28.35 -8.54 6.43
CA SER J 33 -28.74 -7.33 7.13
C SER J 33 -29.92 -7.67 8.02
N ILE J 34 -30.24 -6.79 8.96
CA ILE J 34 -31.32 -7.04 9.91
C ILE J 34 -32.34 -5.91 9.83
N GLY J 35 -33.59 -6.28 9.62
CA GLY J 35 -34.70 -5.35 9.63
C GLY J 35 -35.82 -5.85 10.51
N TRP J 36 -36.98 -5.22 10.43
CA TRP J 36 -38.07 -5.54 11.36
C TRP J 36 -39.37 -5.77 10.60
N PHE J 37 -40.27 -6.50 11.25
CA PHE J 37 -41.58 -6.83 10.73
C PHE J 37 -42.63 -5.89 11.32
N ARG J 38 -43.87 -6.08 10.87
CA ARG J 38 -45.04 -5.49 11.52
C ARG J 38 -46.27 -6.24 11.01
N GLN J 39 -46.97 -6.92 11.91
CA GLN J 39 -48.12 -7.73 11.53
C GLN J 39 -49.27 -7.42 12.48
N ALA J 40 -50.27 -6.69 12.00
CA ALA J 40 -51.46 -6.40 12.76
C ALA J 40 -52.57 -7.37 12.39
N PRO J 41 -53.46 -7.71 13.32
CA PRO J 41 -54.53 -8.65 13.00
C PRO J 41 -55.41 -8.14 11.87
N GLY J 42 -55.74 -9.05 10.95
CA GLY J 42 -56.59 -8.75 9.81
C GLY J 42 -55.84 -8.25 8.59
N LYS J 43 -54.57 -7.89 8.73
CA LYS J 43 -53.79 -7.35 7.63
C LYS J 43 -52.59 -8.24 7.32
N ALA J 44 -51.97 -7.98 6.18
CA ALA J 44 -50.81 -8.73 5.73
C ALA J 44 -49.55 -8.24 6.46
N ARG J 45 -48.39 -8.64 5.96
CA ARG J 45 -47.11 -8.28 6.58
C ARG J 45 -46.52 -7.05 5.92
N GLU J 46 -46.04 -6.12 6.74
CA GLU J 46 -45.34 -4.93 6.27
C GLU J 46 -43.91 -4.96 6.81
N GLY J 47 -43.19 -3.87 6.53
CA GLY J 47 -41.87 -3.68 7.10
C GLY J 47 -41.79 -2.32 7.76
N VAL J 48 -40.85 -2.20 8.69
CA VAL J 48 -40.74 -0.97 9.47
C VAL J 48 -39.35 -0.37 9.37
N ALA J 49 -38.34 -1.22 9.18
CA ALA J 49 -36.96 -0.73 9.17
C ALA J 49 -36.07 -1.82 8.59
N CYS J 50 -34.95 -1.37 8.02
CA CYS J 50 -33.97 -2.27 7.42
C CYS J 50 -32.64 -1.55 7.42
N LEU J 51 -31.72 -1.97 8.29
CA LEU J 51 -30.39 -1.36 8.35
C LEU J 51 -29.53 -2.02 7.29
N SER J 52 -29.35 -1.34 6.16
CA SER J 52 -28.63 -1.92 5.03
C SER J 52 -27.14 -1.92 5.29
N LYS J 53 -26.53 -3.09 5.15
CA LYS J 53 -25.08 -3.13 5.04
C LYS J 53 -24.66 -2.59 3.67
N ASN J 54 -23.36 -2.37 3.53
CA ASN J 54 -22.74 -1.89 2.30
C ASN J 54 -23.09 -0.43 2.03
N SER J 55 -24.01 0.14 2.82
CA SER J 55 -24.28 1.58 2.74
C SER J 55 -24.44 2.26 4.09
N GLY J 56 -24.67 1.53 5.17
CA GLY J 56 -24.85 2.15 6.48
C GLY J 56 -26.09 3.00 6.61
N ILE J 57 -27.00 2.95 5.65
CA ILE J 57 -28.18 3.82 5.67
C ILE J 57 -29.29 3.12 6.46
N GLY J 58 -30.08 3.92 7.17
CA GLY J 58 -31.10 3.42 8.06
C GLY J 58 -32.51 3.46 7.52
N HIS J 59 -32.72 2.98 6.29
CA HIS J 59 -34.02 3.06 5.64
C HIS J 59 -35.16 2.67 6.57
N SER J 60 -36.29 3.35 6.43
CA SER J 60 -37.49 3.02 7.17
C SER J 60 -38.69 3.41 6.32
N VAL J 61 -39.83 2.77 6.60
CA VAL J 61 -41.04 3.04 5.83
C VAL J 61 -41.76 4.30 6.31
N LYS J 62 -41.60 4.69 7.57
CA LYS J 62 -42.14 5.93 8.09
C LYS J 62 -41.02 6.76 8.71
N GLY J 63 -41.30 8.05 8.87
CA GLY J 63 -40.30 8.95 9.44
C GLY J 63 -39.99 8.65 10.89
N ARG J 64 -40.99 8.25 11.67
CA ARG J 64 -40.80 8.07 13.10
C ARG J 64 -39.83 6.93 13.40
N PHE J 65 -40.03 5.77 12.76
CA PHE J 65 -39.23 4.60 13.06
C PHE J 65 -37.82 4.78 12.54
N THR J 66 -36.83 4.42 13.35
CA THR J 66 -35.43 4.48 12.94
C THR J 66 -34.67 3.28 13.47
N ILE J 67 -33.85 2.69 12.62
CA ILE J 67 -33.00 1.58 13.00
C ILE J 67 -31.61 2.11 13.30
N SER J 68 -30.91 1.43 14.21
CA SER J 68 -29.58 1.87 14.58
C SER J 68 -28.77 0.68 15.08
N ARG J 69 -27.45 0.86 15.05
CA ARG J 69 -26.48 -0.14 15.51
C ARG J 69 -25.43 0.59 16.32
N ASP J 70 -24.60 -0.19 17.03
CA ASP J 70 -23.58 0.39 17.89
C ASP J 70 -22.34 -0.49 17.87
N GLY J 71 -21.28 0.00 17.23
CA GLY J 71 -19.99 -0.69 17.20
C GLY J 71 -20.09 -2.05 16.54
N ASP J 72 -19.27 -2.97 17.04
CA ASP J 72 -19.28 -4.35 16.56
C ASP J 72 -20.24 -5.23 17.35
N SER J 73 -20.94 -4.67 18.33
CA SER J 73 -21.94 -5.43 19.07
C SER J 73 -23.02 -5.91 18.12
N ASN J 74 -23.36 -7.20 18.22
CA ASN J 74 -24.33 -7.78 17.30
C ASN J 74 -25.75 -7.55 17.78
N THR J 75 -26.08 -6.31 18.14
CA THR J 75 -27.42 -5.95 18.58
C THR J 75 -27.90 -4.76 17.78
N TRP J 76 -29.19 -4.78 17.45
CA TRP J 76 -29.81 -3.75 16.62
C TRP J 76 -30.96 -3.12 17.39
N PHE J 77 -31.03 -1.80 17.36
CA PHE J 77 -32.00 -1.04 18.15
C PHE J 77 -32.98 -0.36 17.20
N LEU J 78 -34.27 -0.69 17.35
CA LEU J 78 -35.34 0.00 16.64
C LEU J 78 -35.95 1.01 17.61
N GLN J 79 -35.79 2.29 17.29
CA GLN J 79 -36.32 3.39 18.08
C GLN J 79 -37.56 3.91 17.38
N MET J 80 -38.69 3.91 18.10
CA MET J 80 -39.97 4.35 17.57
C MET J 80 -40.53 5.41 18.50
N GLY J 81 -41.11 6.46 17.92
CA GLY J 81 -41.65 7.55 18.69
C GLY J 81 -42.93 8.08 18.06
N ALA J 82 -43.62 8.91 18.83
CA ALA J 82 -44.90 9.50 18.42
C ALA J 82 -45.87 8.41 17.97
N LEU J 83 -45.98 7.37 18.80
CA LEU J 83 -46.81 6.23 18.46
C LEU J 83 -48.29 6.62 18.45
N GLU J 84 -49.08 5.88 17.68
CA GLU J 84 -50.49 6.18 17.51
C GLU J 84 -51.27 4.86 17.43
N ALA J 85 -52.59 4.96 17.48
CA ALA J 85 -53.46 3.82 17.76
C ALA J 85 -53.25 2.64 16.81
N GLU J 86 -52.85 2.88 15.57
CA GLU J 86 -52.66 1.81 14.61
C GLU J 86 -51.42 0.97 14.89
N ASP J 87 -50.44 1.51 15.62
CA ASP J 87 -49.15 0.84 15.82
C ASP J 87 -49.23 -0.14 17.00
N THR J 88 -50.17 -1.07 16.90
CA THR J 88 -50.33 -2.15 17.87
C THR J 88 -50.30 -3.46 17.08
N ALA J 89 -49.22 -4.22 17.22
CA ALA J 89 -49.03 -5.40 16.38
C ALA J 89 -47.96 -6.30 16.99
N VAL J 90 -47.51 -7.26 16.20
CA VAL J 90 -46.48 -8.22 16.58
C VAL J 90 -45.21 -7.87 15.81
N TYR J 91 -44.25 -7.27 16.49
CA TYR J 91 -43.03 -6.79 15.87
C TYR J 91 -41.96 -7.87 15.91
N THR J 92 -41.49 -8.28 14.74
CA THR J 92 -40.47 -9.30 14.61
C THR J 92 -39.27 -8.72 13.89
N CYS J 93 -38.07 -9.11 14.32
CA CYS J 93 -36.85 -8.70 13.64
C CYS J 93 -36.31 -9.90 12.87
N ALA J 94 -35.99 -9.68 11.60
CA ALA J 94 -35.58 -10.75 10.70
C ALA J 94 -34.36 -10.28 9.91
N THR J 95 -33.86 -11.16 9.05
CA THR J 95 -32.68 -10.89 8.25
C THR J 95 -33.08 -10.72 6.79
N TYR J 96 -32.68 -9.59 6.21
CA TYR J 96 -32.90 -9.27 4.82
C TYR J 96 -31.58 -9.34 4.07
N ASN J 97 -31.68 -9.19 2.75
CA ASN J 97 -30.55 -9.33 1.84
C ASN J 97 -29.42 -8.37 2.22
N ARG J 98 -28.23 -8.64 1.67
CA ARG J 98 -27.04 -7.91 2.06
C ARG J 98 -27.19 -6.40 1.87
N ALA J 99 -27.97 -5.98 0.89
CA ALA J 99 -28.19 -4.56 0.63
C ALA J 99 -29.66 -4.18 0.78
N CYS J 100 -30.32 -4.72 1.81
CA CYS J 100 -31.71 -4.41 2.12
C CYS J 100 -32.58 -4.42 0.85
N ALA J 101 -32.66 -5.60 0.26
CA ALA J 101 -33.46 -5.78 -0.94
C ALA J 101 -34.93 -5.59 -0.58
N ASN J 102 -35.80 -5.85 -1.54
CA ASN J 102 -37.22 -5.53 -1.42
C ASN J 102 -37.76 -5.96 -0.07
N TYR J 103 -38.13 -5.00 0.76
CA TYR J 103 -38.77 -5.28 2.04
C TYR J 103 -40.09 -4.52 2.05
N VAL J 104 -40.73 -4.47 3.24
CA VAL J 104 -42.11 -4.07 3.49
C VAL J 104 -43.05 -5.00 2.74
N THR J 105 -42.49 -5.90 1.93
CA THR J 105 -43.29 -6.84 1.17
C THR J 105 -42.75 -8.27 1.19
N ILE J 106 -41.45 -8.48 1.40
CA ILE J 106 -40.85 -9.80 1.30
C ILE J 106 -41.11 -10.59 2.57
N TRP J 107 -40.94 -11.90 2.48
CA TRP J 107 -41.00 -12.81 3.62
C TRP J 107 -39.67 -13.52 3.74
N PRO J 108 -38.79 -13.08 4.64
CA PRO J 108 -37.42 -13.59 4.64
C PRO J 108 -37.30 -14.94 5.34
N GLU J 109 -36.08 -15.46 5.32
CA GLU J 109 -35.73 -16.62 6.11
C GLU J 109 -34.85 -16.19 7.28
N PHE J 110 -34.70 -17.09 8.25
CA PHE J 110 -33.99 -16.81 9.49
C PHE J 110 -34.64 -15.65 10.23
N ARG J 111 -35.92 -15.84 10.55
CA ARG J 111 -36.72 -14.83 11.23
C ARG J 111 -36.88 -15.18 12.71
N GLY J 112 -37.27 -14.17 13.49
CA GLY J 112 -37.47 -14.34 14.91
C GLY J 112 -38.89 -14.74 15.26
N GLN J 113 -39.19 -14.67 16.56
CA GLN J 113 -40.53 -15.02 17.05
C GLN J 113 -41.45 -13.80 17.09
N GLY J 114 -40.95 -12.68 17.61
CA GLY J 114 -41.72 -11.45 17.61
C GLY J 114 -42.33 -11.09 18.95
N THR J 115 -42.09 -9.86 19.40
CA THR J 115 -42.67 -9.36 20.63
C THR J 115 -44.09 -8.86 20.36
N GLN J 116 -44.69 -8.21 21.35
CA GLN J 116 -46.04 -7.67 21.23
C GLN J 116 -46.01 -6.21 21.65
N VAL J 117 -46.54 -5.33 20.80
CA VAL J 117 -46.61 -3.90 21.12
C VAL J 117 -48.07 -3.48 21.05
N THR J 118 -48.60 -3.03 22.18
CA THR J 118 -50.00 -2.61 22.27
C THR J 118 -50.05 -1.18 22.80
N VAL J 119 -50.89 -0.36 22.17
CA VAL J 119 -51.05 1.04 22.53
C VAL J 119 -52.49 1.26 22.99
N SER J 120 -52.64 1.95 24.12
CA SER J 120 -53.95 2.22 24.70
C SER J 120 -53.75 3.21 25.84
N SER J 121 -54.84 3.90 26.19
CA SER J 121 -54.80 4.90 27.26
C SER J 121 -55.12 4.25 28.61
N GLN J 137 -55.33 25.77 32.42
CA GLN J 137 -54.95 27.04 33.06
C GLN J 137 -54.65 26.82 34.53
N SER J 138 -53.35 26.78 34.86
CA SER J 138 -52.90 26.55 36.22
C SER J 138 -52.35 27.84 36.81
N VAL J 139 -52.78 28.18 38.03
CA VAL J 139 -52.32 29.36 38.73
C VAL J 139 -51.74 28.91 40.07
N LEU J 140 -50.57 29.45 40.41
CA LEU J 140 -49.90 29.08 41.65
C LEU J 140 -50.65 29.62 42.86
N THR J 141 -50.59 28.86 43.95
CA THR J 141 -51.25 29.22 45.21
C THR J 141 -50.19 29.58 46.24
N GLN J 142 -50.31 30.77 46.81
CA GLN J 142 -49.39 31.25 47.84
C GLN J 142 -50.20 31.86 48.97
N PRO J 143 -49.66 31.85 50.19
CA PRO J 143 -50.35 32.51 51.31
C PRO J 143 -50.43 34.00 51.08
N PRO J 144 -51.46 34.66 51.62
CA PRO J 144 -51.58 36.12 51.38
C PRO J 144 -50.44 36.92 51.99
N SER J 145 -50.10 36.66 53.25
CA SER J 145 -49.01 37.37 53.90
C SER J 145 -48.50 36.54 55.06
N VAL J 146 -47.28 36.84 55.49
CA VAL J 146 -46.65 36.19 56.63
C VAL J 146 -46.01 37.26 57.52
N SER J 147 -45.84 36.91 58.79
CA SER J 147 -45.27 37.84 59.76
C SER J 147 -44.59 37.05 60.87
N ALA J 148 -43.45 37.57 61.33
CA ALA J 148 -42.71 36.93 62.41
C ALA J 148 -41.81 37.96 63.06
N ALA J 149 -41.31 37.62 64.24
CA ALA J 149 -40.40 38.50 64.97
C ALA J 149 -39.06 38.58 64.24
N PRO J 150 -38.34 39.69 64.41
CA PRO J 150 -37.02 39.81 63.77
C PRO J 150 -36.07 38.72 64.24
N GLY J 151 -35.25 38.24 63.30
CA GLY J 151 -34.29 37.19 63.60
C GLY J 151 -34.84 35.79 63.60
N GLN J 152 -36.11 35.60 63.26
CA GLN J 152 -36.71 34.28 63.24
C GLN J 152 -36.62 33.67 61.85
N LYS J 153 -37.15 32.45 61.71
CA LYS J 153 -37.16 31.73 60.45
C LYS J 153 -38.58 31.71 59.90
N VAL J 154 -38.72 31.99 58.60
CA VAL J 154 -40.01 32.01 57.94
C VAL J 154 -39.99 31.06 56.75
N THR J 155 -41.15 30.48 56.47
CA THR J 155 -41.31 29.53 55.38
C THR J 155 -42.42 30.00 54.45
N ILE J 156 -42.18 29.88 53.14
CA ILE J 156 -43.13 30.28 52.12
C ILE J 156 -43.36 29.10 51.19
N SER J 157 -44.64 28.80 50.95
CA SER J 157 -45.03 27.66 50.13
C SER J 157 -45.61 28.15 48.81
N CYS J 158 -45.14 27.57 47.70
CA CYS J 158 -45.66 27.86 46.36
C CYS J 158 -46.12 26.51 45.78
N SER J 159 -47.42 26.30 45.72
CA SER J 159 -48.01 25.06 45.24
C SER J 159 -48.71 25.30 43.92
N GLY J 160 -48.39 24.48 42.92
CA GLY J 160 -48.98 24.63 41.60
C GLY J 160 -49.46 23.33 41.02
N ASN J 161 -49.03 23.02 39.80
CA ASN J 161 -49.42 21.82 39.08
C ASN J 161 -48.20 20.94 38.84
N THR J 162 -48.41 19.84 38.12
CA THR J 162 -47.31 18.95 37.78
C THR J 162 -46.46 19.50 36.64
N SER J 163 -47.11 20.16 35.67
CA SER J 163 -46.38 20.63 34.49
C SER J 163 -45.46 21.79 34.82
N ASN J 164 -45.91 22.71 35.67
CA ASN J 164 -45.13 23.92 35.93
C ASN J 164 -44.04 23.70 36.97
N ILE J 165 -44.39 23.12 38.12
CA ILE J 165 -43.46 22.95 39.23
C ILE J 165 -42.92 21.52 39.29
N GLY J 166 -43.79 20.53 39.10
CA GLY J 166 -43.35 19.15 39.18
C GLY J 166 -42.40 18.77 38.05
N ASN J 167 -42.66 19.24 36.84
CA ASN J 167 -41.88 18.87 35.67
C ASN J 167 -40.91 19.95 35.23
N ASN J 168 -40.83 21.07 35.95
CA ASN J 168 -39.91 22.14 35.57
C ASN J 168 -39.40 22.83 36.83
N PHE J 169 -38.24 23.48 36.68
CA PHE J 169 -37.61 24.16 37.80
C PHE J 169 -38.39 25.43 38.15
N VAL J 170 -38.13 25.94 39.35
CA VAL J 170 -38.83 27.10 39.89
C VAL J 170 -37.81 28.18 40.25
N SER J 171 -38.13 29.42 39.89
CA SER J 171 -37.30 30.57 40.21
C SER J 171 -38.04 31.50 41.16
N TRP J 172 -37.29 32.14 42.04
CA TRP J 172 -37.83 33.04 43.05
C TRP J 172 -37.37 34.46 42.78
N TYR J 173 -38.26 35.42 43.04
CA TYR J 173 -37.98 36.83 42.82
C TYR J 173 -38.44 37.63 44.02
N GLN J 174 -37.66 38.66 44.36
CA GLN J 174 -37.97 39.57 45.46
C GLN J 174 -38.13 40.98 44.92
N GLN J 175 -39.26 41.61 45.24
CA GLN J 175 -39.56 42.98 44.81
C GLN J 175 -39.68 43.84 46.06
N ARG J 176 -38.73 44.76 46.24
CA ARG J 176 -38.80 45.68 47.35
C ARG J 176 -39.82 46.78 47.06
N PRO J 177 -40.41 47.38 48.10
CA PRO J 177 -41.42 48.41 47.88
C PRO J 177 -40.83 49.60 47.12
N GLY J 178 -41.45 49.91 45.98
CA GLY J 178 -40.95 50.98 45.13
C GLY J 178 -39.56 50.72 44.58
N ARG J 179 -39.28 49.47 44.21
CA ARG J 179 -37.98 49.11 43.68
C ARG J 179 -38.14 48.01 42.65
N ALA J 180 -37.14 47.87 41.78
CA ALA J 180 -37.15 46.84 40.78
C ALA J 180 -36.94 45.47 41.42
N PRO J 181 -37.55 44.41 40.85
CA PRO J 181 -37.36 43.07 41.41
C PRO J 181 -35.93 42.58 41.25
N GLN J 182 -35.57 41.61 42.09
CA GLN J 182 -34.23 41.04 42.10
C GLN J 182 -34.33 39.52 42.15
N LEU J 183 -33.46 38.85 41.40
CA LEU J 183 -33.39 37.40 41.44
C LEU J 183 -32.68 36.93 42.70
N LEU J 184 -33.28 35.95 43.37
CA LEU J 184 -32.72 35.40 44.60
C LEU J 184 -32.38 33.92 44.48
N ILE J 185 -33.31 33.11 43.97
CA ILE J 185 -33.11 31.67 43.82
C ILE J 185 -33.40 31.28 42.39
N TYR J 186 -32.48 30.55 41.77
CA TYR J 186 -32.70 29.99 40.44
C TYR J 186 -32.46 28.48 40.48
N GLU J 187 -33.35 27.74 39.80
CA GLU J 187 -33.48 26.29 39.87
C GLU J 187 -33.37 25.75 41.30
N THR J 188 -33.88 26.50 42.26
CA THR J 188 -34.17 26.03 43.63
C THR J 188 -32.95 25.54 44.41
N ASP J 189 -31.75 25.65 43.85
CA ASP J 189 -30.58 25.15 44.57
C ASP J 189 -29.35 26.04 44.44
N LYS J 190 -29.45 27.20 43.78
CA LYS J 190 -28.30 28.07 43.59
C LYS J 190 -28.72 29.52 43.80
N ARG J 191 -27.74 30.34 44.16
CA ARG J 191 -27.94 31.75 44.45
C ARG J 191 -26.89 32.58 43.73
N PRO J 192 -27.20 33.83 43.38
CA PRO J 192 -26.20 34.69 42.76
C PRO J 192 -25.19 35.19 43.78
N SER J 193 -24.16 35.88 43.26
CA SER J 193 -23.08 36.35 44.12
C SER J 193 -23.56 37.42 45.08
N GLY J 194 -24.46 38.30 44.63
CA GLY J 194 -24.92 39.40 45.45
C GLY J 194 -25.93 39.04 46.52
N ILE J 195 -26.42 37.81 46.54
CA ILE J 195 -27.40 37.35 47.51
C ILE J 195 -26.70 36.46 48.52
N PRO J 196 -26.81 36.72 49.83
CA PRO J 196 -26.15 35.87 50.82
C PRO J 196 -26.79 34.50 50.93
N ASP J 197 -26.27 33.67 51.85
CA ASP J 197 -26.75 32.31 52.04
C ASP J 197 -27.91 32.22 53.01
N ARG J 198 -28.45 33.35 53.48
CA ARG J 198 -29.53 33.33 54.45
C ARG J 198 -30.81 32.74 53.86
N PHE J 199 -30.94 32.69 52.53
CA PHE J 199 -32.12 32.15 51.87
C PHE J 199 -31.81 30.75 51.36
N SER J 200 -32.75 29.82 51.57
CA SER J 200 -32.62 28.47 51.07
C SER J 200 -33.94 28.06 50.42
N ALA J 201 -33.84 27.12 49.46
CA ALA J 201 -35.02 26.68 48.73
C ALA J 201 -34.98 25.17 48.57
N SER J 202 -36.17 24.58 48.45
CA SER J 202 -36.30 23.15 48.22
C SER J 202 -37.59 22.91 47.44
N LYS J 203 -37.67 21.74 46.82
CA LYS J 203 -38.86 21.34 46.08
C LYS J 203 -39.25 19.92 46.47
N SER J 204 -40.54 19.63 46.38
CA SER J 204 -41.06 18.31 46.71
C SER J 204 -42.36 18.12 45.93
N GLY J 205 -42.39 17.11 45.07
CA GLY J 205 -43.57 16.86 44.25
C GLY J 205 -43.90 18.04 43.36
N THR J 206 -44.97 18.75 43.70
CA THR J 206 -45.39 19.94 42.95
C THR J 206 -45.39 21.19 43.82
N SER J 207 -44.66 21.17 44.95
CA SER J 207 -44.66 22.29 45.88
C SER J 207 -43.23 22.73 46.15
N GLY J 208 -42.98 24.03 46.05
CA GLY J 208 -41.69 24.60 46.40
C GLY J 208 -41.76 25.31 47.74
N THR J 209 -40.72 25.14 48.54
CA THR J 209 -40.65 25.74 49.87
C THR J 209 -39.41 26.61 49.96
N LEU J 210 -39.59 27.86 50.39
CA LEU J 210 -38.51 28.80 50.59
C LEU J 210 -38.37 29.09 52.07
N ALA J 211 -37.17 28.89 52.61
CA ALA J 211 -36.87 29.13 54.02
C ALA J 211 -35.93 30.33 54.13
N ILE J 212 -36.31 31.29 54.98
CA ILE J 212 -35.51 32.48 55.22
C ILE J 212 -35.14 32.51 56.70
N THR J 213 -33.84 32.62 56.98
CA THR J 213 -33.33 32.68 58.34
C THR J 213 -32.65 34.02 58.56
N GLY J 214 -32.72 34.50 59.79
CA GLY J 214 -32.17 35.80 60.12
C GLY J 214 -32.90 36.93 59.42
N LEU J 215 -34.22 36.86 59.41
CA LEU J 215 -35.03 37.89 58.77
C LEU J 215 -34.84 39.22 59.49
N GLN J 216 -34.68 40.29 58.69
CA GLN J 216 -34.47 41.63 59.21
C GLN J 216 -35.46 42.58 58.55
N THR J 217 -35.38 43.86 58.94
CA THR J 217 -36.28 44.86 58.38
C THR J 217 -36.00 45.08 56.90
N GLY J 218 -34.73 44.98 56.50
CA GLY J 218 -34.37 45.20 55.10
C GLY J 218 -34.90 44.15 54.16
N ASP J 219 -35.30 42.99 54.67
CA ASP J 219 -35.84 41.92 53.84
C ASP J 219 -37.33 42.06 53.57
N GLU J 220 -37.97 43.11 54.09
CA GLU J 220 -39.40 43.33 53.85
C GLU J 220 -39.66 43.62 52.39
N ALA J 221 -40.24 42.65 51.68
CA ALA J 221 -40.49 42.77 50.26
C ALA J 221 -41.56 41.76 49.87
N ASP J 222 -41.97 41.79 48.60
CA ASP J 222 -42.96 40.86 48.07
C ASP J 222 -42.25 39.79 47.26
N TYR J 223 -42.51 38.53 47.59
CA TYR J 223 -41.80 37.41 46.98
C TYR J 223 -42.72 36.68 45.99
N TYR J 224 -42.14 36.27 44.86
CA TYR J 224 -42.88 35.67 43.77
C TYR J 224 -42.18 34.39 43.32
N CYS J 225 -42.98 33.37 43.00
CA CYS J 225 -42.47 32.12 42.45
C CYS J 225 -42.95 32.00 41.01
N ALA J 226 -42.03 31.63 40.11
CA ALA J 226 -42.36 31.44 38.71
C ALA J 226 -41.70 30.17 38.18
N THR J 227 -42.21 29.68 37.06
CA THR J 227 -41.65 28.53 36.39
C THR J 227 -41.43 28.88 34.92
N TRP J 228 -40.49 28.17 34.28
CA TRP J 228 -40.13 28.45 32.90
C TRP J 228 -39.99 27.14 32.13
N ALA J 229 -40.61 27.09 30.95
CA ALA J 229 -40.48 25.95 30.05
C ALA J 229 -41.04 26.33 28.69
N ALA J 230 -40.28 26.04 27.63
CA ALA J 230 -40.75 26.29 26.28
C ALA J 230 -41.60 25.16 25.73
N SER J 231 -41.62 24.01 26.41
CA SER J 231 -42.35 22.84 25.88
C SER J 231 -43.85 23.09 25.88
N LEU J 232 -44.40 23.63 26.96
CA LEU J 232 -45.83 23.84 27.08
C LEU J 232 -46.09 25.28 27.50
N SER J 233 -47.25 25.80 27.06
CA SER J 233 -47.57 27.20 27.37
C SER J 233 -48.14 27.35 28.77
N SER J 234 -48.72 26.29 29.33
CA SER J 234 -49.22 26.35 30.69
C SER J 234 -48.08 26.29 31.71
N ALA J 235 -46.87 25.95 31.26
CA ALA J 235 -45.77 25.73 32.18
C ALA J 235 -45.30 27.00 32.87
N ARG J 236 -45.17 28.12 32.15
CA ARG J 236 -44.74 29.36 32.80
C ARG J 236 -45.94 29.91 33.56
N VAL J 237 -45.72 30.25 34.82
CA VAL J 237 -46.75 30.85 35.66
C VAL J 237 -46.07 31.53 36.85
N PHE J 238 -46.47 32.77 37.12
CA PHE J 238 -45.96 33.55 38.23
C PHE J 238 -46.90 33.42 39.43
N GLY J 239 -46.33 33.31 40.62
CA GLY J 239 -47.14 33.19 41.81
C GLY J 239 -47.86 34.47 42.15
N THR J 240 -48.90 34.34 42.98
CA THR J 240 -49.67 35.49 43.40
C THR J 240 -48.81 36.47 44.20
N GLY J 241 -48.00 35.94 45.11
CA GLY J 241 -47.13 36.77 45.91
C GLY J 241 -47.37 36.64 47.40
N THR J 242 -46.31 36.77 48.19
CA THR J 242 -46.39 36.69 49.65
C THR J 242 -45.80 37.95 50.25
N GLN J 243 -46.53 38.57 51.17
CA GLN J 243 -46.11 39.80 51.83
C GLN J 243 -45.44 39.45 53.14
N VAL J 244 -44.25 40.03 53.38
CA VAL J 244 -43.50 39.81 54.60
C VAL J 244 -43.53 41.09 55.42
N ILE J 245 -43.99 40.99 56.66
CA ILE J 245 -44.03 42.11 57.59
C ILE J 245 -43.23 41.74 58.82
N VAL J 246 -42.25 42.58 59.17
CA VAL J 246 -41.39 42.37 60.32
C VAL J 246 -41.85 43.25 61.47
N LEU J 247 -42.16 42.64 62.60
CA LEU J 247 -42.66 43.36 63.76
C LEU J 247 -41.52 44.08 64.47
C1 NAG K . -25.38 29.99 -11.43
C2 NAG K . -26.17 30.80 -12.44
C3 NAG K . -25.24 31.71 -13.25
C4 NAG K . -24.41 32.56 -12.30
C5 NAG K . -23.68 31.67 -11.30
C6 NAG K . -22.90 32.45 -10.27
C7 NAG K . -26.43 29.00 -14.13
C8 NAG K . -27.42 28.24 -14.96
N2 NAG K . -26.95 29.94 -13.33
O3 NAG K . -26.02 32.53 -14.11
O4 NAG K . -23.47 33.34 -13.04
O5 NAG K . -24.62 30.88 -10.59
O6 NAG K . -23.72 33.41 -9.63
O7 NAG K . -25.22 28.78 -14.18
C1 NAG K . -23.77 34.75 -12.85
C2 NAG K . -22.46 35.53 -12.96
C3 NAG K . -22.73 37.03 -12.79
C4 NAG K . -23.79 37.48 -13.77
C5 NAG K . -25.05 36.62 -13.64
C6 NAG K . -26.10 36.95 -14.68
C7 NAG K . -20.44 34.30 -12.32
C8 NAG K . -19.54 33.92 -11.19
N2 NAG K . -21.49 35.07 -11.99
O3 NAG K . -21.53 37.76 -13.00
O4 NAG K . -24.15 38.84 -13.52
O5 NAG K . -24.72 35.23 -13.82
O6 NAG K . -27.16 36.00 -14.65
O7 NAG K . -20.25 33.94 -13.47
C1 NAG L . -16.64 33.20 0.36
C2 NAG L . -18.01 32.94 1.01
C3 NAG L . -18.66 34.27 1.40
C4 NAG L . -17.73 35.10 2.29
C5 NAG L . -16.36 35.25 1.62
C6 NAG L . -15.35 35.92 2.52
C7 NAG L . -19.61 31.15 0.53
C8 NAG L . -19.49 30.77 1.98
N2 NAG L . -18.87 32.19 0.13
O3 NAG L . -19.89 34.01 2.06
O4 NAG L . -18.27 36.40 2.49
O5 NAG L . -15.82 33.98 1.26
O6 NAG L . -15.42 37.34 2.43
O7 NAG L . -20.34 30.52 -0.24
C1 NAG L . -19.15 36.48 3.64
C2 NAG L . -18.87 37.75 4.44
C3 NAG L . -19.88 37.89 5.58
C4 NAG L . -21.29 37.82 5.04
C5 NAG L . -21.48 36.54 4.24
C6 NAG L . -22.84 36.45 3.59
C7 NAG L . -16.71 38.82 4.92
C8 NAG L . -17.27 40.05 4.29
N2 NAG L . -17.52 37.75 4.96
O3 NAG L . -19.67 39.13 6.25
O4 NAG L . -22.23 37.84 6.12
O5 NAG L . -20.52 36.49 3.18
O6 NAG L . -22.75 35.94 2.26
O7 NAG L . -15.57 38.78 5.37
C1 NAG M . -23.39 -2.19 -23.26
C2 NAG M . -22.87 -0.99 -22.45
C3 NAG M . -23.02 0.30 -23.26
C4 NAG M . -22.40 0.18 -24.64
C5 NAG M . -22.99 -1.05 -25.34
C6 NAG M . -22.34 -1.33 -26.67
C7 NAG M . -23.01 -0.35 -20.09
C8 NAG M . -23.88 -0.31 -18.86
N2 NAG M . -23.56 -0.89 -21.18
O3 NAG M . -22.41 1.38 -22.55
O4 NAG M . -22.67 1.33 -25.43
O5 NAG M . -22.77 -2.21 -24.53
O6 NAG M . -20.93 -1.16 -26.60
O7 NAG M . -21.87 0.09 -20.08
C1 NAG M . -21.43 2.02 -25.77
C2 NAG M . -21.45 2.44 -27.24
C3 NAG M . -20.15 3.17 -27.57
C4 NAG M . -19.93 4.33 -26.62
C5 NAG M . -20.03 3.87 -25.16
C6 NAG M . -19.99 5.00 -24.18
C7 NAG M . -22.22 1.38 -29.31
C8 NAG M . -22.32 0.10 -30.09
N2 NAG M . -21.62 1.29 -28.12
O3 NAG M . -20.20 3.65 -28.92
O4 NAG M . -18.63 4.86 -26.84
O5 NAG M . -21.27 3.18 -24.94
O6 NAG M . -20.74 6.13 -24.63
O7 NAG M . -22.66 2.43 -29.75
C1 BMA M . -18.72 6.24 -27.26
C2 BMA M . -17.32 6.88 -27.06
C3 BMA M . -17.33 8.32 -27.58
C4 BMA M . -17.91 8.39 -29.01
C5 BMA M . -19.29 7.71 -29.06
C6 BMA M . -19.90 7.70 -30.45
O2 BMA M . -16.35 6.18 -27.81
O3 BMA M . -16.04 8.89 -27.56
O4 BMA M . -18.05 9.75 -29.40
O5 BMA M . -19.14 6.35 -28.62
O6 BMA M . -19.14 6.81 -31.27
C1 NAG N . -33.60 -24.66 -0.17
C2 NAG N . -32.50 -25.05 0.81
C3 NAG N . -33.03 -26.03 1.87
C4 NAG N . -34.35 -25.54 2.49
C5 NAG N . -35.34 -25.15 1.39
C6 NAG N . -36.60 -24.49 1.88
C7 NAG N . -31.47 -26.68 -0.74
C8 NAG N . -30.19 -27.13 -1.36
N2 NAG N . -31.37 -25.64 0.11
O3 NAG N . -32.03 -26.22 2.85
O4 NAG N . -34.92 -26.58 3.30
O5 NAG N . -34.71 -24.19 0.53
O6 NAG N . -36.71 -23.17 1.37
O7 NAG N . -32.55 -27.22 -0.99
C1 NAG N . -35.40 -26.01 4.54
C2 NAG N . -36.71 -26.70 4.98
C3 NAG N . -37.21 -26.09 6.29
C4 NAG N . -36.10 -26.12 7.33
C5 NAG N . -34.83 -25.46 6.78
C6 NAG N . -33.67 -25.53 7.74
C7 NAG N . -38.57 -27.58 3.63
C8 NAG N . -39.56 -27.27 2.55
N2 NAG N . -37.74 -26.58 3.95
O3 NAG N . -38.35 -26.81 6.76
O4 NAG N . -36.52 -25.40 8.49
O5 NAG N . -34.43 -26.13 5.58
O6 NAG N . -34.09 -25.40 9.09
O7 NAG N . -38.52 -28.67 4.18
C1 NAG O . -43.14 1.52 -7.07
C2 NAG O . -42.40 2.72 -6.51
C3 NAG O . -43.23 3.39 -5.42
C4 NAG O . -44.62 3.74 -5.96
C5 NAG O . -45.27 2.52 -6.61
C6 NAG O . -46.56 2.87 -7.31
C7 NAG O . -39.96 2.46 -6.67
C8 NAG O . -38.71 2.01 -5.98
N2 NAG O . -41.09 2.32 -5.98
O3 NAG O . -42.56 4.57 -4.97
O4 NAG O . -45.45 4.18 -4.89
O5 NAG O . -44.40 1.96 -7.61
O6 NAG O . -46.79 2.04 -8.44
O7 NAG O . -39.93 2.94 -7.79
C1 NAG O . -45.52 5.63 -4.91
C2 NAG O . -46.68 6.07 -4.02
C3 NAG O . -46.75 7.60 -3.98
C4 NAG O . -45.40 8.18 -3.59
C5 NAG O . -44.29 7.64 -4.48
C6 NAG O . -42.92 8.06 -4.04
C7 NAG O . -48.37 4.29 -4.14
C8 NAG O . -49.69 3.89 -4.71
N2 NAG O . -47.94 5.52 -4.48
O3 NAG O . -47.75 8.02 -3.06
O4 NAG O . -45.43 9.61 -3.70
O5 NAG O . -44.30 6.20 -4.45
O6 NAG O . -42.27 7.04 -3.30
O7 NAG O . -47.71 3.55 -3.43
C1 NAG P . -40.50 5.82 -10.13
C2 NAG P . -40.69 7.14 -9.37
C3 NAG P . -42.05 7.18 -8.69
C4 NAG P . -43.16 6.95 -9.71
C5 NAG P . -42.91 5.63 -10.42
C6 NAG P . -43.89 5.37 -11.54
C7 NAG P . -39.39 6.63 -7.33
C8 NAG P . -38.23 7.06 -6.48
N2 NAG P . -39.61 7.38 -8.42
O3 NAG P . -42.21 8.43 -8.04
O4 NAG P . -44.41 6.85 -9.03
O5 NAG P . -41.61 5.61 -11.01
O6 NAG P . -45.23 5.57 -11.12
O7 NAG P . -40.09 5.67 -7.04
C1 NAG P . -45.23 8.03 -9.06
C2 NAG P . -46.53 7.65 -8.33
C3 NAG P . -47.44 8.87 -8.16
C4 NAG P . -46.67 10.01 -7.51
C5 NAG P . -45.44 10.33 -8.36
C6 NAG P . -44.59 11.43 -7.77
C7 NAG P . -47.79 6.68 -10.22
C8 NAG P . -48.48 5.46 -10.73
N2 NAG P . -47.23 6.58 -9.01
O3 NAG P . -48.54 8.50 -7.35
O4 NAG P . -47.47 11.18 -7.32
O5 NAG P . -44.62 9.15 -8.43
O6 NAG P . -45.26 12.68 -7.83
O7 NAG P . -47.73 7.72 -10.88
C1 BMA P . -48.44 11.47 -8.33
C2 BMA P . -49.86 11.42 -7.70
C3 BMA P . -50.92 11.92 -8.68
C4 BMA P . -50.52 13.28 -9.25
C5 BMA P . -49.15 13.17 -9.91
C6 BMA P . -48.66 14.50 -10.47
O2 BMA P . -49.94 12.27 -6.56
O3 BMA P . -52.20 12.01 -8.07
O4 BMA P . -51.49 13.72 -10.20
O5 BMA P . -48.19 12.74 -8.93
O6 BMA P . -49.80 15.31 -10.76
C1 NAG Q . 17.67 40.04 3.19
C2 NAG Q . 18.93 40.85 3.50
C3 NAG Q . 19.42 40.60 4.93
C4 NAG Q . 18.30 40.70 5.95
C5 NAG Q . 17.12 39.84 5.51
C6 NAG Q . 15.92 39.98 6.42
C7 NAG Q . 20.55 39.33 2.40
C8 NAG Q . 21.64 39.22 1.39
N2 NAG Q . 20.00 40.54 2.54
O3 NAG Q . 20.46 41.52 5.25
O4 NAG Q . 18.74 40.20 7.21
O5 NAG Q . 16.70 40.25 4.22
O6 NAG Q . 14.70 39.84 5.70
O7 NAG Q . 20.17 38.36 3.06
C1 NAG Q . 18.70 41.24 8.21
C2 NAG Q . 18.37 40.62 9.56
C3 NAG Q . 18.42 41.69 10.66
C4 NAG Q . 19.74 42.43 10.63
C5 NAG Q . 19.99 42.99 9.22
C6 NAG Q . 21.34 43.66 9.08
C7 NAG Q . 16.80 38.85 10.23
C8 NAG Q . 15.40 38.32 10.10
N2 NAG Q . 17.08 39.97 9.55
O3 NAG Q . 18.24 41.07 11.93
O4 NAG Q . 19.73 43.50 11.56
O5 NAG Q . 19.95 41.92 8.27
O6 NAG Q . 21.41 44.85 9.85
O7 NAG Q . 17.65 38.30 10.93
C1 NAG R . 1.93 37.11 7.30
C2 NAG R . 2.17 38.32 6.43
C3 NAG R . 1.79 39.60 7.18
C4 NAG R . 0.36 39.50 7.70
C5 NAG R . 0.18 38.21 8.51
C6 NAG R . -1.25 37.97 8.92
C7 NAG R . 3.95 38.21 4.73
C8 NAG R . 5.42 38.30 4.48
N2 NAG R . 3.57 38.39 6.00
O3 NAG R . 1.89 40.72 6.29
O4 NAG R . 0.09 40.61 8.56
O5 NAG R . 0.57 37.08 7.72
O6 NAG R . -1.72 38.98 9.80
O7 NAG R . 3.14 37.96 3.84
C1 NAG R . -0.85 41.47 7.90
C2 NAG R . -1.50 42.37 8.96
C3 NAG R . -2.47 43.34 8.30
C4 NAG R . -1.77 44.13 7.20
C5 NAG R . -1.09 43.18 6.22
C6 NAG R . -0.26 43.89 5.18
C7 NAG R . -1.95 41.70 11.28
C8 NAG R . -2.74 40.81 12.19
N2 NAG R . -2.19 41.57 9.97
O3 NAG R . -2.99 44.23 9.28
O4 NAG R . -2.70 44.93 6.50
O5 NAG R . -0.20 42.29 6.92
O6 NAG R . -0.33 45.30 5.34
O7 NAG R . -1.12 42.50 11.71
C1 NAG S . 33.08 12.76 -12.52
C2 NAG S . 32.22 13.76 -11.73
C3 NAG S . 33.07 14.46 -10.69
C4 NAG S . 33.76 13.42 -9.80
C5 NAG S . 34.50 12.39 -10.65
C6 NAG S . 35.08 11.25 -9.83
C7 NAG S . 30.29 15.07 -12.49
C8 NAG S . 29.80 16.09 -13.48
N2 NAG S . 31.58 14.73 -12.60
O3 NAG S . 32.26 15.32 -9.89
O4 NAG S . 34.65 14.09 -8.92
O5 NAG S . 33.63 11.79 -11.63
O6 NAG S . 34.07 10.32 -9.45
O7 NAG S . 29.55 14.59 -11.64
C1 NAG S . 34.11 14.01 -7.57
C2 NAG S . 35.15 14.51 -6.60
C3 NAG S . 34.64 14.34 -5.18
C4 NAG S . 33.27 14.98 -5.00
C5 NAG S . 32.31 14.64 -6.15
C6 NAG S . 31.07 15.52 -6.14
C7 NAG S . 37.54 14.44 -7.17
C8 NAG S . 38.76 13.59 -7.30
N2 NAG S . 36.42 13.82 -6.78
O3 NAG S . 35.57 14.92 -4.27
O4 NAG S . 32.69 14.48 -3.81
O5 NAG S . 32.92 14.79 -7.44
O6 NAG S . 31.30 16.71 -5.42
O7 NAG S . 37.56 15.65 -7.40
C1 BMA S . 32.63 15.43 -2.72
C2 BMA S . 32.55 14.57 -1.42
C3 BMA S . 32.63 15.44 -0.18
C4 BMA S . 33.81 16.43 -0.26
C5 BMA S . 33.72 17.23 -1.57
C6 BMA S . 34.84 18.22 -1.73
O2 BMA S . 33.63 13.66 -1.36
O3 BMA S . 32.74 14.64 1.00
O4 BMA S . 33.78 17.31 0.84
O5 BMA S . 33.76 16.30 -2.67
O6 BMA S . 34.98 18.93 -0.50
C1 MAN S . 31.69 14.89 1.98
C2 MAN S . 30.80 13.56 2.05
C3 MAN S . 29.48 13.72 1.33
C4 MAN S . 28.80 14.98 1.79
C5 MAN S . 29.58 16.13 1.20
C6 MAN S . 28.96 17.48 1.51
O2 MAN S . 30.48 13.23 3.40
O3 MAN S . 28.63 12.59 1.56
O4 MAN S . 27.47 15.01 1.29
O5 MAN S . 30.95 16.15 1.74
O6 MAN S . 29.63 18.46 0.74
C1 NAG T . 18.60 8.88 -44.17
C2 NAG T . 17.34 8.13 -44.57
C3 NAG T . 17.06 8.30 -46.06
C4 NAG T . 17.02 9.78 -46.43
C5 NAG T . 18.31 10.45 -45.97
C6 NAG T . 18.32 11.94 -46.22
C7 NAG T . 17.16 6.22 -43.02
C8 NAG T . 17.33 4.75 -42.85
N2 NAG T . 17.45 6.71 -44.24
O3 NAG T . 15.81 7.69 -46.37
O4 NAG T . 16.86 9.93 -47.83
O5 NAG T . 18.49 10.26 -44.57
O6 NAG T . 18.34 12.24 -47.61
O7 NAG T . 16.77 6.95 -42.11
C1 NAG T . 15.56 10.50 -48.08
C2 NAG T . 15.59 11.20 -49.44
C3 NAG T . 14.21 11.77 -49.78
C4 NAG T . 13.15 10.68 -49.68
C5 NAG T . 13.22 9.99 -48.32
C6 NAG T . 12.29 8.81 -48.20
C7 NAG T . 17.19 12.67 -50.57
C8 NAG T . 18.20 13.77 -50.41
N2 NAG T . 16.59 12.26 -49.46
O3 NAG T . 14.23 12.31 -51.09
O4 NAG T . 11.86 11.24 -49.85
O5 NAG T . 14.55 9.49 -48.09
O6 NAG T . 13.00 7.58 -48.11
O7 NAG T . 16.94 12.18 -51.67
C1 NAG U . 24.27 32.68 -29.16
C2 NAG U . 23.36 32.99 -27.97
C3 NAG U . 22.44 34.16 -28.30
C4 NAG U . 23.26 35.36 -28.74
C5 NAG U . 24.21 34.98 -29.87
C6 NAG U . 25.17 36.09 -30.24
C7 NAG U . 22.28 31.54 -26.30
C8 NAG U . 21.46 30.31 -26.09
N2 NAG U . 22.57 31.82 -27.58
O3 NAG U . 21.66 34.48 -27.16
O4 NAG U . 22.40 36.40 -29.21
O5 NAG U . 25.03 33.85 -29.49
O6 NAG U . 26.26 36.18 -29.32
O7 NAG U . 22.66 32.25 -25.37
C1 NAG U . 22.23 37.43 -28.21
C2 NAG U . 22.04 38.78 -28.91
C3 NAG U . 21.81 39.88 -27.87
C4 NAG U . 20.66 39.50 -26.95
C5 NAG U . 20.90 38.12 -26.34
C6 NAG U . 19.74 37.64 -25.50
C7 NAG U . 23.24 38.80 -31.06
C8 NAG U . 24.48 39.23 -31.78
N2 NAG U . 23.18 39.12 -29.76
O3 NAG U . 21.52 41.11 -28.54
O4 NAG U . 20.54 40.46 -25.91
O5 NAG U . 21.10 37.15 -27.38
O6 NAG U . 18.57 37.45 -26.31
O7 NAG U . 22.34 38.19 -31.62
C1 NAG V . 25.58 33.23 -23.02
C2 NAG V . 24.44 34.22 -22.79
C3 NAG V . 24.41 35.27 -23.89
C4 NAG V . 25.76 35.95 -24.02
C5 NAG V . 26.83 34.89 -24.25
C6 NAG V . 28.23 35.46 -24.31
C7 NAG V . 22.14 33.98 -21.98
C8 NAG V . 20.89 33.13 -22.01
N2 NAG V . 23.17 33.53 -22.71
O3 NAG V . 23.41 36.25 -23.58
O4 NAG V . 25.75 36.87 -25.11
O5 NAG V . 26.82 33.95 -23.17
O6 NAG V . 29.05 34.94 -23.26
O7 NAG V . 22.20 35.01 -21.34
C1 NAG V . 25.98 38.20 -24.59
C2 NAG V . 26.29 39.12 -25.77
C3 NAG V . 26.53 40.53 -25.27
C4 NAG V . 25.35 41.01 -24.43
C5 NAG V . 25.07 40.01 -23.31
C6 NAG V . 23.82 40.36 -22.53
C7 NAG V . 27.53 38.77 -27.85
C8 NAG V . 28.78 38.21 -28.47
N2 NAG V . 27.43 38.64 -26.53
O3 NAG V . 26.71 41.40 -26.39
O4 NAG V . 25.65 42.29 -23.86
O5 NAG V . 24.85 38.70 -23.86
O6 NAG V . 23.27 41.60 -22.95
O7 NAG V . 26.66 39.30 -28.52
C1 NAG W . -12.95 18.82 31.31
C2 NAG W . -13.83 18.90 32.56
C3 NAG W . -15.28 18.62 32.20
C4 NAG W . -15.75 19.52 31.06
C5 NAG W . -14.73 19.52 29.90
C6 NAG W . -15.03 20.58 28.87
C7 NAG W . -13.54 16.69 33.68
C8 NAG W . -12.99 16.00 34.88
N2 NAG W . -13.37 18.02 33.64
O3 NAG W . -16.07 18.80 33.36
O4 NAG W . -16.98 19.00 30.55
O5 NAG W . -13.40 19.76 30.36
O6 NAG W . -14.69 21.87 29.34
O7 NAG W . -14.04 16.06 32.74
C1 NAG W . -18.17 19.41 31.26
C2 NAG W . -18.97 20.39 30.41
C3 NAG W . -20.28 20.75 31.11
C4 NAG W . -21.06 19.50 31.45
C5 NAG W . -20.19 18.55 32.27
C6 NAG W . -20.86 17.22 32.53
C7 NAG W . -18.42 22.36 29.04
C8 NAG W . -17.52 23.56 28.89
N2 NAG W . -18.20 21.59 30.11
O3 NAG W . -21.06 21.58 30.25
O4 NAG W . -22.23 19.83 32.17
O5 NAG W . -18.97 18.26 31.56
O6 NAG W . -22.26 17.28 32.29
O7 NAG W . -19.30 22.10 28.23
C1 NAG X . -0.01 -13.71 28.52
C2 NAG X . -0.41 -12.31 28.02
C3 NAG X . -1.73 -11.88 28.66
C4 NAG X . -2.79 -12.96 28.48
C5 NAG X . -2.27 -14.30 28.96
C6 NAG X . -3.22 -15.44 28.67
C7 NAG X . 0.77 -10.20 27.61
C8 NAG X . 1.91 -9.32 28.03
N2 NAG X . 0.63 -11.35 28.29
O3 NAG X . -2.17 -10.66 28.07
O4 NAG X . -3.97 -12.61 29.20
O5 NAG X . -1.06 -14.63 28.28
O6 NAG X . -3.60 -15.44 27.31
O7 NAG X . 0.01 -9.88 26.71
C1 NAG X . -5.03 -12.48 28.22
C2 NAG X . -6.34 -13.08 28.75
C3 NAG X . -7.46 -12.89 27.74
C4 NAG X . -7.57 -11.41 27.35
C5 NAG X . -6.21 -10.88 26.89
C6 NAG X . -6.24 -9.40 26.60
C7 NAG X . -6.34 -14.98 30.31
C8 NAG X . -6.15 -16.47 30.46
N2 NAG X . -6.18 -14.48 29.08
O3 NAG X . -8.68 -13.36 28.27
O4 NAG X . -8.51 -11.27 26.29
O5 NAG X . -5.24 -11.08 27.91
O6 NAG X . -7.07 -8.69 27.51
O7 NAG X . -6.63 -14.26 31.26
C1 BMA X . -9.70 -10.72 26.87
C2 BMA X . -10.27 -9.67 25.89
C3 BMA X . -11.60 -9.16 26.42
C4 BMA X . -12.54 -10.31 26.80
C5 BMA X . -11.83 -11.29 27.75
C6 BMA X . -12.67 -12.51 28.10
O2 BMA X . -10.52 -10.26 24.63
O3 BMA X . -12.24 -8.31 25.48
O4 BMA X . -13.71 -9.81 27.42
O5 BMA X . -10.64 -11.75 27.12
O6 BMA X . -11.91 -13.37 28.92
C1 NAG Y . 16.03 3.31 42.06
C2 NAG Y . 15.16 4.44 41.57
C3 NAG Y . 15.59 5.74 42.20
C4 NAG Y . 15.56 5.64 43.71
C5 NAG Y . 16.40 4.43 44.14
C6 NAG Y . 16.32 4.15 45.63
C7 NAG Y . 14.17 4.08 39.36
C8 NAG Y . 14.31 4.31 37.89
N2 NAG Y . 15.15 4.55 40.12
O3 NAG Y . 14.72 6.77 41.73
O4 NAG Y . 16.10 6.81 44.32
O5 NAG Y . 15.96 3.24 43.49
O6 NAG Y . 15.95 2.81 45.87
O7 NAG Y . 13.21 3.48 39.83
C1 NAG Y . 15.13 7.86 44.51
C2 NAG Y . 15.69 8.90 45.49
C3 NAG Y . 14.73 10.07 45.64
C4 NAG Y . 14.40 10.67 44.28
C5 NAG Y . 13.85 9.57 43.38
C6 NAG Y . 13.56 10.04 41.97
C7 NAG Y . 17.20 8.10 47.27
C8 NAG Y . 17.29 7.49 48.63
N2 NAG Y . 15.97 8.30 46.80
O3 NAG Y . 15.32 11.08 46.47
O4 NAG Y . 13.43 11.70 44.41
O5 NAG Y . 14.81 8.50 43.27
O6 NAG Y . 12.48 10.97 41.96
O7 NAG Y . 18.20 8.41 46.62
C1 BMA Y . 14.02 12.97 44.04
C2 BMA Y . 12.88 14.01 43.84
C3 BMA Y . 13.49 15.38 43.53
C4 BMA Y . 14.55 15.75 44.58
C5 BMA Y . 15.61 14.64 44.69
C6 BMA Y . 16.66 14.93 45.74
O2 BMA Y . 12.12 14.16 45.02
O3 BMA Y . 12.49 16.38 43.46
O4 BMA Y . 15.18 16.97 44.20
O5 BMA Y . 14.93 13.42 45.05
O6 BMA Y . 17.22 16.21 45.47
C1 NAG Z . 9.90 3.85 41.46
C2 NAG Z . 9.50 5.30 41.71
C3 NAG Z . 10.41 5.93 42.76
C4 NAG Z . 10.37 5.10 44.03
C5 NAG Z . 10.76 3.66 43.71
C6 NAG Z . 10.67 2.74 44.91
C7 NAG Z . 10.57 6.32 39.72
C8 NAG Z . 10.34 7.16 38.50
N2 NAG Z . 9.50 6.10 40.48
O3 NAG Z . 9.99 7.26 43.01
O4 NAG Z . 11.27 5.63 45.01
O5 NAG Z . 9.89 3.12 42.70
O6 NAG Z . 9.34 2.69 45.42
O7 NAG Z . 11.69 5.88 40.00
C1 NAG Z . 10.59 6.48 45.95
C2 NAG Z . 11.63 7.00 46.95
C3 NAG Z . 10.97 7.97 47.94
C4 NAG Z . 10.26 9.08 47.18
C5 NAG Z . 9.27 8.48 46.19
C6 NAG Z . 8.60 9.53 45.33
C7 NAG Z . 11.67 5.05 48.48
C8 NAG Z . 12.54 4.01 49.10
N2 NAG Z . 12.29 5.90 47.66
O3 NAG Z . 11.97 8.52 48.79
O4 NAG Z . 9.56 9.93 48.10
O5 NAG Z . 9.95 7.59 45.31
O6 NAG Z . 9.36 10.72 45.27
O7 NAG Z . 10.46 5.12 48.71
C1 NAG AA . -10.43 28.28 19.61
C2 NAG AA . -9.34 28.72 20.59
C3 NAG AA . -9.81 29.94 21.37
C4 NAG AA . -10.27 31.05 20.44
C5 NAG AA . -11.31 30.51 19.46
C6 NAG AA . -11.71 31.51 18.40
C7 NAG AA . -9.75 27.09 22.40
C8 NAG AA . -9.14 25.99 23.22
N2 NAG AA . -8.94 27.66 21.48
O3 NAG AA . -8.75 30.41 22.19
O4 NAG AA . -10.84 32.11 21.18
O5 NAG AA . -10.79 29.37 18.76
O6 NAG AA . -12.09 32.75 18.98
O7 NAG AA . -10.92 27.43 22.54
C1 NAG AA . -9.91 33.21 21.30
C2 NAG AA . -10.63 34.40 21.92
C3 NAG AA . -9.66 35.57 22.12
C4 NAG AA . -8.44 35.11 22.91
C5 NAG AA . -7.81 33.89 22.24
C6 NAG AA . -6.65 33.31 23.04
C7 NAG AA . -13.03 34.53 21.39
C8 NAG AA . -14.05 35.04 20.43
N2 NAG AA . -11.75 34.82 21.09
O3 NAG AA . -10.31 36.62 22.80
O4 NAG AA . -7.48 36.16 22.98
O5 NAG AA . -8.78 32.85 22.12
O6 NAG AA . -6.16 32.13 22.44
O7 NAG AA . -13.32 33.88 22.39
C1 NAG BA . -35.58 25.22 -4.54
C2 NAG BA . -37.05 25.12 -4.90
C3 NAG BA . -37.82 24.50 -3.74
C4 NAG BA . -37.20 23.16 -3.37
C5 NAG BA . -35.69 23.30 -3.15
C6 NAG BA . -35.00 21.98 -2.93
C7 NAG BA . -38.17 26.67 -6.44
C8 NAG BA . -38.67 28.06 -6.64
N2 NAG BA . -37.61 26.42 -5.26
O3 NAG BA . -39.18 24.32 -4.12
O4 NAG BA . -37.81 22.66 -2.19
O5 NAG BA . -35.06 23.93 -4.28
O6 NAG BA . -34.40 21.92 -1.64
O7 NAG BA . -38.28 25.80 -7.31
C1 NAG CA . -31.15 -28.19 -12.47
C2 NAG CA . -31.97 -28.08 -11.19
C3 NAG CA . -31.83 -29.36 -10.38
C4 NAG CA . -32.22 -30.57 -11.23
C5 NAG CA . -31.41 -30.57 -12.52
C6 NAG CA . -31.83 -31.66 -13.48
C7 NAG CA . -32.34 -25.85 -10.26
C8 NAG CA . -33.66 -25.87 -10.97
N2 NAG CA . -31.56 -26.93 -10.40
O3 NAG CA . -32.67 -29.30 -9.22
O4 NAG CA . -31.98 -31.78 -10.51
O5 NAG CA . -31.57 -29.32 -13.21
O6 NAG CA . -32.16 -32.88 -12.81
O7 NAG CA . -31.99 -24.88 -9.58
C1 NAG DA . -23.80 21.27 -27.36
C2 NAG DA . -25.11 21.29 -28.16
C3 NAG DA . -24.81 21.20 -29.67
C4 NAG DA . -23.81 22.26 -30.08
C5 NAG DA . -22.56 22.19 -29.19
C6 NAG DA . -21.57 23.30 -29.47
C7 NAG DA . -27.27 20.13 -28.12
C8 NAG DA . -28.02 18.94 -27.62
N2 NAG DA . -25.98 20.20 -27.76
O3 NAG DA . -26.02 21.38 -30.40
O4 NAG DA . -23.42 22.03 -31.43
O5 NAG DA . -22.94 22.31 -27.82
O6 NAG DA . -22.23 24.56 -29.52
O7 NAG DA . -27.80 21.00 -28.81
C1 NAG EA . -23.61 12.29 7.99
C2 NAG EA . -24.96 12.97 7.71
C3 NAG EA . -26.13 12.04 8.06
C4 NAG EA . -25.92 10.64 7.50
C5 NAG EA . -24.50 10.14 7.77
C6 NAG EA . -24.19 8.81 7.12
C7 NAG EA . -25.13 14.61 9.65
C8 NAG EA . -24.96 13.49 10.65
N2 NAG EA . -25.11 14.28 8.34
O3 NAG EA . -27.36 12.60 7.57
O4 NAG EA . -26.83 9.73 8.11
O5 NAG EA . -23.53 11.08 7.28
O6 NAG EA . -23.55 7.94 8.02
O7 NAG EA . -25.28 15.76 10.02
C1 NAG FA . -49.63 -0.32 -13.58
C2 NAG FA . -49.95 0.96 -14.34
C3 NAG FA . -51.37 1.41 -14.05
C4 NAG FA . -52.35 0.27 -14.32
C5 NAG FA . -51.94 -0.98 -13.55
C6 NAG FA . -52.80 -2.18 -13.86
C7 NAG FA . -47.84 2.18 -14.65
C8 NAG FA . -46.99 3.31 -14.17
N2 NAG FA . -49.00 2.01 -14.01
O3 NAG FA . -51.69 2.54 -14.86
O4 NAG FA . -53.67 0.67 -13.91
O5 NAG FA . -50.60 -1.33 -13.91
O6 NAG FA . -52.05 -3.22 -14.45
O7 NAG FA . -47.49 1.45 -15.57
C1 NAG GA . -37.28 8.24 -26.15
C2 NAG GA . -36.56 9.02 -27.23
C3 NAG GA . -37.06 10.47 -27.24
C4 NAG GA . -38.57 10.51 -27.38
C5 NAG GA . -39.23 9.63 -26.31
C6 NAG GA . -40.72 9.51 -26.49
C7 NAG GA . -34.31 8.25 -27.81
C8 NAG GA . -34.96 7.49 -28.92
N2 NAG GA . -35.13 8.97 -27.04
O3 NAG GA . -36.45 11.16 -28.34
O4 NAG GA . -39.04 11.84 -27.23
O5 NAG GA . -38.70 8.29 -26.38
O6 NAG GA . -41.27 10.67 -27.09
O7 NAG GA . -33.09 8.22 -27.63
C1 NAG HA . -32.90 2.61 -30.10
C2 NAG HA . -34.23 2.28 -30.77
C3 NAG HA . -33.99 1.69 -32.16
C4 NAG HA . -33.06 2.55 -32.98
C5 NAG HA . -31.80 2.92 -32.19
C6 NAG HA . -30.91 3.93 -32.89
C7 NAG HA . -36.25 1.67 -29.52
C8 NAG HA . -36.91 0.63 -28.66
N2 NAG HA . -35.01 1.39 -29.94
O3 NAG HA . -35.24 1.54 -32.85
O4 NAG HA . -32.65 1.86 -34.16
O5 NAG HA . -32.17 3.50 -30.93
O6 NAG HA . -31.48 5.23 -32.88
O7 NAG HA . -36.81 2.71 -29.82
C1 NAG IA . -49.24 -7.66 -23.15
C2 NAG IA . -49.78 -9.07 -23.30
C3 NAG IA . -51.16 -9.20 -22.65
C4 NAG IA . -51.10 -8.73 -21.21
C5 NAG IA . -50.53 -7.32 -21.14
C6 NAG IA . -50.34 -6.82 -19.73
C7 NAG IA . -50.54 -8.84 -25.65
C8 NAG IA . -50.45 -9.41 -27.03
N2 NAG IA . -49.83 -9.48 -24.71
O3 NAG IA . -51.61 -10.55 -22.71
O4 NAG IA . -52.40 -8.75 -20.62
O5 NAG IA . -49.24 -7.29 -21.75
O6 NAG IA . -51.22 -7.50 -18.83
O7 NAG IA . -51.21 -7.84 -25.40
C1 NAG JA . -26.56 -6.52 -28.86
C2 NAG JA . -25.18 -7.16 -28.97
C3 NAG JA . -24.69 -7.14 -30.42
C4 NAG JA . -25.72 -7.81 -31.33
C5 NAG JA . -27.08 -7.15 -31.14
C6 NAG JA . -28.18 -7.87 -31.90
C7 NAG JA . -23.88 -5.22 -28.15
C8 NAG JA . -22.87 -4.76 -27.15
N2 NAG JA . -24.22 -6.51 -28.08
O3 NAG JA . -23.44 -7.81 -30.51
O4 NAG JA . -25.32 -7.70 -32.68
O5 NAG JA . -27.46 -7.18 -29.75
O6 NAG JA . -27.64 -8.69 -32.93
O7 NAG JA . -24.37 -4.44 -28.97
C1 NAG KA . -18.72 -42.93 -26.43
C2 NAG KA . -17.59 -43.07 -27.46
C3 NAG KA . -17.98 -44.07 -28.54
C4 NAG KA . -18.38 -45.39 -27.92
C5 NAG KA . -19.49 -45.18 -26.89
C6 NAG KA . -19.88 -46.44 -26.16
C7 NAG KA . -15.99 -41.36 -28.23
C8 NAG KA . -14.91 -42.30 -27.77
N2 NAG KA . -17.24 -41.79 -28.06
O3 NAG KA . -16.89 -44.26 -29.43
O4 NAG KA . -18.85 -46.30 -28.93
O5 NAG KA . -19.06 -44.24 -25.90
O6 NAG KA . -19.69 -47.59 -26.97
O7 NAG KA . -15.73 -40.28 -28.74
C1 NAG LA . -11.94 -44.97 -0.52
C2 NAG LA . -12.89 -46.19 -0.50
C3 NAG LA . -14.21 -45.83 0.19
C4 NAG LA . -13.94 -44.88 1.36
C5 NAG LA . -13.48 -43.54 0.81
C6 NAG LA . -12.61 -42.77 1.78
C7 NAG LA . -13.65 -47.89 -2.10
C8 NAG LA . -13.85 -48.23 -3.54
N2 NAG LA . -13.15 -46.68 -1.84
O3 NAG LA . -14.83 -47.01 0.66
O4 NAG LA . -15.14 -44.70 2.12
O5 NAG LA . -12.71 -43.71 -0.39
O6 NAG LA . -12.92 -43.10 3.13
O7 NAG LA . -13.92 -48.68 -1.20
C1 NAG MA . 15.59 45.77 -8.59
C2 NAG MA . 16.48 46.90 -9.12
C3 NAG MA . 16.18 47.15 -10.60
C4 NAG MA . 16.27 45.86 -11.40
C5 NAG MA . 15.40 44.78 -10.77
C6 NAG MA . 15.53 43.44 -11.45
C7 NAG MA . 17.00 48.39 -7.25
C8 NAG MA . 16.68 49.69 -6.59
N2 NAG MA . 16.30 48.11 -8.35
O3 NAG MA . 17.09 48.11 -11.12
O4 NAG MA . 15.86 46.07 -12.74
O5 NAG MA . 15.77 44.59 -9.40
O6 NAG MA . 14.26 42.92 -11.82
O7 NAG MA . 17.84 47.62 -6.81
C1 NAG NA . 28.97 2.61 -39.98
C2 NAG NA . 27.79 3.17 -40.78
C3 NAG NA . 27.34 2.15 -41.83
C4 NAG NA . 28.52 1.74 -42.69
C5 NAG NA . 29.66 1.24 -41.81
C6 NAG NA . 30.90 0.88 -42.59
C7 NAG NA . 26.38 4.81 -39.61
C8 NAG NA . 27.29 5.85 -40.19
N2 NAG NA . 26.69 3.53 -39.91
O3 NAG NA . 26.30 2.68 -42.66
O4 NAG NA . 28.13 0.70 -43.59
O5 NAG NA . 30.03 2.26 -40.88
O6 NAG NA . 30.69 1.00 -43.99
O7 NAG NA . 25.43 5.10 -38.89
C1 NAG OA . 39.18 12.71 -16.15
C2 NAG OA . 38.90 11.39 -16.90
C3 NAG OA . 39.84 10.28 -16.43
C4 NAG OA . 41.30 10.72 -16.54
C5 NAG OA . 41.50 11.98 -15.73
C6 NAG OA . 42.91 12.54 -15.83
C7 NAG OA . 36.96 10.66 -15.55
C8 NAG OA . 35.53 10.26 -15.59
N2 NAG OA . 37.51 10.99 -16.73
O3 NAG OA . 39.63 9.09 -17.19
O4 NAG OA . 42.17 9.70 -16.06
O5 NAG OA . 40.62 13.01 -16.22
O6 NAG OA . 43.19 13.47 -14.79
O7 NAG OA . 37.60 10.70 -14.50
C1 NAG PA . 32.46 29.60 4.13
C2 NAG PA . 33.44 30.61 4.78
C3 NAG PA . 34.70 29.90 5.26
C4 NAG PA . 34.35 28.76 6.18
C5 NAG PA . 33.43 27.80 5.45
C6 NAG PA . 32.99 26.62 6.29
C7 NAG PA . 34.22 32.88 4.25
C8 NAG PA . 34.51 33.87 3.16
N2 NAG PA . 33.76 31.68 3.86
O3 NAG PA . 35.58 30.83 5.91
O4 NAG PA . 35.52 28.08 6.62
O5 NAG PA . 32.23 28.49 5.05
O6 NAG PA . 31.57 26.62 6.49
O7 NAG PA . 34.39 33.15 5.44
C1 NAG QA . 38.45 30.81 -14.40
C2 NAG QA . 39.37 30.67 -13.18
C3 NAG QA . 39.28 31.90 -12.30
C4 NAG QA . 39.56 33.16 -13.13
C5 NAG QA . 38.66 33.20 -14.35
C6 NAG QA . 39.00 34.34 -15.29
C7 NAG QA . 37.87 29.20 -11.86
C8 NAG QA . 37.76 27.90 -11.13
N2 NAG QA . 39.06 29.46 -12.42
O3 NAG QA . 40.22 31.80 -11.24
O4 NAG QA . 39.33 34.32 -12.33
O5 NAG QA . 38.81 31.99 -15.12
O6 NAG QA . 39.95 33.94 -16.27
O7 NAG QA . 36.92 29.97 -11.95
C1 NAG RA . 33.00 34.82 -30.97
C2 NAG RA . 31.85 35.57 -31.66
C3 NAG RA . 32.23 37.02 -31.96
C4 NAG RA . 32.79 37.70 -30.72
C5 NAG RA . 33.92 36.88 -30.13
C6 NAG RA . 34.47 37.44 -28.84
C7 NAG RA . 32.18 34.77 -33.99
C8 NAG RA . 31.55 34.04 -35.13
N2 NAG RA . 31.43 34.88 -32.88
O3 NAG RA . 31.10 37.72 -32.44
O4 NAG RA . 33.28 38.99 -31.06
O5 NAG RA . 33.44 35.55 -29.82
O6 NAG RA . 35.88 37.43 -28.83
O7 NAG RA . 33.33 35.21 -34.04
C1 NAG SA . 42.02 28.63 -31.74
C2 NAG SA . 42.25 30.06 -31.23
C3 NAG SA . 42.14 31.07 -32.38
C4 NAG SA . 43.04 30.67 -33.55
C5 NAG SA . 42.70 29.26 -33.99
C6 NAG SA . 43.62 28.74 -35.07
C7 NAG SA . 39.97 30.44 -30.35
C8 NAG SA . 39.16 30.82 -29.15
N2 NAG SA . 41.29 30.40 -30.18
O3 NAG SA . 42.52 32.37 -31.90
O4 NAG SA . 42.83 31.56 -34.64
O5 NAG SA . 42.86 28.38 -32.87
O6 NAG SA . 44.13 27.46 -34.75
O7 NAG SA . 39.43 30.17 -31.43
C1 NAG TA . 41.25 22.44 -12.82
C2 NAG TA . 42.32 23.18 -13.64
C3 NAG TA . 43.68 22.51 -13.47
C4 NAG TA . 44.03 22.41 -11.99
C5 NAG TA . 42.92 21.67 -11.24
C6 NAG TA . 43.15 21.64 -9.75
C7 NAG TA . 42.42 24.16 -15.90
C8 NAG TA . 41.94 24.06 -17.31
N2 NAG TA . 41.96 23.23 -15.05
O3 NAG TA . 44.68 23.26 -14.14
O4 NAG TA . 45.25 21.71 -11.82
O5 NAG TA . 41.67 22.35 -11.44
O6 NAG TA . 43.01 22.94 -9.17
O7 NAG TA . 43.18 25.04 -15.54
C1 NAG UA . 1.76 27.96 -15.23
C2 NAG UA . 0.36 28.26 -15.77
C3 NAG UA . 0.40 28.50 -17.27
C4 NAG UA . 1.43 29.57 -17.62
C5 NAG UA . 2.79 29.19 -17.03
C6 NAG UA . 3.84 30.26 -17.24
C7 NAG UA . -0.45 25.93 -15.87
C8 NAG UA . -1.54 24.99 -15.42
N2 NAG UA . -0.58 27.19 -15.44
O3 NAG UA . -0.88 28.90 -17.73
O4 NAG UA . 1.56 29.70 -19.03
O5 NAG UA . 2.66 29.00 -15.61
O6 NAG UA . 3.88 31.17 -16.15
O7 NAG UA . 0.48 25.56 -16.57
C1 NAG VA . 39.29 -19.88 -36.77
C2 NAG VA . 39.58 -20.77 -35.56
C3 NAG VA . 41.02 -21.28 -35.61
C4 NAG VA . 41.31 -21.94 -36.96
C5 NAG VA . 40.94 -20.99 -38.09
C6 NAG VA . 41.10 -21.62 -39.46
C7 NAG VA . 39.06 -20.70 -33.16
C8 NAG VA . 38.84 -19.83 -31.97
N2 NAG VA . 39.34 -20.08 -34.31
O3 NAG VA . 41.23 -22.23 -34.57
O4 NAG VA . 42.69 -22.26 -37.05
O5 NAG VA . 39.57 -20.60 -37.98
O6 NAG VA . 40.48 -20.82 -40.46
O7 NAG VA . 38.97 -21.93 -33.11
C1 NAG WA . 28.29 -23.03 27.81
C2 NAG WA . 29.15 -21.84 28.28
C3 NAG WA . 30.57 -21.96 27.71
C4 NAG WA . 31.17 -23.31 28.04
C5 NAG WA . 30.25 -24.43 27.57
C6 NAG WA . 30.73 -25.80 27.96
C7 NAG WA . 27.99 -19.74 28.80
C8 NAG WA . 28.01 -20.18 30.23
N2 NAG WA . 28.55 -20.57 27.92
O3 NAG WA . 31.38 -20.92 28.24
O4 NAG WA . 32.43 -23.45 27.40
O5 NAG WA . 28.95 -24.26 28.17
O6 NAG WA . 32.15 -25.88 27.91
O7 NAG WA . 27.49 -18.68 28.46
C1 NAG XA . 35.08 -11.95 26.57
C2 NAG XA . 35.87 -11.56 25.32
C3 NAG XA . 37.37 -11.53 25.61
C4 NAG XA . 37.66 -10.64 26.81
C5 NAG XA . 36.82 -11.09 28.00
C6 NAG XA . 36.97 -10.19 29.20
C7 NAG XA . 34.57 -12.28 23.36
C8 NAG XA . 34.43 -13.32 22.29
N2 NAG XA . 35.58 -12.47 24.22
O3 NAG XA . 38.06 -11.04 24.47
O4 NAG XA . 39.03 -10.71 27.15
O5 NAG XA . 35.42 -11.07 27.65
O6 NAG XA . 38.18 -9.43 29.14
O7 NAG XA . 33.81 -11.33 23.45
C1 NAG YA . 1.34 -19.53 32.92
C2 NAG YA . -0.09 -19.50 32.41
C3 NAG YA . -0.84 -20.76 32.83
C4 NAG YA . -0.05 -22.02 32.46
C5 NAG YA . 1.41 -21.91 32.90
C6 NAG YA . 2.26 -23.03 32.35
C7 NAG YA . -1.35 -17.41 32.08
C8 NAG YA . -1.20 -17.67 30.61
N2 NAG YA . -0.80 -18.31 32.90
O3 NAG YA . -2.13 -20.79 32.23
O4 NAG YA . -0.61 -23.15 33.11
O5 NAG YA . 1.99 -20.69 32.44
O6 NAG YA . 1.50 -24.22 32.18
O7 NAG YA . -1.95 -16.43 32.51
C1 NAG ZA . 10.88 18.29 21.27
C2 NAG ZA . 12.39 18.49 21.09
C3 NAG ZA . 13.14 17.93 22.29
C4 NAG ZA . 12.62 18.54 23.58
C5 NAG ZA . 11.11 18.35 23.67
C6 NAG ZA . 10.51 19.05 24.88
C7 NAG ZA . 13.91 18.29 19.17
C8 NAG ZA . 14.25 17.51 17.93
N2 NAG ZA . 12.85 17.85 19.87
O3 NAG ZA . 14.54 18.21 22.16
O4 NAG ZA . 13.24 17.92 24.69
O5 NAG ZA . 10.46 18.90 22.52
O6 NAG ZA . 10.25 20.41 24.60
O7 NAG ZA . 14.56 19.26 19.54
C1 NAG AB . -2.07 20.01 38.72
C2 NAG AB . -1.26 21.25 38.24
C3 NAG AB . 0.24 20.96 38.27
C4 NAG AB . 0.65 20.52 39.66
C5 NAG AB . -0.12 19.26 40.01
C6 NAG AB . 0.19 18.74 41.40
C7 NAG AB . -1.86 22.96 36.59
C8 NAG AB . -2.29 23.23 35.18
N2 NAG AB . -1.66 21.69 36.90
O3 NAG AB . 0.95 22.14 37.91
O4 NAG AB . 2.06 20.27 39.71
O5 NAG AB . -1.54 19.52 39.99
O6 NAG AB . 1.37 19.35 41.92
O7 NAG AB . -1.71 23.87 37.40
C1 NAG BB . -3.13 -5.86 43.85
C2 NAG BB . -4.46 -6.57 44.06
C3 NAG BB . -5.48 -5.61 44.65
C4 NAG BB . -4.95 -5.03 45.96
C5 NAG BB . -3.58 -4.39 45.73
C6 NAG BB . -2.91 -3.94 47.01
C7 NAG BB . -5.24 -6.50 41.72
C8 NAG BB . -5.74 -7.32 40.56
N2 NAG BB . -4.96 -7.18 42.84
O3 NAG BB . -6.72 -6.28 44.89
O4 NAG BB . -5.85 -4.05 46.47
O5 NAG BB . -2.68 -5.32 45.09
O6 NAG BB . -2.14 -2.76 46.81
O7 NAG BB . -5.13 -5.28 41.64
C1 NAG CB . -3.26 -12.95 40.38
C2 NAG CB . -2.94 -13.41 41.79
C3 NAG CB . -3.49 -14.82 42.01
C4 NAG CB . -4.96 -14.89 41.66
C5 NAG CB . -5.20 -14.37 40.26
C6 NAG CB . -6.67 -14.26 39.90
C7 NAG CB . -0.97 -12.62 43.00
C8 NAG CB . 0.51 -12.68 43.13
N2 NAG CB . -1.51 -13.37 42.04
O3 NAG CB . -3.29 -15.19 43.37
O4 NAG CB . -5.42 -16.24 41.74
O5 NAG CB . -4.67 -13.05 40.14
O6 NAG CB . -7.23 -13.05 40.37
O7 NAG CB . -1.66 -11.91 43.74
C1 NAG DB . -17.81 0.91 34.71
C2 NAG DB . -18.06 0.14 36.01
C3 NAG DB . -19.05 -1.00 35.77
C4 NAG DB . -20.30 -0.51 35.05
C5 NAG DB . -19.95 0.31 33.82
C6 NAG DB . -21.15 0.96 33.18
C7 NAG DB . -16.67 -0.84 37.79
C8 NAG DB . -15.32 -1.36 38.16
N2 NAG DB . -16.80 -0.38 36.54
O3 NAG DB . -19.41 -1.61 37.01
O4 NAG DB . -21.08 -1.63 34.62
O5 NAG DB . -19.06 1.37 34.19
O6 NAG DB . -20.79 2.13 32.45
O7 NAG DB . -17.61 -0.84 38.59
C1 NAG EB . 25.28 -45.03 16.90
C2 NAG EB . 24.38 -45.92 16.06
C3 NAG EB . 24.14 -47.25 16.77
C4 NAG EB . 25.47 -47.89 17.17
C5 NAG EB . 26.35 -46.90 17.91
C6 NAG EB . 27.73 -47.44 18.20
C7 NAG EB . 22.32 -45.60 14.77
C8 NAG EB . 21.04 -44.81 14.63
N2 NAG EB . 23.11 -45.26 15.79
O3 NAG EB . 23.44 -48.13 15.90
O4 NAG EB . 25.21 -49.01 18.01
O5 NAG EB . 26.52 -45.70 17.14
O6 NAG EB . 28.61 -46.39 18.57
O7 NAG EB . 22.60 -46.50 13.98
C1 NAG FB . 14.78 -2.13 50.18
C2 NAG FB . 13.55 -1.44 50.79
C3 NAG FB . 13.91 -0.77 52.12
C4 NAG FB . 14.63 -1.74 53.04
C5 NAG FB . 15.80 -2.40 52.33
C6 NAG FB . 16.48 -3.47 53.15
C7 NAG FB . 11.92 -0.73 49.08
C8 NAG FB . 11.46 0.39 48.19
N2 NAG FB . 12.98 -0.48 49.86
O3 NAG FB . 12.72 -0.30 52.74
O4 NAG FB . 15.14 -1.05 54.18
O5 NAG FB . 15.34 -3.04 51.12
O6 NAG FB . 17.46 -4.15 52.37
O7 NAG FB . 11.35 -1.82 49.11
C1 NAG GB . 13.59 -14.74 51.50
C2 NAG GB . 13.81 -13.38 52.19
C3 NAG GB . 14.82 -13.52 53.33
C4 NAG GB . 14.40 -14.63 54.28
C5 NAG GB . 14.20 -15.93 53.52
C6 NAG GB . 13.67 -17.05 54.38
C7 NAG GB . 14.07 -11.06 51.42
C8 NAG GB . 14.60 -10.17 50.34
N2 NAG GB . 14.26 -12.38 51.24
O3 NAG GB . 14.91 -12.28 54.03
O4 NAG GB . 15.41 -14.82 55.27
O5 NAG GB . 13.23 -15.73 52.48
O6 NAG GB . 12.76 -16.57 55.35
O7 NAG GB . 13.51 -10.62 52.41
#